data_8OIE
#
_entry.id   8OIE
#
_cell.length_a   1.00
_cell.length_b   1.00
_cell.length_c   1.00
_cell.angle_alpha   90.00
_cell.angle_beta   90.00
_cell.angle_gamma   90.00
#
_symmetry.space_group_name_H-M   'P 1'
#
loop_
_entity.id
_entity.type
_entity.pdbx_description
1 polymer 'Nitrogenase protein alpha chain'
2 polymer 'Nitrogenase iron-iron protein delta chain'
3 polymer 'Nitrogenase iron-iron protein, beta subunit'
4 polymer 'Nitrogenase iron protein'
5 non-polymer 'FeFe cofactor'
6 non-polymer '3-HYDROXY-3-CARBOXY-ADIPIC ACID'
7 non-polymer 'FE(8)-S(7) CLUSTER'
8 non-polymer "ADENOSINE-5'-DIPHOSPHATE"
9 non-polymer 'MAGNESIUM ION'
10 non-polymer 'ALUMINUM FLUORIDE'
11 non-polymer 'IRON/SULFUR CLUSTER'
12 water water
#
loop_
_entity_poly.entity_id
_entity_poly.type
_entity_poly.pdbx_seq_one_letter_code
_entity_poly.pdbx_strand_id
1 'polypeptide(L)'
;MPYHEFEVSKCIPERREHAVMKAAGEDLTSCLPKGYLNTIPGTISERGCAYCGAKHVIGTPMKDVIHISHGPNGCTYDTW
QTKRYISDNDNFQLKYTFATDVKEKHVVFGAEGLLKKSMHEAFDAFPNIKRMTVYQTCTTALIGDDVDAIAKEVMEERGD
VDVFVCNSPGFAGPSQSGGHHKINIAWLNQKVGTVEPDYLGEHVINYVGEYNIQGDQEVMIDYFNRMGIQVLSTFTGNGS
YDSLRMMHRAHLNVLECARSAEYICDELRARYGIPRLDIDGFGFEPLANSLRKVALFFGIEDKAEAIIAEEYAKWKPQLD
WYKERLKGKKVCLWPGGSKLWHWAHAIEEEMGLKVVSVYTKFGHQGDMEKGVSRCGEGALAIDDPNELESVEAIEMLKPD
IIFTGKRPGEFVKKHGVPYLNAHAYHNGPYKGFEGWVRFARDIYNAIYSPMRQLAALDISAPDAAITSGFRTAKMNADLT
VSDEVKFSEVLHEYTGKYDSIAEIRARNQAYAAEQKALRDAVQPAAEWSHPQFEK
;
A,F
2 'polypeptide(L)'
;MTDISEKLDPLVDYIMKNCLWQFNSRGWDRLKQNAGILSQTCEILCGEEPVHETAMDRCYWVDAVILSRAYKARFPWLMA
MTKPEIKSLFKALHEKIDHLTVHGSLNTELTVPHY
;
B,G
3 'polypeptide(L)'
;MTCQVTQKAREGTINPIFTCQPAGAQFASIGIKDCIGIVHGGQGCVMFVRLLISQHMKESFEIASSSVHEDGAVFGALDR
VETAVEVLLTRYPDVKVVPIITTCSTEIIGDDVDGLLSKLEDELLPTKFPGREVHLLTVHCPSFVGSMITGYDKAVHDFV
KKFATKDEPSDKINLITGWVNPGDVKELKHLLEVMEVKANVLFEVESFDSPLMPDLEHHSHGSTTIEDLRDTANAKGTIA
LNRYEGMKAADYLKKKFKVPAVIGPTPVGIRNTDAFLKAVSEMTGQPIPAQLVKERGLALDAIADIGHMFLADKRVAIYA
NPDLAIGLTEFCLDLEMKPKLLLLGDDNSGYVKDPRVLALQENAPDLEIVTNADFWDLESRIQQGLELDLILGHSKGRFI
SIDYKVPMVRVGFPTYDRAGMYRHPVLGYGGAMFLAETMANTLFADMEAKKNKEWILNVW
;
C,H
4 'polypeptide(L)'
;MTRKIAIYGKGGIGKSTTTQNTAAALAFFHEKNVFIHGCDPKADSTRLILGGLPQQTVMDTLRIEGAERVTVDKVVKTGF
KDIRCVESGGPEPGVGCAGRGVITAIDLMEENEAYSEDLDFLFFDVLGDVVCGGFAMPIRDGKAEEVYIVASGEMMAIYA
ANNICKGLAKYARQSGVRLGGIICNSRNVDGEKEFLEEFTKAIGTKMIHFVPRDNIVQKAEFNKQTVTEFQPEANQAQEY
RELGRKIIENEDFVIPKPLAMDELEAMVVKYGLMD
;
D,E,I,J
#
loop_
_chem_comp.id
_chem_comp.type
_chem_comp.name
_chem_comp.formula
ADP non-polymer ADENOSINE-5'-DIPHOSPHATE 'C10 H15 N5 O10 P2'
AF3 non-polymer 'ALUMINUM FLUORIDE' 'Al F3'
CLF non-polymer 'FE(8)-S(7) CLUSTER' 'Fe8 S7'
HCA non-polymer '3-HYDROXY-3-CARBOXY-ADIPIC ACID' 'C7 H10 O7'
MG non-polymer 'MAGNESIUM ION' 'Mg 2'
S5Q non-polymer 'FeFe cofactor' 'C Fe8 S9 -4'
SF4 non-polymer 'IRON/SULFUR CLUSTER' 'Fe4 S4'
#
# COMPACT_ATOMS: atom_id res chain seq x y z
N PRO A 2 -34.68 42.06 -2.60
CA PRO A 2 -33.82 43.19 -2.22
C PRO A 2 -32.33 42.81 -2.18
N TYR A 3 -31.49 43.82 -2.33
CA TYR A 3 -30.05 43.64 -2.37
C TYR A 3 -29.52 43.29 -0.99
N HIS A 4 -28.82 42.18 -0.90
CA HIS A 4 -28.31 41.68 0.37
C HIS A 4 -26.89 42.19 0.59
N GLU A 5 -26.69 42.96 1.65
CA GLU A 5 -25.35 43.39 2.04
C GLU A 5 -24.87 42.57 3.24
N PHE A 6 -23.65 42.05 3.15
CA PHE A 6 -23.07 41.20 4.18
C PHE A 6 -22.37 42.06 5.23
N GLU A 7 -22.40 41.58 6.48
CA GLU A 7 -21.69 42.27 7.55
C GLU A 7 -20.20 42.37 7.25
N VAL A 8 -19.62 41.33 6.63
CA VAL A 8 -18.20 41.31 6.34
C VAL A 8 -17.81 42.18 5.16
N SER A 9 -18.78 42.69 4.40
CA SER A 9 -18.50 43.49 3.21
C SER A 9 -19.01 44.93 3.32
N LYS A 10 -19.23 45.44 4.53
CA LYS A 10 -19.64 46.83 4.67
C LYS A 10 -18.55 47.80 4.25
N CYS A 11 -17.29 47.43 4.48
CA CYS A 11 -16.19 48.29 4.11
C CYS A 11 -15.98 48.35 2.60
N ILE A 12 -16.47 47.38 1.86
CA ILE A 12 -16.42 47.43 0.41
C ILE A 12 -17.86 47.56 -0.09
N PRO A 13 -18.41 48.77 -0.14
CA PRO A 13 -19.83 48.93 -0.49
C PRO A 13 -20.18 48.50 -1.90
N GLU A 14 -19.19 48.33 -2.78
CA GLU A 14 -19.45 47.81 -4.11
C GLU A 14 -20.05 46.41 -4.08
N ARG A 15 -19.89 45.69 -2.98
CA ARG A 15 -20.37 44.32 -2.87
C ARG A 15 -21.86 44.21 -2.64
N ARG A 16 -22.53 45.32 -2.29
CA ARG A 16 -23.94 45.23 -1.92
C ARG A 16 -24.80 44.76 -3.09
N GLU A 17 -24.52 45.24 -4.29
CA GLU A 17 -25.33 44.95 -5.45
C GLU A 17 -24.91 43.67 -6.15
N HIS A 18 -24.14 42.82 -5.48
CA HIS A 18 -23.77 41.51 -6.00
C HIS A 18 -24.48 40.38 -5.27
N ALA A 19 -25.46 40.70 -4.44
CA ALA A 19 -26.26 39.71 -3.74
C ALA A 19 -27.69 40.18 -3.70
N VAL A 20 -28.63 39.25 -3.92
CA VAL A 20 -30.05 39.53 -3.77
C VAL A 20 -30.66 38.43 -2.91
N MET A 21 -31.78 38.78 -2.29
CA MET A 21 -32.61 37.79 -1.62
C MET A 21 -33.99 37.83 -2.26
N LYS A 22 -34.42 36.71 -2.80
CA LYS A 22 -35.70 36.65 -3.49
C LYS A 22 -36.82 37.02 -2.53
N ALA A 23 -37.69 37.93 -2.96
CA ALA A 23 -38.80 38.37 -2.13
C ALA A 23 -40.08 38.24 -2.93
N ALA A 24 -41.17 37.95 -2.23
CA ALA A 24 -42.47 37.82 -2.89
C ALA A 24 -42.91 39.16 -3.42
N GLY A 25 -43.42 39.16 -4.65
CA GLY A 25 -43.78 40.41 -5.28
C GLY A 25 -42.67 41.06 -6.05
N GLU A 26 -41.60 40.34 -6.35
CA GLU A 26 -40.51 40.84 -7.16
C GLU A 26 -40.32 39.92 -8.34
N ASP A 27 -39.92 40.51 -9.46
CA ASP A 27 -39.61 39.77 -10.67
C ASP A 27 -38.21 40.14 -11.12
N LEU A 28 -37.79 39.65 -12.28
CA LEU A 28 -36.44 39.91 -12.78
C LEU A 28 -36.17 41.40 -12.98
N THR A 29 -37.21 42.21 -13.16
CA THR A 29 -37.05 43.63 -13.40
C THR A 29 -37.05 44.45 -12.12
N SER A 30 -37.08 43.81 -10.95
CA SER A 30 -37.05 44.52 -9.68
C SER A 30 -35.63 44.69 -9.16
N CYS A 31 -34.88 43.60 -9.06
CA CYS A 31 -33.50 43.65 -8.61
C CYS A 31 -32.76 42.49 -9.24
N LEU A 32 -31.45 42.64 -9.39
CA LEU A 32 -30.64 41.61 -10.03
C LEU A 32 -29.17 41.84 -9.72
N PRO A 33 -28.45 40.84 -9.21
CA PRO A 33 -27.04 41.05 -8.89
C PRO A 33 -26.22 41.35 -10.13
N LYS A 34 -25.23 42.24 -9.97
CA LYS A 34 -24.32 42.57 -11.04
C LYS A 34 -23.48 41.36 -11.39
N GLY A 35 -22.75 41.45 -12.50
CA GLY A 35 -21.94 40.34 -12.93
C GLY A 35 -20.98 40.73 -14.02
N TYR A 36 -19.98 39.89 -14.22
CA TYR A 36 -18.95 40.08 -15.25
C TYR A 36 -18.26 41.44 -15.11
N LEU A 37 -17.95 41.80 -13.88
CA LEU A 37 -17.21 43.00 -13.54
C LEU A 37 -15.81 42.62 -13.07
N ASN A 38 -14.99 43.63 -12.79
CA ASN A 38 -13.67 43.38 -12.24
C ASN A 38 -13.76 42.92 -10.80
N THR A 39 -12.74 42.19 -10.36
CA THR A 39 -12.67 41.71 -8.99
C THR A 39 -12.09 42.79 -8.08
N ILE A 40 -12.63 42.90 -6.88
CA ILE A 40 -12.04 43.74 -5.84
C ILE A 40 -10.78 43.05 -5.35
N PRO A 41 -9.62 43.70 -5.40
CA PRO A 41 -8.40 43.06 -4.91
C PRO A 41 -8.45 42.81 -3.42
N GLY A 42 -7.82 41.70 -3.00
CA GLY A 42 -7.65 41.38 -1.60
C GLY A 42 -8.84 40.76 -0.93
N THR A 43 -9.92 40.50 -1.65
CA THR A 43 -11.12 39.93 -1.08
C THR A 43 -11.03 38.42 -0.86
N ILE A 44 -10.01 37.78 -1.41
CA ILE A 44 -9.91 36.32 -1.46
C ILE A 44 -11.18 35.78 -2.10
N SER A 45 -11.47 36.25 -3.31
CA SER A 45 -12.58 35.73 -4.09
C SER A 45 -12.21 34.35 -4.65
N GLU A 46 -13.15 33.75 -5.36
CA GLU A 46 -12.96 32.42 -5.92
C GLU A 46 -12.60 32.44 -7.39
N ARG A 47 -12.36 33.61 -7.96
CA ARG A 47 -12.24 33.76 -9.40
C ARG A 47 -10.89 33.30 -9.93
N GLY A 48 -10.90 32.81 -11.16
CA GLY A 48 -9.71 32.44 -11.88
C GLY A 48 -9.37 33.43 -12.98
N CYS A 49 -8.57 32.96 -13.92
CA CYS A 49 -8.03 33.81 -14.97
C CYS A 49 -8.57 33.40 -16.33
N ALA A 50 -8.39 34.27 -17.31
CA ALA A 50 -8.90 34.02 -18.66
C ALA A 50 -8.20 32.85 -19.33
N TYR A 51 -6.95 32.59 -19.00
CA TYR A 51 -6.27 31.40 -19.49
C TYR A 51 -6.96 30.14 -18.98
N CYS A 52 -7.43 30.18 -17.74
CA CYS A 52 -8.21 29.06 -17.19
C CYS A 52 -9.45 28.83 -18.04
N GLY A 53 -10.24 29.87 -18.28
CA GLY A 53 -11.46 29.71 -19.04
C GLY A 53 -11.23 29.19 -20.45
N ALA A 54 -10.18 29.66 -21.10
CA ALA A 54 -9.89 29.24 -22.47
C ALA A 54 -9.25 27.85 -22.49
N LYS A 55 -8.09 27.72 -21.86
CA LYS A 55 -7.31 26.49 -21.95
C LYS A 55 -7.88 25.42 -21.03
N HIS A 56 -7.94 25.71 -19.74
CA HIS A 56 -8.25 24.68 -18.76
C HIS A 56 -9.66 24.13 -18.93
N VAL A 57 -10.61 25.00 -19.26
CA VAL A 57 -12.02 24.62 -19.29
C VAL A 57 -12.45 24.09 -20.65
N ILE A 58 -12.18 24.82 -21.73
CA ILE A 58 -12.73 24.49 -23.03
C ILE A 58 -11.71 23.81 -23.92
N GLY A 59 -10.46 24.20 -23.87
CA GLY A 59 -9.49 23.72 -24.83
C GLY A 59 -9.01 22.31 -24.56
N THR A 60 -8.55 22.06 -23.34
CA THR A 60 -7.97 20.77 -23.01
C THR A 60 -8.89 19.57 -23.24
N PRO A 61 -10.22 19.64 -23.00
CA PRO A 61 -11.06 18.47 -23.28
C PRO A 61 -10.84 17.79 -24.63
N MET A 62 -10.39 18.51 -25.66
CA MET A 62 -10.14 17.89 -26.96
C MET A 62 -9.09 16.79 -26.86
N LYS A 63 -9.38 15.64 -27.45
CA LYS A 63 -8.69 14.41 -27.11
C LYS A 63 -7.54 14.04 -28.02
N ASP A 64 -7.42 14.62 -29.21
CA ASP A 64 -6.40 14.25 -30.18
C ASP A 64 -5.47 15.41 -30.50
N VAL A 65 -5.19 16.25 -29.52
CA VAL A 65 -4.54 17.53 -29.72
C VAL A 65 -3.39 17.65 -28.74
N ILE A 66 -2.29 18.24 -29.19
CA ILE A 66 -1.24 18.69 -28.29
C ILE A 66 -1.60 20.08 -27.79
N HIS A 67 -1.84 20.21 -26.50
CA HIS A 67 -2.16 21.49 -25.88
C HIS A 67 -0.88 22.06 -25.26
N ILE A 68 -0.27 23.01 -25.95
CA ILE A 68 0.99 23.59 -25.52
C ILE A 68 0.76 25.06 -25.15
N SER A 69 1.17 25.43 -23.95
CA SER A 69 1.04 26.79 -23.46
C SER A 69 2.34 27.53 -23.71
N HIS A 70 2.26 28.66 -24.39
CA HIS A 70 3.42 29.50 -24.64
C HIS A 70 3.62 30.33 -23.39
N GLY A 71 4.59 29.94 -22.57
CA GLY A 71 4.87 30.61 -21.33
C GLY A 71 5.77 29.78 -20.47
N PRO A 72 5.98 30.21 -19.23
CA PRO A 72 6.76 29.40 -18.29
C PRO A 72 6.00 28.17 -17.83
N ASN A 73 6.75 27.26 -17.20
CA ASN A 73 6.20 25.97 -16.80
C ASN A 73 5.04 26.09 -15.82
N GLY A 74 4.99 27.19 -15.06
CA GLY A 74 4.07 27.26 -13.94
C GLY A 74 2.61 27.22 -14.32
N CYS A 75 2.24 27.92 -15.39
CA CYS A 75 0.86 27.88 -15.86
C CYS A 75 0.45 26.49 -16.27
N THR A 76 1.33 25.79 -16.98
CA THR A 76 1.05 24.44 -17.45
C THR A 76 0.95 23.45 -16.31
N TYR A 77 1.83 23.53 -15.32
CA TYR A 77 1.75 22.65 -14.17
C TYR A 77 0.49 22.89 -13.36
N ASP A 78 0.11 24.14 -13.19
CA ASP A 78 -0.97 24.49 -12.30
C ASP A 78 -2.33 24.00 -12.78
N THR A 79 -2.48 23.73 -14.06
CA THR A 79 -3.71 23.23 -14.63
C THR A 79 -3.63 21.76 -15.00
N TRP A 80 -2.58 21.07 -14.60
CA TRP A 80 -2.37 19.68 -14.97
C TRP A 80 -2.87 18.77 -13.87
N GLN A 81 -3.66 17.78 -14.24
CA GLN A 81 -4.22 16.79 -13.31
C GLN A 81 -5.08 17.43 -12.23
N THR A 82 -5.89 18.38 -12.64
CA THR A 82 -6.88 19.00 -11.77
C THR A 82 -8.29 18.87 -12.31
N LYS A 83 -8.46 18.26 -13.47
CA LYS A 83 -9.75 18.19 -14.12
C LYS A 83 -10.09 16.75 -14.43
N ARG A 84 -11.38 16.47 -14.57
CA ARG A 84 -11.87 15.12 -14.79
C ARG A 84 -12.65 14.99 -16.09
N TYR A 85 -12.21 15.62 -17.16
CA TYR A 85 -12.77 15.37 -18.48
C TYR A 85 -12.02 14.21 -19.13
N ILE A 86 -12.71 13.10 -19.32
CA ILE A 86 -12.12 11.91 -19.84
C ILE A 86 -12.43 11.79 -21.32
N SER A 87 -11.74 10.89 -21.99
CA SER A 87 -11.94 10.71 -23.41
C SER A 87 -11.73 9.24 -23.75
N ASP A 88 -12.21 8.86 -24.93
CA ASP A 88 -11.97 7.52 -25.43
C ASP A 88 -10.68 7.45 -26.25
N ASN A 89 -9.83 8.47 -26.15
CA ASN A 89 -8.48 8.45 -26.72
C ASN A 89 -7.44 8.08 -25.67
N ASP A 90 -7.80 7.20 -24.74
CA ASP A 90 -6.94 6.78 -23.66
C ASP A 90 -6.51 7.94 -22.78
N ASN A 91 -7.38 8.94 -22.66
CA ASN A 91 -7.16 10.10 -21.81
C ASN A 91 -5.85 10.80 -22.12
N PHE A 92 -5.54 10.96 -23.41
CA PHE A 92 -4.33 11.65 -23.81
C PHE A 92 -4.31 13.07 -23.27
N GLN A 93 -5.45 13.75 -23.26
CA GLN A 93 -5.54 15.13 -22.83
C GLN A 93 -5.37 15.29 -21.33
N LEU A 94 -5.39 14.21 -20.56
CA LEU A 94 -5.13 14.29 -19.13
C LEU A 94 -3.70 13.98 -18.76
N LYS A 95 -3.01 13.18 -19.57
CA LYS A 95 -1.72 12.64 -19.22
C LYS A 95 -0.55 13.42 -19.76
N TYR A 96 -0.74 14.22 -20.79
CA TYR A 96 0.36 14.93 -21.43
C TYR A 96 0.03 16.41 -21.51
N THR A 97 0.95 17.24 -21.03
CA THR A 97 0.77 18.68 -21.04
C THR A 97 2.10 19.30 -21.46
N PHE A 98 2.02 20.43 -22.15
CA PHE A 98 3.16 20.97 -22.86
C PHE A 98 3.33 22.45 -22.56
N ALA A 99 4.57 22.87 -22.38
CA ALA A 99 4.91 24.27 -22.24
C ALA A 99 6.15 24.55 -23.07
N THR A 100 6.33 25.81 -23.42
CA THR A 100 7.58 26.20 -24.06
C THR A 100 8.68 26.46 -23.04
N ASP A 101 8.33 26.60 -21.77
CA ASP A 101 9.28 26.86 -20.70
C ASP A 101 10.07 28.15 -20.94
N VAL A 102 9.35 29.26 -20.96
CA VAL A 102 9.95 30.56 -21.18
C VAL A 102 10.85 30.93 -20.01
N LYS A 103 12.08 31.31 -20.31
CA LYS A 103 13.08 31.76 -19.33
C LYS A 103 13.33 33.24 -19.52
N GLU A 104 14.21 33.81 -18.70
CA GLU A 104 14.39 35.26 -18.74
C GLU A 104 15.05 35.72 -20.03
N LYS A 105 15.93 34.91 -20.61
CA LYS A 105 16.53 35.28 -21.89
C LYS A 105 15.48 35.33 -23.00
N HIS A 106 14.45 34.48 -22.93
CA HIS A 106 13.37 34.52 -23.89
C HIS A 106 12.42 35.68 -23.64
N VAL A 107 12.25 36.09 -22.40
CA VAL A 107 11.47 37.29 -22.10
C VAL A 107 12.14 38.51 -22.70
N VAL A 108 13.44 38.67 -22.46
CA VAL A 108 14.15 39.87 -22.89
C VAL A 108 14.33 39.89 -24.40
N PHE A 109 14.64 38.77 -25.01
CA PHE A 109 15.01 38.75 -26.41
C PHE A 109 13.95 38.19 -27.34
N GLY A 110 12.88 37.63 -26.82
CA GLY A 110 11.84 37.10 -27.67
C GLY A 110 11.83 35.59 -27.58
N ALA A 111 10.63 35.01 -27.56
CA ALA A 111 10.48 33.58 -27.32
C ALA A 111 9.87 32.86 -28.50
N GLU A 112 9.91 33.45 -29.69
CA GLU A 112 9.26 32.86 -30.85
C GLU A 112 10.08 31.71 -31.42
N GLY A 113 11.40 31.80 -31.38
CA GLY A 113 12.22 30.67 -31.75
C GLY A 113 12.06 29.51 -30.80
N LEU A 114 11.95 29.79 -29.52
CA LEU A 114 11.69 28.75 -28.53
C LEU A 114 10.33 28.10 -28.76
N LEU A 115 9.32 28.89 -29.11
CA LEU A 115 7.99 28.34 -29.39
C LEU A 115 8.02 27.41 -30.60
N LYS A 116 8.70 27.83 -31.67
CA LYS A 116 8.76 26.99 -32.86
C LYS A 116 9.49 25.69 -32.56
N LYS A 117 10.60 25.76 -31.84
CA LYS A 117 11.36 24.58 -31.49
C LYS A 117 10.56 23.67 -30.55
N SER A 118 9.82 24.24 -29.61
CA SER A 118 9.00 23.45 -28.70
C SER A 118 7.89 22.74 -29.45
N MET A 119 7.28 23.41 -30.43
CA MET A 119 6.24 22.78 -31.23
C MET A 119 6.78 21.60 -32.03
N HIS A 120 7.95 21.76 -32.64
CA HIS A 120 8.55 20.66 -33.37
C HIS A 120 8.91 19.50 -32.45
N GLU A 121 9.40 19.80 -31.26
CA GLU A 121 9.72 18.76 -30.28
C GLU A 121 8.49 17.98 -29.87
N ALA A 122 7.38 18.67 -29.64
CA ALA A 122 6.15 18.01 -29.22
C ALA A 122 5.58 17.12 -30.32
N PHE A 123 5.60 17.59 -31.55
CA PHE A 123 5.14 16.78 -32.67
C PHE A 123 6.05 15.58 -32.87
N ASP A 124 7.36 15.76 -32.67
CA ASP A 124 8.31 14.67 -32.83
C ASP A 124 8.12 13.61 -31.76
N ALA A 125 7.84 14.00 -30.52
CA ALA A 125 7.68 13.05 -29.43
C ALA A 125 6.36 12.29 -29.50
N PHE A 126 5.37 12.84 -30.18
CA PHE A 126 4.06 12.21 -30.31
C PHE A 126 3.67 12.18 -31.77
N PRO A 127 4.29 11.28 -32.55
CA PRO A 127 4.08 11.29 -34.00
C PRO A 127 2.67 10.91 -34.43
N ASN A 128 1.87 10.29 -33.57
CA ASN A 128 0.49 9.97 -33.89
C ASN A 128 -0.46 11.15 -33.71
N ILE A 129 0.01 12.27 -33.17
CA ILE A 129 -0.79 13.46 -32.96
C ILE A 129 -0.45 14.46 -34.05
N LYS A 130 -1.46 14.92 -34.79
CA LYS A 130 -1.27 15.84 -35.89
C LYS A 130 -1.96 17.18 -35.67
N ARG A 131 -2.51 17.42 -34.50
CA ARG A 131 -3.25 18.63 -34.22
C ARG A 131 -2.68 19.28 -32.97
N MET A 132 -2.81 20.60 -32.89
CA MET A 132 -2.14 21.37 -31.85
C MET A 132 -2.88 22.67 -31.61
N THR A 133 -2.92 23.07 -30.34
CA THR A 133 -3.39 24.39 -29.96
C THR A 133 -2.30 25.06 -29.13
N VAL A 134 -1.96 26.29 -29.48
CA VAL A 134 -1.04 27.10 -28.72
C VAL A 134 -1.83 28.11 -27.91
N TYR A 135 -1.60 28.15 -26.61
CA TYR A 135 -2.27 29.07 -25.72
C TYR A 135 -1.30 30.13 -25.23
N GLN A 136 -1.72 31.38 -25.27
CA GLN A 136 -0.96 32.45 -24.65
C GLN A 136 -1.11 32.41 -23.14
N THR A 137 -0.07 32.82 -22.45
CA THR A 137 -0.11 33.07 -21.02
C THR A 137 0.12 34.54 -20.77
N CYS A 138 0.22 34.94 -19.50
CA CYS A 138 0.49 36.35 -19.20
C CYS A 138 1.81 36.80 -19.81
N THR A 139 2.86 35.99 -19.64
CA THR A 139 4.20 36.39 -20.01
C THR A 139 4.33 36.69 -21.49
N THR A 140 3.91 35.75 -22.33
CA THR A 140 4.12 35.89 -23.76
C THR A 140 3.11 36.79 -24.44
N ALA A 141 1.97 37.04 -23.78
CA ALA A 141 1.03 38.03 -24.28
C ALA A 141 1.49 39.46 -24.04
N LEU A 142 2.22 39.73 -22.96
CA LEU A 142 2.70 41.10 -22.76
C LEU A 142 3.82 41.45 -23.72
N ILE A 143 4.79 40.54 -23.91
CA ILE A 143 5.95 40.83 -24.74
C ILE A 143 5.64 40.87 -26.23
N GLY A 144 4.46 40.45 -26.65
CA GLY A 144 4.11 40.58 -28.04
C GLY A 144 4.62 39.52 -28.98
N ASP A 145 4.83 38.30 -28.49
CA ASP A 145 5.17 37.19 -29.38
C ASP A 145 4.04 36.94 -30.37
N ASP A 146 4.41 36.78 -31.64
CA ASP A 146 3.42 36.53 -32.70
C ASP A 146 3.27 35.03 -32.88
N VAL A 147 2.32 34.45 -32.14
CA VAL A 147 2.10 33.01 -32.17
C VAL A 147 1.50 32.58 -33.50
N ASP A 148 0.67 33.43 -34.09
CA ASP A 148 -0.01 33.07 -35.33
C ASP A 148 0.98 32.89 -36.46
N ALA A 149 1.98 33.76 -36.55
CA ALA A 149 3.01 33.61 -37.56
C ALA A 149 3.81 32.33 -37.37
N ILE A 150 4.13 31.99 -36.13
CA ILE A 150 4.87 30.77 -35.83
C ILE A 150 4.04 29.54 -36.17
N ALA A 151 2.74 29.59 -35.88
CA ALA A 151 1.86 28.47 -36.21
C ALA A 151 1.80 28.26 -37.71
N LYS A 152 1.73 29.36 -38.47
CA LYS A 152 1.77 29.26 -39.92
C LYS A 152 3.07 28.64 -40.40
N GLU A 153 4.20 29.06 -39.83
CA GLU A 153 5.49 28.51 -40.24
C GLU A 153 5.62 27.03 -39.92
N VAL A 154 5.20 26.62 -38.73
CA VAL A 154 5.30 25.22 -38.33
C VAL A 154 4.40 24.35 -39.20
N MET A 155 3.21 24.83 -39.51
CA MET A 155 2.30 24.08 -40.38
C MET A 155 2.91 23.83 -41.75
N GLU A 156 3.50 24.87 -42.35
CA GLU A 156 4.09 24.71 -43.68
C GLU A 156 5.38 23.89 -43.64
N GLU A 157 6.08 23.88 -42.52
CA GLU A 157 7.30 23.09 -42.44
C GLU A 157 7.00 21.61 -42.30
N ARG A 158 5.93 21.25 -41.61
CA ARG A 158 5.57 19.86 -41.43
C ARG A 158 4.70 19.35 -42.57
N GLY A 159 3.72 20.15 -42.99
CA GLY A 159 2.88 19.80 -44.11
C GLY A 159 1.75 18.85 -43.80
N ASP A 160 1.67 18.30 -42.60
CA ASP A 160 0.60 17.37 -42.28
C ASP A 160 0.00 17.63 -40.90
N VAL A 161 0.27 18.79 -40.29
CA VAL A 161 -0.29 19.12 -38.99
C VAL A 161 -1.20 20.33 -39.15
N ASP A 162 -2.01 20.58 -38.13
CA ASP A 162 -2.86 21.75 -38.09
C ASP A 162 -2.79 22.37 -36.70
N VAL A 163 -2.66 23.70 -36.65
CA VAL A 163 -2.44 24.42 -35.40
C VAL A 163 -3.53 25.45 -35.21
N PHE A 164 -4.10 25.49 -34.02
CA PHE A 164 -5.06 26.49 -33.59
C PHE A 164 -4.37 27.42 -32.60
N VAL A 165 -4.68 28.71 -32.66
CA VAL A 165 -4.05 29.72 -31.82
C VAL A 165 -5.10 30.30 -30.88
N CYS A 166 -4.85 30.26 -29.58
CA CYS A 166 -5.72 30.82 -28.57
C CYS A 166 -4.98 31.91 -27.80
N ASN A 167 -5.32 33.17 -28.09
CA ASN A 167 -4.65 34.31 -27.46
C ASN A 167 -5.47 34.77 -26.27
N SER A 168 -5.37 34.04 -25.17
CA SER A 168 -6.14 34.31 -23.96
C SER A 168 -5.24 34.28 -22.74
N PRO A 169 -4.47 35.34 -22.51
CA PRO A 169 -3.67 35.42 -21.28
C PRO A 169 -4.55 35.58 -20.06
N GLY A 170 -3.97 35.24 -18.91
CA GLY A 170 -4.73 35.23 -17.69
C GLY A 170 -5.27 36.59 -17.29
N PHE A 171 -4.54 37.65 -17.57
CA PHE A 171 -5.01 38.98 -17.18
C PHE A 171 -6.09 39.53 -18.11
N ALA A 172 -6.32 38.90 -19.26
CA ALA A 172 -7.19 39.47 -20.30
C ALA A 172 -8.66 39.13 -20.00
N GLY A 173 -9.17 39.74 -18.94
CA GLY A 173 -10.53 39.52 -18.53
C GLY A 173 -10.67 39.45 -17.04
N PRO A 174 -11.89 39.56 -16.53
CA PRO A 174 -12.10 39.54 -15.09
C PRO A 174 -12.12 38.15 -14.47
N SER A 175 -12.28 37.10 -15.25
CA SER A 175 -12.48 35.74 -14.74
C SER A 175 -12.31 34.79 -15.92
N GLN A 176 -12.64 33.52 -15.68
CA GLN A 176 -12.66 32.51 -16.74
C GLN A 176 -13.57 32.90 -17.90
N SER A 177 -14.53 33.80 -17.71
CA SER A 177 -15.48 34.16 -18.77
C SER A 177 -14.80 34.83 -19.95
N GLY A 178 -13.78 35.66 -19.70
CA GLY A 178 -13.03 36.21 -20.80
C GLY A 178 -12.43 35.13 -21.68
N GLY A 179 -11.95 34.06 -21.06
CA GLY A 179 -11.44 32.93 -21.81
C GLY A 179 -12.49 32.20 -22.63
N HIS A 180 -13.68 31.99 -22.06
CA HIS A 180 -14.77 31.35 -22.81
C HIS A 180 -15.02 32.08 -24.11
N HIS A 181 -15.22 33.39 -24.02
CA HIS A 181 -15.54 34.19 -25.18
C HIS A 181 -14.43 34.14 -26.21
N LYS A 182 -13.19 34.32 -25.76
CA LYS A 182 -12.05 34.38 -26.68
C LYS A 182 -11.89 33.10 -27.48
N ILE A 183 -11.91 31.94 -26.81
CA ILE A 183 -11.66 30.69 -27.52
C ILE A 183 -12.81 30.33 -28.45
N ASN A 184 -14.04 30.72 -28.12
CA ASN A 184 -15.18 30.45 -28.99
C ASN A 184 -15.04 31.20 -30.30
N ILE A 185 -14.75 32.49 -30.22
CA ILE A 185 -14.65 33.33 -31.42
C ILE A 185 -13.43 32.94 -32.23
N ALA A 186 -12.35 32.56 -31.55
CA ALA A 186 -11.15 32.14 -32.26
C ALA A 186 -11.39 30.86 -33.05
N TRP A 187 -12.00 29.86 -32.42
CA TRP A 187 -12.26 28.61 -33.13
C TRP A 187 -13.19 28.82 -34.31
N LEU A 188 -14.22 29.64 -34.13
CA LEU A 188 -15.16 29.93 -35.19
C LEU A 188 -14.47 30.58 -36.38
N ASN A 189 -13.63 31.58 -36.13
CA ASN A 189 -13.03 32.34 -37.20
C ASN A 189 -11.90 31.59 -37.89
N GLN A 190 -11.15 30.79 -37.16
CA GLN A 190 -9.99 30.12 -37.75
C GLN A 190 -10.34 28.75 -38.33
N LYS A 191 -11.22 28.01 -37.67
CA LYS A 191 -11.29 26.58 -37.87
C LYS A 191 -12.60 26.05 -38.42
N VAL A 192 -13.73 26.70 -38.13
CA VAL A 192 -15.02 26.20 -38.57
C VAL A 192 -15.19 26.45 -40.06
N GLY A 193 -15.57 25.41 -40.80
CA GLY A 193 -15.70 25.50 -42.23
C GLY A 193 -14.52 24.97 -43.00
N THR A 194 -13.47 24.56 -42.32
CA THR A 194 -12.22 24.16 -42.96
C THR A 194 -12.13 22.66 -43.24
N VAL A 195 -13.11 21.88 -42.78
CA VAL A 195 -13.16 20.44 -43.03
C VAL A 195 -14.60 20.08 -43.40
N GLU A 196 -14.74 19.22 -44.39
CA GLU A 196 -16.05 18.70 -44.75
C GLU A 196 -16.29 17.34 -44.10
N PRO A 197 -17.51 17.12 -43.64
CA PRO A 197 -17.84 15.80 -43.10
C PRO A 197 -17.73 14.72 -44.16
N ASP A 198 -17.33 13.53 -43.73
CA ASP A 198 -17.30 12.42 -44.66
C ASP A 198 -18.69 11.91 -44.94
N TYR A 199 -19.46 11.68 -43.89
CA TYR A 199 -20.82 11.17 -43.98
C TYR A 199 -21.74 12.09 -43.21
N LEU A 200 -22.89 12.42 -43.78
CA LEU A 200 -23.89 13.19 -43.08
C LEU A 200 -25.17 12.38 -43.04
N GLY A 201 -25.60 12.02 -41.84
CA GLY A 201 -26.78 11.19 -41.68
C GLY A 201 -28.03 12.00 -41.91
N GLU A 202 -29.16 11.45 -41.47
CA GLU A 202 -30.42 12.12 -41.73
C GLU A 202 -30.79 13.10 -40.63
N HIS A 203 -30.26 12.94 -39.43
CA HIS A 203 -30.47 13.87 -38.33
C HIS A 203 -29.12 14.15 -37.70
N VAL A 204 -28.58 15.33 -37.92
CA VAL A 204 -27.23 15.70 -37.51
C VAL A 204 -27.32 16.82 -36.49
N ILE A 205 -26.67 16.66 -35.35
CA ILE A 205 -26.58 17.72 -34.38
C ILE A 205 -25.13 18.01 -34.07
N ASN A 206 -24.90 19.21 -33.57
CA ASN A 206 -23.69 19.54 -32.83
C ASN A 206 -24.08 19.58 -31.37
N TYR A 207 -23.37 18.81 -30.54
CA TYR A 207 -23.57 18.87 -29.10
C TYR A 207 -22.60 19.90 -28.54
N VAL A 208 -23.11 21.02 -28.07
CA VAL A 208 -22.30 22.19 -27.76
C VAL A 208 -22.33 22.45 -26.27
N GLY A 209 -21.19 22.80 -25.69
CA GLY A 209 -21.15 23.17 -24.30
C GLY A 209 -21.09 22.02 -23.33
N GLU A 210 -20.47 20.91 -23.72
CA GLU A 210 -20.35 19.74 -22.88
C GLU A 210 -18.88 19.36 -22.84
N TYR A 211 -18.38 19.08 -21.64
CA TYR A 211 -16.95 18.87 -21.47
C TYR A 211 -16.63 17.52 -20.85
N ASN A 212 -17.58 16.60 -20.84
CA ASN A 212 -17.34 15.19 -20.53
C ASN A 212 -16.72 14.99 -19.15
N ILE A 213 -17.27 15.66 -18.15
CA ILE A 213 -16.78 15.47 -16.80
C ILE A 213 -17.24 14.10 -16.31
N GLN A 214 -16.29 13.19 -16.11
CA GLN A 214 -16.55 11.84 -15.65
C GLN A 214 -17.41 11.04 -16.62
N GLY A 215 -17.40 11.40 -17.90
CA GLY A 215 -18.19 10.72 -18.89
C GLY A 215 -19.56 11.30 -19.14
N ASP A 216 -19.79 12.57 -18.82
CA ASP A 216 -21.10 13.18 -19.03
C ASP A 216 -21.51 13.18 -20.49
N GLN A 217 -20.57 13.41 -21.40
CA GLN A 217 -20.88 13.42 -22.82
C GLN A 217 -21.22 12.03 -23.30
N GLU A 218 -20.58 11.01 -22.76
CA GLU A 218 -20.80 9.66 -23.22
C GLU A 218 -22.21 9.22 -22.87
N VAL A 219 -22.67 9.61 -21.70
CA VAL A 219 -24.05 9.40 -21.28
C VAL A 219 -25.03 9.99 -22.29
N MET A 220 -24.76 11.21 -22.75
CA MET A 220 -25.66 11.89 -23.67
C MET A 220 -25.57 11.32 -25.07
N ILE A 221 -24.40 10.88 -25.50
CA ILE A 221 -24.22 10.25 -26.81
C ILE A 221 -25.01 8.96 -26.88
N ASP A 222 -25.04 8.22 -25.78
CA ASP A 222 -25.82 6.99 -25.72
C ASP A 222 -27.29 7.26 -26.02
N TYR A 223 -27.86 8.30 -25.41
CA TYR A 223 -29.25 8.64 -25.67
C TYR A 223 -29.48 9.01 -27.13
N PHE A 224 -28.59 9.82 -27.70
CA PHE A 224 -28.74 10.26 -29.08
C PHE A 224 -28.64 9.10 -30.05
N ASN A 225 -27.72 8.16 -29.79
CA ASN A 225 -27.60 6.97 -30.61
C ASN A 225 -28.90 6.20 -30.63
N ARG A 226 -29.53 6.06 -29.47
CA ARG A 226 -30.77 5.30 -29.36
C ARG A 226 -31.94 6.00 -30.03
N MET A 227 -31.85 7.30 -30.27
CA MET A 227 -32.82 8.00 -31.10
C MET A 227 -32.41 8.04 -32.56
N GLY A 228 -31.27 7.45 -32.92
CA GLY A 228 -30.77 7.51 -34.27
C GLY A 228 -30.37 8.89 -34.73
N ILE A 229 -29.62 9.61 -33.90
CA ILE A 229 -29.21 10.98 -34.20
C ILE A 229 -27.70 11.00 -34.29
N GLN A 230 -27.18 11.59 -35.37
CA GLN A 230 -25.74 11.70 -35.56
C GLN A 230 -25.24 12.94 -34.84
N VAL A 231 -24.31 12.74 -33.92
CA VAL A 231 -23.63 13.85 -33.27
C VAL A 231 -22.39 14.13 -34.11
N LEU A 232 -22.47 15.17 -34.93
CA LEU A 232 -21.37 15.52 -35.82
C LEU A 232 -20.13 15.88 -35.02
N SER A 233 -20.29 16.70 -34.00
CA SER A 233 -19.19 17.15 -33.18
C SER A 233 -19.70 17.48 -31.80
N THR A 234 -18.79 17.42 -30.83
CA THR A 234 -19.06 17.83 -29.46
C THR A 234 -18.07 18.90 -29.07
N PHE A 235 -18.57 20.02 -28.59
CA PHE A 235 -17.76 21.16 -28.19
C PHE A 235 -17.70 21.17 -26.66
N THR A 236 -16.62 20.65 -26.09
CA THR A 236 -15.46 19.98 -26.68
C THR A 236 -15.13 18.69 -25.96
N GLY A 237 -15.97 18.27 -25.02
CA GLY A 237 -15.67 17.10 -24.23
C GLY A 237 -15.71 15.83 -25.06
N ASN A 238 -14.66 15.01 -24.93
CA ASN A 238 -14.47 13.83 -25.77
C ASN A 238 -14.47 14.21 -27.25
N GLY A 239 -14.09 15.44 -27.55
CA GLY A 239 -14.19 15.97 -28.89
C GLY A 239 -12.89 15.82 -29.65
N SER A 240 -13.00 15.59 -30.94
CA SER A 240 -11.84 15.56 -31.80
C SER A 240 -11.75 16.87 -32.58
N TYR A 241 -10.51 17.30 -32.81
CA TYR A 241 -10.21 18.55 -33.52
C TYR A 241 -10.94 18.66 -34.85
N ASP A 242 -10.87 17.61 -35.67
CA ASP A 242 -11.37 17.69 -37.03
C ASP A 242 -12.88 17.75 -37.10
N SER A 243 -13.58 17.01 -36.23
CA SER A 243 -15.03 17.09 -36.19
C SER A 243 -15.52 18.48 -35.86
N LEU A 244 -14.82 19.16 -34.95
CA LEU A 244 -15.16 20.52 -34.59
C LEU A 244 -14.89 21.51 -35.71
N ARG A 245 -14.08 21.14 -36.69
CA ARG A 245 -13.92 21.96 -37.89
C ARG A 245 -15.07 21.82 -38.87
N MET A 246 -15.96 20.87 -38.62
CA MET A 246 -17.11 20.55 -39.44
C MET A 246 -18.42 21.06 -38.87
N MET A 247 -18.37 21.98 -37.89
CA MET A 247 -19.58 22.34 -37.17
C MET A 247 -20.63 23.01 -38.05
N HIS A 248 -20.20 23.63 -39.15
CA HIS A 248 -21.08 24.37 -40.06
C HIS A 248 -22.02 23.47 -40.84
N ARG A 249 -21.98 22.16 -40.64
CA ARG A 249 -22.77 21.23 -41.43
C ARG A 249 -23.83 20.51 -40.63
N ALA A 250 -24.13 20.96 -39.42
CA ALA A 250 -25.13 20.32 -38.58
C ALA A 250 -26.50 20.93 -38.81
N HIS A 251 -27.53 20.11 -38.66
CA HIS A 251 -28.91 20.58 -38.78
C HIS A 251 -29.36 21.36 -37.56
N LEU A 252 -28.71 21.17 -36.41
CA LEU A 252 -29.20 21.74 -35.17
C LEU A 252 -28.07 21.79 -34.15
N ASN A 253 -28.01 22.88 -33.41
CA ASN A 253 -27.06 23.05 -32.32
C ASN A 253 -27.77 22.80 -30.99
N VAL A 254 -27.33 21.79 -30.28
CA VAL A 254 -27.94 21.39 -29.01
C VAL A 254 -27.02 21.93 -27.91
N LEU A 255 -27.43 23.04 -27.30
CA LEU A 255 -26.58 23.79 -26.39
C LEU A 255 -26.86 23.39 -24.96
N GLU A 256 -25.84 22.87 -24.28
CA GLU A 256 -25.99 22.51 -22.88
C GLU A 256 -25.55 23.64 -21.95
N CYS A 257 -24.28 24.00 -21.97
CA CYS A 257 -23.77 25.09 -21.14
C CYS A 257 -23.78 26.36 -21.98
N ALA A 258 -24.75 27.22 -21.72
CA ALA A 258 -24.84 28.49 -22.41
C ALA A 258 -23.90 29.53 -21.84
N ARG A 259 -23.25 29.27 -20.72
CA ARG A 259 -22.30 30.24 -20.21
C ARG A 259 -21.01 30.22 -20.99
N SER A 260 -20.58 29.05 -21.44
CA SER A 260 -19.26 28.90 -22.03
C SER A 260 -19.28 28.80 -23.54
N ALA A 261 -20.40 28.38 -24.14
CA ALA A 261 -20.43 28.08 -25.56
C ALA A 261 -21.55 28.80 -26.32
N GLU A 262 -22.28 29.72 -25.68
CA GLU A 262 -23.34 30.42 -26.38
C GLU A 262 -22.81 31.28 -27.51
N TYR A 263 -21.56 31.75 -27.40
CA TYR A 263 -20.97 32.59 -28.42
C TYR A 263 -20.88 31.87 -29.76
N ILE A 264 -20.29 30.67 -29.78
CA ILE A 264 -20.17 29.95 -31.03
C ILE A 264 -21.55 29.54 -31.55
N CYS A 265 -22.49 29.22 -30.66
CA CYS A 265 -23.84 28.88 -31.08
C CYS A 265 -24.54 30.06 -31.74
N ASP A 266 -24.42 31.25 -31.14
CA ASP A 266 -25.07 32.43 -31.71
C ASP A 266 -24.50 32.79 -33.06
N GLU A 267 -23.19 32.64 -33.21
CA GLU A 267 -22.52 32.97 -34.45
C GLU A 267 -22.72 31.93 -35.53
N LEU A 268 -22.81 30.65 -35.16
CA LEU A 268 -23.20 29.64 -36.15
C LEU A 268 -24.63 29.86 -36.61
N ARG A 269 -25.51 30.26 -35.69
CA ARG A 269 -26.86 30.62 -36.08
C ARG A 269 -26.88 31.82 -37.01
N ALA A 270 -26.09 32.84 -36.69
CA ALA A 270 -26.09 34.07 -37.48
C ALA A 270 -25.46 33.86 -38.85
N ARG A 271 -24.46 32.99 -38.94
CA ARG A 271 -23.76 32.79 -40.20
C ARG A 271 -24.40 31.71 -41.07
N TYR A 272 -24.53 30.51 -40.53
CA TYR A 272 -24.96 29.36 -41.33
C TYR A 272 -26.44 29.03 -41.19
N GLY A 273 -27.18 29.77 -40.37
CA GLY A 273 -28.58 29.49 -40.21
C GLY A 273 -28.91 28.27 -39.40
N ILE A 274 -27.98 27.78 -38.58
CA ILE A 274 -28.19 26.60 -37.75
C ILE A 274 -28.96 27.02 -36.50
N PRO A 275 -30.13 26.43 -36.23
CA PRO A 275 -30.90 26.80 -35.04
C PRO A 275 -30.21 26.39 -33.75
N ARG A 276 -30.49 27.13 -32.69
CA ARG A 276 -29.92 26.90 -31.38
C ARG A 276 -31.01 26.40 -30.44
N LEU A 277 -30.80 25.23 -29.85
CA LEU A 277 -31.74 24.61 -28.93
C LEU A 277 -31.08 24.38 -27.58
N ASP A 278 -31.45 25.19 -26.60
CA ASP A 278 -30.96 25.04 -25.24
C ASP A 278 -31.63 23.86 -24.55
N ILE A 279 -30.83 23.01 -23.91
CA ILE A 279 -31.32 21.81 -23.26
C ILE A 279 -30.74 21.71 -21.86
N ASP A 280 -31.33 20.83 -21.06
CA ASP A 280 -30.83 20.43 -19.76
C ASP A 280 -30.38 18.98 -19.83
N GLY A 281 -29.24 18.67 -19.24
CA GLY A 281 -28.81 17.30 -19.18
C GLY A 281 -29.07 16.66 -17.84
N PHE A 282 -29.39 17.48 -16.86
CA PHE A 282 -29.58 17.04 -15.49
C PHE A 282 -31.05 16.96 -15.16
N GLY A 283 -31.38 16.04 -14.26
CA GLY A 283 -32.75 15.85 -13.83
C GLY A 283 -33.47 14.80 -14.66
N PHE A 284 -34.60 14.37 -14.14
CA PHE A 284 -35.43 13.44 -14.90
C PHE A 284 -36.32 14.18 -15.87
N GLU A 285 -37.06 15.15 -15.40
CA GLU A 285 -38.02 15.88 -16.18
C GLU A 285 -37.34 16.86 -17.12
N PRO A 286 -36.32 17.62 -16.71
CA PRO A 286 -35.59 18.43 -17.69
C PRO A 286 -34.93 17.60 -18.78
N LEU A 287 -34.29 16.49 -18.44
CA LEU A 287 -33.67 15.64 -19.43
C LEU A 287 -34.70 15.01 -20.36
N ALA A 288 -35.84 14.59 -19.81
CA ALA A 288 -36.90 14.03 -20.65
C ALA A 288 -37.42 15.05 -21.64
N ASN A 289 -37.66 16.28 -21.20
CA ASN A 289 -38.13 17.32 -22.10
C ASN A 289 -37.11 17.66 -23.16
N SER A 290 -35.83 17.67 -22.79
CA SER A 290 -34.77 17.97 -23.74
C SER A 290 -34.69 16.92 -24.83
N LEU A 291 -34.75 15.64 -24.45
CA LEU A 291 -34.77 14.58 -25.44
C LEU A 291 -35.99 14.68 -26.32
N ARG A 292 -37.13 15.02 -25.75
CA ARG A 292 -38.36 15.19 -26.52
C ARG A 292 -38.23 16.30 -27.57
N LYS A 293 -37.62 17.43 -27.19
CA LYS A 293 -37.44 18.53 -28.13
C LYS A 293 -36.53 18.15 -29.29
N VAL A 294 -35.42 17.49 -29.00
CA VAL A 294 -34.48 17.11 -30.05
C VAL A 294 -35.13 16.13 -31.01
N ALA A 295 -35.83 15.13 -30.48
CA ALA A 295 -36.50 14.17 -31.33
C ALA A 295 -37.63 14.81 -32.10
N LEU A 296 -38.29 15.80 -31.52
CA LEU A 296 -39.38 16.49 -32.19
C LEU A 296 -38.88 17.33 -33.35
N PHE A 297 -37.70 17.94 -33.21
CA PHE A 297 -37.14 18.75 -34.28
C PHE A 297 -36.95 17.93 -35.54
N PHE A 298 -36.57 16.67 -35.38
CA PHE A 298 -36.32 15.76 -36.48
C PHE A 298 -37.52 14.90 -36.82
N GLY A 299 -38.62 15.04 -36.08
CA GLY A 299 -39.80 14.24 -36.35
C GLY A 299 -39.71 12.80 -35.92
N ILE A 300 -38.90 12.50 -34.91
CA ILE A 300 -38.68 11.14 -34.47
C ILE A 300 -39.06 11.02 -33.00
N GLU A 301 -40.13 11.73 -32.62
CA GLU A 301 -40.51 11.85 -31.21
C GLU A 301 -40.70 10.49 -30.55
N ASP A 302 -41.26 9.53 -31.26
CA ASP A 302 -41.56 8.24 -30.65
C ASP A 302 -40.32 7.57 -30.09
N LYS A 303 -39.17 7.77 -30.74
CA LYS A 303 -37.91 7.22 -30.23
C LYS A 303 -37.53 7.81 -28.89
N ALA A 304 -37.70 9.12 -28.72
CA ALA A 304 -37.44 9.73 -27.42
C ALA A 304 -38.34 9.19 -26.33
N GLU A 305 -39.63 9.03 -26.64
CA GLU A 305 -40.59 8.55 -25.65
C GLU A 305 -40.23 7.14 -25.20
N ALA A 306 -39.76 6.31 -26.11
CA ALA A 306 -39.34 4.95 -25.75
C ALA A 306 -38.16 4.96 -24.80
N ILE A 307 -37.15 5.79 -25.08
CA ILE A 307 -36.03 5.93 -24.15
C ILE A 307 -36.51 6.38 -22.79
N ILE A 308 -37.41 7.36 -22.76
CA ILE A 308 -37.84 7.96 -21.50
C ILE A 308 -38.61 6.96 -20.65
N ALA A 309 -39.52 6.21 -21.27
CA ALA A 309 -40.28 5.21 -20.53
C ALA A 309 -39.37 4.14 -19.94
N GLU A 310 -38.42 3.66 -20.74
CA GLU A 310 -37.49 2.64 -20.30
C GLU A 310 -36.63 3.13 -19.15
N GLU A 311 -36.12 4.35 -19.26
CA GLU A 311 -35.23 4.90 -18.23
C GLU A 311 -35.98 5.23 -16.95
N TYR A 312 -37.23 5.71 -17.06
CA TYR A 312 -38.05 5.97 -15.89
C TYR A 312 -38.34 4.67 -15.14
N ALA A 313 -38.73 3.63 -15.85
CA ALA A 313 -39.01 2.36 -15.21
C ALA A 313 -37.79 1.81 -14.49
N LYS A 314 -36.61 2.01 -15.07
CA LYS A 314 -35.40 1.47 -14.48
C LYS A 314 -34.93 2.29 -13.28
N TRP A 315 -35.06 3.61 -13.33
CA TRP A 315 -34.38 4.47 -12.37
C TRP A 315 -35.29 5.25 -11.46
N LYS A 316 -36.53 5.51 -11.84
CA LYS A 316 -37.43 6.28 -10.98
C LYS A 316 -37.65 5.64 -9.62
N PRO A 317 -37.88 4.34 -9.48
CA PRO A 317 -38.00 3.76 -8.13
C PRO A 317 -36.79 4.00 -7.26
N GLN A 318 -35.58 3.94 -7.83
CA GLN A 318 -34.37 4.18 -7.07
C GLN A 318 -34.21 5.64 -6.69
N LEU A 319 -34.51 6.55 -7.59
CA LEU A 319 -34.45 7.98 -7.27
C LEU A 319 -35.42 8.34 -6.16
N ASP A 320 -36.60 7.73 -6.16
CA ASP A 320 -37.60 8.02 -5.15
C ASP A 320 -37.24 7.46 -3.78
N TRP A 321 -36.47 6.39 -3.73
CA TRP A 321 -35.95 5.93 -2.44
C TRP A 321 -35.16 7.04 -1.75
N TYR A 322 -34.28 7.71 -2.48
CA TYR A 322 -33.49 8.79 -1.89
C TYR A 322 -34.31 10.05 -1.72
N LYS A 323 -35.24 10.32 -2.63
CA LYS A 323 -36.07 11.50 -2.52
C LYS A 323 -36.90 11.49 -1.24
N GLU A 324 -37.41 10.33 -0.85
CA GLU A 324 -38.18 10.24 0.38
C GLU A 324 -37.35 10.58 1.60
N ARG A 325 -36.07 10.21 1.60
CA ARG A 325 -35.19 10.44 2.73
C ARG A 325 -34.53 11.80 2.71
N LEU A 326 -34.62 12.54 1.61
CA LEU A 326 -33.95 13.82 1.48
C LEU A 326 -34.90 15.01 1.56
N LYS A 327 -36.19 14.79 1.73
CA LYS A 327 -37.14 15.90 1.76
C LYS A 327 -36.84 16.87 2.87
N GLY A 328 -36.79 18.16 2.53
CA GLY A 328 -36.60 19.21 3.50
C GLY A 328 -35.17 19.55 3.84
N LYS A 329 -34.20 18.80 3.34
CA LYS A 329 -32.81 19.09 3.62
C LYS A 329 -32.38 20.33 2.85
N LYS A 330 -31.52 21.13 3.45
CA LYS A 330 -31.09 22.39 2.87
C LYS A 330 -29.74 22.26 2.19
N VAL A 331 -29.60 22.91 1.04
CA VAL A 331 -28.38 22.84 0.24
C VAL A 331 -28.02 24.24 -0.23
N CYS A 332 -26.72 24.53 -0.24
CA CYS A 332 -26.15 25.69 -0.88
C CYS A 332 -25.55 25.27 -2.21
N LEU A 333 -25.99 25.89 -3.30
CA LEU A 333 -25.58 25.54 -4.66
C LEU A 333 -24.50 26.51 -5.12
N TRP A 334 -23.24 26.07 -5.08
CA TRP A 334 -22.09 26.97 -5.27
C TRP A 334 -21.15 26.47 -6.34
N PRO A 335 -21.59 26.36 -7.60
CA PRO A 335 -20.65 26.07 -8.67
C PRO A 335 -20.00 27.34 -9.18
N GLY A 336 -19.30 27.28 -10.29
CA GLY A 336 -18.87 28.50 -10.93
C GLY A 336 -19.92 29.10 -11.84
N GLY A 337 -20.50 28.30 -12.72
CA GLY A 337 -21.39 28.80 -13.75
C GLY A 337 -22.72 28.10 -13.89
N SER A 338 -22.94 27.50 -15.05
CA SER A 338 -24.25 27.04 -15.48
C SER A 338 -24.90 26.06 -14.53
N LYS A 339 -24.11 25.30 -13.75
CA LYS A 339 -24.70 24.26 -12.92
C LYS A 339 -25.59 24.80 -11.82
N LEU A 340 -25.58 26.11 -11.56
CA LEU A 340 -26.47 26.65 -10.55
C LEU A 340 -27.90 26.71 -11.06
N TRP A 341 -28.11 27.10 -12.33
CA TRP A 341 -29.46 27.11 -12.87
C TRP A 341 -29.84 25.82 -13.56
N HIS A 342 -28.88 24.95 -13.84
CA HIS A 342 -29.23 23.63 -14.31
C HIS A 342 -29.82 22.79 -13.19
N TRP A 343 -29.46 23.07 -11.95
CA TRP A 343 -29.79 22.20 -10.84
C TRP A 343 -30.84 22.75 -9.89
N ALA A 344 -30.99 24.07 -9.80
CA ALA A 344 -31.73 24.67 -8.70
C ALA A 344 -33.17 24.19 -8.66
N HIS A 345 -33.83 24.15 -9.80
CA HIS A 345 -35.23 23.73 -9.81
C HIS A 345 -35.36 22.21 -9.80
N ALA A 346 -34.52 21.51 -10.54
CA ALA A 346 -34.64 20.05 -10.62
C ALA A 346 -34.34 19.39 -9.29
N ILE A 347 -33.37 19.88 -8.55
CA ILE A 347 -33.02 19.29 -7.26
C ILE A 347 -34.15 19.45 -6.26
N GLU A 348 -34.78 20.62 -6.21
CA GLU A 348 -35.90 20.80 -5.30
C GLU A 348 -37.07 19.89 -5.67
N GLU A 349 -37.38 19.77 -6.96
CA GLU A 349 -38.54 19.00 -7.37
C GLU A 349 -38.32 17.50 -7.23
N GLU A 350 -37.16 17.00 -7.59
CA GLU A 350 -36.97 15.57 -7.75
C GLU A 350 -36.15 14.93 -6.64
N MET A 351 -35.56 15.71 -5.75
CA MET A 351 -34.92 15.15 -4.58
C MET A 351 -35.48 15.69 -3.29
N GLY A 352 -36.34 16.69 -3.35
CA GLY A 352 -36.95 17.25 -2.17
C GLY A 352 -36.10 18.20 -1.38
N LEU A 353 -34.92 18.55 -1.87
CA LEU A 353 -34.04 19.45 -1.16
C LEU A 353 -34.53 20.88 -1.28
N LYS A 354 -34.20 21.69 -0.30
CA LYS A 354 -34.51 23.11 -0.32
C LYS A 354 -33.23 23.88 -0.61
N VAL A 355 -33.22 24.60 -1.73
CA VAL A 355 -32.06 25.38 -2.15
C VAL A 355 -32.12 26.73 -1.46
N VAL A 356 -31.19 26.96 -0.54
CA VAL A 356 -31.20 28.18 0.27
C VAL A 356 -30.26 29.25 -0.26
N SER A 357 -29.33 28.91 -1.15
CA SER A 357 -28.43 29.91 -1.71
C SER A 357 -27.82 29.37 -2.99
N VAL A 358 -27.57 30.28 -3.93
CA VAL A 358 -26.83 29.99 -5.14
C VAL A 358 -25.73 31.04 -5.29
N TYR A 359 -24.62 30.65 -5.92
CA TYR A 359 -23.66 31.65 -6.31
C TYR A 359 -22.94 31.23 -7.57
N THR A 360 -22.39 32.22 -8.25
CA THR A 360 -21.58 32.04 -9.44
C THR A 360 -20.26 32.77 -9.23
N LYS A 361 -19.17 32.17 -9.71
CA LYS A 361 -17.88 32.83 -9.62
C LYS A 361 -17.68 33.81 -10.76
N PHE A 362 -18.09 33.42 -11.97
CA PHE A 362 -17.79 34.19 -13.17
C PHE A 362 -19.01 34.52 -14.00
N GLY A 363 -20.19 33.99 -13.69
CA GLY A 363 -21.32 34.11 -14.60
C GLY A 363 -21.79 35.54 -14.75
N HIS A 364 -22.36 35.83 -15.91
CA HIS A 364 -22.85 37.16 -16.23
C HIS A 364 -24.22 37.36 -15.60
N GLN A 365 -24.91 38.43 -15.98
CA GLN A 365 -26.25 38.66 -15.45
C GLN A 365 -27.27 37.69 -16.02
N GLY A 366 -26.97 37.06 -17.16
CA GLY A 366 -27.87 36.06 -17.70
C GLY A 366 -27.98 34.82 -16.83
N ASP A 367 -26.84 34.33 -16.32
CA ASP A 367 -26.86 33.20 -15.40
C ASP A 367 -27.63 33.54 -14.13
N MET A 368 -27.49 34.76 -13.64
CA MET A 368 -28.17 35.13 -12.40
C MET A 368 -29.68 35.26 -12.62
N GLU A 369 -30.11 35.69 -13.81
CA GLU A 369 -31.57 35.85 -14.14
C GLU A 369 -32.17 34.46 -14.32
N LYS A 370 -31.40 33.55 -14.83
CA LYS A 370 -31.80 32.15 -14.88
C LYS A 370 -31.88 31.56 -13.48
N GLY A 371 -30.83 31.78 -12.67
CA GLY A 371 -30.77 31.20 -11.34
C GLY A 371 -31.80 31.77 -10.39
N VAL A 372 -32.03 33.07 -10.43
CA VAL A 372 -33.05 33.69 -9.58
C VAL A 372 -34.45 33.23 -9.99
N SER A 373 -34.68 33.05 -11.29
CA SER A 373 -35.97 32.56 -11.75
C SER A 373 -36.27 31.16 -11.25
N ARG A 374 -35.28 30.29 -11.27
CA ARG A 374 -35.49 28.88 -10.97
C ARG A 374 -35.35 28.55 -9.49
N CYS A 375 -35.05 29.54 -8.66
CA CYS A 375 -34.95 29.35 -7.22
C CYS A 375 -36.22 29.82 -6.54
N GLY A 376 -36.42 29.34 -5.32
CA GLY A 376 -37.56 29.75 -4.53
C GLY A 376 -37.33 31.07 -3.82
N GLU A 377 -38.40 31.61 -3.26
CA GLU A 377 -38.31 32.87 -2.54
C GLU A 377 -37.45 32.72 -1.28
N GLY A 378 -36.63 33.72 -1.01
CA GLY A 378 -35.74 33.69 0.11
C GLY A 378 -34.36 33.14 -0.18
N ALA A 379 -34.14 32.55 -1.36
CA ALA A 379 -32.82 32.06 -1.70
C ALA A 379 -31.86 33.23 -1.90
N LEU A 380 -30.61 33.01 -1.54
CA LEU A 380 -29.58 34.04 -1.60
C LEU A 380 -28.74 33.81 -2.84
N ALA A 381 -28.70 34.81 -3.71
CA ALA A 381 -27.97 34.73 -4.98
C ALA A 381 -26.80 35.69 -4.95
N ILE A 382 -25.58 35.15 -5.05
CA ILE A 382 -24.36 35.92 -4.89
C ILE A 382 -23.55 35.85 -6.17
N ASP A 383 -22.94 36.96 -6.56
CA ASP A 383 -22.04 37.01 -7.70
C ASP A 383 -20.63 37.37 -7.23
N ASP A 384 -19.64 36.65 -7.73
CA ASP A 384 -18.24 36.81 -7.34
C ASP A 384 -18.09 36.75 -5.82
N PRO A 385 -18.44 35.62 -5.20
CA PRO A 385 -18.31 35.50 -3.75
C PRO A 385 -16.87 35.43 -3.29
N ASN A 386 -16.64 35.92 -2.08
CA ASN A 386 -15.36 35.79 -1.43
C ASN A 386 -15.53 34.84 -0.25
N GLU A 387 -14.41 34.47 0.38
CA GLU A 387 -14.46 33.47 1.44
C GLU A 387 -15.24 33.93 2.66
N LEU A 388 -15.09 35.19 3.07
CA LEU A 388 -15.81 35.68 4.25
C LEU A 388 -17.31 35.76 4.02
N GLU A 389 -17.73 36.11 2.81
CA GLU A 389 -19.16 36.10 2.49
C GLU A 389 -19.75 34.70 2.60
N SER A 390 -19.00 33.70 2.14
CA SER A 390 -19.48 32.32 2.22
C SER A 390 -19.64 31.88 3.67
N VAL A 391 -18.72 32.27 4.55
CA VAL A 391 -18.83 31.90 5.95
C VAL A 391 -20.08 32.53 6.55
N GLU A 392 -20.30 33.81 6.26
CA GLU A 392 -21.49 34.50 6.76
C GLU A 392 -22.76 33.84 6.25
N ALA A 393 -22.78 33.44 4.99
CA ALA A 393 -23.96 32.79 4.43
C ALA A 393 -24.24 31.47 5.12
N ILE A 394 -23.22 30.67 5.40
CA ILE A 394 -23.42 29.40 6.11
C ILE A 394 -23.99 29.63 7.50
N GLU A 395 -23.42 30.58 8.26
CA GLU A 395 -23.93 30.86 9.59
C GLU A 395 -25.36 31.38 9.58
N MET A 396 -25.82 31.92 8.46
CA MET A 396 -27.17 32.44 8.38
C MET A 396 -28.17 31.41 7.88
N LEU A 397 -27.74 30.50 7.01
CA LEU A 397 -28.66 29.61 6.31
C LEU A 397 -28.61 28.18 6.81
N LYS A 398 -27.58 27.80 7.54
CA LYS A 398 -27.45 26.46 8.13
C LYS A 398 -27.73 25.32 7.15
N PRO A 399 -27.00 25.23 6.04
CA PRO A 399 -27.27 24.18 5.08
C PRO A 399 -26.84 22.80 5.58
N ASP A 400 -27.53 21.78 5.10
CA ASP A 400 -27.21 20.40 5.42
C ASP A 400 -26.10 19.84 4.54
N ILE A 401 -25.94 20.38 3.34
CA ILE A 401 -24.89 20.00 2.43
C ILE A 401 -24.61 21.21 1.55
N ILE A 402 -23.42 21.28 1.00
CA ILE A 402 -23.02 22.35 0.10
C ILE A 402 -22.46 21.69 -1.14
N PHE A 403 -22.86 22.17 -2.31
CA PHE A 403 -22.26 21.76 -3.56
C PHE A 403 -21.31 22.87 -3.98
N THR A 404 -20.01 22.60 -4.01
CA THR A 404 -19.00 23.61 -4.28
C THR A 404 -17.75 22.93 -4.80
N GLY A 405 -16.65 23.66 -4.85
CA GLY A 405 -15.38 23.12 -5.27
C GLY A 405 -14.65 22.37 -4.18
N LYS A 406 -13.52 21.78 -4.57
CA LYS A 406 -12.73 20.97 -3.65
C LYS A 406 -12.22 21.79 -2.48
N ARG A 407 -11.46 22.84 -2.76
CA ARG A 407 -10.89 23.69 -1.74
C ARG A 407 -11.96 24.45 -0.96
N PRO A 408 -12.96 25.05 -1.62
CA PRO A 408 -14.09 25.57 -0.84
C PRO A 408 -14.80 24.51 -0.03
N GLY A 409 -14.89 23.29 -0.54
CA GLY A 409 -15.48 22.21 0.22
C GLY A 409 -14.70 21.85 1.47
N GLU A 410 -13.37 21.82 1.36
CA GLU A 410 -12.53 21.58 2.51
C GLU A 410 -12.61 22.70 3.53
N PHE A 411 -12.88 23.91 3.08
CA PHE A 411 -13.11 24.99 4.03
C PHE A 411 -14.40 24.78 4.80
N VAL A 412 -15.51 24.55 4.11
CA VAL A 412 -16.79 24.43 4.80
C VAL A 412 -16.86 23.18 5.62
N LYS A 413 -16.01 22.19 5.32
CA LYS A 413 -15.89 21.02 6.17
C LYS A 413 -15.46 21.40 7.56
N LYS A 414 -14.56 22.36 7.67
CA LYS A 414 -14.09 22.84 8.95
C LYS A 414 -15.10 23.74 9.64
N HIS A 415 -16.27 23.95 9.05
CA HIS A 415 -17.39 24.62 9.69
C HIS A 415 -18.58 23.68 9.87
N GLY A 416 -18.36 22.38 9.82
CA GLY A 416 -19.35 21.39 10.14
C GLY A 416 -20.12 20.79 8.98
N VAL A 417 -20.08 21.42 7.80
CA VAL A 417 -20.95 21.05 6.69
C VAL A 417 -20.27 20.06 5.75
N PRO A 418 -20.97 19.02 5.28
CA PRO A 418 -20.44 18.19 4.21
C PRO A 418 -20.61 18.86 2.85
N TYR A 419 -19.83 18.38 1.88
CA TYR A 419 -19.87 18.95 0.55
C TYR A 419 -19.83 17.85 -0.49
N LEU A 420 -20.42 18.13 -1.63
CA LEU A 420 -20.21 17.37 -2.84
C LEU A 420 -19.55 18.28 -3.87
N ASN A 421 -18.62 17.73 -4.64
CA ASN A 421 -17.91 18.52 -5.63
C ASN A 421 -18.84 18.85 -6.77
N ALA A 422 -19.31 20.09 -6.84
CA ALA A 422 -20.17 20.52 -7.93
C ALA A 422 -19.45 20.53 -9.26
N HIS A 423 -18.13 20.65 -9.24
CA HIS A 423 -17.32 20.80 -10.44
C HIS A 423 -16.90 19.45 -11.03
N ALA A 424 -16.21 18.65 -10.24
CA ALA A 424 -15.70 17.38 -10.71
C ALA A 424 -16.59 16.21 -10.38
N TYR A 425 -17.72 16.45 -9.72
CA TYR A 425 -18.60 15.45 -9.15
C TYR A 425 -17.89 14.66 -8.06
N HIS A 426 -18.60 13.74 -7.42
CA HIS A 426 -17.95 12.79 -6.52
C HIS A 426 -17.96 11.40 -7.16
N ASN A 427 -19.11 10.76 -7.24
CA ASN A 427 -19.28 9.51 -7.95
C ASN A 427 -20.12 9.75 -9.20
N GLY A 428 -19.53 10.45 -10.15
CA GLY A 428 -20.22 10.84 -11.34
C GLY A 428 -20.25 9.75 -12.38
N PRO A 429 -20.75 10.07 -13.57
CA PRO A 429 -21.27 11.34 -14.00
C PRO A 429 -22.65 11.61 -13.41
N TYR A 430 -23.02 12.88 -13.23
CA TYR A 430 -24.29 13.24 -12.66
C TYR A 430 -25.35 13.54 -13.72
N LYS A 431 -25.02 13.43 -14.98
CA LYS A 431 -25.95 13.60 -16.08
C LYS A 431 -26.58 12.27 -16.43
N GLY A 432 -27.76 12.34 -17.04
CA GLY A 432 -28.55 11.16 -17.34
C GLY A 432 -29.59 10.89 -16.29
N PHE A 433 -30.35 9.83 -16.52
CA PHE A 433 -31.31 9.35 -15.53
C PHE A 433 -30.61 8.55 -14.44
N GLU A 434 -29.77 7.60 -14.84
CA GLU A 434 -28.92 6.92 -13.87
C GLU A 434 -28.02 7.89 -13.12
N GLY A 435 -27.53 8.92 -13.82
CA GLY A 435 -26.66 9.89 -13.18
C GLY A 435 -27.33 10.69 -12.09
N TRP A 436 -28.61 11.02 -12.27
CA TRP A 436 -29.36 11.69 -11.22
C TRP A 436 -29.49 10.82 -9.98
N VAL A 437 -29.72 9.52 -10.16
CA VAL A 437 -29.76 8.61 -9.02
C VAL A 437 -28.41 8.54 -8.33
N ARG A 438 -27.32 8.54 -9.11
CA ARG A 438 -26.00 8.55 -8.50
C ARG A 438 -25.77 9.83 -7.71
N PHE A 439 -26.22 10.97 -8.21
CA PHE A 439 -26.16 12.21 -7.47
C PHE A 439 -26.95 12.15 -6.18
N ALA A 440 -28.17 11.59 -6.22
CA ALA A 440 -28.99 11.49 -5.02
C ALA A 440 -28.35 10.62 -3.96
N ARG A 441 -27.72 9.52 -4.37
CA ARG A 441 -27.04 8.67 -3.42
C ARG A 441 -25.85 9.38 -2.79
N ASP A 442 -25.12 10.19 -3.56
CA ASP A 442 -24.01 10.96 -3.01
C ASP A 442 -24.50 11.96 -1.98
N ILE A 443 -25.62 12.63 -2.25
CA ILE A 443 -26.19 13.57 -1.31
C ILE A 443 -26.61 12.86 -0.03
N TYR A 444 -27.26 11.71 -0.18
CA TYR A 444 -27.74 10.96 0.96
C TYR A 444 -26.60 10.40 1.79
N ASN A 445 -25.53 9.94 1.14
CA ASN A 445 -24.39 9.42 1.88
C ASN A 445 -23.68 10.52 2.66
N ALA A 446 -23.52 11.69 2.06
CA ALA A 446 -22.89 12.80 2.77
C ALA A 446 -23.74 13.26 3.96
N ILE A 447 -25.05 13.35 3.78
CA ILE A 447 -25.87 13.90 4.84
C ILE A 447 -25.98 12.94 6.01
N TYR A 448 -26.21 11.66 5.73
CA TYR A 448 -26.57 10.71 6.75
C TYR A 448 -25.41 9.88 7.23
N SER A 449 -24.19 10.33 7.00
CA SER A 449 -23.02 9.61 7.46
C SER A 449 -23.06 9.45 8.98
N PRO A 450 -22.86 8.24 9.51
CA PRO A 450 -22.71 8.10 10.95
C PRO A 450 -21.52 8.85 11.51
N MET A 451 -20.48 9.03 10.70
CA MET A 451 -19.29 9.80 11.09
C MET A 451 -19.60 11.26 11.35
N ARG A 452 -20.58 11.81 10.65
CA ARG A 452 -20.95 13.21 10.84
C ARG A 452 -21.55 13.45 12.21
N GLN A 453 -22.38 12.54 12.68
CA GLN A 453 -22.92 12.66 14.02
C GLN A 453 -21.86 12.40 15.08
N LEU A 454 -20.94 11.48 14.81
CA LEU A 454 -19.83 11.24 15.73
C LEU A 454 -18.95 12.47 15.86
N ALA A 455 -18.71 13.18 14.76
CA ALA A 455 -17.88 14.36 14.81
C ALA A 455 -18.53 15.49 15.57
N ALA A 456 -19.86 15.52 15.62
CA ALA A 456 -20.59 16.54 16.34
C ALA A 456 -20.61 16.29 17.85
N LEU A 457 -20.15 15.14 18.29
CA LEU A 457 -20.23 14.73 19.68
C LEU A 457 -18.97 15.13 20.43
N ASP A 458 -19.15 15.75 21.59
CA ASP A 458 -18.06 16.16 22.45
C ASP A 458 -17.89 15.10 23.54
N ILE A 459 -16.81 14.33 23.46
CA ILE A 459 -16.63 13.23 24.40
C ILE A 459 -16.13 13.72 25.75
N SER A 460 -15.60 14.93 25.82
CA SER A 460 -15.17 15.46 27.11
C SER A 460 -16.30 16.10 27.88
N ALA A 461 -17.49 16.22 27.29
CA ALA A 461 -18.63 16.71 28.03
C ALA A 461 -19.04 15.69 29.10
N PRO A 462 -19.38 16.15 30.30
CA PRO A 462 -19.65 15.22 31.40
C PRO A 462 -20.66 14.14 31.09
N ASP A 463 -21.85 14.53 30.63
CA ASP A 463 -22.90 13.58 30.27
C ASP A 463 -22.97 13.40 28.75
N ALA A 464 -21.89 12.93 28.17
CA ALA A 464 -21.80 12.84 26.72
C ALA A 464 -22.51 11.58 26.24
N ALA A 465 -23.23 11.72 25.13
CA ALA A 465 -24.01 10.63 24.57
C ALA A 465 -23.11 9.65 23.83
N ILE A 466 -22.20 9.06 24.58
CA ILE A 466 -21.29 8.07 24.03
C ILE A 466 -22.03 6.74 23.93
N THR A 467 -21.91 6.09 22.78
CA THR A 467 -22.54 4.81 22.50
C THR A 467 -21.50 3.86 21.93
N SER A 468 -21.89 2.61 21.74
CA SER A 468 -21.04 1.62 21.10
C SER A 468 -21.79 0.96 19.97
N GLY A 469 -21.09 0.13 19.23
CA GLY A 469 -21.69 -0.60 18.14
C GLY A 469 -21.51 0.10 16.83
N PHE A 470 -22.61 0.30 16.12
CA PHE A 470 -22.58 0.95 14.83
C PHE A 470 -23.91 1.62 14.58
N ARG A 471 -23.90 2.51 13.59
CA ARG A 471 -25.09 3.05 12.98
C ARG A 471 -24.81 3.05 11.49
N THR A 472 -25.88 3.02 10.70
CA THR A 472 -25.74 3.15 9.26
C THR A 472 -26.47 4.40 8.82
N ALA A 473 -26.15 4.85 7.60
CA ALA A 473 -26.87 5.96 7.01
C ALA A 473 -28.34 5.66 6.85
N LYS A 474 -28.67 4.41 6.54
CA LYS A 474 -30.06 4.00 6.40
C LYS A 474 -30.79 4.06 7.73
N MET A 475 -30.12 3.70 8.84
CA MET A 475 -30.71 3.87 10.15
C MET A 475 -30.99 5.34 10.45
N ASN A 476 -30.08 6.22 10.07
CA ASN A 476 -30.25 7.66 10.29
C ASN A 476 -31.36 8.23 9.44
N ALA A 477 -31.44 7.81 8.18
CA ALA A 477 -32.41 8.36 7.25
C ALA A 477 -33.81 7.80 7.47
N ASP A 478 -33.93 6.56 7.95
CA ASP A 478 -35.22 5.97 8.21
C ASP A 478 -35.91 6.60 9.41
N LEU A 479 -35.17 7.31 10.25
CA LEU A 479 -35.77 8.07 11.33
C LEU A 479 -36.63 9.23 10.84
N THR A 480 -36.50 9.61 9.57
CA THR A 480 -37.19 10.75 9.00
C THR A 480 -38.36 10.37 8.11
N VAL A 481 -38.57 9.10 7.80
CA VAL A 481 -39.60 8.70 6.87
C VAL A 481 -40.72 8.01 7.64
N SER A 482 -41.81 7.76 6.93
CA SER A 482 -42.98 7.13 7.53
C SER A 482 -42.87 5.62 7.42
N ASP A 483 -43.81 4.93 8.05
CA ASP A 483 -43.86 3.49 7.94
C ASP A 483 -44.17 3.05 6.51
N GLU A 484 -45.05 3.76 5.83
CA GLU A 484 -45.38 3.41 4.46
C GLU A 484 -44.18 3.54 3.55
N VAL A 485 -43.37 4.58 3.74
CA VAL A 485 -42.15 4.72 2.95
C VAL A 485 -41.13 3.68 3.36
N LYS A 486 -40.94 3.49 4.67
CA LYS A 486 -39.86 2.65 5.16
C LYS A 486 -40.00 1.21 4.69
N PHE A 487 -41.22 0.70 4.61
CA PHE A 487 -41.47 -0.67 4.21
C PHE A 487 -42.05 -0.75 2.82
N SER A 488 -41.82 0.26 1.99
CA SER A 488 -42.23 0.22 0.60
C SER A 488 -41.55 -0.94 -0.11
N GLU A 489 -42.30 -1.60 -0.98
CA GLU A 489 -41.79 -2.71 -1.75
C GLU A 489 -41.37 -2.31 -3.16
N VAL A 490 -41.55 -1.05 -3.53
CA VAL A 490 -41.16 -0.56 -4.83
C VAL A 490 -39.92 0.32 -4.78
N LEU A 491 -39.70 1.06 -3.71
CA LEU A 491 -38.51 1.88 -3.57
C LEU A 491 -37.33 1.04 -3.15
N HIS A 492 -36.22 1.16 -3.86
CA HIS A 492 -35.01 0.48 -3.47
C HIS A 492 -33.81 1.36 -3.78
N GLU A 493 -32.70 1.05 -3.14
CA GLU A 493 -31.49 1.84 -3.26
C GLU A 493 -30.86 1.69 -4.65
N TYR A 494 -29.85 2.50 -4.90
CA TYR A 494 -29.19 2.53 -6.21
C TYR A 494 -28.50 1.21 -6.49
N THR A 495 -28.79 0.64 -7.65
CA THR A 495 -28.23 -0.63 -8.11
C THR A 495 -27.40 -0.33 -9.34
N GLY A 496 -26.18 0.12 -9.14
CA GLY A 496 -25.34 0.47 -10.26
C GLY A 496 -23.90 0.21 -9.92
N LYS A 497 -23.09 0.09 -10.96
CA LYS A 497 -21.69 -0.19 -10.78
C LYS A 497 -20.94 1.05 -10.34
N TYR A 498 -19.77 0.84 -9.77
CA TYR A 498 -18.91 1.95 -9.39
C TYR A 498 -18.53 2.78 -10.61
N ASP A 499 -18.24 2.13 -11.73
CA ASP A 499 -17.95 2.79 -12.99
C ASP A 499 -19.14 2.57 -13.93
N SER A 500 -20.08 3.51 -13.90
CA SER A 500 -21.22 3.39 -14.80
C SER A 500 -20.87 3.71 -16.25
N ILE A 501 -19.71 4.28 -16.52
CA ILE A 501 -19.39 4.70 -17.88
C ILE A 501 -18.80 3.57 -18.71
N ALA A 502 -18.25 2.55 -18.08
CA ALA A 502 -17.64 1.44 -18.82
C ALA A 502 -18.66 0.77 -19.73
N GLU A 503 -19.84 0.48 -19.19
CA GLU A 503 -20.88 -0.18 -19.98
C GLU A 503 -21.47 0.78 -21.01
N ILE A 504 -21.64 2.06 -20.64
CA ILE A 504 -22.14 3.06 -21.59
C ILE A 504 -21.16 3.26 -22.74
N ARG A 505 -19.87 3.36 -22.43
CA ARG A 505 -18.86 3.57 -23.45
C ARG A 505 -18.74 2.36 -24.36
N ALA A 506 -18.82 1.15 -23.79
CA ALA A 506 -18.79 -0.09 -24.53
C ALA A 506 -20.05 -0.33 -25.32
N ARG A 507 -20.96 0.63 -25.30
CA ARG A 507 -22.18 0.57 -26.08
C ARG A 507 -22.13 1.61 -27.18
N ASN A 508 -21.51 2.75 -26.90
CA ASN A 508 -21.38 3.80 -27.89
C ASN A 508 -20.44 3.32 -28.98
N GLN A 509 -19.43 2.56 -28.57
CA GLN A 509 -18.42 2.04 -29.47
C GLN A 509 -18.99 0.94 -30.34
N ALA A 510 -19.85 0.10 -29.77
CA ALA A 510 -20.51 -0.94 -30.55
C ALA A 510 -21.38 -0.30 -31.61
N TYR A 511 -22.13 0.73 -31.23
CA TYR A 511 -23.00 1.43 -32.16
C TYR A 511 -22.19 2.02 -33.29
N ALA A 512 -21.07 2.66 -32.96
CA ALA A 512 -20.21 3.28 -33.96
C ALA A 512 -19.76 2.23 -34.96
N ALA A 513 -19.33 1.09 -34.46
CA ALA A 513 -18.87 0.02 -35.32
C ALA A 513 -19.99 -0.41 -36.26
N GLU A 514 -21.18 -0.65 -35.71
CA GLU A 514 -22.32 -1.07 -36.53
C GLU A 514 -22.62 -0.03 -37.59
N GLN A 515 -22.65 1.24 -37.21
CA GLN A 515 -23.01 2.28 -38.16
C GLN A 515 -21.98 2.36 -39.28
N LYS A 516 -20.71 2.17 -38.93
CA LYS A 516 -19.67 2.18 -39.94
C LYS A 516 -19.86 1.04 -40.92
N ALA A 517 -20.10 -0.16 -40.40
CA ALA A 517 -20.33 -1.33 -41.24
C ALA A 517 -21.40 -1.04 -42.28
N LEU A 518 -22.58 -0.61 -41.83
CA LEU A 518 -23.69 -0.37 -42.74
C LEU A 518 -23.33 0.70 -43.76
N ARG A 519 -22.69 1.77 -43.30
CA ARG A 519 -22.34 2.87 -44.18
C ARG A 519 -21.34 2.39 -45.24
N ASP A 520 -20.28 1.70 -44.81
CA ASP A 520 -19.26 1.26 -45.76
C ASP A 520 -19.83 0.30 -46.79
N ALA A 521 -20.97 -0.32 -46.48
CA ALA A 521 -21.60 -1.24 -47.42
C ALA A 521 -22.46 -0.47 -48.43
N SER B 5 -55.21 38.82 -14.90
CA SER B 5 -54.11 38.78 -13.94
C SER B 5 -53.98 37.39 -13.35
N GLU B 6 -55.09 36.83 -12.88
CA GLU B 6 -55.11 35.49 -12.32
C GLU B 6 -54.84 34.42 -13.37
N LYS B 7 -54.78 34.79 -14.64
CA LYS B 7 -54.49 33.88 -15.73
C LYS B 7 -53.05 33.96 -16.17
N LEU B 8 -52.40 35.10 -15.99
CA LEU B 8 -51.04 35.31 -16.45
C LEU B 8 -50.01 34.79 -15.47
N ASP B 9 -50.27 34.94 -14.17
CA ASP B 9 -49.29 34.54 -13.18
C ASP B 9 -48.94 33.06 -13.24
N PRO B 10 -49.88 32.12 -13.36
CA PRO B 10 -49.48 30.72 -13.54
C PRO B 10 -48.70 30.46 -14.82
N LEU B 11 -49.11 31.08 -15.94
CA LEU B 11 -48.41 30.86 -17.21
C LEU B 11 -47.00 31.43 -17.19
N VAL B 12 -46.85 32.69 -16.75
CA VAL B 12 -45.53 33.29 -16.66
C VAL B 12 -44.66 32.52 -15.67
N ASP B 13 -45.25 32.11 -14.54
CA ASP B 13 -44.50 31.38 -13.53
C ASP B 13 -43.97 30.06 -14.07
N TYR B 14 -44.78 29.32 -14.82
CA TYR B 14 -44.29 28.07 -15.39
C TYR B 14 -43.13 28.30 -16.35
N ILE B 15 -43.24 29.31 -17.22
CA ILE B 15 -42.17 29.58 -18.17
C ILE B 15 -40.87 29.88 -17.45
N MET B 16 -40.91 30.77 -16.45
CA MET B 16 -39.69 31.21 -15.79
C MET B 16 -39.09 30.15 -14.88
N LYS B 17 -39.90 29.22 -14.39
CA LYS B 17 -39.38 28.15 -13.57
C LYS B 17 -38.85 26.98 -14.37
N ASN B 18 -39.35 26.79 -15.60
CA ASN B 18 -39.05 25.58 -16.33
C ASN B 18 -38.35 25.79 -17.66
N CYS B 19 -38.60 26.88 -18.37
CA CYS B 19 -38.13 27.02 -19.73
C CYS B 19 -36.80 27.77 -19.79
N LEU B 20 -36.02 27.49 -20.83
CA LEU B 20 -34.74 28.13 -21.07
C LEU B 20 -34.70 28.96 -22.34
N TRP B 21 -35.76 28.96 -23.13
CA TRP B 21 -35.74 29.60 -24.44
C TRP B 21 -35.87 31.11 -24.37
N GLN B 22 -36.28 31.66 -23.24
CA GLN B 22 -36.46 33.10 -23.11
C GLN B 22 -35.21 33.79 -22.61
N PHE B 23 -34.16 33.05 -22.28
CA PHE B 23 -32.93 33.63 -21.75
C PHE B 23 -31.80 33.64 -22.76
N ASN B 24 -32.04 34.18 -23.94
CA ASN B 24 -31.01 34.32 -24.95
C ASN B 24 -30.03 35.43 -24.55
N SER B 25 -28.91 35.50 -25.26
CA SER B 25 -27.81 36.38 -24.88
C SER B 25 -28.03 37.85 -25.22
N ARG B 26 -28.78 38.15 -26.26
CA ARG B 26 -28.92 39.52 -26.74
C ARG B 26 -30.39 39.86 -26.92
N GLY B 27 -30.74 41.11 -26.62
CA GLY B 27 -32.13 41.50 -26.63
C GLY B 27 -32.80 41.33 -27.97
N TRP B 28 -32.07 41.60 -29.06
CA TRP B 28 -32.66 41.45 -30.38
C TRP B 28 -32.93 39.99 -30.71
N ASP B 29 -32.16 39.07 -30.14
CA ASP B 29 -32.44 37.65 -30.30
C ASP B 29 -33.55 37.19 -29.36
N ARG B 30 -33.61 37.77 -28.16
CA ARG B 30 -34.67 37.44 -27.23
C ARG B 30 -36.03 37.82 -27.80
N LEU B 31 -36.09 38.96 -28.50
CA LEU B 31 -37.34 39.42 -29.09
C LEU B 31 -37.87 38.41 -30.11
N LYS B 32 -37.00 37.90 -30.97
CA LYS B 32 -37.41 36.91 -31.95
C LYS B 32 -37.79 35.60 -31.28
N GLN B 33 -37.01 35.17 -30.29
CA GLN B 33 -37.33 33.95 -29.53
C GLN B 33 -38.70 34.06 -28.91
N ASN B 34 -38.97 35.16 -28.19
CA ASN B 34 -40.27 35.35 -27.54
C ASN B 34 -41.40 35.32 -28.56
N ALA B 35 -41.29 36.13 -29.60
CA ALA B 35 -42.36 36.25 -30.59
C ALA B 35 -42.66 34.90 -31.24
N GLY B 36 -41.63 34.22 -31.73
CA GLY B 36 -41.84 32.98 -32.44
C GLY B 36 -42.46 31.90 -31.57
N ILE B 37 -41.86 31.67 -30.40
CA ILE B 37 -42.30 30.57 -29.55
C ILE B 37 -43.71 30.83 -29.01
N LEU B 38 -43.99 32.06 -28.57
CA LEU B 38 -45.30 32.35 -27.98
C LEU B 38 -46.41 32.39 -29.02
N SER B 39 -46.15 32.92 -30.22
CA SER B 39 -47.18 32.90 -31.25
C SER B 39 -47.53 31.49 -31.65
N GLN B 40 -46.52 30.62 -31.76
CA GLN B 40 -46.77 29.24 -32.14
C GLN B 40 -47.50 28.48 -31.04
N THR B 41 -47.24 28.81 -29.78
CA THR B 41 -48.00 28.21 -28.68
C THR B 41 -49.46 28.61 -28.75
N CYS B 42 -49.73 29.88 -29.04
CA CYS B 42 -51.11 30.33 -29.20
C CYS B 42 -51.80 29.59 -30.33
N GLU B 43 -51.09 29.36 -31.44
CA GLU B 43 -51.67 28.62 -32.55
C GLU B 43 -51.95 27.17 -32.16
N ILE B 44 -51.04 26.53 -31.43
CA ILE B 44 -51.25 25.15 -31.05
C ILE B 44 -52.48 25.01 -30.15
N LEU B 45 -52.62 25.91 -29.19
CA LEU B 45 -53.74 25.85 -28.26
C LEU B 45 -55.06 26.23 -28.92
N CYS B 46 -55.02 26.96 -30.03
CA CYS B 46 -56.21 27.32 -30.79
C CYS B 46 -56.61 26.25 -31.80
N GLY B 47 -55.93 25.10 -31.79
CA GLY B 47 -56.22 24.04 -32.72
C GLY B 47 -55.56 24.17 -34.07
N GLU B 48 -54.66 25.14 -34.25
CA GLU B 48 -54.06 25.38 -35.53
C GLU B 48 -52.80 24.56 -35.73
N GLU B 49 -52.39 24.45 -36.98
CA GLU B 49 -51.12 23.82 -37.33
C GLU B 49 -50.19 24.92 -37.80
N PRO B 50 -49.19 25.30 -37.00
CA PRO B 50 -48.29 26.38 -37.43
C PRO B 50 -47.51 25.98 -38.67
N VAL B 51 -47.25 26.98 -39.51
CA VAL B 51 -46.51 26.79 -40.75
C VAL B 51 -45.11 27.34 -40.57
N HIS B 52 -44.13 26.62 -41.10
CA HIS B 52 -42.73 26.94 -40.92
C HIS B 52 -42.12 27.32 -42.25
N GLU B 53 -41.40 28.44 -42.27
CA GLU B 53 -40.69 28.88 -43.46
C GLU B 53 -39.18 28.89 -43.27
N THR B 54 -38.70 28.45 -42.11
CA THR B 54 -37.29 28.46 -41.79
C THR B 54 -37.02 27.36 -40.79
N ALA B 55 -35.75 26.97 -40.68
CA ALA B 55 -35.33 26.04 -39.64
C ALA B 55 -35.49 26.65 -38.26
N MET B 56 -35.32 27.96 -38.10
CA MET B 56 -35.54 28.56 -36.76
C MET B 56 -37.01 28.48 -36.39
N ASP B 57 -37.92 28.63 -37.36
CA ASP B 57 -39.34 28.45 -37.06
C ASP B 57 -39.60 27.07 -36.49
N ARG B 58 -38.93 26.05 -37.01
CA ARG B 58 -39.08 24.70 -36.48
C ARG B 58 -38.52 24.59 -35.07
N CYS B 59 -37.40 25.29 -34.80
CA CYS B 59 -36.86 25.32 -33.45
C CYS B 59 -37.81 26.04 -32.49
N TYR B 60 -38.43 27.13 -32.94
CA TYR B 60 -39.48 27.76 -32.14
C TYR B 60 -40.60 26.78 -31.85
N TRP B 61 -40.93 25.94 -32.82
CA TRP B 61 -42.07 25.04 -32.70
C TRP B 61 -41.84 23.93 -31.68
N VAL B 62 -40.61 23.44 -31.54
CA VAL B 62 -40.38 22.38 -30.55
C VAL B 62 -40.57 22.91 -29.15
N ASP B 63 -40.06 24.11 -28.87
CA ASP B 63 -40.35 24.74 -27.59
C ASP B 63 -41.83 25.00 -27.45
N ALA B 64 -42.48 25.44 -28.52
CA ALA B 64 -43.91 25.71 -28.48
C ALA B 64 -44.72 24.44 -28.20
N VAL B 65 -44.32 23.31 -28.79
CA VAL B 65 -45.05 22.07 -28.58
C VAL B 65 -44.93 21.62 -27.13
N ILE B 66 -43.71 21.64 -26.58
CA ILE B 66 -43.50 21.24 -25.20
C ILE B 66 -44.27 22.16 -24.25
N LEU B 67 -44.22 23.47 -24.49
CA LEU B 67 -44.90 24.41 -23.61
C LEU B 67 -46.41 24.27 -23.67
N SER B 68 -46.97 24.07 -24.86
CA SER B 68 -48.41 23.89 -24.98
C SER B 68 -48.87 22.59 -24.31
N ARG B 69 -48.08 21.53 -24.41
CA ARG B 69 -48.39 20.30 -23.68
C ARG B 69 -48.45 20.56 -22.18
N ALA B 70 -47.46 21.27 -21.64
CA ALA B 70 -47.45 21.58 -20.22
C ALA B 70 -48.64 22.44 -19.83
N TYR B 71 -48.98 23.43 -20.66
CA TYR B 71 -50.13 24.27 -20.36
C TYR B 71 -51.43 23.49 -20.36
N LYS B 72 -51.62 22.60 -21.33
CA LYS B 72 -52.80 21.76 -21.35
C LYS B 72 -52.86 20.84 -20.15
N ALA B 73 -51.71 20.27 -19.76
CA ALA B 73 -51.69 19.34 -18.64
C ALA B 73 -51.96 20.03 -17.32
N ARG B 74 -51.47 21.25 -17.14
CA ARG B 74 -51.52 21.91 -15.84
C ARG B 74 -52.62 22.94 -15.70
N PHE B 75 -53.13 23.51 -16.80
CA PHE B 75 -54.09 24.61 -16.74
C PHE B 75 -55.32 24.26 -17.55
N PRO B 76 -56.23 23.45 -16.99
CA PRO B 76 -57.38 22.99 -17.78
C PRO B 76 -58.29 24.11 -18.25
N TRP B 77 -58.25 25.27 -17.59
CA TRP B 77 -59.10 26.37 -17.97
C TRP B 77 -58.76 26.94 -19.34
N LEU B 78 -57.61 26.59 -19.90
CA LEU B 78 -57.27 27.04 -21.26
C LEU B 78 -58.12 26.34 -22.31
N MET B 79 -58.35 25.04 -22.15
CA MET B 79 -59.10 24.31 -23.14
C MET B 79 -60.59 24.63 -23.11
N ALA B 80 -61.04 25.39 -22.12
CA ALA B 80 -62.42 25.82 -22.06
C ALA B 80 -62.66 27.19 -22.66
N MET B 81 -61.63 28.03 -22.75
CA MET B 81 -61.81 29.35 -23.35
C MET B 81 -61.92 29.23 -24.87
N THR B 82 -62.44 30.29 -25.48
CA THR B 82 -62.56 30.34 -26.92
C THR B 82 -61.40 31.11 -27.54
N LYS B 83 -61.29 30.99 -28.86
CA LYS B 83 -60.13 31.54 -29.55
C LYS B 83 -59.91 33.03 -29.31
N PRO B 84 -60.93 33.90 -29.31
CA PRO B 84 -60.66 35.32 -29.03
C PRO B 84 -60.00 35.55 -27.69
N GLU B 85 -60.47 34.89 -26.62
CA GLU B 85 -59.85 35.12 -25.32
C GLU B 85 -58.50 34.42 -25.19
N ILE B 86 -58.29 33.30 -25.88
CA ILE B 86 -56.96 32.69 -25.93
C ILE B 86 -55.99 33.63 -26.64
N LYS B 87 -56.40 34.21 -27.77
CA LYS B 87 -55.51 35.18 -28.47
C LYS B 87 -55.19 36.34 -27.54
N SER B 88 -56.20 36.96 -26.91
CA SER B 88 -55.92 38.10 -26.07
C SER B 88 -55.00 37.73 -24.91
N LEU B 89 -55.22 36.54 -24.33
CA LEU B 89 -54.37 36.10 -23.23
C LEU B 89 -52.94 35.90 -23.67
N PHE B 90 -52.73 35.35 -24.85
CA PHE B 90 -51.37 35.11 -25.33
C PHE B 90 -50.73 36.39 -25.84
N LYS B 91 -51.54 37.35 -26.30
CA LYS B 91 -51.02 38.69 -26.54
C LYS B 91 -50.52 39.30 -25.25
N ALA B 92 -51.28 39.17 -24.17
CA ALA B 92 -50.85 39.67 -22.86
C ALA B 92 -49.64 38.91 -22.35
N LEU B 93 -49.60 37.60 -22.56
CA LEU B 93 -48.45 36.81 -22.14
C LEU B 93 -47.20 37.21 -22.89
N HIS B 94 -47.33 37.47 -24.20
CA HIS B 94 -46.18 37.91 -24.97
C HIS B 94 -45.63 39.23 -24.47
N GLU B 95 -46.51 40.19 -24.15
CA GLU B 95 -46.07 41.47 -23.61
C GLU B 95 -45.35 41.30 -22.28
N LYS B 96 -45.88 40.46 -21.40
CA LYS B 96 -45.28 40.26 -20.09
C LYS B 96 -43.90 39.63 -20.19
N ILE B 97 -43.75 38.62 -21.04
CA ILE B 97 -42.45 37.97 -21.20
C ILE B 97 -41.45 38.93 -21.83
N ASP B 98 -41.89 39.73 -22.79
CA ASP B 98 -41.02 40.73 -23.38
C ASP B 98 -40.56 41.74 -22.34
N HIS B 99 -41.47 42.22 -21.52
CA HIS B 99 -41.11 43.17 -20.47
C HIS B 99 -40.12 42.53 -19.49
N LEU B 100 -40.34 41.27 -19.13
CA LEU B 100 -39.48 40.64 -18.14
C LEU B 100 -38.10 40.35 -18.69
N THR B 101 -38.01 40.00 -19.97
CA THR B 101 -36.76 39.53 -20.54
C THR B 101 -36.01 40.58 -21.32
N VAL B 102 -36.69 41.59 -21.86
CA VAL B 102 -36.02 42.57 -22.70
C VAL B 102 -36.29 44.00 -22.24
N HIS B 103 -37.56 44.40 -22.23
CA HIS B 103 -37.87 45.82 -22.07
C HIS B 103 -37.47 46.34 -20.69
N GLY B 104 -37.91 45.68 -19.63
CA GLY B 104 -37.57 46.06 -18.28
C GLY B 104 -36.36 45.36 -17.70
N SER B 105 -35.62 44.62 -18.51
CA SER B 105 -34.54 43.79 -18.01
C SER B 105 -33.39 44.62 -17.45
N LEU B 106 -32.85 44.17 -16.32
CA LEU B 106 -31.66 44.75 -15.74
C LEU B 106 -30.37 44.14 -16.28
N ASN B 107 -30.48 43.14 -17.14
CA ASN B 107 -29.33 42.54 -17.79
C ASN B 107 -28.83 43.50 -18.86
N THR B 108 -27.74 44.20 -18.57
CA THR B 108 -27.19 45.20 -19.47
C THR B 108 -26.38 44.62 -20.60
N GLU B 109 -26.09 43.32 -20.57
CA GLU B 109 -25.34 42.70 -21.65
C GLU B 109 -26.17 42.52 -22.91
N LEU B 110 -27.49 42.59 -22.79
CA LEU B 110 -28.36 42.40 -23.95
C LEU B 110 -28.12 43.42 -25.05
N THR B 111 -27.48 44.55 -24.74
CA THR B 111 -27.20 45.58 -25.73
C THR B 111 -25.76 45.55 -26.24
N VAL B 112 -24.96 44.57 -25.85
CA VAL B 112 -23.62 44.42 -26.38
C VAL B 112 -23.72 44.05 -27.85
N PRO B 113 -23.12 44.83 -28.75
CA PRO B 113 -23.37 44.62 -30.19
C PRO B 113 -22.75 43.35 -30.77
N HIS B 114 -21.76 42.76 -30.14
CA HIS B 114 -21.12 41.56 -30.64
C HIS B 114 -21.49 40.38 -29.78
N TYR B 115 -21.36 39.19 -30.35
CA TYR B 115 -21.74 37.98 -29.65
C TYR B 115 -20.63 37.52 -28.73
N VAL C 5 26.54 13.97 -15.66
CA VAL C 5 25.21 14.54 -15.50
C VAL C 5 24.65 14.97 -16.84
N THR C 6 23.40 14.63 -17.11
CA THR C 6 22.73 14.96 -18.35
C THR C 6 21.84 16.17 -18.15
N GLN C 7 22.01 17.18 -18.97
CA GLN C 7 21.09 18.29 -19.01
C GLN C 7 20.08 18.01 -20.11
N LYS C 8 18.81 18.28 -19.84
CA LYS C 8 17.79 17.95 -20.83
C LYS C 8 18.03 18.69 -22.14
N ALA C 9 18.00 17.94 -23.25
CA ALA C 9 18.35 18.51 -24.55
C ALA C 9 17.19 19.28 -25.17
N ARG C 10 15.96 18.85 -24.94
CA ARG C 10 14.80 19.60 -25.40
C ARG C 10 14.69 20.93 -24.67
N GLU C 11 14.17 21.93 -25.37
CA GLU C 11 13.96 23.22 -24.75
C GLU C 11 12.55 23.41 -24.20
N GLY C 12 11.55 22.80 -24.79
CA GLY C 12 10.22 22.86 -24.24
C GLY C 12 10.00 21.84 -23.14
N THR C 13 8.87 21.96 -22.47
CA THR C 13 8.53 21.06 -21.39
C THR C 13 7.42 20.12 -21.83
N ILE C 14 7.60 18.84 -21.59
CA ILE C 14 6.52 17.88 -21.62
C ILE C 14 6.37 17.37 -20.20
N ASN C 15 5.24 17.68 -19.57
CA ASN C 15 4.87 17.24 -18.22
C ASN C 15 5.83 17.76 -17.14
N PRO C 16 5.71 19.03 -16.74
CA PRO C 16 6.65 19.59 -15.77
C PRO C 16 6.63 18.89 -14.42
N ILE C 17 7.78 18.92 -13.75
CA ILE C 17 7.91 18.31 -12.44
C ILE C 17 7.58 19.29 -11.33
N PHE C 18 7.96 20.55 -11.48
CA PHE C 18 7.70 21.59 -10.50
C PHE C 18 6.86 22.70 -11.12
N THR C 19 6.27 23.51 -10.27
CA THR C 19 5.63 24.74 -10.71
C THR C 19 6.56 25.94 -10.49
N CYS C 20 6.03 27.15 -10.58
CA CYS C 20 6.82 28.36 -10.68
C CYS C 20 7.16 28.95 -9.32
N GLN C 21 8.00 29.97 -9.35
CA GLN C 21 8.48 30.60 -8.11
C GLN C 21 7.37 31.11 -7.21
N PRO C 22 6.35 31.83 -7.69
CA PRO C 22 5.33 32.35 -6.78
C PRO C 22 4.63 31.29 -5.96
N ALA C 23 4.44 30.10 -6.51
CA ALA C 23 3.85 29.00 -5.76
C ALA C 23 4.71 28.63 -4.56
N GLY C 24 6.03 28.61 -4.73
CA GLY C 24 6.92 28.34 -3.61
C GLY C 24 6.88 29.41 -2.54
N ALA C 25 6.82 30.69 -2.94
CA ALA C 25 6.69 31.76 -1.97
C ALA C 25 5.36 31.67 -1.23
N GLN C 26 4.30 31.30 -1.93
CA GLN C 26 3.00 31.14 -1.27
C GLN C 26 3.03 30.00 -0.26
N PHE C 27 3.67 28.88 -0.62
CA PHE C 27 3.76 27.77 0.32
C PHE C 27 4.58 28.11 1.54
N ALA C 28 5.65 28.87 1.38
CA ALA C 28 6.42 29.31 2.54
C ALA C 28 5.60 30.22 3.43
N SER C 29 4.75 31.06 2.84
CA SER C 29 3.98 32.04 3.60
C SER C 29 2.91 31.38 4.47
N ILE C 30 2.29 30.29 4.00
CA ILE C 30 1.22 29.68 4.78
C ILE C 30 1.73 29.01 6.04
N GLY C 31 3.03 28.91 6.22
CA GLY C 31 3.60 28.35 7.42
C GLY C 31 3.80 29.31 8.55
N ILE C 32 3.37 30.55 8.40
CA ILE C 32 3.55 31.58 9.40
C ILE C 32 2.20 31.89 10.02
N LYS C 33 2.18 32.03 11.33
CA LYS C 33 0.98 32.38 12.07
C LYS C 33 0.58 33.81 11.77
N ASP C 34 -0.71 34.03 11.53
CA ASP C 34 -1.29 35.35 11.27
C ASP C 34 -0.70 36.00 10.03
N CYS C 35 -0.48 35.21 8.99
CA CYS C 35 0.08 35.69 7.73
C CYS C 35 -0.86 35.31 6.60
N ILE C 36 -1.27 36.29 5.82
CA ILE C 36 -2.00 36.06 4.58
C ILE C 36 -1.27 36.83 3.50
N GLY C 37 -0.78 36.11 2.49
CA GLY C 37 -0.07 36.75 1.41
C GLY C 37 -1.00 37.31 0.36
N ILE C 38 -0.51 38.33 -0.34
CA ILE C 38 -1.18 38.86 -1.52
C ILE C 38 -0.31 38.55 -2.71
N VAL C 39 -0.82 37.73 -3.62
CA VAL C 39 -0.14 37.43 -4.86
C VAL C 39 -0.48 38.53 -5.85
N HIS C 40 0.52 39.31 -6.25
CA HIS C 40 0.32 40.44 -7.14
C HIS C 40 0.37 39.94 -8.58
N GLY C 41 -0.77 39.83 -9.21
CA GLY C 41 -0.83 39.35 -10.58
C GLY C 41 -2.22 38.86 -10.90
N GLY C 42 -2.27 37.93 -11.86
CA GLY C 42 -3.53 37.36 -12.25
C GLY C 42 -4.11 36.44 -11.20
N GLN C 43 -5.42 36.25 -11.29
CA GLN C 43 -6.12 35.48 -10.28
C GLN C 43 -5.77 34.01 -10.35
N GLY C 44 -5.45 33.50 -11.54
CA GLY C 44 -5.04 32.11 -11.65
C GLY C 44 -3.81 31.82 -10.84
N CYS C 45 -2.90 32.79 -10.75
CA CYS C 45 -1.63 32.60 -10.07
C CYS C 45 -1.80 32.29 -8.59
N VAL C 46 -2.89 32.69 -7.97
CA VAL C 46 -3.16 32.37 -6.58
C VAL C 46 -4.17 31.24 -6.44
N MET C 47 -5.19 31.20 -7.31
CA MET C 47 -6.24 30.21 -7.19
C MET C 47 -5.73 28.80 -7.45
N PHE C 48 -4.89 28.62 -8.46
CA PHE C 48 -4.32 27.31 -8.74
C PHE C 48 -3.40 26.85 -7.62
N VAL C 49 -2.67 27.76 -6.99
CA VAL C 49 -1.76 27.37 -5.92
C VAL C 49 -2.53 26.97 -4.68
N ARG C 50 -3.62 27.67 -4.37
CA ARG C 50 -4.49 27.25 -3.28
C ARG C 50 -5.08 25.88 -3.55
N LEU C 51 -5.45 25.60 -4.79
CA LEU C 51 -5.93 24.27 -5.16
C LEU C 51 -4.84 23.22 -5.02
N LEU C 52 -3.62 23.56 -5.40
CA LEU C 52 -2.51 22.62 -5.32
C LEU C 52 -2.16 22.30 -3.88
N ILE C 53 -2.09 23.30 -3.01
CA ILE C 53 -1.90 23.05 -1.60
C ILE C 53 -3.06 22.23 -1.04
N SER C 54 -4.27 22.49 -1.53
CA SER C 54 -5.44 21.73 -1.13
C SER C 54 -5.32 20.27 -1.53
N GLN C 55 -4.78 20.01 -2.72
CA GLN C 55 -4.59 18.63 -3.15
C GLN C 55 -3.65 17.89 -2.23
N HIS C 56 -2.56 18.53 -1.82
CA HIS C 56 -1.60 17.88 -0.94
C HIS C 56 -2.17 17.66 0.45
N MET C 57 -2.76 18.71 1.03
CA MET C 57 -3.14 18.71 2.43
C MET C 57 -4.59 18.37 2.67
N LYS C 58 -5.43 18.42 1.64
CA LYS C 58 -6.88 18.32 1.79
C LYS C 58 -7.39 19.36 2.77
N GLU C 59 -6.75 20.53 2.79
CA GLU C 59 -7.16 21.63 3.64
C GLU C 59 -7.13 22.91 2.82
N SER C 60 -7.84 23.92 3.32
CA SER C 60 -7.94 25.22 2.68
C SER C 60 -7.11 26.24 3.44
N PHE C 61 -6.31 27.01 2.72
CA PHE C 61 -5.48 28.05 3.29
C PHE C 61 -5.81 29.38 2.63
N GLU C 62 -5.75 30.46 3.41
CA GLU C 62 -6.11 31.80 2.94
C GLU C 62 -4.90 32.45 2.28
N ILE C 63 -4.99 32.69 0.98
CA ILE C 63 -4.04 33.52 0.24
C ILE C 63 -4.86 34.43 -0.64
N ALA C 64 -4.47 35.70 -0.73
CA ALA C 64 -5.22 36.71 -1.45
C ALA C 64 -4.56 37.06 -2.78
N SER C 65 -5.29 37.79 -3.59
CA SER C 65 -4.86 38.24 -4.90
C SER C 65 -5.04 39.74 -5.01
N SER C 66 -4.24 40.36 -5.86
CA SER C 66 -4.47 41.74 -6.24
C SER C 66 -5.31 41.85 -7.50
N SER C 67 -5.58 40.74 -8.20
CA SER C 67 -6.54 40.66 -9.30
C SER C 67 -6.20 41.64 -10.42
N VAL C 68 -5.08 41.37 -11.07
CA VAL C 68 -4.64 42.18 -12.20
C VAL C 68 -5.39 41.77 -13.45
N HIS C 69 -6.00 42.74 -14.12
CA HIS C 69 -6.73 42.54 -15.36
C HIS C 69 -6.01 43.30 -16.47
N GLU C 70 -6.66 43.40 -17.64
CA GLU C 70 -6.03 44.00 -18.80
C GLU C 70 -5.64 45.45 -18.54
N ASP C 71 -6.53 46.23 -17.93
CA ASP C 71 -6.18 47.61 -17.64
C ASP C 71 -5.08 47.69 -16.58
N GLY C 72 -5.04 46.75 -15.65
CA GLY C 72 -3.94 46.73 -14.71
C GLY C 72 -2.61 46.47 -15.36
N ALA C 73 -2.56 45.53 -16.31
CA ALA C 73 -1.32 45.26 -17.00
C ALA C 73 -0.87 46.43 -17.86
N VAL C 74 -1.80 47.03 -18.61
CA VAL C 74 -1.45 48.12 -19.53
C VAL C 74 -1.10 49.39 -18.76
N PHE C 75 -1.87 49.72 -17.73
CA PHE C 75 -1.75 51.01 -17.08
C PHE C 75 -0.94 50.99 -15.80
N GLY C 76 -0.53 49.83 -15.33
CA GLY C 76 0.13 49.73 -14.04
C GLY C 76 -0.84 49.30 -12.96
N ALA C 77 -0.40 48.45 -12.06
CA ALA C 77 -1.31 47.80 -11.14
C ALA C 77 -0.87 47.95 -9.69
N LEU C 78 -0.15 49.02 -9.36
CA LEU C 78 0.21 49.25 -7.97
C LEU C 78 -0.99 49.70 -7.16
N ASP C 79 -1.95 50.36 -7.80
CA ASP C 79 -3.20 50.70 -7.12
C ASP C 79 -3.96 49.46 -6.69
N ARG C 80 -3.86 48.37 -7.46
CA ARG C 80 -4.47 47.11 -7.07
C ARG C 80 -3.86 46.57 -5.77
N VAL C 81 -2.55 46.69 -5.61
CA VAL C 81 -1.90 46.19 -4.40
C VAL C 81 -2.27 47.04 -3.20
N GLU C 82 -2.34 48.35 -3.39
CA GLU C 82 -2.77 49.24 -2.32
C GLU C 82 -4.20 48.92 -1.88
N THR C 83 -5.10 48.69 -2.84
CA THR C 83 -6.46 48.30 -2.51
C THR C 83 -6.50 46.93 -1.84
N ALA C 84 -5.68 45.99 -2.31
CA ALA C 84 -5.68 44.65 -1.74
C ALA C 84 -5.26 44.66 -0.28
N VAL C 85 -4.24 45.46 0.07
CA VAL C 85 -3.80 45.53 1.45
C VAL C 85 -4.89 46.09 2.34
N GLU C 86 -5.55 47.16 1.90
CA GLU C 86 -6.62 47.76 2.67
C GLU C 86 -7.79 46.81 2.86
N VAL C 87 -8.22 46.16 1.77
CA VAL C 87 -9.35 45.25 1.86
C VAL C 87 -9.02 44.07 2.77
N LEU C 88 -7.84 43.50 2.61
CA LEU C 88 -7.43 42.35 3.43
C LEU C 88 -7.30 42.71 4.90
N LEU C 89 -6.78 43.89 5.20
CA LEU C 89 -6.58 44.27 6.59
C LEU C 89 -7.87 44.67 7.28
N THR C 90 -8.79 45.29 6.56
CA THR C 90 -10.09 45.62 7.16
C THR C 90 -10.90 44.38 7.44
N ARG C 91 -10.88 43.43 6.53
CA ARG C 91 -11.75 42.27 6.62
C ARG C 91 -11.14 41.12 7.43
N TYR C 92 -9.84 41.11 7.62
CA TYR C 92 -9.18 40.14 8.47
C TYR C 92 -8.45 40.91 9.56
N PRO C 93 -9.04 41.10 10.74
CA PRO C 93 -8.40 41.92 11.77
C PRO C 93 -7.31 41.24 12.56
N ASP C 94 -7.10 39.93 12.37
CA ASP C 94 -6.08 39.19 13.08
C ASP C 94 -4.77 39.08 12.31
N VAL C 95 -4.70 39.56 11.08
CA VAL C 95 -3.52 39.41 10.25
C VAL C 95 -2.43 40.37 10.72
N LYS C 96 -1.22 39.86 10.88
CA LYS C 96 -0.08 40.67 11.24
C LYS C 96 0.99 40.76 10.17
N VAL C 97 1.12 39.75 9.31
CA VAL C 97 2.15 39.69 8.28
C VAL C 97 1.46 39.60 6.94
N VAL C 98 1.77 40.52 6.05
CA VAL C 98 1.27 40.48 4.68
C VAL C 98 2.45 40.51 3.72
N PRO C 99 2.87 39.35 3.21
CA PRO C 99 3.87 39.35 2.14
C PRO C 99 3.25 39.57 0.78
N ILE C 100 3.88 40.42 0.00
CA ILE C 100 3.40 40.73 -1.34
C ILE C 100 4.28 39.99 -2.33
N ILE C 101 3.72 38.97 -2.95
CA ILE C 101 4.42 38.08 -3.85
C ILE C 101 4.11 38.51 -5.27
N THR C 102 5.14 38.83 -6.04
CA THR C 102 4.94 39.18 -7.43
C THR C 102 4.92 37.92 -8.30
N THR C 103 4.41 38.07 -9.51
CA THR C 103 4.30 36.99 -10.47
C THR C 103 5.05 37.39 -11.73
N CYS C 104 4.90 36.57 -12.76
CA CYS C 104 5.55 36.85 -14.04
C CYS C 104 5.06 38.18 -14.62
N SER C 105 3.76 38.44 -14.56
CA SER C 105 3.20 39.59 -15.25
C SER C 105 3.69 40.90 -14.65
N THR C 106 3.66 41.01 -13.34
CA THR C 106 4.07 42.25 -12.69
C THR C 106 5.58 42.35 -12.51
N GLU C 107 6.32 41.27 -12.73
CA GLU C 107 7.76 41.33 -12.81
C GLU C 107 8.20 41.82 -14.19
N ILE C 108 7.41 41.57 -15.22
CA ILE C 108 7.75 42.00 -16.57
C ILE C 108 7.51 43.49 -16.71
N ILE C 109 6.37 43.98 -16.23
CA ILE C 109 6.01 45.38 -16.41
C ILE C 109 6.70 46.28 -15.40
N GLY C 110 7.42 45.71 -14.43
CA GLY C 110 8.17 46.51 -13.50
C GLY C 110 7.38 47.29 -12.49
N ASP C 111 6.39 46.66 -11.87
CA ASP C 111 5.66 47.32 -10.80
C ASP C 111 6.54 47.45 -9.57
N ASP C 112 6.67 48.68 -9.06
CA ASP C 112 7.58 48.96 -7.95
C ASP C 112 6.84 48.75 -6.64
N VAL C 113 6.78 47.48 -6.23
CA VAL C 113 6.08 47.12 -5.02
C VAL C 113 6.91 47.42 -3.79
N ASP C 114 8.23 47.51 -3.91
CA ASP C 114 9.07 47.89 -2.78
C ASP C 114 8.81 49.32 -2.37
N GLY C 115 8.81 50.24 -3.33
CA GLY C 115 8.50 51.63 -3.05
C GLY C 115 7.09 51.85 -2.54
N LEU C 116 6.14 51.06 -3.01
CA LEU C 116 4.77 51.12 -2.51
C LEU C 116 4.68 50.76 -1.03
N LEU C 117 5.48 49.80 -0.58
CA LEU C 117 5.52 49.46 0.84
C LEU C 117 5.81 50.67 1.69
N SER C 118 6.80 51.46 1.30
CA SER C 118 7.14 52.67 2.06
C SER C 118 5.96 53.61 2.18
N LYS C 119 5.26 53.85 1.07
CA LYS C 119 4.10 54.73 1.09
C LYS C 119 2.99 54.18 1.98
N LEU C 120 2.73 52.87 1.89
CA LEU C 120 1.67 52.26 2.68
C LEU C 120 1.94 52.41 4.17
N GLU C 121 3.17 52.14 4.59
CA GLU C 121 3.55 52.25 5.99
C GLU C 121 3.53 53.68 6.48
N ASP C 122 3.76 54.65 5.61
CA ASP C 122 3.73 56.04 6.02
C ASP C 122 2.35 56.66 5.94
N GLU C 123 1.45 56.12 5.12
CA GLU C 123 0.15 56.73 4.90
C GLU C 123 -1.01 55.83 5.32
N LEU C 124 -1.08 54.60 4.81
CA LEU C 124 -2.30 53.83 4.98
C LEU C 124 -2.36 53.16 6.34
N LEU C 125 -1.28 52.51 6.77
CA LEU C 125 -1.28 51.87 8.08
C LEU C 125 -1.46 52.85 9.23
N PRO C 126 -0.71 53.95 9.33
CA PRO C 126 -0.95 54.88 10.45
C PRO C 126 -2.32 55.52 10.43
N THR C 127 -2.92 55.71 9.26
CA THR C 127 -4.17 56.42 9.17
C THR C 127 -5.36 55.50 9.43
N LYS C 128 -5.53 54.47 8.62
CA LYS C 128 -6.73 53.65 8.68
C LYS C 128 -6.60 52.44 9.59
N PHE C 129 -5.42 52.13 10.08
CA PHE C 129 -5.23 51.07 11.07
C PHE C 129 -4.28 51.54 12.15
N PRO C 130 -4.65 52.60 12.89
CA PRO C 130 -3.70 53.19 13.84
C PRO C 130 -3.53 52.30 15.06
N GLY C 131 -2.27 52.06 15.41
CA GLY C 131 -1.95 51.22 16.54
C GLY C 131 -1.94 49.74 16.24
N ARG C 132 -2.29 49.33 15.02
CA ARG C 132 -2.28 47.92 14.65
C ARG C 132 -0.90 47.53 14.18
N GLU C 133 -0.45 46.35 14.59
CA GLU C 133 0.86 45.81 14.23
C GLU C 133 0.71 45.09 12.90
N VAL C 134 1.19 45.72 11.84
CA VAL C 134 1.14 45.14 10.50
C VAL C 134 2.52 45.24 9.88
N HIS C 135 3.03 44.13 9.40
CA HIS C 135 4.32 44.08 8.73
C HIS C 135 4.10 43.70 7.29
N LEU C 136 4.58 44.52 6.39
CA LEU C 136 4.46 44.27 4.96
C LEU C 136 5.84 44.00 4.39
N LEU C 137 5.92 43.04 3.47
CA LEU C 137 7.17 42.72 2.81
C LEU C 137 6.86 42.32 1.38
N THR C 138 7.88 42.33 0.55
CA THR C 138 7.78 41.93 -0.84
C THR C 138 8.64 40.71 -1.08
N VAL C 139 8.11 39.79 -1.87
CA VAL C 139 8.85 38.64 -2.35
C VAL C 139 8.78 38.66 -3.87
N HIS C 140 9.91 38.95 -4.51
CA HIS C 140 9.97 39.08 -5.96
C HIS C 140 10.16 37.71 -6.60
N CYS C 141 9.16 37.24 -7.32
CA CYS C 141 9.13 35.88 -7.83
C CYS C 141 8.81 35.86 -9.31
N PRO C 142 9.76 36.24 -10.18
CA PRO C 142 9.53 36.13 -11.62
C PRO C 142 9.53 34.66 -12.04
N SER C 143 8.40 34.20 -12.57
CA SER C 143 8.23 32.78 -12.83
C SER C 143 9.08 32.27 -13.98
N PHE C 144 9.66 33.13 -14.78
CA PHE C 144 10.58 32.72 -15.81
C PHE C 144 12.00 32.56 -15.29
N VAL C 145 12.18 32.58 -13.98
CA VAL C 145 13.42 32.24 -13.32
C VAL C 145 13.14 31.11 -12.35
N GLY C 146 14.07 30.17 -12.25
CA GLY C 146 14.02 29.19 -11.17
C GLY C 146 12.80 28.29 -11.23
N SER C 147 12.25 28.01 -10.06
CA SER C 147 11.07 27.17 -9.93
C SER C 147 10.47 27.42 -8.55
N MET C 148 9.51 26.58 -8.16
CA MET C 148 8.91 26.72 -6.83
C MET C 148 9.92 26.51 -5.73
N ILE C 149 10.99 25.76 -6.01
CA ILE C 149 12.05 25.54 -5.04
C ILE C 149 12.79 26.83 -4.77
N THR C 150 13.20 27.53 -5.83
CA THR C 150 13.87 28.82 -5.65
C THR C 150 12.93 29.87 -5.09
N GLY C 151 11.65 29.81 -5.42
CA GLY C 151 10.68 30.71 -4.82
C GLY C 151 10.55 30.51 -3.32
N TYR C 152 10.52 29.25 -2.88
CA TYR C 152 10.49 28.95 -1.45
C TYR C 152 11.74 29.45 -0.76
N ASP C 153 12.91 29.17 -1.35
CA ASP C 153 14.19 29.57 -0.77
C ASP C 153 14.27 31.08 -0.60
N LYS C 154 13.83 31.82 -1.61
CA LYS C 154 13.83 33.27 -1.56
C LYS C 154 12.86 33.81 -0.54
N ALA C 155 11.68 33.20 -0.40
CA ALA C 155 10.70 33.68 0.57
C ALA C 155 11.17 33.48 2.00
N VAL C 156 11.80 32.35 2.30
CA VAL C 156 12.35 32.13 3.63
C VAL C 156 13.41 33.18 3.94
N HIS C 157 14.28 33.45 2.98
CA HIS C 157 15.26 34.52 3.14
C HIS C 157 14.58 35.85 3.41
N ASP C 158 13.50 36.15 2.68
CA ASP C 158 12.82 37.43 2.80
C ASP C 158 12.12 37.57 4.14
N PHE C 159 11.48 36.50 4.62
CA PHE C 159 10.83 36.55 5.93
C PHE C 159 11.86 36.76 7.04
N VAL C 160 12.97 36.04 6.99
CA VAL C 160 14.01 36.20 8.00
C VAL C 160 14.61 37.60 7.96
N LYS C 161 14.86 38.11 6.76
CA LYS C 161 15.45 39.43 6.62
C LYS C 161 14.53 40.53 7.12
N LYS C 162 13.22 40.35 6.95
CA LYS C 162 12.26 41.31 7.46
C LYS C 162 12.28 41.39 8.98
N PHE C 163 12.33 40.25 9.65
CA PHE C 163 12.03 40.22 11.07
C PHE C 163 13.22 40.07 11.99
N ALA C 164 14.29 39.38 11.57
CA ALA C 164 15.38 39.06 12.50
C ALA C 164 15.98 40.32 13.08
N THR C 165 16.10 40.34 14.40
CA THR C 165 16.50 41.53 15.16
C THR C 165 17.44 41.12 16.27
N LYS C 166 18.59 41.77 16.35
CA LYS C 166 19.56 41.46 17.39
C LYS C 166 19.01 41.86 18.75
N ASP C 167 19.23 41.00 19.73
CA ASP C 167 18.73 41.20 21.08
C ASP C 167 19.62 40.43 22.04
N GLU C 168 19.10 40.12 23.22
CA GLU C 168 19.82 39.26 24.15
C GLU C 168 20.04 37.89 23.53
N PRO C 169 21.21 37.28 23.74
CA PRO C 169 21.49 35.97 23.15
C PRO C 169 20.57 34.89 23.66
N SER C 170 20.36 33.86 22.84
CA SER C 170 19.51 32.74 23.17
C SER C 170 20.26 31.43 23.01
N ASP C 171 19.89 30.45 23.83
CA ASP C 171 20.42 29.09 23.73
C ASP C 171 19.79 28.32 22.59
N LYS C 172 18.80 28.88 21.91
CA LYS C 172 18.15 28.17 20.84
C LYS C 172 19.05 28.10 19.62
N ILE C 173 18.77 27.12 18.77
CA ILE C 173 19.31 27.09 17.42
C ILE C 173 18.18 27.44 16.47
N ASN C 174 18.52 27.69 15.22
CA ASN C 174 17.54 27.87 14.17
C ASN C 174 17.51 26.59 13.35
N LEU C 175 16.35 26.01 13.21
CA LEU C 175 16.17 24.86 12.34
C LEU C 175 15.29 25.29 11.19
N ILE C 176 15.89 25.53 10.03
CA ILE C 176 15.17 25.77 8.80
C ILE C 176 14.96 24.42 8.14
N THR C 177 13.73 23.93 8.13
CA THR C 177 13.46 22.56 7.74
C THR C 177 13.53 22.36 6.24
N GLY C 178 13.26 23.39 5.45
CA GLY C 178 12.97 23.22 4.05
C GLY C 178 11.52 22.86 3.86
N TRP C 179 11.16 22.63 2.61
CA TRP C 179 9.80 22.28 2.23
C TRP C 179 9.55 20.84 2.63
N VAL C 180 8.90 20.63 3.78
CA VAL C 180 8.66 19.31 4.34
C VAL C 180 7.20 19.20 4.77
N ASN C 181 6.79 17.97 5.03
CA ASN C 181 5.44 17.66 5.46
C ASN C 181 5.24 17.91 6.95
N PRO C 182 4.00 18.03 7.39
CA PRO C 182 3.74 18.09 8.83
C PRO C 182 4.30 16.89 9.59
N GLY C 183 4.30 15.71 8.97
CA GLY C 183 4.90 14.54 9.57
C GLY C 183 6.39 14.65 9.73
N ASP C 184 7.07 15.28 8.76
CA ASP C 184 8.51 15.52 8.86
C ASP C 184 8.87 16.44 10.01
N VAL C 185 8.10 17.52 10.22
CA VAL C 185 8.37 18.45 11.31
C VAL C 185 8.16 17.79 12.66
N LYS C 186 7.14 16.93 12.77
CA LYS C 186 6.92 16.21 14.02
C LYS C 186 8.10 15.33 14.37
N GLU C 187 8.66 14.63 13.38
CA GLU C 187 9.82 13.80 13.60
C GLU C 187 11.03 14.63 14.02
N LEU C 188 11.27 15.76 13.37
CA LEU C 188 12.41 16.59 13.71
C LEU C 188 12.29 17.19 15.09
N LYS C 189 11.08 17.62 15.44
CA LYS C 189 10.84 18.16 16.77
C LYS C 189 11.00 17.10 17.84
N HIS C 190 10.61 15.86 17.53
CA HIS C 190 10.83 14.75 18.45
C HIS C 190 12.31 14.51 18.68
N LEU C 191 13.11 14.55 17.61
CA LEU C 191 14.55 14.36 17.75
C LEU C 191 15.17 15.43 18.64
N LEU C 192 14.80 16.69 18.40
CA LEU C 192 15.32 17.80 19.18
C LEU C 192 14.90 17.71 20.64
N GLU C 193 13.67 17.25 20.88
CA GLU C 193 13.16 17.17 22.23
C GLU C 193 13.85 16.07 23.03
N VAL C 194 14.17 14.95 22.39
CA VAL C 194 14.96 13.91 23.05
C VAL C 194 16.36 14.42 23.35
N MET C 195 16.98 15.11 22.40
CA MET C 195 18.28 15.70 22.61
C MET C 195 18.24 16.90 23.55
N GLU C 196 17.05 17.38 23.92
CA GLU C 196 16.87 18.50 24.83
C GLU C 196 17.43 19.79 24.25
N VAL C 197 17.02 20.10 23.03
CA VAL C 197 17.49 21.26 22.30
C VAL C 197 16.27 22.09 21.88
N LYS C 198 16.25 23.35 22.31
CA LYS C 198 15.23 24.29 21.88
C LYS C 198 15.60 24.89 20.53
N ALA C 199 14.62 25.09 19.67
CA ALA C 199 14.90 25.60 18.34
C ALA C 199 13.82 26.58 17.90
N ASN C 200 14.23 27.51 17.04
CA ASN C 200 13.31 28.27 16.21
C ASN C 200 13.12 27.46 14.95
N VAL C 201 12.00 26.78 14.83
CA VAL C 201 11.72 25.89 13.70
C VAL C 201 11.04 26.70 12.61
N LEU C 202 11.65 26.72 11.43
CA LEU C 202 11.09 27.38 10.26
C LEU C 202 10.79 26.31 9.22
N PHE C 203 9.52 25.92 9.10
CA PHE C 203 8.34 26.48 9.75
C PHE C 203 7.60 25.42 10.54
N GLU C 204 6.73 25.87 11.44
CA GLU C 204 5.91 24.99 12.25
C GLU C 204 4.64 24.68 11.48
N VAL C 205 4.65 23.58 10.74
CA VAL C 205 3.56 23.25 9.84
C VAL C 205 2.78 22.03 10.33
N GLU C 206 2.93 21.67 11.60
CA GLU C 206 2.13 20.58 12.13
C GLU C 206 0.65 20.95 12.18
N SER C 207 0.34 22.22 12.45
CA SER C 207 -1.03 22.68 12.47
C SER C 207 -1.66 22.78 11.09
N PHE C 208 -0.96 22.39 10.04
CA PHE C 208 -1.60 22.18 8.76
C PHE C 208 -2.68 21.12 8.88
N ASP C 209 -2.41 20.08 9.66
CA ASP C 209 -3.38 19.05 10.01
C ASP C 209 -4.28 19.59 11.12
N SER C 210 -5.44 20.06 10.76
CA SER C 210 -6.35 20.61 11.75
C SER C 210 -7.44 19.61 12.10
N PRO C 211 -7.90 19.60 13.34
CA PRO C 211 -8.92 18.65 13.74
C PRO C 211 -10.32 19.08 13.38
N LEU C 212 -11.18 18.08 13.23
CA LEU C 212 -12.61 18.30 13.03
C LEU C 212 -13.27 18.27 14.40
N MET C 213 -13.47 19.38 14.95
CA MET C 213 -13.85 19.55 16.33
C MET C 213 -15.37 19.56 16.51
N PRO C 214 -15.85 19.18 17.69
CA PRO C 214 -17.30 19.17 17.91
C PRO C 214 -17.93 20.54 17.83
N ASP C 215 -17.39 21.53 18.52
CA ASP C 215 -18.01 22.85 18.55
C ASP C 215 -17.11 23.94 17.98
N LEU C 216 -15.94 24.15 18.58
CA LEU C 216 -15.09 25.27 18.17
C LEU C 216 -14.47 24.97 16.82
N GLU C 217 -14.85 25.72 15.79
CA GLU C 217 -14.19 25.56 14.48
C GLU C 217 -12.70 25.87 14.66
N HIS C 218 -11.88 25.28 13.82
CA HIS C 218 -10.42 25.31 13.93
C HIS C 218 -9.85 25.09 12.54
N HIS C 219 -9.36 26.14 11.91
CA HIS C 219 -8.88 26.01 10.53
C HIS C 219 -7.39 25.73 10.46
N SER C 220 -6.95 25.24 9.32
CA SER C 220 -5.54 24.97 9.10
C SER C 220 -4.76 26.28 9.00
N HIS C 221 -3.58 26.31 9.63
CA HIS C 221 -2.77 27.50 9.67
C HIS C 221 -1.34 27.08 9.99
N GLY C 222 -0.42 28.02 9.82
CA GLY C 222 0.94 27.83 10.26
C GLY C 222 1.15 28.35 11.66
N SER C 223 2.20 27.85 12.31
CA SER C 223 2.46 28.17 13.70
C SER C 223 3.77 28.86 13.97
N THR C 224 4.55 29.20 12.96
CA THR C 224 5.75 30.02 13.16
C THR C 224 5.33 31.46 13.38
N THR C 225 5.79 32.05 14.48
CA THR C 225 5.36 33.39 14.84
C THR C 225 6.40 34.42 14.44
N ILE C 226 6.00 35.69 14.55
CA ILE C 226 6.92 36.80 14.32
C ILE C 226 8.03 36.77 15.35
N GLU C 227 7.75 36.29 16.55
CA GLU C 227 8.75 36.22 17.59
C GLU C 227 9.81 35.18 17.26
N ASP C 228 9.40 34.05 16.69
CA ASP C 228 10.35 33.05 16.22
C ASP C 228 11.28 33.65 15.19
N LEU C 229 10.71 34.34 14.20
CA LEU C 229 11.50 34.96 13.15
C LEU C 229 12.37 36.10 13.67
N ARG C 230 11.89 36.85 14.64
CA ARG C 230 12.71 37.91 15.23
C ARG C 230 13.91 37.33 15.96
N ASP C 231 13.72 36.21 16.64
CA ASP C 231 14.75 35.61 17.46
C ASP C 231 15.79 34.84 16.66
N THR C 232 15.55 34.60 15.38
CA THR C 232 16.55 33.95 14.54
C THR C 232 17.92 34.63 14.60
N ALA C 233 17.95 35.93 14.89
CA ALA C 233 19.20 36.66 14.95
C ALA C 233 20.00 36.36 16.21
N ASN C 234 19.39 35.76 17.21
CA ASN C 234 20.03 35.57 18.50
C ASN C 234 20.37 34.12 18.78
N ALA C 235 20.29 33.25 17.78
CA ALA C 235 20.50 31.84 18.00
C ALA C 235 21.98 31.49 18.07
N LYS C 236 22.27 30.32 18.62
CA LYS C 236 23.63 29.79 18.64
C LYS C 236 24.08 29.38 17.25
N GLY C 237 23.16 28.98 16.39
CA GLY C 237 23.53 28.59 15.06
C GLY C 237 22.29 28.26 14.27
N THR C 238 22.47 28.09 12.97
CA THR C 238 21.40 27.74 12.07
C THR C 238 21.74 26.41 11.41
N ILE C 239 20.82 25.47 11.45
CA ILE C 239 20.95 24.26 10.66
C ILE C 239 19.87 24.33 9.59
N ALA C 240 20.27 24.51 8.35
CA ALA C 240 19.37 24.43 7.22
C ALA C 240 19.50 23.05 6.62
N LEU C 241 18.42 22.27 6.68
CA LEU C 241 18.45 20.91 6.18
C LEU C 241 18.62 20.87 4.67
N ASN C 242 17.97 21.76 3.94
CA ASN C 242 17.94 21.74 2.49
C ASN C 242 18.79 22.88 1.96
N ARG C 243 19.76 22.54 1.10
CA ARG C 243 20.65 23.54 0.52
C ARG C 243 19.92 24.42 -0.49
N TYR C 244 18.89 23.89 -1.12
CA TYR C 244 18.13 24.63 -2.11
C TYR C 244 16.85 25.24 -1.55
N GLU C 245 16.58 25.04 -0.26
CA GLU C 245 15.35 25.51 0.37
C GLU C 245 15.64 26.10 1.73
N GLY C 246 16.58 27.02 1.82
CA GLY C 246 16.85 27.56 3.13
C GLY C 246 18.27 27.96 3.40
N MET C 247 19.17 27.68 2.47
CA MET C 247 20.55 28.11 2.62
C MET C 247 20.69 29.62 2.45
N LYS C 248 19.80 30.26 1.69
CA LYS C 248 19.87 31.71 1.52
C LYS C 248 19.58 32.44 2.82
N ALA C 249 18.54 32.01 3.54
CA ALA C 249 18.20 32.62 4.82
C ALA C 249 19.30 32.40 5.84
N ALA C 250 19.88 31.20 5.85
CA ALA C 250 20.99 30.88 6.77
C ALA C 250 22.23 31.69 6.44
N ASP C 251 22.54 31.86 5.16
CA ASP C 251 23.67 32.70 4.76
C ASP C 251 23.47 34.14 5.18
N TYR C 252 22.24 34.64 5.08
CA TYR C 252 21.93 36.00 5.53
C TYR C 252 22.16 36.15 7.02
N LEU C 253 21.73 35.18 7.81
CA LEU C 253 21.91 35.26 9.25
C LEU C 253 23.38 35.26 9.64
N LYS C 254 24.19 34.46 8.96
CA LYS C 254 25.63 34.43 9.20
C LYS C 254 26.29 35.74 8.83
N LYS C 255 25.93 36.29 7.68
CA LYS C 255 26.58 37.50 7.19
C LYS C 255 26.18 38.73 7.98
N LYS C 256 24.93 38.79 8.43
CA LYS C 256 24.40 39.97 9.08
C LYS C 256 24.56 39.93 10.60
N PHE C 257 24.29 38.79 11.22
CA PHE C 257 24.33 38.68 12.67
C PHE C 257 25.36 37.71 13.18
N LYS C 258 26.18 37.15 12.31
CA LYS C 258 27.26 36.24 12.69
C LYS C 258 26.72 34.99 13.38
N VAL C 259 25.57 34.49 12.91
CA VAL C 259 25.01 33.24 13.40
C VAL C 259 25.58 32.11 12.55
N PRO C 260 26.42 31.24 13.12
CA PRO C 260 27.02 30.17 12.31
C PRO C 260 25.98 29.24 11.69
N ALA C 261 26.22 28.88 10.44
CA ALA C 261 25.27 28.14 9.62
C ALA C 261 25.86 26.81 9.20
N VAL C 262 25.13 25.74 9.45
CA VAL C 262 25.47 24.40 8.99
C VAL C 262 24.42 24.01 7.96
N ILE C 263 24.87 23.71 6.74
CA ILE C 263 23.97 23.42 5.64
C ILE C 263 23.96 21.93 5.42
N GLY C 264 22.81 21.31 5.65
CA GLY C 264 22.64 19.90 5.41
C GLY C 264 23.32 19.05 6.45
N PRO C 265 23.25 17.74 6.29
CA PRO C 265 22.57 16.99 5.24
C PRO C 265 21.07 16.91 5.44
N THR C 266 20.31 16.62 4.40
CA THR C 266 18.92 16.29 4.56
C THR C 266 18.82 14.96 5.29
N PRO C 267 18.21 14.90 6.47
CA PRO C 267 18.25 13.66 7.26
C PRO C 267 17.33 12.58 6.72
N VAL C 268 17.62 12.10 5.51
CA VAL C 268 16.89 11.01 4.88
C VAL C 268 17.67 9.73 5.06
N GLY C 269 17.09 8.77 5.76
CA GLY C 269 17.77 7.52 6.03
C GLY C 269 18.57 7.57 7.30
N ILE C 270 19.13 6.40 7.63
CA ILE C 270 19.84 6.22 8.90
C ILE C 270 21.09 7.07 8.98
N ARG C 271 21.94 6.99 7.95
CA ARG C 271 23.23 7.64 8.00
C ARG C 271 23.12 9.16 8.03
N ASN C 272 22.24 9.73 7.22
CA ASN C 272 22.10 11.18 7.19
C ASN C 272 21.41 11.73 8.42
N THR C 273 20.54 10.94 9.05
CA THR C 273 20.02 11.32 10.37
C THR C 273 21.12 11.38 11.42
N ASP C 274 22.06 10.43 11.39
CA ASP C 274 23.20 10.47 12.30
C ASP C 274 24.00 11.74 12.13
N ALA C 275 24.25 12.12 10.87
CA ALA C 275 25.02 13.31 10.58
C ALA C 275 24.30 14.57 11.03
N PHE C 276 22.99 14.60 10.86
CA PHE C 276 22.19 15.72 11.35
C PHE C 276 22.26 15.83 12.87
N LEU C 277 22.15 14.71 13.57
CA LEU C 277 22.23 14.74 15.03
C LEU C 277 23.60 15.14 15.52
N LYS C 278 24.64 14.74 14.80
CA LYS C 278 26.00 15.15 15.15
C LYS C 278 26.19 16.64 14.97
N ALA C 279 25.60 17.21 13.91
CA ALA C 279 25.63 18.65 13.73
C ALA C 279 24.92 19.37 14.87
N VAL C 280 23.77 18.86 15.28
CA VAL C 280 23.04 19.44 16.41
C VAL C 280 23.86 19.32 17.67
N SER C 281 24.50 18.18 17.88
CA SER C 281 25.32 17.98 19.06
C SER C 281 26.52 18.92 19.09
N GLU C 282 27.18 19.11 17.96
CA GLU C 282 28.29 20.06 17.89
C GLU C 282 27.83 21.49 18.15
N MET C 283 26.70 21.89 17.56
CA MET C 283 26.21 23.26 17.67
C MET C 283 25.83 23.62 19.10
N THR C 284 25.17 22.70 19.80
CA THR C 284 24.57 22.97 21.08
C THR C 284 25.39 22.51 22.26
N GLY C 285 26.31 21.59 22.07
CA GLY C 285 27.00 20.94 23.17
C GLY C 285 26.26 19.77 23.79
N GLN C 286 25.10 19.42 23.29
CA GLN C 286 24.24 18.39 23.86
C GLN C 286 24.64 17.02 23.35
N PRO C 287 24.83 16.04 24.22
CA PRO C 287 25.18 14.70 23.76
C PRO C 287 24.00 14.00 23.12
N ILE C 288 24.31 13.03 22.26
CA ILE C 288 23.29 12.16 21.69
C ILE C 288 22.95 11.15 22.76
N PRO C 289 21.69 11.06 23.19
CA PRO C 289 21.36 10.17 24.30
C PRO C 289 21.00 8.75 23.87
N ALA C 290 20.92 7.88 24.87
CA ALA C 290 20.72 6.46 24.62
C ALA C 290 19.35 6.14 24.04
N GLN C 291 18.36 6.99 24.26
CA GLN C 291 17.06 6.77 23.67
C GLN C 291 17.11 6.83 22.15
N LEU C 292 17.92 7.74 21.60
CA LEU C 292 18.06 7.82 20.16
C LEU C 292 18.79 6.62 19.58
N VAL C 293 19.75 6.06 20.32
CA VAL C 293 20.36 4.81 19.92
C VAL C 293 19.32 3.71 19.79
N LYS C 294 18.37 3.67 20.72
CA LYS C 294 17.32 2.65 20.69
C LYS C 294 16.35 2.87 19.53
N GLU C 295 15.94 4.11 19.28
CA GLU C 295 15.03 4.38 18.18
C GLU C 295 15.70 4.12 16.84
N ARG C 296 16.98 4.48 16.74
CA ARG C 296 17.77 4.11 15.57
C ARG C 296 17.87 2.60 15.42
N GLY C 297 18.06 1.88 16.53
CA GLY C 297 18.12 0.43 16.47
C GLY C 297 16.83 -0.20 16.00
N LEU C 298 15.69 0.36 16.41
CA LEU C 298 14.40 -0.12 15.95
C LEU C 298 14.23 0.04 14.45
N ALA C 299 14.61 1.21 13.92
CA ALA C 299 14.54 1.43 12.48
C ALA C 299 15.44 0.47 11.72
N LEU C 300 16.63 0.19 12.26
CA LEU C 300 17.57 -0.70 11.61
C LEU C 300 17.09 -2.15 11.64
N ASP C 301 16.41 -2.58 12.69
CA ASP C 301 15.85 -3.92 12.74
C ASP C 301 14.80 -4.12 11.67
N ALA C 302 13.92 -3.13 11.48
CA ALA C 302 12.95 -3.20 10.39
C ALA C 302 13.62 -3.28 9.03
N ILE C 303 14.68 -2.49 8.83
CA ILE C 303 15.39 -2.47 7.56
C ILE C 303 16.09 -3.81 7.32
N ALA C 304 16.60 -4.42 8.39
CA ALA C 304 17.31 -5.69 8.24
C ALA C 304 16.38 -6.81 7.84
N ASP C 305 15.11 -6.74 8.22
CA ASP C 305 14.13 -7.75 7.83
C ASP C 305 13.92 -7.80 6.32
N ILE C 306 14.04 -6.66 5.65
CA ILE C 306 13.68 -6.55 4.23
C ILE C 306 14.86 -6.28 3.32
N GLY C 307 16.00 -5.88 3.85
CA GLY C 307 17.06 -5.30 3.05
C GLY C 307 17.65 -6.18 1.97
N HIS C 308 18.43 -7.18 2.35
CA HIS C 308 19.09 -7.99 1.34
C HIS C 308 18.19 -9.10 0.82
N MET C 309 16.96 -9.19 1.30
CA MET C 309 15.97 -10.09 0.76
C MET C 309 15.16 -9.44 -0.36
N PHE C 310 14.71 -8.20 -0.18
CA PHE C 310 13.77 -7.58 -1.10
C PHE C 310 14.25 -6.27 -1.71
N LEU C 311 15.09 -5.51 -1.03
CA LEU C 311 15.46 -4.22 -1.56
C LEU C 311 16.74 -4.24 -2.36
N ALA C 312 17.65 -5.15 -2.06
CA ALA C 312 18.89 -5.26 -2.80
C ALA C 312 18.61 -5.50 -4.27
N ASP C 313 19.31 -4.76 -5.12
CA ASP C 313 19.30 -4.85 -6.57
C ASP C 313 17.99 -4.40 -7.20
N LYS C 314 17.14 -3.70 -6.48
CA LYS C 314 15.95 -3.13 -7.07
C LYS C 314 16.32 -1.85 -7.81
N ARG C 315 15.80 -1.69 -9.01
CA ARG C 315 16.12 -0.56 -9.88
C ARG C 315 15.10 0.55 -9.70
N VAL C 316 15.57 1.73 -9.31
CA VAL C 316 14.73 2.82 -8.80
C VAL C 316 14.95 4.08 -9.62
N ALA C 317 13.86 4.75 -9.99
CA ALA C 317 13.90 6.11 -10.50
C ALA C 317 13.39 7.04 -9.41
N ILE C 318 14.05 8.17 -9.21
CA ILE C 318 13.73 9.09 -8.13
C ILE C 318 13.57 10.49 -8.69
N TYR C 319 12.49 11.16 -8.30
CA TYR C 319 12.32 12.60 -8.45
C TYR C 319 11.56 13.11 -7.23
N ALA C 320 11.89 14.32 -6.80
CA ALA C 320 11.26 14.97 -5.66
C ALA C 320 11.78 16.40 -5.65
N ASN C 321 11.51 17.14 -4.59
CA ASN C 321 12.28 18.33 -4.33
C ASN C 321 13.76 17.98 -4.33
N PRO C 322 14.63 18.84 -4.83
CA PRO C 322 16.03 18.42 -5.07
C PRO C 322 16.74 17.81 -3.87
N ASP C 323 16.68 18.43 -2.70
CA ASP C 323 17.36 17.89 -1.53
C ASP C 323 16.78 16.55 -1.12
N LEU C 324 15.46 16.43 -1.07
CA LEU C 324 14.85 15.16 -0.72
C LEU C 324 15.20 14.10 -1.73
N ALA C 325 15.17 14.45 -3.03
CA ALA C 325 15.47 13.48 -4.06
C ALA C 325 16.92 13.00 -3.96
N ILE C 326 17.87 13.89 -3.72
CA ILE C 326 19.25 13.47 -3.57
C ILE C 326 19.42 12.60 -2.33
N GLY C 327 18.81 12.99 -1.22
CA GLY C 327 18.89 12.19 -0.01
C GLY C 327 18.24 10.83 -0.15
N LEU C 328 17.14 10.76 -0.90
CA LEU C 328 16.49 9.48 -1.17
C LEU C 328 17.37 8.58 -2.01
N THR C 329 18.09 9.16 -2.98
CA THR C 329 19.05 8.39 -3.77
C THR C 329 20.14 7.79 -2.89
N GLU C 330 20.66 8.57 -1.96
CA GLU C 330 21.70 8.10 -1.05
C GLU C 330 21.17 7.01 -0.12
N PHE C 331 19.95 7.18 0.40
CA PHE C 331 19.36 6.15 1.22
C PHE C 331 19.15 4.86 0.44
N CYS C 332 18.67 4.96 -0.80
CA CYS C 332 18.47 3.78 -1.63
C CYS C 332 19.78 3.05 -1.89
N LEU C 333 20.87 3.80 -2.09
CA LEU C 333 22.17 3.18 -2.27
C LEU C 333 22.64 2.47 -1.00
N ASP C 334 22.38 3.06 0.17
CA ASP C 334 22.69 2.42 1.43
C ASP C 334 21.88 1.16 1.65
N LEU C 335 20.67 1.10 1.09
CA LEU C 335 19.79 -0.05 1.18
C LEU C 335 20.09 -1.10 0.12
N GLU C 336 21.17 -0.91 -0.64
CA GLU C 336 21.66 -1.81 -1.67
C GLU C 336 20.78 -1.84 -2.90
N MET C 337 19.91 -0.85 -3.07
CA MET C 337 19.15 -0.74 -4.30
C MET C 337 20.03 -0.13 -5.40
N LYS C 338 19.53 -0.19 -6.62
CA LYS C 338 20.22 0.31 -7.80
C LYS C 338 19.46 1.51 -8.36
N PRO C 339 19.72 2.72 -7.90
CA PRO C 339 19.10 3.89 -8.53
C PRO C 339 19.59 4.04 -9.96
N LYS C 340 18.63 4.14 -10.88
CA LYS C 340 18.95 4.24 -12.29
C LYS C 340 18.79 5.63 -12.84
N LEU C 341 17.80 6.38 -12.36
CA LEU C 341 17.49 7.69 -12.88
C LEU C 341 17.17 8.62 -11.73
N LEU C 342 17.83 9.76 -11.68
CA LEU C 342 17.50 10.83 -10.74
C LEU C 342 17.12 12.04 -11.55
N LEU C 343 15.94 12.59 -11.29
CA LEU C 343 15.43 13.74 -12.03
C LEU C 343 15.46 14.94 -11.12
N LEU C 344 16.21 15.95 -11.52
CA LEU C 344 16.24 17.24 -10.84
C LEU C 344 15.55 18.24 -11.75
N GLY C 345 14.34 18.62 -11.40
CA GLY C 345 13.40 19.21 -12.32
C GLY C 345 13.52 20.69 -12.59
N ASP C 346 14.59 21.37 -12.21
CA ASP C 346 14.73 22.77 -12.58
C ASP C 346 16.17 23.07 -12.95
N ASP C 347 16.41 24.34 -13.28
CA ASP C 347 17.62 24.81 -13.92
C ASP C 347 18.68 25.29 -12.94
N ASN C 348 18.62 24.88 -11.69
CA ASN C 348 19.61 25.31 -10.72
C ASN C 348 21.01 24.87 -11.16
N SER C 349 21.96 25.78 -11.08
CA SER C 349 23.33 25.48 -11.48
C SER C 349 24.17 24.90 -10.35
N GLY C 350 23.63 24.87 -9.14
CA GLY C 350 24.36 24.31 -8.03
C GLY C 350 24.36 22.82 -7.95
N TYR C 351 23.52 22.14 -8.72
CA TYR C 351 23.46 20.68 -8.64
C TYR C 351 24.78 20.03 -9.02
N VAL C 352 25.39 20.50 -10.12
CA VAL C 352 26.61 19.89 -10.61
C VAL C 352 27.80 20.20 -9.72
N LYS C 353 27.70 21.19 -8.85
CA LYS C 353 28.72 21.49 -7.86
C LYS C 353 28.41 20.90 -6.50
N ASP C 354 27.24 20.32 -6.33
CA ASP C 354 26.81 19.79 -5.05
C ASP C 354 27.69 18.62 -4.65
N PRO C 355 28.34 18.66 -3.49
CA PRO C 355 29.21 17.54 -3.10
C PRO C 355 28.48 16.22 -3.01
N ARG C 356 27.17 16.24 -2.75
CA ARG C 356 26.40 15.02 -2.69
C ARG C 356 26.23 14.42 -4.07
N VAL C 357 26.13 15.27 -5.10
CA VAL C 357 25.94 14.83 -6.47
C VAL C 357 27.26 14.36 -7.03
N LEU C 358 28.35 15.00 -6.64
CA LEU C 358 29.66 14.59 -7.11
C LEU C 358 30.02 13.23 -6.55
N ALA C 359 29.58 12.95 -5.32
CA ALA C 359 29.80 11.65 -4.71
C ALA C 359 28.94 10.60 -5.38
N LEU C 360 27.72 10.95 -5.76
CA LEU C 360 26.85 10.03 -6.48
C LEU C 360 27.46 9.63 -7.81
N GLN C 361 28.01 10.60 -8.55
CA GLN C 361 28.68 10.30 -9.80
C GLN C 361 29.88 9.41 -9.62
N GLU C 362 30.58 9.56 -8.51
CA GLU C 362 31.77 8.77 -8.28
C GLU C 362 31.43 7.30 -7.99
N ASN C 363 30.45 7.05 -7.13
CA ASN C 363 30.24 5.70 -6.62
C ASN C 363 28.87 5.10 -6.90
N ALA C 364 28.00 5.79 -7.61
CA ALA C 364 26.77 5.15 -8.08
C ALA C 364 26.95 4.91 -9.56
N PRO C 365 27.21 3.67 -9.98
CA PRO C 365 27.75 3.45 -11.33
C PRO C 365 26.72 3.51 -12.44
N ASP C 366 25.53 2.96 -12.22
CA ASP C 366 24.53 2.88 -13.28
C ASP C 366 23.44 3.93 -13.12
N LEU C 367 23.76 5.06 -12.49
CA LEU C 367 22.79 6.11 -12.21
C LEU C 367 22.98 7.27 -13.16
N GLU C 368 21.90 7.67 -13.79
CA GLU C 368 21.87 8.85 -14.64
C GLU C 368 21.15 9.98 -13.93
N ILE C 369 21.80 11.13 -13.85
CA ILE C 369 21.22 12.33 -13.24
C ILE C 369 20.85 13.28 -14.37
N VAL C 370 19.57 13.63 -14.45
CA VAL C 370 19.07 14.58 -15.42
C VAL C 370 18.73 15.86 -14.68
N THR C 371 19.39 16.95 -15.03
CA THR C 371 19.06 18.26 -14.49
C THR C 371 18.15 18.99 -15.45
N ASN C 372 17.31 19.86 -14.91
CA ASN C 372 16.27 20.55 -15.68
C ASN C 372 15.34 19.55 -16.35
N ALA C 373 15.00 18.50 -15.61
CA ALA C 373 14.23 17.40 -16.15
C ALA C 373 12.74 17.73 -16.18
N ASP C 374 12.00 17.00 -17.00
CA ASP C 374 10.56 16.90 -16.89
C ASP C 374 10.19 15.42 -16.85
N PHE C 375 8.90 15.14 -16.78
CA PHE C 375 8.49 13.74 -16.69
C PHE C 375 8.69 13.00 -17.99
N TRP C 376 8.79 13.69 -19.12
CA TRP C 376 9.07 13.01 -20.37
C TRP C 376 10.46 12.39 -20.36
N ASP C 377 11.37 12.94 -19.57
CA ASP C 377 12.66 12.30 -19.35
C ASP C 377 12.48 10.88 -18.84
N LEU C 378 11.71 10.72 -17.76
CA LEU C 378 11.50 9.38 -17.23
C LEU C 378 10.73 8.51 -18.21
N GLU C 379 9.62 9.02 -18.74
CA GLU C 379 8.75 8.22 -19.59
C GLU C 379 9.41 7.81 -20.90
N SER C 380 10.10 8.71 -21.57
CA SER C 380 10.74 8.35 -22.81
C SER C 380 11.94 7.43 -22.60
N ARG C 381 12.55 7.45 -21.43
CA ARG C 381 13.60 6.49 -21.16
C ARG C 381 13.04 5.09 -20.92
N ILE C 382 11.87 4.99 -20.29
CA ILE C 382 11.20 3.69 -20.14
C ILE C 382 10.77 3.17 -21.50
N GLN C 383 10.26 4.03 -22.36
CA GLN C 383 9.86 3.60 -23.70
C GLN C 383 11.05 3.10 -24.50
N GLN C 384 12.23 3.64 -24.24
CA GLN C 384 13.44 3.20 -24.91
C GLN C 384 14.08 2.01 -24.24
N GLY C 385 13.54 1.52 -23.14
CA GLY C 385 14.02 0.28 -22.60
C GLY C 385 14.59 0.30 -21.20
N LEU C 386 14.46 1.39 -20.47
CA LEU C 386 14.89 1.42 -19.08
C LEU C 386 13.92 0.62 -18.22
N GLU C 387 14.44 -0.33 -17.47
CA GLU C 387 13.62 -1.24 -16.67
C GLU C 387 13.73 -0.84 -15.22
N LEU C 388 12.60 -0.61 -14.58
CA LEU C 388 12.57 -0.18 -13.21
C LEU C 388 11.68 -1.11 -12.40
N ASP C 389 12.05 -1.28 -11.15
CA ASP C 389 11.23 -1.98 -10.18
C ASP C 389 10.39 -1.05 -9.34
N LEU C 390 10.83 0.20 -9.18
CA LEU C 390 10.20 1.12 -8.25
C LEU C 390 10.48 2.54 -8.71
N ILE C 391 9.55 3.43 -8.37
CA ILE C 391 9.69 4.86 -8.55
C ILE C 391 9.45 5.52 -7.20
N LEU C 392 10.27 6.50 -6.86
CA LEU C 392 10.00 7.40 -5.75
C LEU C 392 9.69 8.76 -6.33
N GLY C 393 8.50 9.28 -6.07
CA GLY C 393 8.15 10.58 -6.58
C GLY C 393 6.78 11.00 -6.12
N HIS C 394 6.43 12.23 -6.49
CA HIS C 394 5.15 12.79 -6.11
C HIS C 394 4.08 12.45 -7.15
N SER C 395 2.87 12.91 -6.88
CA SER C 395 1.69 12.37 -7.55
C SER C 395 1.57 12.76 -9.01
N LYS C 396 2.19 13.85 -9.45
CA LYS C 396 1.99 14.25 -10.84
C LYS C 396 2.66 13.33 -11.83
N GLY C 397 3.49 12.40 -11.37
CA GLY C 397 4.05 11.39 -12.24
C GLY C 397 3.31 10.07 -12.15
N ARG C 398 2.08 10.10 -11.66
CA ARG C 398 1.35 8.87 -11.39
C ARG C 398 0.99 8.11 -12.66
N PHE C 399 0.80 8.78 -13.79
CA PHE C 399 0.37 8.08 -14.98
C PHE C 399 1.51 7.31 -15.62
N ILE C 400 2.74 7.74 -15.42
CA ILE C 400 3.89 6.92 -15.78
C ILE C 400 3.84 5.60 -15.03
N SER C 401 3.59 5.68 -13.73
CA SER C 401 3.50 4.49 -12.90
C SER C 401 2.33 3.62 -13.32
N ILE C 402 1.17 4.22 -13.57
CA ILE C 402 -0.02 3.45 -13.93
C ILE C 402 0.16 2.78 -15.27
N ASP C 403 0.63 3.54 -16.26
CA ASP C 403 0.62 3.05 -17.64
C ASP C 403 1.75 2.09 -17.94
N TYR C 404 2.88 2.22 -17.28
CA TYR C 404 4.01 1.34 -17.54
C TYR C 404 4.18 0.29 -16.45
N LYS C 405 3.25 0.21 -15.51
CA LYS C 405 3.23 -0.81 -14.49
C LYS C 405 4.53 -0.84 -13.69
N VAL C 406 4.96 0.32 -13.25
CA VAL C 406 6.05 0.45 -12.28
C VAL C 406 5.46 1.02 -11.00
N PRO C 407 5.54 0.30 -9.88
CA PRO C 407 4.98 0.83 -8.62
C PRO C 407 5.72 2.07 -8.17
N MET C 408 5.01 2.94 -7.47
CA MET C 408 5.55 4.21 -7.02
C MET C 408 5.26 4.41 -5.54
N VAL C 409 6.25 4.88 -4.81
CA VAL C 409 6.08 5.36 -3.45
C VAL C 409 5.94 6.86 -3.51
N ARG C 410 4.92 7.40 -2.87
CA ARG C 410 4.56 8.81 -2.97
C ARG C 410 5.36 9.62 -1.95
N VAL C 411 6.32 10.39 -2.43
CA VAL C 411 7.16 11.21 -1.59
C VAL C 411 7.17 12.62 -2.14
N GLY C 412 7.46 13.58 -1.27
CA GLY C 412 7.58 14.95 -1.71
C GLY C 412 6.24 15.66 -1.80
N PHE C 413 6.17 16.61 -2.72
CA PHE C 413 5.04 17.51 -2.86
C PHE C 413 4.73 17.65 -4.34
N PRO C 414 3.47 17.49 -4.75
CA PRO C 414 2.31 17.13 -3.95
C PRO C 414 2.03 15.65 -4.06
N THR C 415 1.56 15.01 -3.00
CA THR C 415 1.16 13.62 -3.04
C THR C 415 -0.33 13.59 -2.74
N TYR C 416 -1.14 13.76 -3.78
CA TYR C 416 -2.57 13.86 -3.63
C TYR C 416 -3.31 12.57 -3.95
N ASP C 417 -2.67 11.60 -4.56
CA ASP C 417 -3.35 10.39 -4.99
C ASP C 417 -3.30 9.27 -3.95
N ARG C 418 -2.77 9.55 -2.76
CA ARG C 418 -2.81 8.64 -1.64
C ARG C 418 -3.29 9.40 -0.42
N ALA C 419 -3.85 8.68 0.54
CA ALA C 419 -4.47 9.31 1.71
C ALA C 419 -3.48 9.48 2.84
N GLY C 420 -3.36 10.70 3.34
CA GLY C 420 -2.61 10.98 4.54
C GLY C 420 -1.11 10.86 4.46
N MET C 421 -0.51 11.01 3.28
CA MET C 421 0.94 10.89 3.20
C MET C 421 1.66 12.04 3.86
N TYR C 422 1.01 13.18 4.06
CA TYR C 422 1.60 14.32 4.72
C TYR C 422 1.83 14.07 6.20
N ARG C 423 1.23 13.03 6.77
CA ARG C 423 1.28 12.75 8.22
C ARG C 423 2.39 11.78 8.59
N HIS C 424 3.08 11.25 7.62
CA HIS C 424 4.13 10.26 7.85
C HIS C 424 5.47 10.95 7.60
N PRO C 425 6.51 10.69 8.39
CA PRO C 425 7.83 11.25 8.13
C PRO C 425 8.60 10.51 7.06
N VAL C 426 9.40 11.26 6.34
CA VAL C 426 10.50 10.69 5.56
C VAL C 426 11.85 11.06 6.14
N LEU C 427 11.89 11.92 7.14
CA LEU C 427 13.10 12.33 7.83
C LEU C 427 13.26 11.57 9.15
N GLY C 428 14.48 11.54 9.64
CA GLY C 428 14.76 10.92 10.91
C GLY C 428 14.75 9.40 10.83
N TYR C 429 14.87 8.79 11.99
CA TYR C 429 14.85 7.33 12.07
C TYR C 429 13.44 6.80 11.86
N GLY C 430 12.44 7.49 12.38
CA GLY C 430 11.07 7.11 12.10
C GLY C 430 10.74 7.18 10.62
N GLY C 431 11.24 8.22 9.94
CA GLY C 431 11.04 8.32 8.51
C GLY C 431 11.76 7.26 7.72
N ALA C 432 12.95 6.87 8.15
CA ALA C 432 13.70 5.81 7.49
C ALA C 432 12.97 4.48 7.58
N MET C 433 12.44 4.16 8.75
CA MET C 433 11.65 2.95 8.89
C MET C 433 10.39 3.02 8.04
N PHE C 434 9.70 4.17 8.07
CA PHE C 434 8.50 4.33 7.25
C PHE C 434 8.82 4.21 5.76
N LEU C 435 9.90 4.85 5.32
CA LEU C 435 10.29 4.79 3.92
C LEU C 435 10.61 3.38 3.47
N ALA C 436 11.48 2.70 4.19
CA ALA C 436 11.91 1.37 3.78
C ALA C 436 10.76 0.38 3.76
N GLU C 437 9.88 0.45 4.75
CA GLU C 437 8.75 -0.48 4.81
C GLU C 437 7.70 -0.16 3.75
N THR C 438 7.51 1.12 3.42
CA THR C 438 6.59 1.48 2.36
C THR C 438 7.10 1.01 1.01
N MET C 439 8.41 1.11 0.77
CA MET C 439 9.00 0.57 -0.44
C MET C 439 8.78 -0.94 -0.51
N ALA C 440 9.02 -1.66 0.58
CA ALA C 440 8.82 -3.10 0.60
C ALA C 440 7.36 -3.45 0.34
N ASN C 441 6.43 -2.72 0.98
CA ASN C 441 5.01 -3.05 0.84
C ASN C 441 4.49 -2.68 -0.54
N THR C 442 5.00 -1.60 -1.13
CA THR C 442 4.71 -1.28 -2.52
C THR C 442 5.20 -2.39 -3.44
N LEU C 443 6.40 -2.89 -3.21
CA LEU C 443 6.92 -3.98 -4.01
C LEU C 443 6.13 -5.26 -3.79
N PHE C 444 5.74 -5.54 -2.54
CA PHE C 444 4.95 -6.73 -2.24
C PHE C 444 3.61 -6.71 -2.94
N ALA C 445 2.91 -5.59 -2.90
CA ALA C 445 1.63 -5.47 -3.59
C ALA C 445 1.80 -5.62 -5.10
N ASP C 446 2.90 -5.13 -5.65
CA ASP C 446 3.18 -5.29 -7.07
C ASP C 446 3.43 -6.75 -7.44
N MET C 447 4.18 -7.48 -6.63
CA MET C 447 4.42 -8.90 -6.90
C MET C 447 3.11 -9.66 -6.91
N GLU C 448 2.20 -9.31 -6.02
CA GLU C 448 0.90 -9.97 -5.99
C GLU C 448 0.02 -9.57 -7.15
N ALA C 449 0.11 -8.33 -7.62
CA ALA C 449 -0.69 -7.91 -8.75
C ALA C 449 -0.21 -8.57 -10.04
N LYS C 450 1.09 -8.76 -10.18
CA LYS C 450 1.67 -9.37 -11.37
C LYS C 450 1.92 -10.86 -11.22
N LYS C 451 1.63 -11.44 -10.06
CA LYS C 451 1.96 -12.83 -9.74
C LYS C 451 3.42 -13.12 -10.05
N ASN C 452 4.28 -12.33 -9.45
CA ASN C 452 5.72 -12.37 -9.67
C ASN C 452 6.36 -12.92 -8.40
N LYS C 453 6.54 -14.25 -8.36
CA LYS C 453 7.06 -14.98 -7.21
C LYS C 453 6.32 -14.60 -5.94
N GLU C 454 5.02 -14.39 -6.06
CA GLU C 454 4.23 -13.91 -4.94
C GLU C 454 4.13 -14.92 -3.81
N TRP C 455 4.44 -16.19 -4.09
CA TRP C 455 4.51 -17.23 -3.07
C TRP C 455 5.66 -17.02 -2.10
N ILE C 456 6.63 -16.15 -2.43
CA ILE C 456 7.81 -15.96 -1.62
C ILE C 456 7.55 -15.12 -0.38
N LEU C 457 6.38 -14.52 -0.25
CA LEU C 457 6.08 -13.64 0.87
C LEU C 457 5.51 -14.39 2.07
N ASN C 458 6.14 -15.49 2.44
CA ASN C 458 5.64 -16.31 3.53
C ASN C 458 6.63 -16.46 4.66
N VAL C 459 7.88 -16.81 4.36
CA VAL C 459 8.87 -17.08 5.40
C VAL C 459 10.09 -16.19 5.23
N TRP C 460 9.87 -14.98 4.78
CA TRP C 460 10.94 -14.00 4.77
C TRP C 460 11.17 -13.46 6.18
N THR D 2 -6.95 49.63 -49.97
CA THR D 2 -6.36 50.60 -49.06
C THR D 2 -4.89 50.26 -48.82
N ARG D 3 -4.06 51.30 -48.77
CA ARG D 3 -2.63 51.13 -48.53
C ARG D 3 -2.34 51.38 -47.06
N LYS D 4 -2.00 50.33 -46.34
CA LYS D 4 -1.69 50.42 -44.93
C LYS D 4 -0.20 50.58 -44.75
N ILE D 5 0.21 51.67 -44.09
CA ILE D 5 1.60 52.04 -43.93
C ILE D 5 1.90 52.25 -42.46
N ALA D 6 3.09 51.85 -42.03
CA ALA D 6 3.58 52.15 -40.69
C ALA D 6 4.77 53.08 -40.80
N ILE D 7 4.86 54.05 -39.89
CA ILE D 7 5.92 55.04 -39.87
C ILE D 7 6.81 54.75 -38.68
N TYR D 8 8.10 54.54 -38.95
CA TYR D 8 9.12 54.28 -37.95
C TYR D 8 10.24 55.30 -38.12
N GLY D 9 11.17 55.27 -37.19
CA GLY D 9 12.28 56.20 -37.23
C GLY D 9 12.82 56.41 -35.83
N LYS D 10 13.80 57.31 -35.75
CA LYS D 10 14.38 57.65 -34.45
C LYS D 10 13.36 58.43 -33.62
N GLY D 11 13.63 58.49 -32.32
CA GLY D 11 12.78 59.25 -31.43
C GLY D 11 12.87 60.73 -31.75
N GLY D 12 11.70 61.38 -31.74
CA GLY D 12 11.62 62.80 -31.94
C GLY D 12 12.11 63.29 -33.28
N ILE D 13 12.22 62.41 -34.27
CA ILE D 13 12.72 62.80 -35.58
C ILE D 13 11.66 63.47 -36.43
N GLY D 14 10.41 63.44 -36.00
CA GLY D 14 9.34 64.04 -36.77
C GLY D 14 8.46 63.01 -37.42
N LYS D 15 8.26 61.87 -36.76
CA LYS D 15 7.34 60.87 -37.28
C LYS D 15 5.92 61.39 -37.26
N SER D 16 5.48 61.93 -36.13
CA SER D 16 4.09 62.36 -35.98
C SER D 16 3.81 63.62 -36.80
N THR D 17 4.71 64.58 -36.77
CA THR D 17 4.50 65.80 -37.54
C THR D 17 4.40 65.49 -39.03
N THR D 18 5.35 64.71 -39.54
CA THR D 18 5.34 64.36 -40.96
C THR D 18 4.14 63.50 -41.32
N THR D 19 3.74 62.58 -40.44
CA THR D 19 2.59 61.73 -40.72
C THR D 19 1.32 62.57 -40.84
N GLN D 20 1.07 63.45 -39.87
CA GLN D 20 -0.12 64.28 -39.89
C GLN D 20 -0.11 65.25 -41.05
N ASN D 21 1.05 65.85 -41.34
CA ASN D 21 1.12 66.81 -42.43
C ASN D 21 0.92 66.14 -43.78
N THR D 22 1.50 64.96 -43.98
CA THR D 22 1.28 64.22 -45.21
C THR D 22 -0.16 63.78 -45.34
N ALA D 23 -0.78 63.35 -44.24
CA ALA D 23 -2.18 62.96 -44.28
C ALA D 23 -3.05 64.15 -44.66
N ALA D 24 -2.78 65.32 -44.10
CA ALA D 24 -3.52 66.51 -44.46
C ALA D 24 -3.33 66.85 -45.93
N ALA D 25 -2.09 66.77 -46.42
CA ALA D 25 -1.83 67.04 -47.83
C ALA D 25 -2.54 66.03 -48.72
N LEU D 26 -2.52 64.75 -48.33
CA LEU D 26 -3.18 63.73 -49.13
C LEU D 26 -4.68 63.98 -49.21
N ALA D 27 -5.29 64.35 -48.09
CA ALA D 27 -6.73 64.59 -48.07
C ALA D 27 -7.10 65.89 -48.76
N PHE D 28 -6.21 66.88 -48.73
CA PHE D 28 -6.56 68.20 -49.23
C PHE D 28 -6.19 68.40 -50.69
N PHE D 29 -4.96 68.05 -51.07
CA PHE D 29 -4.51 68.26 -52.44
C PHE D 29 -4.84 67.10 -53.37
N HIS D 30 -4.97 65.89 -52.84
CA HIS D 30 -5.17 64.71 -53.68
C HIS D 30 -6.49 64.00 -53.42
N GLU D 31 -7.31 64.51 -52.51
CA GLU D 31 -8.66 63.99 -52.27
C GLU D 31 -8.63 62.50 -51.94
N LYS D 32 -7.97 62.18 -50.83
CA LYS D 32 -7.74 60.81 -50.41
C LYS D 32 -8.44 60.54 -49.09
N ASN D 33 -8.82 59.27 -48.90
CA ASN D 33 -9.44 58.85 -47.65
C ASN D 33 -8.35 58.31 -46.72
N VAL D 34 -8.05 59.07 -45.67
CA VAL D 34 -6.91 58.79 -44.81
C VAL D 34 -7.39 58.48 -43.40
N PHE D 35 -6.75 57.50 -42.78
CA PHE D 35 -6.97 57.09 -41.40
C PHE D 35 -5.63 57.04 -40.70
N ILE D 36 -5.56 57.56 -39.47
CA ILE D 36 -4.35 57.57 -38.68
C ILE D 36 -4.61 56.81 -37.38
N HIS D 37 -3.77 55.84 -37.09
CA HIS D 37 -3.82 55.11 -35.82
C HIS D 37 -2.54 55.44 -35.06
N GLY D 38 -2.65 56.31 -34.06
CA GLY D 38 -1.50 56.61 -33.22
C GLY D 38 -1.15 55.44 -32.32
N CYS D 39 0.11 55.00 -32.40
CA CYS D 39 0.57 53.85 -31.63
C CYS D 39 1.62 54.30 -30.62
N ASP D 40 1.33 55.38 -29.91
CA ASP D 40 2.20 55.97 -28.91
C ASP D 40 1.38 56.24 -27.66
N PRO D 41 1.80 55.76 -26.49
CA PRO D 41 0.99 55.96 -25.28
C PRO D 41 0.78 57.42 -24.88
N LYS D 42 1.70 58.31 -25.20
CA LYS D 42 1.48 59.70 -24.85
C LYS D 42 0.40 60.34 -25.70
N ALA D 43 -0.04 59.67 -26.76
CA ALA D 43 -1.24 60.01 -27.52
C ALA D 43 -1.18 61.42 -28.09
N ASP D 44 -0.15 61.66 -28.89
CA ASP D 44 0.07 62.98 -29.49
C ASP D 44 0.14 62.87 -31.01
N SER D 45 -0.37 61.80 -31.58
CA SER D 45 -0.17 61.51 -32.99
C SER D 45 -1.27 62.08 -33.87
N THR D 46 -2.32 62.65 -33.29
CA THR D 46 -3.42 63.17 -34.10
C THR D 46 -3.87 64.55 -33.62
N ARG D 47 -3.03 65.26 -32.87
CA ARG D 47 -3.41 66.57 -32.35
C ARG D 47 -3.60 67.58 -33.47
N LEU D 48 -2.77 67.54 -34.51
CA LEU D 48 -2.85 68.54 -35.58
C LEU D 48 -4.05 68.32 -36.47
N ILE D 49 -4.53 67.07 -36.58
CA ILE D 49 -5.68 66.79 -37.43
C ILE D 49 -6.99 67.05 -36.67
N LEU D 50 -7.06 66.63 -35.42
CA LEU D 50 -8.25 66.90 -34.64
C LEU D 50 -8.28 68.31 -34.08
N GLY D 51 -7.20 69.07 -34.22
CA GLY D 51 -7.16 70.41 -33.67
C GLY D 51 -7.16 70.45 -32.16
N GLY D 52 -6.42 69.57 -31.53
CA GLY D 52 -6.37 69.46 -30.07
C GLY D 52 -6.29 67.99 -29.73
N LEU D 53 -5.65 67.71 -28.60
CA LEU D 53 -5.40 66.33 -28.21
C LEU D 53 -6.70 65.58 -27.96
N PRO D 54 -6.93 64.45 -28.63
CA PRO D 54 -8.15 63.67 -28.37
C PRO D 54 -8.22 63.22 -26.93
N GLN D 55 -9.43 63.18 -26.40
CA GLN D 55 -9.64 62.86 -24.99
C GLN D 55 -10.28 61.51 -24.80
N GLN D 56 -10.29 60.68 -25.84
CA GLN D 56 -10.75 59.30 -25.74
C GLN D 56 -9.80 58.41 -26.55
N THR D 57 -8.91 57.73 -25.86
CA THR D 57 -8.11 56.71 -26.50
C THR D 57 -8.80 55.35 -26.34
N VAL D 58 -8.35 54.39 -27.12
CA VAL D 58 -8.91 53.05 -27.02
C VAL D 58 -8.66 52.47 -25.64
N MET D 59 -7.48 52.75 -25.06
CA MET D 59 -7.14 52.20 -23.76
C MET D 59 -7.91 52.89 -22.64
N ASP D 60 -8.07 54.21 -22.70
CA ASP D 60 -8.94 54.89 -21.74
C ASP D 60 -10.36 54.39 -21.81
N THR D 61 -10.80 53.94 -22.96
CA THR D 61 -12.17 53.46 -23.10
C THR D 61 -12.33 52.05 -22.56
N LEU D 62 -11.32 51.20 -22.75
CA LEU D 62 -11.34 49.88 -22.13
C LEU D 62 -11.27 49.97 -20.62
N ARG D 63 -10.51 50.94 -20.10
CA ARG D 63 -10.39 51.08 -18.65
C ARG D 63 -11.68 51.57 -18.01
N ILE D 64 -12.42 52.40 -18.72
CA ILE D 64 -13.66 52.96 -18.18
C ILE D 64 -14.84 52.04 -18.42
N GLU D 65 -14.95 51.49 -19.63
CA GLU D 65 -16.14 50.77 -20.05
C GLU D 65 -15.96 49.26 -20.14
N GLY D 66 -14.78 48.80 -20.52
CA GLY D 66 -14.55 47.40 -20.74
C GLY D 66 -14.25 47.13 -22.21
N ALA D 67 -13.59 45.99 -22.45
CA ALA D 67 -13.21 45.65 -23.82
C ALA D 67 -14.43 45.48 -24.70
N GLU D 68 -15.49 44.90 -24.15
CA GLU D 68 -16.69 44.60 -24.91
C GLU D 68 -17.54 45.83 -25.19
N ARG D 69 -17.24 46.96 -24.57
CA ARG D 69 -17.99 48.19 -24.80
C ARG D 69 -17.23 49.21 -25.63
N VAL D 70 -16.02 48.88 -26.08
CA VAL D 70 -15.31 49.78 -26.97
C VAL D 70 -16.01 49.79 -28.32
N THR D 71 -16.35 50.97 -28.80
CA THR D 71 -17.15 51.14 -29.99
C THR D 71 -16.36 52.01 -30.97
N VAL D 72 -16.59 51.80 -32.26
CA VAL D 72 -15.84 52.49 -33.30
C VAL D 72 -16.43 53.88 -33.47
N ASP D 73 -17.33 54.25 -32.56
CA ASP D 73 -17.86 55.61 -32.50
C ASP D 73 -17.35 56.39 -31.30
N LYS D 74 -17.01 55.71 -30.21
CA LYS D 74 -16.49 56.40 -29.04
C LYS D 74 -15.04 56.83 -29.22
N VAL D 75 -14.24 56.05 -29.94
CA VAL D 75 -12.80 56.26 -29.98
C VAL D 75 -12.30 56.83 -31.29
N VAL D 76 -13.05 56.73 -32.38
CA VAL D 76 -12.62 57.23 -33.67
C VAL D 76 -13.22 58.62 -33.87
N LYS D 77 -12.35 59.62 -33.98
CA LYS D 77 -12.75 60.98 -34.25
C LYS D 77 -12.48 61.34 -35.70
N THR D 78 -13.11 62.42 -36.15
CA THR D 78 -12.96 62.92 -37.51
C THR D 78 -12.40 64.34 -37.45
N GLY D 79 -11.35 64.60 -38.21
CA GLY D 79 -10.72 65.90 -38.18
C GLY D 79 -10.66 66.62 -39.51
N PHE D 80 -9.48 67.17 -39.82
CA PHE D 80 -9.31 67.97 -41.02
C PHE D 80 -9.59 67.14 -42.27
N LYS D 81 -10.42 67.68 -43.16
CA LYS D 81 -10.79 67.02 -44.41
C LYS D 81 -11.34 65.62 -44.14
N ASP D 82 -12.07 65.48 -43.04
CA ASP D 82 -12.67 64.22 -42.64
C ASP D 82 -11.63 63.10 -42.60
N ILE D 83 -10.49 63.38 -41.99
CA ILE D 83 -9.50 62.35 -41.71
C ILE D 83 -9.89 61.68 -40.40
N ARG D 84 -9.97 60.36 -40.41
CA ARG D 84 -10.39 59.63 -39.24
C ARG D 84 -9.18 59.28 -38.38
N CYS D 85 -9.26 59.60 -37.10
CA CYS D 85 -8.14 59.48 -36.19
C CYS D 85 -8.51 58.65 -34.98
N VAL D 86 -7.66 57.68 -34.64
CA VAL D 86 -7.80 56.93 -33.40
C VAL D 86 -6.43 56.91 -32.72
N GLU D 87 -6.45 56.94 -31.40
CA GLU D 87 -5.25 56.88 -30.57
C GLU D 87 -5.28 55.61 -29.75
N SER D 88 -4.18 54.87 -29.76
CA SER D 88 -4.10 53.65 -28.94
C SER D 88 -4.21 53.98 -27.46
N GLY D 89 -3.56 55.05 -27.04
CA GLY D 89 -3.46 55.36 -25.64
C GLY D 89 -2.43 54.50 -24.96
N GLY D 90 -2.40 54.61 -23.64
CA GLY D 90 -1.46 53.85 -22.86
C GLY D 90 -1.17 54.50 -21.54
N PRO D 91 -0.22 53.95 -20.80
CA PRO D 91 0.05 54.44 -19.45
C PRO D 91 0.85 55.74 -19.44
N GLU D 92 0.91 56.34 -18.28
CA GLU D 92 1.82 57.44 -18.01
C GLU D 92 3.23 56.90 -17.83
N PRO D 93 4.24 57.72 -18.05
CA PRO D 93 5.62 57.20 -18.08
C PRO D 93 6.03 56.48 -16.81
N GLY D 94 6.64 55.32 -16.97
CA GLY D 94 7.22 54.58 -15.88
C GLY D 94 6.34 53.54 -15.23
N VAL D 95 5.19 53.21 -15.81
CA VAL D 95 4.26 52.25 -15.24
C VAL D 95 3.58 51.52 -16.39
N GLY D 96 3.19 50.29 -16.14
CA GLY D 96 2.42 49.55 -17.11
C GLY D 96 3.23 48.94 -18.24
N CYS D 97 2.48 48.49 -19.24
CA CYS D 97 3.03 47.95 -20.48
C CYS D 97 2.35 48.70 -21.62
N ALA D 98 3.05 49.64 -22.22
CA ALA D 98 2.51 50.31 -23.38
C ALA D 98 2.56 49.45 -24.62
N GLY D 99 3.43 48.46 -24.67
CA GLY D 99 3.44 47.55 -25.80
C GLY D 99 2.18 46.73 -25.88
N ARG D 100 1.73 46.22 -24.74
CA ARG D 100 0.50 45.45 -24.69
C ARG D 100 -0.72 46.30 -25.00
N GLY D 101 -0.68 47.58 -24.64
CA GLY D 101 -1.78 48.46 -24.97
C GLY D 101 -1.93 48.65 -26.47
N VAL D 102 -0.81 48.76 -27.18
CA VAL D 102 -0.88 48.85 -28.64
C VAL D 102 -1.41 47.55 -29.24
N ILE D 103 -0.99 46.41 -28.72
CA ILE D 103 -1.52 45.14 -29.18
C ILE D 103 -3.04 45.12 -29.01
N THR D 104 -3.51 45.47 -27.82
CA THR D 104 -4.94 45.42 -27.53
C THR D 104 -5.70 46.47 -28.31
N ALA D 105 -5.15 47.67 -28.46
CA ALA D 105 -5.85 48.71 -29.19
C ALA D 105 -6.03 48.35 -30.66
N ILE D 106 -4.98 47.82 -31.29
CA ILE D 106 -5.08 47.43 -32.70
C ILE D 106 -5.98 46.22 -32.85
N ASP D 107 -5.92 45.27 -31.91
CA ASP D 107 -6.86 44.15 -31.90
C ASP D 107 -8.30 44.65 -31.84
N LEU D 108 -8.57 45.62 -30.98
CA LEU D 108 -9.94 46.10 -30.83
C LEU D 108 -10.42 46.85 -32.06
N MET D 109 -9.54 47.58 -32.72
CA MET D 109 -9.94 48.24 -33.95
C MET D 109 -10.17 47.26 -35.08
N GLU D 110 -9.49 46.12 -35.05
CA GLU D 110 -9.74 45.07 -36.04
C GLU D 110 -11.07 44.38 -35.79
N GLU D 111 -11.34 44.02 -34.53
CA GLU D 111 -12.57 43.30 -34.23
C GLU D 111 -13.79 44.14 -34.50
N ASN D 112 -13.69 45.45 -34.29
CA ASN D 112 -14.79 46.38 -34.52
C ASN D 112 -14.77 46.97 -35.92
N GLU D 113 -13.85 46.54 -36.77
CA GLU D 113 -13.78 46.95 -38.17
C GLU D 113 -13.74 48.47 -38.32
N ALA D 114 -12.80 49.09 -37.61
CA ALA D 114 -12.67 50.54 -37.64
C ALA D 114 -12.13 51.04 -38.96
N TYR D 115 -11.14 50.37 -39.52
CA TYR D 115 -10.53 50.79 -40.77
C TYR D 115 -11.43 50.34 -41.91
N SER D 116 -12.07 51.30 -42.57
CA SER D 116 -13.03 50.98 -43.62
C SER D 116 -12.33 50.38 -44.83
N GLU D 117 -13.13 49.81 -45.70
CA GLU D 117 -12.62 49.26 -46.94
C GLU D 117 -12.56 50.29 -48.06
N ASP D 118 -13.12 51.48 -47.85
CA ASP D 118 -13.00 52.57 -48.81
C ASP D 118 -11.92 53.58 -48.42
N LEU D 119 -11.16 53.29 -47.37
CA LEU D 119 -9.99 54.10 -47.08
C LEU D 119 -8.98 53.96 -48.20
N ASP D 120 -8.26 55.04 -48.47
CA ASP D 120 -7.14 54.95 -49.39
C ASP D 120 -5.83 54.74 -48.67
N PHE D 121 -5.65 55.36 -47.52
CA PHE D 121 -4.43 55.26 -46.74
C PHE D 121 -4.77 55.00 -45.28
N LEU D 122 -4.01 54.11 -44.66
CA LEU D 122 -4.09 53.86 -43.23
C LEU D 122 -2.67 53.95 -42.70
N PHE D 123 -2.39 55.02 -41.94
CA PHE D 123 -1.08 55.23 -41.37
C PHE D 123 -1.06 54.76 -39.93
N PHE D 124 -0.08 53.94 -39.60
CA PHE D 124 0.25 53.61 -38.23
C PHE D 124 1.44 54.47 -37.85
N ASP D 125 1.20 55.48 -37.03
CA ASP D 125 2.28 56.33 -36.54
C ASP D 125 2.77 55.74 -35.23
N VAL D 126 3.99 55.24 -35.23
CA VAL D 126 4.51 54.48 -34.11
C VAL D 126 5.48 55.37 -33.35
N LEU D 127 5.77 54.97 -32.12
CA LEU D 127 6.74 55.65 -31.28
C LEU D 127 8.14 55.45 -31.86
N GLY D 128 9.14 56.03 -31.20
CA GLY D 128 10.50 55.96 -31.71
C GLY D 128 11.34 54.86 -31.11
N ASP D 129 10.89 54.28 -30.02
CA ASP D 129 11.60 53.23 -29.30
C ASP D 129 10.79 51.93 -29.41
N VAL D 130 11.05 51.17 -30.46
CA VAL D 130 10.37 49.89 -30.64
C VAL D 130 11.03 48.89 -29.73
N VAL D 131 10.65 48.88 -28.45
CA VAL D 131 11.36 48.12 -27.44
C VAL D 131 10.79 46.74 -27.21
N CYS D 132 9.71 46.37 -27.88
CA CYS D 132 9.06 45.11 -27.60
C CYS D 132 8.31 44.67 -28.84
N GLY D 133 7.77 43.46 -28.78
CA GLY D 133 7.02 42.93 -29.89
C GLY D 133 5.70 43.63 -30.13
N GLY D 134 5.13 44.26 -29.11
CA GLY D 134 3.87 44.94 -29.27
C GLY D 134 3.94 46.21 -30.08
N PHE D 135 5.12 46.79 -30.20
CA PHE D 135 5.28 47.96 -31.04
C PHE D 135 5.52 47.58 -32.48
N ALA D 136 5.67 46.30 -32.76
CA ALA D 136 5.76 45.79 -34.12
C ALA D 136 4.43 45.22 -34.57
N MET D 137 3.40 45.32 -33.73
CA MET D 137 2.06 44.94 -34.12
C MET D 137 1.58 45.61 -35.41
N PRO D 138 1.89 46.88 -35.69
CA PRO D 138 1.48 47.46 -36.99
C PRO D 138 2.04 46.77 -38.21
N ILE D 139 3.11 45.97 -38.10
CA ILE D 139 3.66 45.35 -39.30
C ILE D 139 3.50 43.85 -39.22
N ARG D 140 2.44 43.39 -38.58
CA ARG D 140 2.09 41.99 -38.61
C ARG D 140 1.17 41.74 -39.81
N ASP D 141 0.81 40.48 -40.00
CA ASP D 141 -0.06 40.12 -41.12
C ASP D 141 -1.46 40.66 -40.89
N GLY D 142 -2.04 41.25 -41.94
CA GLY D 142 -3.31 41.94 -41.84
C GLY D 142 -3.21 43.39 -41.46
N LYS D 143 -2.00 43.93 -41.40
CA LYS D 143 -1.72 45.27 -40.93
C LYS D 143 -0.91 45.95 -42.03
N ALA D 144 -0.21 47.03 -41.67
CA ALA D 144 0.64 47.76 -42.59
C ALA D 144 1.45 46.84 -43.48
N GLU D 145 1.37 47.09 -44.78
CA GLU D 145 2.15 46.35 -45.78
C GLU D 145 3.43 47.06 -46.15
N GLU D 146 3.53 48.36 -45.92
CA GLU D 146 4.68 49.17 -46.28
C GLU D 146 5.16 49.94 -45.07
N VAL D 147 6.47 50.18 -45.01
CA VAL D 147 7.08 50.93 -43.93
C VAL D 147 7.91 52.04 -44.54
N TYR D 148 7.74 53.26 -44.03
CA TYR D 148 8.63 54.35 -44.33
C TYR D 148 9.34 54.75 -43.04
N ILE D 149 10.66 54.82 -43.09
CA ILE D 149 11.47 55.24 -41.97
C ILE D 149 11.82 56.70 -42.15
N VAL D 150 11.52 57.51 -41.15
CA VAL D 150 11.95 58.89 -41.11
C VAL D 150 13.32 58.93 -40.46
N ALA D 151 14.27 59.59 -41.10
CA ALA D 151 15.62 59.71 -40.57
C ALA D 151 16.10 61.13 -40.80
N SER D 152 17.39 61.35 -40.58
CA SER D 152 18.02 62.62 -40.87
C SER D 152 19.51 62.37 -41.02
N GLY D 153 20.25 63.44 -41.33
CA GLY D 153 21.69 63.31 -41.52
C GLY D 153 22.47 63.08 -40.25
N GLU D 154 21.85 63.29 -39.09
CA GLU D 154 22.50 63.01 -37.82
C GLU D 154 22.81 61.53 -37.70
N MET D 155 23.95 61.23 -37.08
CA MET D 155 24.41 59.84 -37.09
C MET D 155 23.49 58.94 -36.27
N MET D 156 22.97 59.44 -35.17
CA MET D 156 22.10 58.61 -34.34
C MET D 156 20.77 58.34 -35.02
N ALA D 157 20.28 59.27 -35.84
CA ALA D 157 19.08 58.99 -36.62
C ALA D 157 19.33 57.89 -37.64
N ILE D 158 20.48 57.92 -38.32
CA ILE D 158 20.82 56.88 -39.29
C ILE D 158 21.07 55.55 -38.59
N TYR D 159 21.71 55.60 -37.43
CA TYR D 159 21.92 54.37 -36.65
C TYR D 159 20.59 53.80 -36.19
N ALA D 160 19.67 54.65 -35.78
CA ALA D 160 18.33 54.20 -35.40
C ALA D 160 17.59 53.62 -36.59
N ALA D 161 17.74 54.23 -37.77
CA ALA D 161 17.12 53.71 -38.98
C ALA D 161 17.70 52.35 -39.35
N ASN D 162 19.02 52.21 -39.22
CA ASN D 162 19.67 50.93 -39.45
C ASN D 162 19.19 49.86 -38.46
N ASN D 163 19.03 50.23 -37.20
CA ASN D 163 18.53 49.31 -36.19
C ASN D 163 17.13 48.84 -36.51
N ILE D 164 16.27 49.73 -36.98
CA ILE D 164 14.91 49.37 -37.35
C ILE D 164 14.92 48.39 -38.51
N CYS D 165 15.84 48.57 -39.45
CA CYS D 165 15.98 47.64 -40.56
C CYS D 165 16.37 46.24 -40.08
N LYS D 166 17.29 46.16 -39.12
CA LYS D 166 17.64 44.87 -38.53
C LYS D 166 16.42 44.16 -37.97
N GLY D 167 15.62 44.87 -37.17
CA GLY D 167 14.43 44.29 -36.59
C GLY D 167 13.33 44.04 -37.57
N LEU D 168 13.34 44.75 -38.69
CA LEU D 168 12.32 44.63 -39.71
C LEU D 168 12.50 43.41 -40.59
N ALA D 169 13.70 42.83 -40.60
CA ALA D 169 13.93 41.59 -41.34
C ALA D 169 12.92 40.51 -40.95
N LYS D 170 12.64 40.38 -39.66
CA LYS D 170 11.76 39.32 -39.18
C LYS D 170 10.35 39.48 -39.76
N TYR D 171 9.83 40.69 -39.76
CA TYR D 171 8.47 40.89 -40.22
C TYR D 171 8.40 40.93 -41.74
N ALA D 172 9.48 41.28 -42.42
CA ALA D 172 9.52 41.12 -43.86
C ALA D 172 9.42 39.67 -44.26
N ARG D 173 10.00 38.77 -43.47
CA ARG D 173 9.88 37.34 -43.73
C ARG D 173 8.51 36.81 -43.34
N GLN D 174 7.98 37.25 -42.21
CA GLN D 174 6.76 36.65 -41.68
C GLN D 174 5.52 37.19 -42.37
N SER D 175 5.37 38.51 -42.43
CA SER D 175 4.16 39.11 -42.95
C SER D 175 4.34 39.73 -44.33
N GLY D 176 5.54 39.70 -44.89
CA GLY D 176 5.72 40.29 -46.20
C GLY D 176 5.75 41.80 -46.24
N VAL D 177 5.91 42.47 -45.09
CA VAL D 177 6.01 43.91 -45.08
C VAL D 177 7.29 44.36 -45.78
N ARG D 178 7.23 45.50 -46.46
CA ARG D 178 8.35 46.00 -47.23
C ARG D 178 8.68 47.42 -46.82
N LEU D 179 9.95 47.78 -47.01
CA LEU D 179 10.42 49.13 -46.75
C LEU D 179 10.23 49.97 -48.02
N GLY D 180 9.37 50.97 -47.95
CA GLY D 180 9.09 51.79 -49.11
C GLY D 180 10.09 52.88 -49.39
N GLY D 181 10.94 53.21 -48.42
CA GLY D 181 11.91 54.27 -48.62
C GLY D 181 12.19 54.98 -47.31
N ILE D 182 13.12 55.92 -47.36
CA ILE D 182 13.54 56.69 -46.19
C ILE D 182 13.12 58.13 -46.40
N ILE D 183 12.25 58.62 -45.54
CA ILE D 183 11.90 60.04 -45.52
C ILE D 183 12.97 60.76 -44.73
N CYS D 184 13.53 61.81 -45.29
CA CYS D 184 14.57 62.57 -44.62
C CYS D 184 13.98 63.87 -44.12
N ASN D 185 13.82 63.97 -42.82
CA ASN D 185 13.45 65.22 -42.16
C ASN D 185 14.74 65.97 -41.85
N SER D 186 14.97 67.07 -42.54
CA SER D 186 16.25 67.75 -42.41
C SER D 186 16.47 68.26 -41.00
N ARG D 187 17.66 67.98 -40.46
CA ARG D 187 18.10 68.58 -39.21
C ARG D 187 19.20 69.60 -39.43
N ASN D 188 19.37 70.06 -40.68
CA ASN D 188 20.37 71.07 -41.02
C ASN D 188 21.78 70.58 -40.68
N VAL D 189 22.08 69.37 -41.09
CA VAL D 189 23.39 68.76 -40.92
C VAL D 189 24.21 69.02 -42.16
N ASP D 190 25.48 69.37 -41.99
CA ASP D 190 26.37 69.58 -43.12
C ASP D 190 26.60 68.27 -43.85
N GLY D 191 26.29 68.23 -45.14
CA GLY D 191 26.39 67.02 -45.93
C GLY D 191 25.23 66.07 -45.77
N GLU D 192 24.07 66.57 -45.31
CA GLU D 192 22.95 65.71 -44.95
C GLU D 192 22.42 64.95 -46.16
N LYS D 193 22.25 65.64 -47.29
CA LYS D 193 21.72 65.01 -48.49
C LYS D 193 22.63 63.89 -48.97
N GLU D 194 23.94 64.12 -48.96
CA GLU D 194 24.90 63.11 -49.41
C GLU D 194 24.89 61.90 -48.49
N PHE D 195 24.86 62.13 -47.18
CA PHE D 195 24.83 61.03 -46.23
C PHE D 195 23.58 60.17 -46.41
N LEU D 196 22.43 60.81 -46.60
CA LEU D 196 21.20 60.05 -46.79
C LEU D 196 21.24 59.25 -48.08
N GLU D 197 21.71 59.85 -49.17
CA GLU D 197 21.79 59.11 -50.43
C GLU D 197 22.69 57.90 -50.28
N GLU D 198 23.86 58.09 -49.67
CA GLU D 198 24.81 57.00 -49.54
C GLU D 198 24.28 55.89 -48.63
N PHE D 199 23.66 56.24 -47.51
CA PHE D 199 23.10 55.24 -46.61
C PHE D 199 21.97 54.46 -47.27
N THR D 200 21.05 55.18 -47.92
CA THR D 200 19.92 54.51 -48.58
C THR D 200 20.40 53.59 -49.67
N LYS D 201 21.55 53.89 -50.25
CA LYS D 201 22.09 53.05 -51.31
C LYS D 201 22.73 51.80 -50.74
N ALA D 202 23.42 51.93 -49.61
CA ALA D 202 24.13 50.79 -49.05
C ALA D 202 23.18 49.74 -48.48
N ILE D 203 21.98 50.14 -48.05
CA ILE D 203 21.01 49.17 -47.55
C ILE D 203 19.99 48.75 -48.60
N GLY D 204 19.99 49.36 -49.77
CA GLY D 204 19.14 48.92 -50.85
C GLY D 204 17.83 49.64 -51.01
N THR D 205 17.69 50.85 -50.48
CA THR D 205 16.44 51.58 -50.61
C THR D 205 16.69 52.95 -51.20
N LYS D 206 15.70 53.84 -51.15
CA LYS D 206 15.84 55.18 -51.68
C LYS D 206 15.32 56.20 -50.69
N MET D 207 15.89 57.41 -50.74
CA MET D 207 15.35 58.54 -50.01
C MET D 207 14.17 59.07 -50.78
N ILE D 208 12.96 58.74 -50.32
CA ILE D 208 11.77 59.02 -51.12
C ILE D 208 11.49 60.51 -51.21
N HIS D 209 11.78 61.28 -50.16
CA HIS D 209 11.58 62.73 -50.23
C HIS D 209 12.47 63.39 -49.20
N PHE D 210 12.74 64.67 -49.43
CA PHE D 210 13.50 65.51 -48.51
C PHE D 210 12.59 66.59 -47.97
N VAL D 211 12.40 66.62 -46.65
CA VAL D 211 11.50 67.55 -46.00
C VAL D 211 12.35 68.64 -45.37
N PRO D 212 12.28 69.88 -45.85
CA PRO D 212 13.10 70.95 -45.27
C PRO D 212 12.71 71.25 -43.84
N ARG D 213 13.70 71.67 -43.06
CA ARG D 213 13.47 72.14 -41.70
C ARG D 213 13.00 73.57 -41.75
N ASP D 214 11.73 73.81 -41.40
CA ASP D 214 11.14 75.13 -41.49
C ASP D 214 10.35 75.43 -40.23
N ASN D 215 10.37 76.69 -39.81
CA ASN D 215 9.70 77.08 -38.57
C ASN D 215 8.21 77.29 -38.74
N ILE D 216 7.70 77.32 -39.97
CA ILE D 216 6.26 77.36 -40.16
C ILE D 216 5.61 76.10 -39.59
N VAL D 217 6.34 74.98 -39.59
CA VAL D 217 5.84 73.79 -38.95
C VAL D 217 5.64 74.03 -37.45
N GLN D 218 6.59 74.72 -36.82
CA GLN D 218 6.41 75.06 -35.41
C GLN D 218 5.23 76.00 -35.20
N LYS D 219 5.07 77.00 -36.08
CA LYS D 219 3.97 77.95 -35.94
C LYS D 219 2.62 77.25 -36.07
N ALA D 220 2.49 76.39 -37.07
CA ALA D 220 1.26 75.63 -37.23
C ALA D 220 1.00 74.72 -36.05
N GLU D 221 2.04 74.06 -35.55
CA GLU D 221 1.89 73.17 -34.41
C GLU D 221 1.42 73.92 -33.17
N PHE D 222 1.96 75.12 -32.94
CA PHE D 222 1.45 75.95 -31.85
C PHE D 222 -0.01 76.32 -32.04
N ASN D 223 -0.48 76.35 -33.29
CA ASN D 223 -1.85 76.71 -33.60
C ASN D 223 -2.76 75.50 -33.74
N LYS D 224 -2.32 74.34 -33.26
CA LYS D 224 -3.12 73.12 -33.22
C LYS D 224 -3.49 72.60 -34.59
N GLN D 225 -2.75 72.94 -35.63
CA GLN D 225 -3.08 72.47 -36.97
C GLN D 225 -1.83 72.12 -37.75
N THR D 226 -2.03 71.54 -38.93
CA THR D 226 -0.96 71.22 -39.85
C THR D 226 -0.57 72.45 -40.65
N VAL D 227 0.49 72.31 -41.45
CA VAL D 227 0.87 73.38 -42.36
C VAL D 227 -0.19 73.58 -43.42
N THR D 228 -0.74 72.48 -43.95
CA THR D 228 -1.77 72.56 -44.98
C THR D 228 -2.99 73.32 -44.49
N GLU D 229 -3.45 73.01 -43.27
CA GLU D 229 -4.56 73.77 -42.69
C GLU D 229 -4.14 75.20 -42.40
N PHE D 230 -2.90 75.40 -41.93
CA PHE D 230 -2.41 76.71 -41.55
C PHE D 230 -2.20 77.60 -42.76
N GLN D 231 -1.54 77.09 -43.79
CA GLN D 231 -1.07 77.92 -44.88
C GLN D 231 -0.91 77.05 -46.13
N PRO D 232 -1.98 76.80 -46.86
CA PRO D 232 -1.89 75.87 -48.00
C PRO D 232 -0.89 76.30 -49.05
N GLU D 233 -0.66 77.59 -49.21
CA GLU D 233 0.23 78.09 -50.25
C GLU D 233 1.66 78.31 -49.75
N ALA D 234 1.96 77.91 -48.53
CA ALA D 234 3.33 77.98 -48.06
C ALA D 234 4.18 76.95 -48.79
N ASN D 235 5.50 77.16 -48.77
CA ASN D 235 6.39 76.21 -49.41
C ASN D 235 6.36 74.86 -48.70
N GLN D 236 6.30 74.88 -47.37
CA GLN D 236 6.31 73.63 -46.62
C GLN D 236 5.09 72.78 -46.92
N ALA D 237 3.93 73.42 -47.12
CA ALA D 237 2.74 72.68 -47.51
C ALA D 237 2.93 71.99 -48.85
N GLN D 238 3.57 72.67 -49.81
CA GLN D 238 3.89 72.04 -51.08
C GLN D 238 4.89 70.90 -50.93
N GLU D 239 5.79 70.99 -49.95
CA GLU D 239 6.70 69.88 -49.68
C GLU D 239 5.96 68.64 -49.20
N TYR D 240 4.92 68.83 -48.38
CA TYR D 240 4.13 67.69 -47.94
C TYR D 240 3.25 67.18 -49.08
N ARG D 241 2.91 68.05 -50.01
CA ARG D 241 2.10 67.66 -51.15
C ARG D 241 2.92 66.81 -52.10
N GLU D 242 4.22 67.09 -52.18
CA GLU D 242 5.11 66.32 -53.02
C GLU D 242 5.45 64.98 -52.38
N LEU D 243 5.65 64.98 -51.07
CA LEU D 243 5.87 63.72 -50.36
C LEU D 243 4.66 62.81 -50.49
N GLY D 244 3.46 63.38 -50.35
CA GLY D 244 2.27 62.58 -50.52
C GLY D 244 2.13 62.00 -51.91
N ARG D 245 2.41 62.81 -52.93
CA ARG D 245 2.37 62.31 -54.29
C ARG D 245 3.40 61.21 -54.51
N LYS D 246 4.61 61.38 -53.98
CA LYS D 246 5.63 60.36 -54.12
C LYS D 246 5.24 59.07 -53.41
N ILE D 247 4.55 59.18 -52.27
CA ILE D 247 4.04 57.99 -51.60
C ILE D 247 2.97 57.33 -52.46
N ILE D 248 2.09 58.12 -53.07
CA ILE D 248 1.04 57.56 -53.91
C ILE D 248 1.64 56.79 -55.08
N GLU D 249 2.62 57.39 -55.76
CA GLU D 249 3.20 56.82 -56.96
C GLU D 249 4.43 55.98 -56.66
N ASN D 250 4.54 55.42 -55.47
CA ASN D 250 5.68 54.62 -55.09
C ASN D 250 5.49 53.18 -55.51
N GLU D 251 6.53 52.59 -56.09
CA GLU D 251 6.53 51.18 -56.49
C GLU D 251 7.80 50.46 -56.09
N ASP D 252 8.65 51.05 -55.25
CA ASP D 252 9.92 50.46 -54.84
C ASP D 252 9.80 49.99 -53.41
N PHE D 253 9.48 48.71 -53.24
CA PHE D 253 9.30 48.12 -51.92
C PHE D 253 10.23 46.93 -51.78
N VAL D 254 11.18 47.02 -50.84
CA VAL D 254 12.30 46.12 -50.76
C VAL D 254 12.47 45.64 -49.33
N ILE D 255 13.32 44.63 -49.15
CA ILE D 255 13.77 44.17 -47.84
C ILE D 255 15.11 44.84 -47.57
N PRO D 256 15.21 45.76 -46.62
CA PRO D 256 16.48 46.45 -46.39
C PRO D 256 17.57 45.48 -45.96
N LYS D 257 18.78 45.71 -46.44
CA LYS D 257 19.91 44.93 -45.99
C LYS D 257 20.69 45.77 -45.01
N PRO D 258 20.61 45.49 -43.70
CA PRO D 258 21.25 46.38 -42.73
C PRO D 258 22.76 46.32 -42.83
N LEU D 259 23.39 47.42 -42.45
CA LEU D 259 24.83 47.55 -42.46
C LEU D 259 25.40 47.10 -41.12
N ALA D 260 26.43 46.26 -41.16
CA ALA D 260 27.22 46.06 -39.96
C ALA D 260 27.82 47.39 -39.54
N MET D 261 27.93 47.60 -38.22
CA MET D 261 28.26 48.93 -37.74
C MET D 261 29.64 49.41 -38.20
N ASP D 262 30.53 48.50 -38.57
CA ASP D 262 31.81 48.93 -39.12
C ASP D 262 31.64 49.61 -40.47
N GLU D 263 30.70 49.11 -41.29
CA GLU D 263 30.41 49.77 -42.55
C GLU D 263 29.85 51.16 -42.31
N LEU D 264 28.95 51.30 -41.33
CA LEU D 264 28.40 52.61 -41.01
C LEU D 264 29.48 53.52 -40.43
N GLU D 265 30.40 52.98 -39.65
CA GLU D 265 31.52 53.77 -39.13
C GLU D 265 32.41 54.29 -40.26
N ALA D 266 32.72 53.44 -41.24
CA ALA D 266 33.51 53.88 -42.38
C ALA D 266 32.77 54.92 -43.22
N MET D 267 31.46 54.80 -43.32
CA MET D 267 30.67 55.72 -44.13
C MET D 267 30.66 57.13 -43.57
N VAL D 268 30.60 57.27 -42.23
CA VAL D 268 30.46 58.59 -41.63
C VAL D 268 31.75 59.38 -41.55
N VAL D 269 32.87 58.85 -42.05
CA VAL D 269 34.14 59.54 -41.95
C VAL D 269 34.15 60.76 -42.87
N LYS D 270 33.61 60.63 -44.08
CA LYS D 270 33.62 61.72 -45.04
C LYS D 270 32.87 62.94 -44.54
N TYR D 271 32.04 62.79 -43.53
CA TYR D 271 31.19 63.86 -43.04
C TYR D 271 31.67 64.47 -41.74
N GLY D 272 32.67 63.87 -41.10
CA GLY D 272 33.30 64.49 -39.95
C GLY D 272 34.56 65.24 -40.31
N LEU D 273 34.44 66.28 -41.13
CA LEU D 273 35.60 67.05 -41.54
C LEU D 273 35.42 68.54 -41.29
N THR E 2 28.31 59.81 -3.69
CA THR E 2 28.05 59.70 -5.11
C THR E 2 26.69 60.26 -5.44
N ARG E 3 26.63 61.07 -6.49
CA ARG E 3 25.38 61.65 -6.95
C ARG E 3 24.86 60.85 -8.13
N LYS E 4 23.80 60.08 -7.91
CA LYS E 4 23.23 59.24 -8.94
C LYS E 4 22.14 60.01 -9.67
N ILE E 5 22.26 60.09 -11.00
CA ILE E 5 21.43 60.96 -11.82
C ILE E 5 20.86 60.15 -12.98
N ALA E 6 19.59 60.39 -13.27
CA ALA E 6 18.93 59.82 -14.43
C ALA E 6 18.53 60.94 -15.37
N ILE E 7 18.68 60.70 -16.67
CA ILE E 7 18.35 61.69 -17.69
C ILE E 7 17.13 61.20 -18.44
N TYR E 8 16.11 62.05 -18.53
CA TYR E 8 14.91 61.77 -19.28
C TYR E 8 14.66 62.91 -20.25
N GLY E 9 13.68 62.73 -21.11
CA GLY E 9 13.33 63.75 -22.07
C GLY E 9 12.73 63.13 -23.32
N LYS E 10 12.30 64.01 -24.22
CA LYS E 10 11.72 63.54 -25.47
C LYS E 10 12.73 62.71 -26.25
N GLY E 11 12.22 61.76 -27.03
CA GLY E 11 13.10 60.97 -27.86
C GLY E 11 13.90 61.84 -28.80
N GLY E 12 15.18 61.51 -28.93
CA GLY E 12 16.06 62.19 -29.86
C GLY E 12 16.32 63.65 -29.56
N ILE E 13 15.98 64.10 -28.36
CA ILE E 13 16.23 65.48 -27.96
C ILE E 13 17.68 65.77 -27.66
N GLY E 14 18.51 64.73 -27.49
CA GLY E 14 19.92 64.88 -27.24
C GLY E 14 20.36 64.35 -25.89
N LYS E 15 19.56 63.45 -25.31
CA LYS E 15 19.88 62.91 -23.99
C LYS E 15 21.24 62.22 -23.97
N SER E 16 21.46 61.31 -24.92
CA SER E 16 22.71 60.56 -24.93
C SER E 16 23.88 61.46 -25.24
N THR E 17 23.74 62.34 -26.22
CA THR E 17 24.79 63.27 -26.59
C THR E 17 25.12 64.19 -25.42
N THR E 18 24.09 64.76 -24.79
CA THR E 18 24.31 65.66 -23.67
C THR E 18 24.94 64.95 -22.48
N THR E 19 24.49 63.73 -22.19
CA THR E 19 25.05 62.98 -21.06
C THR E 19 26.52 62.67 -21.28
N GLN E 20 26.87 62.15 -22.46
CA GLN E 20 28.26 61.82 -22.73
C GLN E 20 29.13 63.07 -22.76
N ASN E 21 28.62 64.14 -23.36
CA ASN E 21 29.41 65.37 -23.43
C ASN E 21 29.58 66.03 -22.08
N THR E 22 28.53 66.05 -21.27
CA THR E 22 28.64 66.58 -19.91
C THR E 22 29.53 65.72 -19.05
N ALA E 23 29.49 64.40 -19.23
CA ALA E 23 30.38 63.52 -18.51
C ALA E 23 31.82 63.77 -18.88
N ALA E 24 32.10 63.96 -20.17
CA ALA E 24 33.46 64.28 -20.59
C ALA E 24 33.92 65.60 -19.99
N ALA E 25 33.06 66.61 -20.01
CA ALA E 25 33.40 67.90 -19.42
C ALA E 25 33.59 67.77 -17.92
N LEU E 26 32.79 66.93 -17.27
CA LEU E 26 32.96 66.73 -15.84
C LEU E 26 34.29 66.06 -15.53
N ALA E 27 34.68 65.07 -16.32
CA ALA E 27 35.93 64.38 -16.09
C ALA E 27 37.14 65.23 -16.46
N PHE E 28 37.02 66.06 -17.49
CA PHE E 28 38.17 66.79 -18.01
C PHE E 28 38.32 68.15 -17.35
N PHE E 29 37.24 68.93 -17.27
CA PHE E 29 37.31 70.27 -16.72
C PHE E 29 37.14 70.31 -15.20
N HIS E 30 36.52 69.30 -14.61
CA HIS E 30 36.24 69.31 -13.18
C HIS E 30 36.85 68.13 -12.43
N GLU E 31 37.54 67.24 -13.12
CA GLU E 31 38.25 66.12 -12.50
C GLU E 31 37.34 65.31 -11.58
N LYS E 32 36.28 64.79 -12.17
CA LYS E 32 35.27 64.03 -11.44
C LYS E 32 35.29 62.59 -11.94
N ASN E 33 35.01 61.66 -11.03
CA ASN E 33 34.84 60.26 -11.41
C ASN E 33 33.41 60.04 -11.86
N VAL E 34 33.23 59.66 -13.12
CA VAL E 34 31.92 59.58 -13.74
C VAL E 34 31.67 58.16 -14.23
N PHE E 35 30.44 57.70 -14.03
CA PHE E 35 29.96 56.43 -14.54
C PHE E 35 28.74 56.68 -15.40
N ILE E 36 28.64 55.98 -16.53
CA ILE E 36 27.45 56.04 -17.37
C ILE E 36 26.90 54.63 -17.50
N HIS E 37 25.63 54.46 -17.14
CA HIS E 37 24.89 53.24 -17.39
C HIS E 37 23.84 53.55 -18.44
N GLY E 38 24.01 53.00 -19.64
CA GLY E 38 23.03 53.19 -20.70
C GLY E 38 21.88 52.23 -20.54
N CYS E 39 20.67 52.75 -20.58
CA CYS E 39 19.45 51.99 -20.35
C CYS E 39 18.57 51.99 -21.59
N ASP E 40 19.19 51.93 -22.76
CA ASP E 40 18.52 51.90 -24.03
C ASP E 40 18.92 50.61 -24.75
N PRO E 41 17.97 49.78 -25.17
CA PRO E 41 18.36 48.51 -25.79
C PRO E 41 19.24 48.65 -27.02
N LYS E 42 19.12 49.74 -27.78
CA LYS E 42 19.97 49.88 -28.94
C LYS E 42 21.41 50.21 -28.57
N ALA E 43 21.68 50.50 -27.30
CA ALA E 43 23.03 50.54 -26.72
C ALA E 43 23.93 51.51 -27.47
N ASP E 44 23.49 52.77 -27.52
CA ASP E 44 24.21 53.85 -28.17
C ASP E 44 24.54 54.99 -27.22
N SER E 45 24.47 54.72 -25.91
CA SER E 45 24.64 55.74 -24.89
C SER E 45 26.10 55.94 -24.48
N THR E 46 27.01 55.13 -25.00
CA THR E 46 28.40 55.16 -24.56
C THR E 46 29.38 55.17 -25.72
N ARG E 47 28.92 55.53 -26.93
CA ARG E 47 29.79 55.53 -28.09
C ARG E 47 30.81 56.65 -28.03
N LEU E 48 30.40 57.84 -27.60
CA LEU E 48 31.29 58.99 -27.62
C LEU E 48 32.37 58.90 -26.56
N ILE E 49 32.16 58.10 -25.51
CA ILE E 49 33.16 57.94 -24.47
C ILE E 49 34.12 56.80 -24.79
N LEU E 50 33.59 55.67 -25.23
CA LEU E 50 34.41 54.51 -25.57
C LEU E 50 35.05 54.62 -26.93
N GLY E 51 34.67 55.60 -27.75
CA GLY E 51 35.15 55.66 -29.11
C GLY E 51 34.66 54.55 -29.99
N GLY E 52 33.38 54.20 -29.89
CA GLY E 52 32.79 53.12 -30.65
C GLY E 52 31.85 52.33 -29.76
N LEU E 53 30.86 51.69 -30.37
CA LEU E 53 29.89 50.92 -29.58
C LEU E 53 30.55 49.74 -28.90
N PRO E 54 30.32 49.55 -27.60
CA PRO E 54 30.79 48.34 -26.93
C PRO E 54 30.15 47.14 -27.58
N GLN E 55 30.86 46.02 -27.55
CA GLN E 55 30.28 44.82 -28.12
C GLN E 55 29.74 43.89 -27.05
N GLN E 56 29.98 44.20 -25.78
CA GLN E 56 29.46 43.41 -24.67
C GLN E 56 28.45 44.25 -23.89
N THR E 57 27.22 43.77 -23.83
CA THR E 57 26.15 44.40 -23.08
C THR E 57 25.77 43.44 -21.96
N VAL E 58 25.24 43.98 -20.88
CA VAL E 58 24.82 43.13 -19.78
C VAL E 58 23.83 42.08 -20.26
N MET E 59 22.92 42.46 -21.16
CA MET E 59 21.91 41.55 -21.66
C MET E 59 22.46 40.53 -22.66
N ASP E 60 23.38 40.94 -23.54
CA ASP E 60 24.04 39.96 -24.40
C ASP E 60 24.79 38.92 -23.61
N THR E 61 25.37 39.30 -22.49
CA THR E 61 26.08 38.34 -21.66
C THR E 61 25.13 37.41 -20.94
N LEU E 62 24.01 37.92 -20.44
CA LEU E 62 23.00 37.05 -19.84
C LEU E 62 22.45 36.07 -20.86
N ARG E 63 22.33 36.46 -22.12
CA ARG E 63 21.78 35.61 -23.19
C ARG E 63 22.76 34.48 -23.52
N ILE E 64 24.06 34.77 -23.49
CA ILE E 64 25.04 33.77 -23.91
C ILE E 64 25.51 32.92 -22.74
N GLU E 65 25.82 33.54 -21.60
CA GLU E 65 26.40 32.80 -20.49
C GLU E 65 25.47 32.58 -19.31
N GLY E 66 24.47 33.42 -19.14
CA GLY E 66 23.60 33.32 -17.98
C GLY E 66 23.73 34.53 -17.10
N ALA E 67 22.78 34.74 -16.18
CA ALA E 67 22.87 35.88 -15.29
C ALA E 67 23.97 35.69 -14.26
N GLU E 68 24.15 34.46 -13.77
CA GLU E 68 25.13 34.21 -12.73
C GLU E 68 26.57 34.31 -13.23
N ARG E 69 26.78 34.36 -14.53
CA ARG E 69 28.12 34.48 -15.09
C ARG E 69 28.39 35.88 -15.64
N VAL E 70 27.53 36.85 -15.34
CA VAL E 70 27.85 38.24 -15.65
C VAL E 70 28.82 38.75 -14.59
N THR E 71 29.86 39.42 -15.04
CA THR E 71 30.88 39.99 -14.18
C THR E 71 31.05 41.45 -14.53
N VAL E 72 31.59 42.20 -13.57
CA VAL E 72 31.80 43.64 -13.72
C VAL E 72 33.06 43.86 -14.53
N ASP E 73 33.62 42.78 -15.05
CA ASP E 73 34.78 42.89 -15.91
C ASP E 73 34.47 42.58 -17.36
N LYS E 74 33.44 41.78 -17.64
CA LYS E 74 33.11 41.47 -19.02
C LYS E 74 32.29 42.58 -19.67
N VAL E 75 31.55 43.36 -18.90
CA VAL E 75 30.62 44.32 -19.48
C VAL E 75 30.96 45.77 -19.19
N VAL E 76 31.70 46.10 -18.13
CA VAL E 76 32.01 47.49 -17.81
C VAL E 76 33.31 47.87 -18.50
N LYS E 77 33.25 48.92 -19.33
CA LYS E 77 34.39 49.41 -20.10
C LYS E 77 34.83 50.78 -19.59
N THR E 78 36.00 51.20 -20.05
CA THR E 78 36.62 52.46 -19.63
C THR E 78 36.93 53.28 -20.87
N GLY E 79 36.56 54.56 -20.86
CA GLY E 79 36.78 55.39 -22.01
C GLY E 79 37.55 56.66 -21.68
N PHE E 80 37.09 57.76 -22.27
CA PHE E 80 37.76 59.05 -22.16
C PHE E 80 37.87 59.48 -20.71
N LYS E 81 39.08 59.87 -20.29
CA LYS E 81 39.36 60.29 -18.92
C LYS E 81 38.90 59.25 -17.90
N ASP E 82 39.01 57.98 -18.29
CA ASP E 82 38.67 56.84 -17.44
C ASP E 82 37.24 56.91 -16.90
N ILE E 83 36.32 57.32 -17.77
CA ILE E 83 34.90 57.23 -17.45
C ILE E 83 34.46 55.80 -17.67
N ARG E 84 33.86 55.19 -16.65
CA ARG E 84 33.41 53.82 -16.72
C ARG E 84 32.03 53.77 -17.34
N CYS E 85 31.82 52.87 -18.29
CA CYS E 85 30.60 52.79 -19.05
C CYS E 85 30.11 51.36 -19.11
N VAL E 86 28.80 51.17 -18.96
CA VAL E 86 28.17 49.89 -19.20
C VAL E 86 26.91 50.13 -20.00
N GLU E 87 26.54 49.16 -20.83
CA GLU E 87 25.30 49.21 -21.59
C GLU E 87 24.38 48.08 -21.15
N SER E 88 23.12 48.42 -20.92
CA SER E 88 22.12 47.41 -20.58
C SER E 88 21.94 46.41 -21.71
N GLY E 89 21.89 46.88 -22.93
CA GLY E 89 21.62 46.03 -24.06
C GLY E 89 20.15 45.69 -24.18
N GLY E 90 19.88 44.72 -25.01
CA GLY E 90 18.51 44.27 -25.19
C GLY E 90 18.27 43.76 -26.58
N PRO E 91 17.02 43.54 -26.92
CA PRO E 91 16.69 42.97 -28.22
C PRO E 91 16.77 43.99 -29.35
N GLU E 92 16.77 43.48 -30.57
CA GLU E 92 16.57 44.31 -31.74
C GLU E 92 15.10 44.73 -31.79
N PRO E 93 14.79 45.81 -32.48
CA PRO E 93 13.41 46.34 -32.42
C PRO E 93 12.37 45.31 -32.86
N GLY E 94 11.27 45.28 -32.11
CA GLY E 94 10.12 44.46 -32.46
C GLY E 94 10.05 43.09 -31.82
N VAL E 95 10.90 42.78 -30.85
CA VAL E 95 10.90 41.48 -30.19
C VAL E 95 11.26 41.66 -28.73
N GLY E 96 10.74 40.76 -27.91
CA GLY E 96 11.15 40.71 -26.52
C GLY E 96 10.64 41.83 -25.65
N CYS E 97 11.49 42.27 -24.74
CA CYS E 97 11.08 43.18 -23.68
C CYS E 97 12.34 43.87 -23.20
N ALA E 98 12.59 45.06 -23.73
CA ALA E 98 13.70 45.86 -23.24
C ALA E 98 13.48 46.31 -21.81
N GLY E 99 12.23 46.57 -21.42
CA GLY E 99 11.94 46.95 -20.05
C GLY E 99 12.43 45.94 -19.03
N ARG E 100 12.14 44.66 -19.26
CA ARG E 100 12.65 43.63 -18.36
C ARG E 100 14.17 43.55 -18.41
N GLY E 101 14.75 43.73 -19.60
CA GLY E 101 16.19 43.72 -19.70
C GLY E 101 16.84 44.82 -18.88
N VAL E 102 16.23 46.00 -18.85
CA VAL E 102 16.77 47.08 -18.04
C VAL E 102 16.62 46.78 -16.55
N ILE E 103 15.48 46.22 -16.14
CA ILE E 103 15.32 45.81 -14.75
C ILE E 103 16.42 44.84 -14.36
N THR E 104 16.65 43.81 -15.18
CA THR E 104 17.63 42.79 -14.86
C THR E 104 19.04 43.34 -14.91
N ALA E 105 19.33 44.21 -15.88
CA ALA E 105 20.67 44.75 -16.02
C ALA E 105 21.05 45.61 -14.82
N ILE E 106 20.15 46.47 -14.36
CA ILE E 106 20.45 47.32 -13.21
C ILE E 106 20.51 46.49 -11.94
N ASP E 107 19.66 45.47 -11.83
CA ASP E 107 19.77 44.55 -10.71
C ASP E 107 21.14 43.87 -10.67
N LEU E 108 21.62 43.41 -11.83
CA LEU E 108 22.90 42.72 -11.87
C LEU E 108 24.05 43.64 -11.53
N MET E 109 24.00 44.89 -11.97
CA MET E 109 25.10 45.81 -11.68
C MET E 109 25.12 46.21 -10.21
N GLU E 110 23.98 46.18 -9.53
CA GLU E 110 23.99 46.39 -8.10
C GLU E 110 24.52 45.17 -7.36
N GLU E 111 24.15 43.98 -7.83
CA GLU E 111 24.59 42.75 -7.19
C GLU E 111 26.11 42.62 -7.28
N ASN E 112 26.70 43.03 -8.39
CA ASN E 112 28.12 42.89 -8.63
C ASN E 112 28.89 44.15 -8.28
N GLU E 113 28.27 45.09 -7.58
CA GLU E 113 28.94 46.29 -7.10
C GLU E 113 29.73 46.97 -8.21
N ALA E 114 29.05 47.23 -9.33
CA ALA E 114 29.69 47.90 -10.45
C ALA E 114 29.93 49.37 -10.15
N TYR E 115 29.05 50.00 -9.39
CA TYR E 115 29.15 51.41 -9.05
C TYR E 115 30.04 51.57 -7.82
N SER E 116 31.26 52.03 -8.03
CA SER E 116 32.25 52.12 -6.96
C SER E 116 31.97 53.29 -6.04
N GLU E 117 32.34 53.12 -4.79
CA GLU E 117 32.12 54.15 -3.77
C GLU E 117 32.77 55.47 -4.13
N ASP E 118 33.84 55.46 -4.90
CA ASP E 118 34.58 56.70 -5.15
C ASP E 118 33.99 57.52 -6.28
N LEU E 119 32.87 57.10 -6.85
CA LEU E 119 32.29 57.79 -7.99
C LEU E 119 31.70 59.13 -7.56
N ASP E 120 31.95 60.16 -8.34
CA ASP E 120 31.27 61.41 -8.07
C ASP E 120 29.90 61.46 -8.72
N PHE E 121 29.77 60.91 -9.92
CA PHE E 121 28.52 60.94 -10.66
C PHE E 121 28.27 59.58 -11.27
N LEU E 122 27.02 59.16 -11.24
CA LEU E 122 26.52 57.97 -11.92
C LEU E 122 25.35 58.42 -12.77
N PHE E 123 25.50 58.36 -14.08
CA PHE E 123 24.45 58.79 -15.00
C PHE E 123 23.72 57.57 -15.56
N PHE E 124 22.41 57.52 -15.34
CA PHE E 124 21.55 56.55 -16.01
C PHE E 124 20.95 57.25 -17.21
N ASP E 125 21.44 56.91 -18.39
CA ASP E 125 20.93 57.47 -19.64
C ASP E 125 19.81 56.58 -20.13
N VAL E 126 18.60 57.11 -20.18
CA VAL E 126 17.40 56.33 -20.47
C VAL E 126 16.85 56.79 -21.81
N LEU E 127 16.16 55.89 -22.49
CA LEU E 127 15.48 56.23 -23.74
C LEU E 127 14.41 57.30 -23.58
N GLY E 128 13.76 57.67 -24.68
CA GLY E 128 12.80 58.77 -24.61
C GLY E 128 11.38 58.36 -24.34
N ASP E 129 11.02 57.14 -24.68
CA ASP E 129 9.67 56.64 -24.48
C ASP E 129 9.66 55.72 -23.27
N VAL E 130 9.33 56.29 -22.11
CA VAL E 130 9.27 55.52 -20.89
C VAL E 130 7.94 54.81 -20.93
N VAL E 131 7.91 53.61 -21.51
CA VAL E 131 6.67 52.92 -21.83
C VAL E 131 6.28 51.89 -20.79
N CYS E 132 7.11 51.67 -19.80
CA CYS E 132 6.87 50.59 -18.87
C CYS E 132 7.57 50.95 -17.58
N GLY E 133 7.30 50.16 -16.55
CA GLY E 133 7.94 50.38 -15.28
C GLY E 133 9.39 50.00 -15.26
N GLY E 134 9.86 49.24 -16.25
CA GLY E 134 11.26 48.89 -16.31
C GLY E 134 12.18 50.00 -16.77
N PHE E 135 11.65 51.04 -17.41
CA PHE E 135 12.46 52.17 -17.81
C PHE E 135 12.45 53.27 -16.77
N ALA E 136 11.76 53.04 -15.68
CA ALA E 136 11.73 53.92 -14.52
C ALA E 136 12.49 53.28 -13.38
N MET E 137 13.01 52.08 -13.62
CA MET E 137 13.93 51.45 -12.68
C MET E 137 15.07 52.37 -12.25
N PRO E 138 15.66 53.21 -13.11
CA PRO E 138 16.69 54.14 -12.64
C PRO E 138 16.23 55.13 -11.59
N ILE E 139 14.93 55.32 -11.35
CA ILE E 139 14.49 56.29 -10.35
C ILE E 139 13.79 55.61 -9.19
N ARG E 140 14.10 54.35 -8.94
CA ARG E 140 13.59 53.66 -7.76
C ARG E 140 14.50 53.97 -6.58
N ASP E 141 14.10 53.52 -5.40
CA ASP E 141 14.94 53.70 -4.22
C ASP E 141 16.27 52.97 -4.40
N GLY E 142 17.34 53.61 -3.96
CA GLY E 142 18.67 53.06 -4.16
C GLY E 142 19.28 53.35 -5.51
N LYS E 143 18.59 54.12 -6.35
CA LYS E 143 19.05 54.45 -7.69
C LYS E 143 19.05 55.97 -7.75
N ALA E 144 19.08 56.53 -8.96
CA ALA E 144 19.12 57.96 -9.18
C ALA E 144 18.21 58.70 -8.21
N GLU E 145 18.79 59.67 -7.52
CA GLU E 145 18.04 60.54 -6.63
C GLU E 145 17.64 61.84 -7.29
N GLU E 146 18.28 62.21 -8.38
CA GLU E 146 18.00 63.42 -9.12
C GLU E 146 17.73 63.07 -10.58
N VAL E 147 16.81 63.80 -11.19
CA VAL E 147 16.46 63.62 -12.59
C VAL E 147 16.63 64.95 -13.28
N TYR E 148 17.27 64.93 -14.45
CA TYR E 148 17.31 66.08 -15.34
C TYR E 148 16.57 65.72 -16.61
N ILE E 149 15.63 66.56 -17.00
CA ILE E 149 14.86 66.36 -18.22
C ILE E 149 15.45 67.26 -19.29
N VAL E 150 15.78 66.67 -20.43
CA VAL E 150 16.25 67.41 -21.59
C VAL E 150 15.04 67.76 -22.44
N ALA E 151 14.92 69.02 -22.81
CA ALA E 151 13.80 69.48 -23.63
C ALA E 151 14.33 70.50 -24.62
N SER E 152 13.40 71.17 -25.29
CA SER E 152 13.70 72.22 -26.24
C SER E 152 12.43 73.06 -26.42
N GLY E 153 12.50 74.04 -27.29
CA GLY E 153 11.37 74.92 -27.54
C GLY E 153 10.25 74.33 -28.36
N GLU E 154 10.47 73.16 -28.96
CA GLU E 154 9.42 72.48 -29.71
C GLU E 154 8.30 72.05 -28.77
N MET E 155 7.06 72.27 -29.21
CA MET E 155 5.92 72.00 -28.33
C MET E 155 5.79 70.53 -27.98
N MET E 156 6.17 69.64 -28.89
CA MET E 156 6.16 68.22 -28.58
C MET E 156 7.21 67.85 -27.53
N ALA E 157 8.39 68.49 -27.58
CA ALA E 157 9.39 68.25 -26.56
C ALA E 157 8.91 68.71 -25.19
N ILE E 158 8.26 69.87 -25.13
CA ILE E 158 7.70 70.36 -23.87
C ILE E 158 6.57 69.46 -23.42
N TYR E 159 5.75 68.99 -24.35
CA TYR E 159 4.68 68.07 -24.00
C TYR E 159 5.23 66.77 -23.45
N ALA E 160 6.31 66.26 -24.05
CA ALA E 160 6.96 65.06 -23.54
C ALA E 160 7.58 65.31 -22.18
N ALA E 161 8.15 66.49 -21.96
CA ALA E 161 8.70 66.84 -20.65
C ALA E 161 7.60 66.88 -19.60
N ASN E 162 6.46 67.46 -19.93
CA ASN E 162 5.33 67.49 -19.01
C ASN E 162 4.82 66.10 -18.72
N ASN E 163 4.76 65.25 -19.74
CA ASN E 163 4.34 63.87 -19.56
C ASN E 163 5.29 63.13 -18.64
N ILE E 164 6.59 63.34 -18.81
CA ILE E 164 7.57 62.70 -17.94
C ILE E 164 7.43 63.17 -16.51
N CYS E 165 7.11 64.45 -16.31
CA CYS E 165 6.90 64.98 -14.98
C CYS E 165 5.69 64.34 -14.31
N LYS E 166 4.64 64.06 -15.06
CA LYS E 166 3.50 63.32 -14.51
C LYS E 166 3.94 61.99 -13.90
N GLY E 167 4.68 61.19 -14.66
CA GLY E 167 5.16 59.94 -14.12
C GLY E 167 6.14 60.14 -12.98
N LEU E 168 6.87 61.25 -13.00
CA LEU E 168 7.87 61.49 -11.98
C LEU E 168 7.24 61.98 -10.68
N ALA E 169 6.05 62.57 -10.77
CA ALA E 169 5.31 62.95 -9.58
C ALA E 169 4.89 61.72 -8.79
N LYS E 170 4.43 60.67 -9.47
CA LYS E 170 4.08 59.42 -8.81
C LYS E 170 5.23 58.86 -8.00
N TYR E 171 6.40 58.73 -8.61
CA TYR E 171 7.53 58.15 -7.90
C TYR E 171 8.08 59.08 -6.83
N ALA E 172 7.87 60.39 -6.97
CA ALA E 172 8.28 61.30 -5.92
C ALA E 172 7.59 61.02 -4.60
N ARG E 173 6.39 60.45 -4.63
CA ARG E 173 5.71 60.11 -3.38
C ARG E 173 6.02 58.70 -2.91
N GLN E 174 6.64 57.87 -3.73
CA GLN E 174 7.15 56.58 -3.30
C GLN E 174 8.62 56.63 -2.90
N SER E 175 9.48 57.23 -3.72
CA SER E 175 10.92 56.96 -3.64
C SER E 175 11.82 58.14 -3.27
N GLY E 176 11.34 59.37 -3.25
CA GLY E 176 12.26 60.47 -2.99
C GLY E 176 13.14 60.90 -4.14
N VAL E 177 12.89 60.43 -5.35
CA VAL E 177 13.49 61.00 -6.54
C VAL E 177 12.95 62.41 -6.75
N ARG E 178 13.81 63.32 -7.19
CA ARG E 178 13.42 64.70 -7.38
C ARG E 178 13.86 65.19 -8.75
N LEU E 179 13.22 66.25 -9.21
CA LEU E 179 13.57 66.89 -10.48
C LEU E 179 14.58 67.98 -10.24
N GLY E 180 15.78 67.83 -10.80
CA GLY E 180 16.80 68.84 -10.65
C GLY E 180 16.71 70.02 -11.59
N GLY E 181 15.97 69.89 -12.67
CA GLY E 181 15.80 71.00 -13.60
C GLY E 181 15.55 70.50 -15.00
N ILE E 182 15.45 71.46 -15.92
CA ILE E 182 15.25 71.20 -17.34
C ILE E 182 16.48 71.68 -18.07
N ILE E 183 17.12 70.80 -18.82
CA ILE E 183 18.20 71.18 -19.71
C ILE E 183 17.61 71.45 -21.08
N CYS E 184 17.89 72.60 -21.64
CA CYS E 184 17.34 72.99 -22.93
C CYS E 184 18.39 72.75 -24.00
N ASN E 185 18.20 71.70 -24.80
CA ASN E 185 18.99 71.46 -25.99
C ASN E 185 18.32 72.17 -27.15
N SER E 186 18.91 73.27 -27.59
CA SER E 186 18.23 74.19 -28.50
C SER E 186 17.88 73.55 -29.82
N ARG E 187 16.65 73.77 -30.28
CA ARG E 187 16.23 73.40 -31.61
C ARG E 187 15.94 74.61 -32.49
N ASN E 188 16.37 75.80 -32.06
CA ASN E 188 16.21 77.04 -32.83
C ASN E 188 14.74 77.37 -33.06
N VAL E 189 13.95 77.28 -32.01
CA VAL E 189 12.53 77.59 -32.05
C VAL E 189 12.35 79.07 -31.75
N ASP E 190 11.45 79.72 -32.48
CA ASP E 190 11.15 81.12 -32.20
C ASP E 190 10.44 81.22 -30.86
N GLY E 191 11.01 82.01 -29.95
CA GLY E 191 10.50 82.05 -28.59
C GLY E 191 10.92 80.90 -27.73
N GLU E 192 11.99 80.19 -28.10
CA GLU E 192 12.39 78.98 -27.39
C GLU E 192 12.75 79.28 -25.94
N LYS E 193 13.53 80.34 -25.73
CA LYS E 193 13.95 80.69 -24.37
C LYS E 193 12.76 81.11 -23.52
N GLU E 194 11.87 81.93 -24.07
CA GLU E 194 10.70 82.39 -23.32
C GLU E 194 9.74 81.26 -23.02
N PHE E 195 9.55 80.36 -23.99
CA PHE E 195 8.70 79.19 -23.75
C PHE E 195 9.25 78.33 -22.62
N LEU E 196 10.57 78.09 -22.63
CA LEU E 196 11.17 77.23 -21.62
C LEU E 196 11.13 77.87 -20.24
N GLU E 197 11.37 79.18 -20.17
CA GLU E 197 11.26 79.88 -18.90
C GLU E 197 9.85 79.79 -18.34
N GLU E 198 8.85 80.10 -19.16
CA GLU E 198 7.45 79.97 -18.74
C GLU E 198 7.12 78.55 -18.28
N PHE E 199 7.52 77.55 -19.05
CA PHE E 199 7.16 76.17 -18.69
C PHE E 199 7.83 75.71 -17.40
N THR E 200 9.10 76.04 -17.20
CA THR E 200 9.77 75.63 -15.97
C THR E 200 9.18 76.33 -14.75
N LYS E 201 8.84 77.60 -14.87
CA LYS E 201 8.19 78.30 -13.76
C LYS E 201 6.82 77.70 -13.47
N ALA E 202 6.07 77.35 -14.52
CA ALA E 202 4.72 76.85 -14.34
C ALA E 202 4.69 75.51 -13.62
N ILE E 203 5.73 74.69 -13.76
CA ILE E 203 5.74 73.40 -13.09
C ILE E 203 6.60 73.39 -11.84
N GLY E 204 7.27 74.49 -11.53
CA GLY E 204 8.00 74.58 -10.29
C GLY E 204 9.47 74.22 -10.35
N THR E 205 10.06 74.22 -11.53
CA THR E 205 11.48 73.91 -11.67
C THR E 205 12.16 75.07 -12.39
N LYS E 206 13.40 74.86 -12.79
CA LYS E 206 14.17 75.90 -13.45
C LYS E 206 14.88 75.34 -14.67
N MET E 207 15.19 76.22 -15.60
CA MET E 207 16.11 75.90 -16.69
C MET E 207 17.52 75.94 -16.14
N ILE E 208 18.13 74.79 -15.95
CA ILE E 208 19.47 74.75 -15.36
C ILE E 208 20.50 75.30 -16.34
N HIS E 209 20.36 74.98 -17.62
CA HIS E 209 21.30 75.49 -18.61
C HIS E 209 20.68 75.43 -20.00
N PHE E 210 21.20 76.27 -20.88
CA PHE E 210 20.82 76.33 -22.28
C PHE E 210 21.97 75.85 -23.13
N VAL E 211 21.76 74.78 -23.88
CA VAL E 211 22.79 74.16 -24.69
C VAL E 211 22.51 74.53 -26.15
N PRO E 212 23.38 75.31 -26.80
CA PRO E 212 23.10 75.75 -28.16
C PRO E 212 23.12 74.60 -29.15
N ARG E 213 22.48 74.83 -30.29
CA ARG E 213 22.52 73.91 -31.40
C ARG E 213 23.74 74.23 -32.26
N ASP E 214 24.73 73.35 -32.22
CA ASP E 214 25.96 73.60 -32.96
C ASP E 214 26.35 72.35 -33.76
N ASN E 215 26.87 72.57 -34.97
CA ASN E 215 27.25 71.47 -35.84
C ASN E 215 28.57 70.81 -35.45
N ILE E 216 29.36 71.43 -34.57
CA ILE E 216 30.57 70.78 -34.09
C ILE E 216 30.23 69.53 -33.30
N VAL E 217 29.06 69.50 -32.67
CA VAL E 217 28.63 68.30 -31.97
C VAL E 217 28.49 67.15 -32.94
N GLN E 218 27.86 67.40 -34.08
CA GLN E 218 27.74 66.37 -35.11
C GLN E 218 29.09 65.96 -35.66
N LYS E 219 29.99 66.93 -35.86
CA LYS E 219 31.32 66.60 -36.37
C LYS E 219 32.07 65.70 -35.40
N ALA E 220 32.04 66.03 -34.11
CA ALA E 220 32.68 65.17 -33.11
C ALA E 220 32.05 63.79 -33.07
N GLU E 221 30.73 63.72 -33.18
CA GLU E 221 30.01 62.46 -33.19
C GLU E 221 30.41 61.59 -34.38
N PHE E 222 30.55 62.20 -35.55
CA PHE E 222 31.06 61.47 -36.70
C PHE E 222 32.47 60.97 -36.46
N ASN E 223 33.22 61.64 -35.60
CA ASN E 223 34.58 61.25 -35.25
C ASN E 223 34.62 60.42 -33.98
N LYS E 224 33.47 59.94 -33.51
CA LYS E 224 33.37 59.02 -32.39
C LYS E 224 33.80 59.62 -31.06
N GLN E 225 33.64 60.92 -30.86
CA GLN E 225 34.05 61.50 -29.59
C GLN E 225 33.13 62.63 -29.18
N THR E 226 33.33 63.06 -27.94
CA THR E 226 32.67 64.24 -27.39
C THR E 226 33.39 65.49 -27.86
N VAL E 227 32.72 66.63 -27.72
CA VAL E 227 33.32 67.89 -28.12
C VAL E 227 34.51 68.21 -27.24
N THR E 228 34.43 67.85 -25.96
CA THR E 228 35.55 68.06 -25.04
C THR E 228 36.76 67.25 -25.48
N GLU E 229 36.55 66.04 -25.96
CA GLU E 229 37.65 65.27 -26.53
C GLU E 229 38.06 65.80 -27.90
N PHE E 230 37.09 66.20 -28.72
CA PHE E 230 37.38 66.67 -30.07
C PHE E 230 38.09 68.01 -30.05
N GLN E 231 37.55 68.96 -29.31
CA GLN E 231 38.07 70.34 -29.31
C GLN E 231 37.80 70.94 -27.94
N PRO E 232 38.72 70.77 -26.99
CA PRO E 232 38.47 71.25 -25.63
C PRO E 232 38.20 72.74 -25.52
N GLU E 233 38.78 73.56 -26.39
CA GLU E 233 38.68 75.00 -26.26
C GLU E 233 37.56 75.60 -27.10
N ALA E 234 36.74 74.77 -27.76
CA ALA E 234 35.63 75.26 -28.55
C ALA E 234 34.51 75.78 -27.66
N ASN E 235 33.59 76.52 -28.29
CA ASN E 235 32.51 77.13 -27.51
C ASN E 235 31.51 76.10 -27.00
N GLN E 236 31.24 75.06 -27.79
CA GLN E 236 30.32 74.02 -27.33
C GLN E 236 30.91 73.25 -26.16
N ALA E 237 32.22 73.00 -26.18
CA ALA E 237 32.86 72.36 -25.05
C ALA E 237 32.73 73.21 -23.79
N GLN E 238 32.83 74.52 -23.92
CA GLN E 238 32.64 75.39 -22.77
C GLN E 238 31.20 75.35 -22.25
N GLU E 239 30.22 75.19 -23.15
CA GLU E 239 28.83 75.04 -22.70
C GLU E 239 28.63 73.79 -21.88
N TYR E 240 29.22 72.67 -22.29
CA TYR E 240 29.10 71.45 -21.51
C TYR E 240 29.82 71.58 -20.17
N ARG E 241 30.94 72.29 -20.16
CA ARG E 241 31.65 72.53 -18.92
C ARG E 241 30.82 73.40 -17.97
N GLU E 242 30.17 74.43 -18.50
CA GLU E 242 29.26 75.21 -17.68
C GLU E 242 28.10 74.36 -17.18
N LEU E 243 27.53 73.52 -18.05
CA LEU E 243 26.45 72.65 -17.63
C LEU E 243 26.92 71.69 -16.55
N GLY E 244 28.12 71.15 -16.70
CA GLY E 244 28.67 70.30 -15.65
C GLY E 244 28.84 71.06 -14.35
N ARG E 245 29.32 72.30 -14.43
CA ARG E 245 29.46 73.12 -13.23
C ARG E 245 28.11 73.40 -12.59
N LYS E 246 27.09 73.65 -13.40
CA LYS E 246 25.77 73.94 -12.86
C LYS E 246 25.12 72.72 -12.22
N ILE E 247 25.40 71.52 -12.73
CA ILE E 247 24.94 70.31 -12.06
C ILE E 247 25.64 70.12 -10.73
N ILE E 248 26.95 70.41 -10.69
CA ILE E 248 27.72 70.22 -9.47
C ILE E 248 27.15 71.09 -8.34
N GLU E 249 26.76 72.32 -8.65
CA GLU E 249 26.32 73.27 -7.64
C GLU E 249 24.81 73.32 -7.50
N ASN E 250 24.10 72.30 -7.98
CA ASN E 250 22.65 72.31 -7.95
C ASN E 250 22.13 71.86 -6.59
N GLU E 251 21.19 72.63 -6.03
CA GLU E 251 20.57 72.32 -4.75
C GLU E 251 19.05 72.46 -4.77
N ASP E 252 18.46 72.67 -5.94
CA ASP E 252 17.02 72.90 -6.10
C ASP E 252 16.40 71.64 -6.69
N PHE E 253 15.91 70.76 -5.83
CA PHE E 253 15.31 69.51 -6.24
C PHE E 253 13.88 69.44 -5.74
N VAL E 254 12.93 69.35 -6.66
CA VAL E 254 11.52 69.55 -6.37
C VAL E 254 10.71 68.37 -6.88
N ILE E 255 9.47 68.30 -6.43
CA ILE E 255 8.45 67.46 -7.04
C ILE E 255 7.73 68.30 -8.08
N PRO E 256 7.79 67.93 -9.35
CA PRO E 256 7.18 68.78 -10.38
C PRO E 256 5.67 68.86 -10.24
N LYS E 257 5.10 69.95 -10.72
CA LYS E 257 3.66 70.10 -10.82
C LYS E 257 3.27 70.08 -12.29
N PRO E 258 2.87 68.96 -12.84
CA PRO E 258 2.55 68.91 -14.27
C PRO E 258 1.34 69.76 -14.61
N LEU E 259 1.34 70.30 -15.82
CA LEU E 259 0.26 71.16 -16.28
C LEU E 259 -0.82 70.35 -16.96
N ALA E 260 -2.07 70.66 -16.65
CA ALA E 260 -3.19 70.12 -17.41
C ALA E 260 -3.11 70.62 -18.85
N MET E 261 -3.58 69.80 -19.79
CA MET E 261 -3.31 70.09 -21.19
C MET E 261 -3.94 71.41 -21.63
N ASP E 262 -5.02 71.84 -20.96
CA ASP E 262 -5.62 73.13 -21.28
C ASP E 262 -4.71 74.29 -20.89
N GLU E 263 -3.91 74.12 -19.84
CA GLU E 263 -2.96 75.16 -19.46
C GLU E 263 -1.81 75.26 -20.45
N LEU E 264 -1.30 74.12 -20.89
CA LEU E 264 -0.23 74.12 -21.88
C LEU E 264 -0.73 74.61 -23.23
N GLU E 265 -1.96 74.26 -23.60
CA GLU E 265 -2.55 74.80 -24.82
C GLU E 265 -2.68 76.30 -24.76
N ALA E 266 -3.11 76.84 -23.61
CA ALA E 266 -3.20 78.29 -23.45
C ALA E 266 -1.83 78.95 -23.51
N MET E 267 -0.81 78.31 -22.95
CA MET E 267 0.52 78.90 -22.91
C MET E 267 1.14 79.04 -24.29
N VAL E 268 0.89 78.08 -25.19
CA VAL E 268 1.57 78.04 -26.46
C VAL E 268 0.92 78.94 -27.51
N VAL E 269 -0.06 79.76 -27.10
CA VAL E 269 -0.74 80.58 -28.08
C VAL E 269 0.14 81.75 -28.52
N LYS E 270 0.98 82.26 -27.63
CA LYS E 270 1.79 83.42 -27.98
C LYS E 270 3.02 83.06 -28.78
N TYR E 271 3.25 81.78 -29.06
CA TYR E 271 4.47 81.35 -29.71
C TYR E 271 4.25 81.03 -31.18
N GLY E 272 3.00 80.90 -31.61
CA GLY E 272 2.68 80.64 -32.99
C GLY E 272 2.14 81.89 -33.66
N LEU E 273 2.97 82.92 -33.75
CA LEU E 273 2.52 84.20 -34.30
C LEU E 273 3.37 84.64 -35.49
N PRO F 2 38.15 -34.50 18.26
CA PRO F 2 37.64 -34.77 19.60
C PRO F 2 36.24 -34.24 19.86
N TYR F 3 35.57 -34.84 20.84
CA TYR F 3 34.19 -34.49 21.17
C TYR F 3 34.14 -33.16 21.89
N HIS F 4 33.34 -32.24 21.36
CA HIS F 4 33.21 -30.89 21.89
C HIS F 4 32.09 -30.81 22.92
N GLU F 5 32.45 -30.54 24.17
CA GLU F 5 31.45 -30.25 25.20
C GLU F 5 31.22 -28.74 25.31
N PHE F 6 29.95 -28.34 25.25
CA PHE F 6 29.51 -26.95 25.34
C PHE F 6 29.26 -26.56 26.79
N GLU F 7 29.89 -25.48 27.25
CA GLU F 7 29.65 -24.99 28.61
C GLU F 7 28.17 -24.86 28.96
N VAL F 8 27.33 -24.54 27.98
CA VAL F 8 25.89 -24.49 28.19
C VAL F 8 25.30 -25.86 28.48
N SER F 9 25.98 -26.93 28.06
CA SER F 9 25.42 -28.27 28.08
C SER F 9 26.14 -29.20 29.04
N LYS F 10 26.80 -28.66 30.08
CA LYS F 10 27.51 -29.50 31.04
C LYS F 10 26.55 -30.27 31.93
N CYS F 11 25.39 -29.70 32.23
CA CYS F 11 24.43 -30.36 33.09
C CYS F 11 23.70 -31.49 32.38
N ILE F 12 23.70 -31.48 31.05
CA ILE F 12 23.15 -32.56 30.24
C ILE F 12 24.30 -33.27 29.55
N PRO F 13 25.12 -34.03 30.28
CA PRO F 13 26.32 -34.65 29.70
C PRO F 13 26.08 -35.56 28.51
N GLU F 14 24.85 -36.02 28.27
CA GLU F 14 24.56 -36.75 27.04
C GLU F 14 24.79 -35.91 25.79
N ARG F 15 24.97 -34.60 25.91
CA ARG F 15 25.20 -33.75 24.76
C ARG F 15 26.65 -33.76 24.28
N ARG F 16 27.58 -34.29 25.07
CA ARG F 16 29.00 -34.20 24.71
C ARG F 16 29.30 -34.93 23.41
N GLU F 17 28.70 -36.11 23.21
CA GLU F 17 29.00 -36.93 22.05
C GLU F 17 28.16 -36.57 20.83
N HIS F 18 27.52 -35.41 20.84
CA HIS F 18 26.79 -34.89 19.70
C HIS F 18 27.52 -33.75 19.02
N ALA F 19 28.77 -33.50 19.38
CA ALA F 19 29.58 -32.46 18.78
C ALA F 19 31.01 -32.96 18.66
N VAL F 20 31.63 -32.70 17.52
CA VAL F 20 33.05 -32.99 17.31
C VAL F 20 33.73 -31.76 16.75
N MET F 21 35.03 -31.68 16.98
CA MET F 21 35.88 -30.70 16.32
C MET F 21 36.90 -31.47 15.52
N LYS F 22 36.89 -31.26 14.21
CA LYS F 22 37.77 -32.01 13.32
C LYS F 22 39.22 -31.70 13.68
N ALA F 23 39.98 -32.73 14.00
CA ALA F 23 41.40 -32.59 14.29
C ALA F 23 42.21 -32.97 13.05
N ALA F 24 43.52 -33.07 13.21
CA ALA F 24 44.42 -33.29 12.07
C ALA F 24 44.71 -34.77 11.86
N GLY F 25 45.10 -35.47 12.91
CA GLY F 25 45.44 -36.88 12.80
C GLY F 25 44.26 -37.80 12.97
N GLU F 26 43.06 -37.28 12.74
CA GLU F 26 41.83 -38.02 12.94
C GLU F 26 41.15 -38.31 11.61
N ASP F 27 40.44 -39.44 11.57
CA ASP F 27 39.64 -39.82 10.42
C ASP F 27 38.24 -40.17 10.89
N LEU F 28 37.41 -40.71 10.00
CA LEU F 28 36.03 -41.04 10.36
C LEU F 28 35.94 -42.10 11.45
N THR F 29 36.96 -42.93 11.62
CA THR F 29 36.93 -43.99 12.61
C THR F 29 37.47 -43.57 13.96
N SER F 30 37.80 -42.30 14.15
CA SER F 30 38.26 -41.81 15.45
C SER F 30 37.11 -41.31 16.30
N CYS F 31 36.34 -40.35 15.80
CA CYS F 31 35.21 -39.82 16.52
C CYS F 31 34.11 -39.47 15.52
N LEU F 32 32.88 -39.44 16.01
CA LEU F 32 31.74 -39.15 15.14
C LEU F 32 30.52 -38.78 15.97
N PRO F 33 29.86 -37.67 15.69
CA PRO F 33 28.67 -37.31 16.46
C PRO F 33 27.57 -38.35 16.36
N LYS F 34 26.90 -38.58 17.47
CA LYS F 34 25.74 -39.46 17.48
C LYS F 34 24.61 -38.82 16.68
N GLY F 35 23.60 -39.60 16.38
CA GLY F 35 22.52 -39.08 15.57
C GLY F 35 21.33 -40.00 15.59
N TYR F 36 20.18 -39.44 15.18
CA TYR F 36 18.91 -40.16 15.11
C TYR F 36 18.55 -40.80 16.45
N LEU F 37 18.75 -40.04 17.53
CA LEU F 37 18.38 -40.43 18.88
C LEU F 37 17.20 -39.59 19.34
N ASN F 38 16.71 -39.88 20.53
CA ASN F 38 15.62 -39.09 21.11
C ASN F 38 16.13 -37.72 21.54
N THR F 39 15.22 -36.76 21.59
CA THR F 39 15.55 -35.42 22.02
C THR F 39 15.52 -35.32 23.53
N ILE F 40 16.46 -34.58 24.11
CA ILE F 40 16.41 -34.23 25.51
C ILE F 40 15.31 -33.20 25.71
N PRO F 41 14.32 -33.45 26.57
CA PRO F 41 13.26 -32.47 26.79
C PRO F 41 13.78 -31.20 27.43
N GLY F 42 13.16 -30.08 27.04
CA GLY F 42 13.45 -28.79 27.64
C GLY F 42 14.66 -28.08 27.12
N THR F 43 15.38 -28.67 26.17
CA THR F 43 16.60 -28.07 25.63
C THR F 43 16.32 -26.94 24.66
N ILE F 44 15.08 -26.81 24.18
CA ILE F 44 14.73 -25.90 23.10
C ILE F 44 15.59 -26.22 21.88
N SER F 45 15.56 -27.48 21.46
CA SER F 45 16.18 -27.88 20.21
C SER F 45 15.35 -27.37 19.04
N GLU F 46 15.89 -27.53 17.83
CA GLU F 46 15.21 -27.07 16.63
C GLU F 46 14.48 -28.19 15.89
N ARG F 47 14.27 -29.32 16.56
CA ARG F 47 13.72 -30.51 15.93
C ARG F 47 12.20 -30.42 15.77
N GLY F 48 11.70 -31.08 14.73
CA GLY F 48 10.30 -31.19 14.46
C GLY F 48 9.77 -32.59 14.70
N CYS F 49 8.62 -32.88 14.09
CA CYS F 49 7.89 -34.11 14.33
C CYS F 49 7.86 -34.97 13.06
N ALA F 50 7.49 -36.23 13.25
CA ALA F 50 7.45 -37.17 12.14
C ALA F 50 6.38 -36.82 11.12
N TYR F 51 5.29 -36.21 11.55
CA TYR F 51 4.30 -35.70 10.61
C TYR F 51 4.90 -34.64 9.70
N CYS F 52 5.77 -33.79 10.25
CA CYS F 52 6.49 -32.81 9.45
C CYS F 52 7.31 -33.50 8.37
N GLY F 53 8.13 -34.47 8.75
CA GLY F 53 8.96 -35.15 7.78
C GLY F 53 8.17 -35.83 6.68
N ALA F 54 7.06 -36.46 7.03
CA ALA F 54 6.24 -37.17 6.05
C ALA F 54 5.42 -36.21 5.21
N LYS F 55 4.55 -35.44 5.87
CA LYS F 55 3.59 -34.60 5.17
C LYS F 55 4.25 -33.32 4.68
N HIS F 56 4.82 -32.54 5.60
CA HIS F 56 5.28 -31.20 5.27
C HIS F 56 6.43 -31.23 4.28
N VAL F 57 7.34 -32.19 4.41
CA VAL F 57 8.55 -32.20 3.61
C VAL F 57 8.38 -32.97 2.31
N ILE F 58 7.90 -34.19 2.35
CA ILE F 58 7.88 -35.05 1.17
C ILE F 58 6.52 -35.12 0.51
N GLY F 59 5.45 -35.12 1.28
CA GLY F 59 4.14 -35.37 0.72
C GLY F 59 3.56 -34.20 -0.04
N THR F 60 3.51 -33.04 0.62
CA THR F 60 2.87 -31.88 0.02
C THR F 60 3.46 -31.43 -1.32
N PRO F 61 4.77 -31.53 -1.59
CA PRO F 61 5.25 -31.13 -2.92
C PRO F 61 4.47 -31.68 -4.12
N MET F 62 3.82 -32.84 -4.01
CA MET F 62 3.02 -33.38 -5.10
C MET F 62 1.91 -32.42 -5.51
N LYS F 63 1.78 -32.19 -6.81
CA LYS F 63 1.04 -31.03 -7.30
C LYS F 63 -0.41 -31.31 -7.69
N ASP F 64 -0.81 -32.56 -7.89
CA ASP F 64 -2.16 -32.88 -8.36
C ASP F 64 -2.93 -33.71 -7.34
N VAL F 65 -2.70 -33.45 -6.07
CA VAL F 65 -3.16 -34.30 -4.99
C VAL F 65 -3.86 -33.45 -3.95
N ILE F 66 -4.92 -33.97 -3.38
CA ILE F 66 -5.52 -33.39 -2.17
C ILE F 66 -4.78 -33.98 -0.98
N HIS F 67 -4.09 -33.13 -0.23
CA HIS F 67 -3.36 -33.53 0.97
C HIS F 67 -4.23 -33.21 2.19
N ILE F 68 -4.88 -34.23 2.74
CA ILE F 68 -5.80 -34.06 3.85
C ILE F 68 -5.22 -34.76 5.08
N SER F 69 -5.12 -34.02 6.17
CA SER F 69 -4.59 -34.54 7.43
C SER F 69 -5.76 -34.98 8.30
N HIS F 70 -5.74 -36.23 8.73
CA HIS F 70 -6.74 -36.75 9.63
C HIS F 70 -6.36 -36.30 11.03
N GLY F 71 -7.04 -35.28 11.52
CA GLY F 71 -6.76 -34.73 12.81
C GLY F 71 -7.43 -33.40 12.99
N PRO F 72 -7.12 -32.70 14.08
CA PRO F 72 -7.65 -31.35 14.27
C PRO F 72 -6.99 -30.34 13.33
N ASN F 73 -7.62 -29.17 13.25
CA ASN F 73 -7.19 -28.13 12.32
C ASN F 73 -5.76 -27.66 12.56
N GLY F 74 -5.27 -27.80 13.79
CA GLY F 74 -4.02 -27.15 14.15
C GLY F 74 -2.82 -27.66 13.40
N CYS F 75 -2.73 -28.97 13.20
CA CYS F 75 -1.62 -29.53 12.45
C CYS F 75 -1.62 -29.03 11.02
N THR F 76 -2.79 -28.97 10.41
CA THR F 76 -2.92 -28.52 9.03
C THR F 76 -2.59 -27.04 8.89
N TYR F 77 -3.05 -26.20 9.80
CA TYR F 77 -2.74 -24.78 9.75
C TYR F 77 -1.25 -24.54 9.94
N ASP F 78 -0.63 -25.27 10.85
CA ASP F 78 0.74 -25.00 11.24
C ASP F 78 1.74 -25.28 10.14
N THR F 79 1.38 -26.09 9.16
CA THR F 79 2.25 -26.41 8.04
C THR F 79 1.80 -25.74 6.75
N TRP F 80 0.86 -24.82 6.81
CA TRP F 80 0.30 -24.19 5.64
C TRP F 80 0.99 -22.86 5.39
N GLN F 81 1.46 -22.66 4.16
CA GLN F 81 2.14 -21.44 3.73
C GLN F 81 3.41 -21.18 4.53
N THR F 82 4.17 -22.22 4.75
CA THR F 82 5.48 -22.12 5.36
C THR F 82 6.57 -22.68 4.48
N LYS F 83 6.23 -23.18 3.30
CA LYS F 83 7.18 -23.84 2.43
C LYS F 83 7.13 -23.20 1.06
N ARG F 84 8.21 -23.36 0.32
CA ARG F 84 8.37 -22.75 -0.99
C ARG F 84 8.62 -23.77 -2.08
N TYR F 85 7.95 -24.91 -2.06
CA TYR F 85 7.97 -25.83 -3.18
C TYR F 85 6.86 -25.46 -4.14
N ILE F 86 7.24 -25.02 -5.33
CA ILE F 86 6.31 -24.54 -6.31
C ILE F 86 6.07 -25.64 -7.33
N SER F 87 5.05 -25.45 -8.16
CA SER F 87 4.72 -26.45 -9.16
C SER F 87 4.17 -25.73 -10.38
N ASP F 88 4.14 -26.45 -11.49
CA ASP F 88 3.51 -25.94 -12.69
C ASP F 88 2.04 -26.30 -12.76
N ASN F 89 1.45 -26.73 -11.64
CA ASN F 89 0.01 -26.91 -11.51
C ASN F 89 -0.65 -25.73 -10.84
N ASP F 90 -0.14 -24.53 -11.10
CA ASP F 90 -0.65 -23.29 -10.53
C ASP F 90 -0.54 -23.30 -9.00
N ASN F 91 0.47 -23.99 -8.49
CA ASN F 91 0.76 -24.05 -7.06
C ASN F 91 -0.44 -24.51 -6.26
N PHE F 92 -1.14 -25.53 -6.75
CA PHE F 92 -2.28 -26.08 -6.03
C PHE F 92 -1.87 -26.57 -4.64
N GLN F 93 -0.71 -27.19 -4.54
CA GLN F 93 -0.24 -27.76 -3.28
C GLN F 93 0.13 -26.69 -2.26
N LEU F 94 0.24 -25.43 -2.64
CA LEU F 94 0.51 -24.36 -1.70
C LEU F 94 -0.74 -23.64 -1.24
N LYS F 95 -1.79 -23.63 -2.05
CA LYS F 95 -2.95 -22.79 -1.83
C LYS F 95 -4.09 -23.50 -1.13
N TYR F 96 -4.13 -24.83 -1.16
CA TYR F 96 -5.25 -25.58 -0.60
C TYR F 96 -4.72 -26.63 0.35
N THR F 97 -5.27 -26.66 1.55
CA THR F 97 -4.88 -27.61 2.57
C THR F 97 -6.14 -28.10 3.28
N PHE F 98 -6.11 -29.34 3.71
CA PHE F 98 -7.32 -30.03 4.11
C PHE F 98 -7.12 -30.72 5.45
N ALA F 99 -8.15 -30.65 6.29
CA ALA F 99 -8.17 -31.37 7.55
C ALA F 99 -9.55 -31.96 7.73
N THR F 100 -9.63 -33.00 8.55
CA THR F 100 -10.93 -33.52 8.92
C THR F 100 -11.56 -32.74 10.05
N ASP F 101 -10.78 -31.93 10.77
CA ASP F 101 -11.25 -31.12 11.89
C ASP F 101 -11.86 -31.99 12.98
N VAL F 102 -11.02 -32.81 13.58
CA VAL F 102 -11.44 -33.71 14.64
C VAL F 102 -11.81 -32.91 15.89
N LYS F 103 -13.01 -33.13 16.40
CA LYS F 103 -13.51 -32.53 17.63
C LYS F 103 -13.50 -33.57 18.74
N GLU F 104 -13.95 -33.19 19.93
CA GLU F 104 -13.88 -34.13 21.05
C GLU F 104 -14.86 -35.28 20.91
N LYS F 105 -16.00 -35.07 20.28
CA LYS F 105 -16.93 -36.16 20.06
C LYS F 105 -16.34 -37.21 19.12
N HIS F 106 -15.51 -36.79 18.16
CA HIS F 106 -14.84 -37.72 17.28
C HIS F 106 -13.68 -38.42 17.96
N VAL F 107 -13.03 -37.78 18.91
CA VAL F 107 -12.00 -38.44 19.70
C VAL F 107 -12.62 -39.56 20.52
N VAL F 108 -13.72 -39.27 21.22
CA VAL F 108 -14.31 -40.24 22.12
C VAL F 108 -15.00 -41.36 21.36
N PHE F 109 -15.67 -41.05 20.27
CA PHE F 109 -16.51 -42.03 19.60
C PHE F 109 -15.96 -42.54 18.29
N GLY F 110 -14.87 -41.99 17.80
CA GLY F 110 -14.28 -42.45 16.56
C GLY F 110 -14.51 -41.43 15.47
N ALA F 111 -13.51 -41.27 14.61
CA ALA F 111 -13.52 -40.20 13.62
C ALA F 111 -13.49 -40.74 12.19
N GLU F 112 -13.84 -42.00 11.99
CA GLU F 112 -13.76 -42.60 10.66
C GLU F 112 -14.89 -42.13 9.77
N GLY F 113 -16.09 -41.94 10.33
CA GLY F 113 -17.16 -41.34 9.56
C GLY F 113 -16.86 -39.92 9.16
N LEU F 114 -16.25 -39.15 10.06
CA LEU F 114 -15.82 -37.80 9.74
C LEU F 114 -14.76 -37.80 8.64
N LEU F 115 -13.82 -38.73 8.70
CA LEU F 115 -12.79 -38.83 7.66
C LEU F 115 -13.40 -39.14 6.31
N LYS F 116 -14.34 -40.08 6.27
CA LYS F 116 -14.99 -40.44 5.02
C LYS F 116 -15.74 -39.27 4.43
N LYS F 117 -16.51 -38.57 5.27
CA LYS F 117 -17.26 -37.41 4.82
C LYS F 117 -16.35 -36.28 4.39
N SER F 118 -15.25 -36.06 5.09
CA SER F 118 -14.30 -35.01 4.72
C SER F 118 -13.65 -35.32 3.37
N MET F 119 -13.32 -36.59 3.13
CA MET F 119 -12.75 -36.97 1.85
C MET F 119 -13.72 -36.74 0.71
N HIS F 120 -14.99 -37.10 0.89
CA HIS F 120 -15.98 -36.85 -0.14
C HIS F 120 -16.19 -35.36 -0.37
N GLU F 121 -16.18 -34.57 0.70
CA GLU F 121 -16.31 -33.12 0.57
C GLU F 121 -15.16 -32.52 -0.22
N ALA F 122 -13.94 -32.97 0.04
CA ALA F 122 -12.77 -32.44 -0.65
C ALA F 122 -12.78 -32.80 -2.13
N PHE F 123 -13.14 -34.03 -2.45
CA PHE F 123 -13.24 -34.42 -3.85
C PHE F 123 -14.35 -33.66 -4.55
N ASP F 124 -15.46 -33.41 -3.85
CA ASP F 124 -16.57 -32.68 -4.43
C ASP F 124 -16.20 -31.23 -4.70
N ALA F 125 -15.45 -30.59 -3.80
CA ALA F 125 -15.09 -29.19 -3.97
C ALA F 125 -14.02 -28.98 -5.03
N PHE F 126 -13.24 -30.01 -5.34
CA PHE F 126 -12.18 -29.93 -6.34
C PHE F 126 -12.34 -31.07 -7.32
N PRO F 127 -13.33 -30.98 -8.22
CA PRO F 127 -13.63 -32.11 -9.10
C PRO F 127 -12.55 -32.43 -10.11
N ASN F 128 -11.61 -31.52 -10.36
CA ASN F 128 -10.50 -31.80 -11.27
C ASN F 128 -9.37 -32.57 -10.61
N ILE F 129 -9.43 -32.80 -9.31
CA ILE F 129 -8.42 -33.52 -8.57
C ILE F 129 -8.94 -34.92 -8.29
N LYS F 130 -8.19 -35.94 -8.72
CA LYS F 130 -8.59 -37.33 -8.57
C LYS F 130 -7.66 -38.12 -7.68
N ARG F 131 -6.70 -37.49 -7.03
CA ARG F 131 -5.72 -38.17 -6.22
C ARG F 131 -5.70 -37.54 -4.84
N MET F 132 -5.34 -38.34 -3.84
CA MET F 132 -5.47 -37.94 -2.45
C MET F 132 -4.49 -38.70 -1.58
N THR F 133 -3.94 -38.01 -0.59
CA THR F 133 -3.16 -38.64 0.45
C THR F 133 -3.76 -38.27 1.80
N VAL F 134 -3.97 -39.26 2.64
CA VAL F 134 -4.44 -39.04 4.01
C VAL F 134 -3.26 -39.22 4.94
N TYR F 135 -3.01 -38.23 5.78
CA TYR F 135 -1.92 -38.26 6.74
C TYR F 135 -2.48 -38.39 8.14
N GLN F 136 -1.90 -39.29 8.93
CA GLN F 136 -2.21 -39.37 10.35
C GLN F 136 -1.56 -38.23 11.11
N THR F 137 -2.21 -37.78 12.16
CA THR F 137 -1.63 -36.87 13.12
C THR F 137 -1.51 -37.59 14.46
N CYS F 138 -1.11 -36.86 15.50
CA CYS F 138 -1.00 -37.47 16.82
C CYS F 138 -2.35 -38.01 17.28
N THR F 139 -3.40 -37.22 17.11
CA THR F 139 -4.71 -37.54 17.69
C THR F 139 -5.28 -38.82 17.12
N THR F 140 -5.38 -38.91 15.81
CA THR F 140 -6.04 -40.04 15.17
C THR F 140 -5.18 -41.29 15.12
N ALA F 141 -3.87 -41.15 15.30
CA ALA F 141 -3.01 -42.32 15.45
C ALA F 141 -3.12 -42.95 16.82
N LEU F 142 -3.33 -42.17 17.87
CA LEU F 142 -3.49 -42.76 19.20
C LEU F 142 -4.79 -43.57 19.29
N ILE F 143 -5.90 -42.99 18.85
CA ILE F 143 -7.20 -43.62 19.02
C ILE F 143 -7.45 -44.79 18.09
N GLY F 144 -6.58 -45.02 17.12
CA GLY F 144 -6.70 -46.21 16.30
C GLY F 144 -7.70 -46.16 15.17
N ASP F 145 -7.89 -45.00 14.55
CA ASP F 145 -8.71 -44.93 13.35
C ASP F 145 -8.05 -45.73 12.24
N ASP F 146 -8.85 -46.51 11.52
CA ASP F 146 -8.36 -47.31 10.41
C ASP F 146 -8.53 -46.52 9.12
N VAL F 147 -7.50 -45.72 8.79
CA VAL F 147 -7.54 -44.87 7.61
C VAL F 147 -7.51 -45.72 6.34
N ASP F 148 -6.80 -46.84 6.38
CA ASP F 148 -6.65 -47.68 5.20
C ASP F 148 -7.98 -48.23 4.74
N ALA F 149 -8.81 -48.68 5.70
CA ALA F 149 -10.13 -49.18 5.35
C ALA F 149 -11.01 -48.09 4.78
N ILE F 150 -10.94 -46.89 5.34
CA ILE F 150 -11.73 -45.76 4.85
C ILE F 150 -11.30 -45.37 3.45
N ALA F 151 -9.99 -45.40 3.18
CA ALA F 151 -9.49 -45.07 1.85
C ALA F 151 -9.98 -46.09 0.83
N LYS F 152 -9.99 -47.36 1.21
CA LYS F 152 -10.54 -48.39 0.34
C LYS F 152 -12.02 -48.14 0.06
N GLU F 153 -12.79 -47.79 1.08
CA GLU F 153 -14.22 -47.54 0.89
C GLU F 153 -14.48 -46.33 -0.02
N VAL F 154 -13.75 -45.24 0.20
CA VAL F 154 -13.93 -44.03 -0.60
C VAL F 154 -13.55 -44.29 -2.04
N MET F 155 -12.47 -45.04 -2.27
CA MET F 155 -12.06 -45.36 -3.64
C MET F 155 -13.13 -46.12 -4.39
N GLU F 156 -13.70 -47.14 -3.76
CA GLU F 156 -14.72 -47.94 -4.44
C GLU F 156 -16.03 -47.17 -4.60
N GLU F 157 -16.30 -46.21 -3.73
CA GLU F 157 -17.54 -45.45 -3.87
C GLU F 157 -17.47 -44.44 -4.99
N ARG F 158 -16.29 -43.87 -5.24
CA ARG F 158 -16.13 -42.90 -6.31
C ARG F 158 -15.81 -43.57 -7.64
N GLY F 159 -14.90 -44.53 -7.63
CA GLY F 159 -14.57 -45.29 -8.81
C GLY F 159 -13.51 -44.66 -9.70
N ASP F 160 -13.21 -43.37 -9.53
CA ASP F 160 -12.24 -42.70 -10.38
C ASP F 160 -11.14 -42.00 -9.61
N VAL F 161 -11.03 -42.24 -8.31
CA VAL F 161 -10.02 -41.59 -7.50
C VAL F 161 -9.04 -42.63 -6.97
N ASP F 162 -7.90 -42.17 -6.51
CA ASP F 162 -6.89 -43.02 -5.89
C ASP F 162 -6.39 -42.35 -4.63
N VAL F 163 -6.26 -43.13 -3.56
CA VAL F 163 -5.91 -42.61 -2.24
C VAL F 163 -4.66 -43.31 -1.74
N PHE F 164 -3.72 -42.52 -1.23
CA PHE F 164 -2.52 -43.00 -0.57
C PHE F 164 -2.65 -42.74 0.92
N VAL F 165 -2.18 -43.65 1.75
CA VAL F 165 -2.30 -43.55 3.20
C VAL F 165 -0.90 -43.39 3.80
N CYS F 166 -0.70 -42.33 4.58
CA CYS F 166 0.56 -42.07 5.26
C CYS F 166 0.32 -42.08 6.77
N ASN F 167 0.75 -43.14 7.44
CA ASN F 167 0.54 -43.31 8.87
C ASN F 167 1.78 -42.85 9.61
N SER F 168 1.94 -41.54 9.72
CA SER F 168 3.13 -40.94 10.33
C SER F 168 2.72 -39.83 11.29
N PRO F 169 2.27 -40.20 12.48
CA PRO F 169 1.95 -39.19 13.49
C PRO F 169 3.20 -38.50 14.00
N GLY F 170 3.00 -37.33 14.59
CA GLY F 170 4.12 -36.52 15.03
C GLY F 170 5.00 -37.18 16.07
N PHE F 171 4.40 -37.94 16.98
CA PHE F 171 5.19 -38.57 18.03
C PHE F 171 5.95 -39.79 17.56
N ALA F 172 5.67 -40.31 16.37
CA ALA F 172 6.22 -41.59 15.91
C ALA F 172 7.62 -41.40 15.32
N GLY F 173 8.56 -41.08 16.19
CA GLY F 173 9.92 -40.86 15.79
C GLY F 173 10.56 -39.71 16.51
N PRO F 174 11.88 -39.61 16.44
CA PRO F 174 12.57 -38.54 17.18
C PRO F 174 12.56 -37.19 16.47
N SER F 175 12.26 -37.13 15.19
CA SER F 175 12.39 -35.92 14.38
C SER F 175 11.67 -36.17 13.06
N GLN F 176 11.85 -35.25 12.12
CA GLN F 176 11.34 -35.41 10.76
C GLN F 176 11.84 -36.68 10.09
N SER F 177 12.95 -37.27 10.55
CA SER F 177 13.51 -38.45 9.90
C SER F 177 12.59 -39.65 9.97
N GLY F 178 11.88 -39.82 11.08
CA GLY F 178 10.89 -40.88 11.15
C GLY F 178 9.85 -40.75 10.05
N GLY F 179 9.44 -39.52 9.76
CA GLY F 179 8.53 -39.29 8.66
C GLY F 179 9.08 -39.61 7.29
N HIS F 180 10.34 -39.24 7.04
CA HIS F 180 10.98 -39.59 5.76
C HIS F 180 10.88 -41.08 5.51
N HIS F 181 11.31 -41.87 6.47
CA HIS F 181 11.35 -43.32 6.31
C HIS F 181 9.96 -43.87 6.07
N LYS F 182 9.00 -43.44 6.88
CA LYS F 182 7.65 -43.99 6.81
C LYS F 182 7.00 -43.75 5.46
N ILE F 183 7.05 -42.51 4.95
CA ILE F 183 6.38 -42.20 3.70
C ILE F 183 7.06 -42.87 2.52
N ASN F 184 8.38 -43.06 2.57
CA ASN F 184 9.08 -43.75 1.49
C ASN F 184 8.62 -45.19 1.36
N ILE F 185 8.59 -45.90 2.49
CA ILE F 185 8.23 -47.31 2.48
C ILE F 185 6.76 -47.47 2.16
N ALA F 186 5.93 -46.53 2.63
CA ALA F 186 4.51 -46.61 2.33
C ALA F 186 4.24 -46.43 0.84
N TRP F 187 4.86 -45.42 0.22
CA TRP F 187 4.65 -45.21 -1.21
C TRP F 187 5.14 -46.39 -2.03
N LEU F 188 6.29 -46.94 -1.66
CA LEU F 188 6.83 -48.08 -2.37
C LEU F 188 5.90 -49.29 -2.30
N ASN F 189 5.39 -49.59 -1.11
CA ASN F 189 4.58 -50.79 -0.93
C ASN F 189 3.18 -50.64 -1.49
N GLN F 190 2.62 -49.44 -1.45
CA GLN F 190 1.25 -49.24 -1.86
C GLN F 190 1.11 -48.87 -3.33
N LYS F 191 2.02 -48.06 -3.84
CA LYS F 191 1.77 -47.32 -5.07
C LYS F 191 2.70 -47.63 -6.22
N VAL F 192 3.95 -48.00 -5.95
CA VAL F 192 4.91 -48.23 -7.03
C VAL F 192 4.58 -49.55 -7.73
N GLY F 193 4.53 -49.51 -9.05
CA GLY F 193 4.18 -50.67 -9.85
C GLY F 193 2.73 -50.72 -10.27
N THR F 194 1.91 -49.77 -9.86
CA THR F 194 0.48 -49.81 -10.09
C THR F 194 0.05 -49.04 -11.33
N VAL F 195 0.98 -48.35 -11.99
CA VAL F 195 0.71 -47.61 -13.23
C VAL F 195 1.85 -47.88 -14.20
N GLU F 196 1.51 -48.04 -15.45
CA GLU F 196 2.47 -48.31 -16.50
C GLU F 196 2.73 -47.05 -17.31
N PRO F 197 4.00 -46.72 -17.54
CA PRO F 197 4.32 -45.52 -18.30
C PRO F 197 3.74 -45.60 -19.70
N ASP F 198 3.19 -44.48 -20.17
CA ASP F 198 2.63 -44.47 -21.51
C ASP F 198 3.75 -44.58 -22.55
N TYR F 199 4.77 -43.74 -22.42
CA TYR F 199 5.89 -43.69 -23.34
C TYR F 199 7.18 -43.84 -22.56
N LEU F 200 8.05 -44.74 -22.98
CA LEU F 200 9.37 -44.87 -22.38
C LEU F 200 10.42 -44.54 -23.43
N GLY F 201 11.18 -43.47 -23.18
CA GLY F 201 12.17 -43.02 -24.13
C GLY F 201 13.40 -43.91 -24.10
N GLU F 202 14.48 -43.38 -24.64
CA GLU F 202 15.69 -44.20 -24.73
C GLU F 202 16.56 -44.09 -23.49
N HIS F 203 16.46 -43.00 -22.75
CA HIS F 203 17.20 -42.80 -21.51
C HIS F 203 16.21 -42.26 -20.49
N VAL F 204 15.84 -43.10 -19.54
CA VAL F 204 14.79 -42.79 -18.56
C VAL F 204 15.41 -42.76 -17.17
N ILE F 205 15.18 -41.68 -16.44
CA ILE F 205 15.62 -41.61 -15.06
C ILE F 205 14.43 -41.32 -14.16
N ASN F 206 14.59 -41.67 -12.91
CA ASN F 206 13.79 -41.12 -11.83
C ASN F 206 14.66 -40.10 -11.11
N TYR F 207 14.17 -38.88 -10.98
CA TYR F 207 14.85 -37.86 -10.20
C TYR F 207 14.32 -37.93 -8.77
N VAL F 208 15.15 -38.37 -7.84
CA VAL F 208 14.70 -38.75 -6.51
C VAL F 208 15.29 -37.80 -5.48
N GLY F 209 14.49 -37.40 -4.51
CA GLY F 209 14.99 -36.58 -3.44
C GLY F 209 15.09 -35.10 -3.74
N GLU F 210 14.20 -34.58 -4.57
CA GLU F 210 14.17 -33.19 -4.96
C GLU F 210 12.78 -32.66 -4.70
N TYR F 211 12.68 -31.50 -4.07
CA TYR F 211 11.38 -31.01 -3.64
C TYR F 211 11.07 -29.63 -4.19
N ASN F 212 11.81 -29.19 -5.20
CA ASN F 212 11.45 -28.02 -6.02
C ASN F 212 11.31 -26.75 -5.17
N ILE F 213 12.27 -26.53 -4.29
CA ILE F 213 12.27 -25.30 -3.51
C ILE F 213 12.64 -24.15 -4.44
N GLN F 214 11.67 -23.28 -4.73
CA GLN F 214 11.84 -22.12 -5.57
C GLN F 214 12.17 -22.46 -7.02
N GLY F 215 11.89 -23.69 -7.44
CA GLY F 215 12.15 -24.11 -8.79
C GLY F 215 13.41 -24.91 -9.00
N ASP F 216 13.97 -25.49 -7.95
CA ASP F 216 15.18 -26.32 -8.07
C ASP F 216 14.98 -27.46 -9.05
N GLN F 217 13.85 -28.15 -8.97
CA GLN F 217 13.60 -29.26 -9.88
C GLN F 217 13.49 -28.79 -11.32
N GLU F 218 12.97 -27.59 -11.53
CA GLU F 218 12.78 -27.10 -12.88
C GLU F 218 14.13 -26.79 -13.51
N VAL F 219 15.04 -26.28 -12.71
CA VAL F 219 16.42 -26.06 -13.14
C VAL F 219 17.05 -27.36 -13.61
N MET F 220 16.93 -28.42 -12.81
CA MET F 220 17.53 -29.70 -13.15
C MET F 220 16.86 -30.36 -14.34
N ILE F 221 15.55 -30.20 -14.48
CA ILE F 221 14.82 -30.76 -15.61
C ILE F 221 15.30 -30.12 -16.91
N ASP F 222 15.58 -28.83 -16.88
CA ASP F 222 16.12 -28.14 -18.04
C ASP F 222 17.41 -28.78 -18.51
N TYR F 223 18.33 -29.08 -17.60
CA TYR F 223 19.58 -29.73 -17.97
C TYR F 223 19.33 -31.10 -18.59
N PHE F 224 18.47 -31.90 -17.97
CA PHE F 224 18.21 -33.24 -18.46
C PHE F 224 17.58 -33.22 -19.85
N ASN F 225 16.67 -32.28 -20.09
CA ASN F 225 16.08 -32.11 -21.40
C ASN F 225 17.14 -31.84 -22.45
N ARG F 226 18.09 -30.97 -22.14
CA ARG F 226 19.15 -30.63 -23.06
C ARG F 226 20.12 -31.78 -23.30
N MET F 227 20.19 -32.75 -22.41
CA MET F 227 20.89 -33.99 -22.68
C MET F 227 20.01 -35.05 -23.32
N GLY F 228 18.74 -34.74 -23.58
CA GLY F 228 17.83 -35.71 -24.15
C GLY F 228 17.53 -36.88 -23.23
N ILE F 229 17.22 -36.60 -21.97
CA ILE F 229 16.96 -37.63 -20.97
C ILE F 229 15.54 -37.46 -20.48
N GLN F 230 14.80 -38.56 -20.46
CA GLN F 230 13.42 -38.54 -19.98
C GLN F 230 13.42 -38.70 -18.46
N VAL F 231 12.85 -37.73 -17.78
CA VAL F 231 12.63 -37.83 -16.34
C VAL F 231 11.24 -38.42 -16.17
N LEU F 232 11.20 -39.72 -15.87
CA LEU F 232 9.94 -40.42 -15.73
C LEU F 232 9.13 -39.85 -14.58
N SER F 233 9.77 -39.63 -13.45
CA SER F 233 9.11 -39.11 -12.27
C SER F 233 10.12 -38.36 -11.43
N THR F 234 9.60 -37.45 -10.61
CA THR F 234 10.40 -36.72 -9.63
C THR F 234 9.79 -36.94 -8.26
N PHE F 235 10.60 -37.37 -7.32
CA PHE F 235 10.17 -37.66 -5.96
C PHE F 235 10.66 -36.51 -5.08
N THR F 236 9.78 -35.56 -4.78
CA THR F 236 8.40 -35.40 -5.20
C THR F 236 8.11 -33.97 -5.66
N GLY F 237 9.14 -33.14 -5.74
CA GLY F 237 8.94 -31.74 -6.08
C GLY F 237 8.47 -31.57 -7.52
N ASN F 238 7.42 -30.79 -7.69
CA ASN F 238 6.75 -30.63 -8.98
C ASN F 238 6.32 -31.98 -9.54
N GLY F 239 6.07 -32.94 -8.65
CA GLY F 239 5.80 -34.31 -9.05
C GLY F 239 4.31 -34.56 -9.12
N SER F 240 3.91 -35.39 -10.07
CA SER F 240 2.54 -35.83 -10.18
C SER F 240 2.41 -37.22 -9.58
N TYR F 241 1.23 -37.50 -9.03
CA TYR F 241 0.94 -38.75 -8.34
C TYR F 241 1.17 -39.97 -9.23
N ASP F 242 0.68 -39.93 -10.47
CA ASP F 242 0.71 -41.09 -11.34
C ASP F 242 2.11 -41.42 -11.84
N SER F 243 2.89 -40.40 -12.19
CA SER F 243 4.27 -40.64 -12.61
C SER F 243 5.06 -41.34 -11.53
N LEU F 244 4.84 -40.98 -10.27
CA LEU F 244 5.48 -41.61 -9.14
C LEU F 244 5.01 -43.05 -8.94
N ARG F 245 3.84 -43.40 -9.46
CA ARG F 245 3.42 -44.80 -9.46
C ARG F 245 4.16 -45.63 -10.49
N MET F 246 4.76 -44.99 -11.49
CA MET F 246 5.52 -45.61 -12.56
C MET F 246 7.03 -45.71 -12.26
N MET F 247 7.46 -45.58 -11.01
CA MET F 247 8.88 -45.44 -10.73
C MET F 247 9.66 -46.69 -11.12
N HIS F 248 9.01 -47.85 -11.10
CA HIS F 248 9.66 -49.13 -11.33
C HIS F 248 10.12 -49.34 -12.76
N ARG F 249 9.94 -48.36 -13.64
CA ARG F 249 10.26 -48.52 -15.05
C ARG F 249 11.40 -47.63 -15.51
N ALA F 250 12.15 -47.04 -14.59
CA ALA F 250 13.26 -46.17 -14.94
C ALA F 250 14.56 -46.97 -15.09
N HIS F 251 15.42 -46.51 -15.98
CA HIS F 251 16.72 -47.13 -16.16
C HIS F 251 17.69 -46.79 -15.05
N LEU F 252 17.47 -45.69 -14.34
CA LEU F 252 18.43 -45.18 -13.38
C LEU F 252 17.75 -44.27 -12.38
N ASN F 253 18.13 -44.40 -11.12
CA ASN F 253 17.67 -43.53 -10.05
C ASN F 253 18.74 -42.49 -9.76
N VAL F 254 18.41 -41.23 -9.97
CA VAL F 254 19.34 -40.13 -9.76
C VAL F 254 18.98 -39.49 -8.43
N LEU F 255 19.74 -39.82 -7.39
CA LEU F 255 19.40 -39.47 -6.02
C LEU F 255 20.09 -38.18 -5.62
N GLU F 256 19.29 -37.17 -5.28
CA GLU F 256 19.82 -35.89 -4.84
C GLU F 256 19.93 -35.82 -3.31
N CYS F 257 18.82 -35.88 -2.61
CA CYS F 257 18.83 -35.85 -1.15
C CYS F 257 18.76 -37.29 -0.66
N ALA F 258 19.89 -37.82 -0.23
CA ALA F 258 19.95 -39.16 0.32
C ALA F 258 19.44 -39.22 1.75
N ARG F 259 19.20 -38.10 2.40
CA ARG F 259 18.67 -38.16 3.76
C ARG F 259 17.20 -38.54 3.76
N SER F 260 16.45 -38.07 2.78
CA SER F 260 15.00 -38.22 2.81
C SER F 260 14.48 -39.29 1.87
N ALA F 261 15.23 -39.66 0.84
CA ALA F 261 14.74 -40.54 -0.19
C ALA F 261 15.62 -41.75 -0.46
N GLU F 262 16.67 -41.97 0.33
CA GLU F 262 17.53 -43.13 0.10
C GLU F 262 16.78 -44.44 0.30
N TYR F 263 15.75 -44.43 1.14
CA TYR F 263 14.99 -45.65 1.41
C TYR F 263 14.32 -46.18 0.16
N ILE F 264 13.58 -45.34 -0.55
CA ILE F 264 12.91 -45.80 -1.75
C ILE F 264 13.93 -46.15 -2.83
N CYS F 265 15.05 -45.44 -2.90
CA CYS F 265 16.09 -45.76 -3.87
C CYS F 265 16.70 -47.13 -3.59
N ASP F 266 17.01 -47.42 -2.33
CA ASP F 266 17.61 -48.70 -1.98
C ASP F 266 16.66 -49.86 -2.25
N GLU F 267 15.38 -49.65 -2.00
CA GLU F 267 14.38 -50.69 -2.19
C GLU F 267 14.04 -50.88 -3.67
N LEU F 268 14.02 -49.80 -4.45
CA LEU F 268 13.87 -49.97 -5.89
C LEU F 268 15.06 -50.70 -6.48
N ARG F 269 16.25 -50.41 -5.98
CA ARG F 269 17.43 -51.15 -6.42
C ARG F 269 17.33 -52.61 -6.04
N ALA F 270 16.90 -52.89 -4.81
CA ALA F 270 16.85 -54.27 -4.34
C ALA F 270 15.74 -55.06 -5.01
N ARG F 271 14.65 -54.40 -5.39
CA ARG F 271 13.51 -55.10 -5.99
C ARG F 271 13.62 -55.18 -7.51
N TYR F 272 13.74 -54.04 -8.18
CA TYR F 272 13.66 -53.97 -9.63
C TYR F 272 15.01 -53.91 -10.31
N GLY F 273 16.11 -53.89 -9.56
CA GLY F 273 17.42 -53.82 -10.17
C GLY F 273 17.80 -52.48 -10.73
N ILE F 274 17.13 -51.41 -10.33
CA ILE F 274 17.42 -50.07 -10.82
C ILE F 274 18.63 -49.51 -10.07
N PRO F 275 19.71 -49.14 -10.76
CA PRO F 275 20.88 -48.61 -10.07
C PRO F 275 20.63 -47.25 -9.43
N ARG F 276 21.38 -46.99 -8.37
CA ARG F 276 21.27 -45.75 -7.61
C ARG F 276 22.51 -44.91 -7.85
N LEU F 277 22.33 -43.68 -8.31
CA LEU F 277 23.42 -42.76 -8.60
C LEU F 277 23.23 -41.48 -7.79
N ASP F 278 24.06 -41.30 -6.77
CA ASP F 278 24.04 -40.11 -5.95
C ASP F 278 24.70 -38.96 -6.68
N ILE F 279 24.04 -37.81 -6.69
CA ILE F 279 24.52 -36.62 -7.40
C ILE F 279 24.46 -35.41 -6.48
N ASP F 280 25.13 -34.35 -6.91
CA ASP F 280 25.06 -33.03 -6.31
C ASP F 280 24.38 -32.09 -7.28
N GLY F 281 23.47 -31.27 -6.78
CA GLY F 281 22.83 -30.29 -7.63
C GLY F 281 23.44 -28.91 -7.47
N PHE F 282 24.20 -28.73 -6.41
CA PHE F 282 24.77 -27.45 -6.05
C PHE F 282 26.25 -27.40 -6.44
N GLY F 283 26.72 -26.19 -6.73
CA GLY F 283 28.09 -25.99 -7.11
C GLY F 283 28.29 -26.04 -8.60
N PHE F 284 29.46 -25.59 -9.03
CA PHE F 284 29.80 -25.68 -10.45
C PHE F 284 30.41 -27.04 -10.76
N GLU F 285 31.40 -27.44 -10.00
CA GLU F 285 32.15 -28.65 -10.24
C GLU F 285 31.36 -29.88 -9.78
N PRO F 286 30.70 -29.86 -8.63
CA PRO F 286 29.82 -31.00 -8.30
C PRO F 286 28.70 -31.18 -9.31
N LEU F 287 28.04 -30.10 -9.73
CA LEU F 287 26.98 -30.21 -10.72
C LEU F 287 27.51 -30.68 -12.07
N ALA F 288 28.68 -30.20 -12.48
CA ALA F 288 29.27 -30.65 -13.73
C ALA F 288 29.58 -32.14 -13.70
N ASN F 289 30.16 -32.62 -12.61
CA ASN F 289 30.46 -34.03 -12.49
C ASN F 289 29.21 -34.88 -12.47
N SER F 290 28.15 -34.40 -11.82
CA SER F 290 26.89 -35.13 -11.76
C SER F 290 26.27 -35.26 -13.13
N LEU F 291 26.23 -34.17 -13.89
CA LEU F 291 25.73 -34.24 -15.26
C LEU F 291 26.57 -35.17 -16.11
N ARG F 292 27.89 -35.14 -15.92
CA ARG F 292 28.78 -36.04 -16.64
C ARG F 292 28.49 -37.50 -16.35
N LYS F 293 28.25 -37.84 -15.09
CA LYS F 293 27.95 -39.23 -14.73
C LYS F 293 26.65 -39.70 -15.35
N VAL F 294 25.60 -38.89 -15.29
CA VAL F 294 24.30 -39.28 -15.83
C VAL F 294 24.41 -39.49 -17.34
N ALA F 295 25.06 -38.56 -18.03
CA ALA F 295 25.21 -38.70 -19.47
C ALA F 295 26.10 -39.88 -19.82
N LEU F 296 27.08 -40.17 -18.98
CA LEU F 296 27.98 -41.28 -19.23
C LEU F 296 27.29 -42.61 -19.05
N PHE F 297 26.34 -42.70 -18.11
CA PHE F 297 25.61 -43.94 -17.90
C PHE F 297 24.85 -44.35 -19.15
N PHE F 298 24.32 -43.37 -19.87
CA PHE F 298 23.55 -43.59 -21.08
C PHE F 298 24.41 -43.49 -22.33
N GLY F 299 25.70 -43.21 -22.20
CA GLY F 299 26.57 -43.11 -23.36
C GLY F 299 26.39 -41.85 -24.17
N ILE F 300 25.94 -40.76 -23.56
CA ILE F 300 25.66 -39.52 -24.26
C ILE F 300 26.50 -38.41 -23.67
N GLU F 301 27.73 -38.75 -23.28
CA GLU F 301 28.59 -37.83 -22.54
C GLU F 301 28.80 -36.51 -23.26
N ASP F 302 28.91 -36.54 -24.59
CA ASP F 302 29.17 -35.31 -25.34
C ASP F 302 28.12 -34.25 -25.07
N LYS F 303 26.86 -34.67 -24.92
CA LYS F 303 25.77 -33.75 -24.65
C LYS F 303 25.84 -33.12 -23.27
N ALA F 304 26.51 -33.76 -22.30
CA ALA F 304 26.74 -33.11 -21.03
C ALA F 304 27.84 -32.07 -21.12
N GLU F 305 28.93 -32.38 -21.82
CA GLU F 305 30.04 -31.46 -21.93
C GLU F 305 29.63 -30.17 -22.62
N ALA F 306 28.73 -30.28 -23.59
CA ALA F 306 28.21 -29.09 -24.28
C ALA F 306 27.45 -28.19 -23.34
N ILE F 307 26.59 -28.77 -22.49
CA ILE F 307 25.89 -27.97 -21.47
C ILE F 307 26.88 -27.30 -20.55
N ILE F 308 27.89 -28.06 -20.10
CA ILE F 308 28.84 -27.56 -19.12
C ILE F 308 29.65 -26.40 -19.69
N ALA F 309 30.09 -26.52 -20.95
CA ALA F 309 30.83 -25.44 -21.59
C ALA F 309 29.99 -24.18 -21.70
N GLU F 310 28.74 -24.32 -22.15
CA GLU F 310 27.86 -23.18 -22.28
C GLU F 310 27.65 -22.48 -20.95
N GLU F 311 27.38 -23.26 -19.90
CA GLU F 311 27.04 -22.69 -18.60
C GLU F 311 28.26 -22.07 -17.92
N TYR F 312 29.43 -22.69 -18.08
CA TYR F 312 30.65 -22.10 -17.53
C TYR F 312 30.97 -20.77 -18.19
N ALA F 313 30.90 -20.71 -19.51
CA ALA F 313 31.16 -19.46 -20.21
C ALA F 313 30.17 -18.37 -19.82
N LYS F 314 28.92 -18.74 -19.56
CA LYS F 314 27.91 -17.76 -19.21
C LYS F 314 28.03 -17.30 -17.76
N TRP F 315 28.38 -18.20 -16.84
CA TRP F 315 28.22 -17.90 -15.43
C TRP F 315 29.51 -17.87 -14.64
N LYS F 316 30.57 -18.53 -15.09
CA LYS F 316 31.81 -18.53 -14.33
C LYS F 316 32.39 -17.13 -14.13
N PRO F 317 32.42 -16.23 -15.13
CA PRO F 317 32.90 -14.87 -14.85
C PRO F 317 32.13 -14.16 -13.77
N GLN F 318 30.81 -14.35 -13.71
CA GLN F 318 29.99 -13.72 -12.68
C GLN F 318 30.22 -14.34 -11.31
N LEU F 319 30.33 -15.66 -11.24
CA LEU F 319 30.63 -16.31 -9.96
C LEU F 319 31.96 -15.86 -9.41
N ASP F 320 32.96 -15.66 -10.28
CA ASP F 320 34.28 -15.26 -9.85
C ASP F 320 34.33 -13.82 -9.37
N TRP F 321 33.45 -12.95 -9.89
CA TRP F 321 33.34 -11.61 -9.33
C TRP F 321 33.04 -11.66 -7.84
N TYR F 322 32.08 -12.50 -7.43
CA TYR F 322 31.75 -12.62 -6.02
C TYR F 322 32.77 -13.43 -5.26
N LYS F 323 33.37 -14.44 -5.89
CA LYS F 323 34.37 -15.25 -5.21
C LYS F 323 35.56 -14.42 -4.79
N GLU F 324 35.98 -13.47 -5.61
CA GLU F 324 37.10 -12.62 -5.26
C GLU F 324 36.80 -11.77 -4.03
N ARG F 325 35.56 -11.31 -3.89
CA ARG F 325 35.17 -10.46 -2.79
C ARG F 325 34.78 -11.23 -1.54
N LEU F 326 34.62 -12.54 -1.63
CA LEU F 326 34.17 -13.35 -0.50
C LEU F 326 35.26 -14.19 0.12
N LYS F 327 36.48 -14.14 -0.39
CA LYS F 327 37.55 -14.99 0.12
C LYS F 327 37.83 -14.72 1.58
N GLY F 328 37.88 -15.78 2.38
CA GLY F 328 38.22 -15.69 3.77
C GLY F 328 37.07 -15.42 4.72
N LYS F 329 35.88 -15.16 4.21
CA LYS F 329 34.74 -14.90 5.07
C LYS F 329 34.28 -16.20 5.71
N LYS F 330 33.83 -16.11 6.95
CA LYS F 330 33.46 -17.28 7.73
C LYS F 330 31.95 -17.48 7.72
N VAL F 331 31.53 -18.73 7.60
CA VAL F 331 30.11 -19.08 7.53
C VAL F 331 29.84 -20.26 8.44
N CYS F 332 28.69 -20.22 9.11
CA CYS F 332 28.13 -21.36 9.84
C CYS F 332 27.05 -21.99 8.97
N LEU F 333 27.19 -23.28 8.69
CA LEU F 333 26.29 -24.02 7.81
C LEU F 333 25.28 -24.81 8.64
N TRP F 334 24.07 -24.28 8.78
CA TRP F 334 23.10 -24.81 9.75
C TRP F 334 21.76 -25.14 9.09
N PRO F 335 21.72 -26.08 8.15
CA PRO F 335 20.42 -26.55 7.66
C PRO F 335 19.86 -27.62 8.55
N GLY F 336 18.79 -28.29 8.14
CA GLY F 336 18.36 -29.46 8.87
C GLY F 336 19.13 -30.70 8.48
N GLY F 337 19.23 -30.97 7.18
CA GLY F 337 19.77 -32.23 6.72
C GLY F 337 20.85 -32.13 5.66
N SER F 338 20.56 -32.70 4.49
CA SER F 338 21.56 -32.98 3.48
C SER F 338 22.29 -31.74 2.96
N LYS F 339 21.71 -30.55 3.08
CA LYS F 339 22.34 -29.37 2.51
C LYS F 339 23.64 -29.00 3.21
N LEU F 340 23.95 -29.61 4.36
CA LEU F 340 25.22 -29.32 5.00
C LEU F 340 26.38 -29.98 4.27
N TRP F 341 26.20 -31.21 3.79
CA TRP F 341 27.26 -31.85 3.03
C TRP F 341 27.16 -31.61 1.54
N HIS F 342 26.03 -31.13 1.05
CA HIS F 342 25.98 -30.69 -0.34
C HIS F 342 26.78 -29.42 -0.54
N TRP F 343 26.93 -28.60 0.50
CA TRP F 343 27.46 -27.26 0.36
C TRP F 343 28.85 -27.07 0.94
N ALA F 344 29.23 -27.85 1.95
CA ALA F 344 30.38 -27.51 2.78
C ALA F 344 31.65 -27.41 1.95
N HIS F 345 31.87 -28.35 1.04
CA HIS F 345 33.10 -28.33 0.28
C HIS F 345 33.00 -27.43 -0.94
N ALA F 346 31.83 -27.40 -1.58
CA ALA F 346 31.63 -26.56 -2.76
C ALA F 346 31.66 -25.07 -2.44
N ILE F 347 31.24 -24.67 -1.24
CA ILE F 347 31.26 -23.25 -0.92
C ILE F 347 32.64 -22.77 -0.52
N GLU F 348 33.49 -23.66 -0.02
CA GLU F 348 34.85 -23.25 0.25
C GLU F 348 35.65 -23.13 -1.04
N GLU F 349 35.47 -24.07 -1.96
CA GLU F 349 36.26 -24.09 -3.18
C GLU F 349 35.85 -22.99 -4.14
N GLU F 350 34.56 -22.74 -4.30
CA GLU F 350 34.07 -21.91 -5.39
C GLU F 350 33.58 -20.54 -4.96
N MET F 351 33.48 -20.28 -3.67
CA MET F 351 33.17 -18.95 -3.20
C MET F 351 34.22 -18.40 -2.26
N GLY F 352 35.19 -19.21 -1.85
CA GLY F 352 36.26 -18.76 -1.00
C GLY F 352 35.91 -18.63 0.46
N LEU F 353 34.72 -19.05 0.87
CA LEU F 353 34.31 -18.93 2.26
C LEU F 353 34.97 -20.00 3.10
N LYS F 354 35.15 -19.70 4.38
CA LYS F 354 35.66 -20.65 5.35
C LYS F 354 34.47 -21.17 6.17
N VAL F 355 34.20 -22.46 6.07
CA VAL F 355 33.13 -23.09 6.82
C VAL F 355 33.65 -23.44 8.21
N VAL F 356 33.12 -22.80 9.23
CA VAL F 356 33.60 -22.95 10.60
C VAL F 356 32.71 -23.85 11.44
N SER F 357 31.51 -24.16 10.99
CA SER F 357 30.61 -25.03 11.74
C SER F 357 29.54 -25.58 10.83
N VAL F 358 29.14 -26.83 11.08
CA VAL F 358 28.00 -27.45 10.44
C VAL F 358 27.11 -28.05 11.51
N TYR F 359 25.80 -28.05 11.28
CA TYR F 359 24.94 -28.82 12.15
C TYR F 359 23.77 -29.38 11.37
N THR F 360 23.20 -30.44 11.92
CA THR F 360 22.01 -31.09 11.40
C THR F 360 20.99 -31.19 12.53
N LYS F 361 19.73 -30.97 12.20
CA LYS F 361 18.68 -31.11 13.20
C LYS F 361 18.26 -32.57 13.36
N PHE F 362 18.15 -33.29 12.25
CA PHE F 362 17.59 -34.62 12.25
C PHE F 362 18.47 -35.67 11.61
N GLY F 363 19.56 -35.30 10.95
CA GLY F 363 20.30 -36.24 10.14
C GLY F 363 20.93 -37.35 10.96
N HIS F 364 21.09 -38.50 10.33
CA HIS F 364 21.65 -39.66 11.00
C HIS F 364 23.17 -39.54 11.02
N GLN F 365 23.85 -40.62 11.36
CA GLN F 365 25.31 -40.57 11.39
C GLN F 365 25.93 -40.60 10.00
N GLY F 366 25.18 -41.01 8.98
CA GLY F 366 25.68 -40.94 7.63
C GLY F 366 25.85 -39.52 7.13
N ASP F 367 24.89 -38.65 7.44
CA ASP F 367 25.00 -37.24 7.10
C ASP F 367 26.21 -36.60 7.75
N MET F 368 26.47 -36.95 9.01
CA MET F 368 27.63 -36.41 9.68
C MET F 368 28.93 -36.99 9.13
N GLU F 369 28.90 -38.23 8.65
CA GLU F 369 30.07 -38.78 7.99
C GLU F 369 30.43 -37.99 6.75
N LYS F 370 29.43 -37.69 5.92
CA LYS F 370 29.64 -36.85 4.75
C LYS F 370 30.07 -35.44 5.15
N GLY F 371 29.39 -34.87 6.16
CA GLY F 371 29.69 -33.50 6.55
C GLY F 371 31.07 -33.32 7.17
N VAL F 372 31.47 -34.25 8.03
CA VAL F 372 32.82 -34.17 8.61
C VAL F 372 33.89 -34.42 7.56
N SER F 373 33.62 -35.34 6.63
CA SER F 373 34.59 -35.60 5.56
C SER F 373 34.80 -34.39 4.68
N ARG F 374 33.74 -33.66 4.37
CA ARG F 374 33.80 -32.58 3.39
C ARG F 374 34.14 -31.24 4.01
N CYS F 375 34.30 -31.17 5.32
CA CYS F 375 34.67 -29.95 6.01
C CYS F 375 36.16 -29.95 6.30
N GLY F 376 36.70 -28.76 6.55
CA GLY F 376 38.08 -28.63 6.91
C GLY F 376 38.34 -28.92 8.38
N GLU F 377 39.62 -28.96 8.74
CA GLU F 377 39.98 -29.22 10.12
C GLU F 377 39.61 -28.04 11.00
N GLY F 378 39.11 -28.34 12.19
CA GLY F 378 38.66 -27.33 13.11
C GLY F 378 37.21 -26.96 12.99
N ALA F 379 36.50 -27.43 11.97
CA ALA F 379 35.08 -27.15 11.86
C ALA F 379 34.32 -27.87 12.96
N LEU F 380 33.24 -27.26 13.43
CA LEU F 380 32.45 -27.78 14.52
C LEU F 380 31.20 -28.44 13.95
N ALA F 381 31.04 -29.73 14.21
CA ALA F 381 29.92 -30.51 13.70
C ALA F 381 29.01 -30.89 14.85
N ILE F 382 27.77 -30.42 14.82
CA ILE F 382 26.81 -30.59 15.91
C ILE F 382 25.62 -31.37 15.39
N ASP F 383 25.11 -32.28 16.22
CA ASP F 383 23.89 -33.02 15.93
C ASP F 383 22.82 -32.67 16.95
N ASP F 384 21.60 -32.43 16.47
CA ASP F 384 20.48 -32.01 17.30
C ASP F 384 20.86 -30.80 18.16
N PRO F 385 21.17 -29.67 17.54
CA PRO F 385 21.55 -28.50 18.33
C PRO F 385 20.37 -27.91 19.06
N ASN F 386 20.65 -27.23 20.15
CA ASN F 386 19.66 -26.41 20.80
C ASN F 386 20.11 -24.96 20.72
N GLU F 387 19.24 -24.07 21.19
CA GLU F 387 19.45 -22.64 20.98
C GLU F 387 20.69 -22.14 21.71
N LEU F 388 20.88 -22.58 22.96
CA LEU F 388 22.01 -22.09 23.75
C LEU F 388 23.34 -22.57 23.19
N GLU F 389 23.38 -23.79 22.63
CA GLU F 389 24.60 -24.26 21.98
C GLU F 389 24.97 -23.41 20.78
N SER F 390 23.97 -23.01 20.00
CA SER F 390 24.22 -22.17 18.84
C SER F 390 24.76 -20.79 19.25
N VAL F 391 24.26 -20.24 20.36
CA VAL F 391 24.80 -18.98 20.86
C VAL F 391 26.26 -19.13 21.23
N GLU F 392 26.60 -20.21 21.92
CA GLU F 392 27.98 -20.46 22.29
C GLU F 392 28.86 -20.63 21.06
N ALA F 393 28.36 -21.34 20.05
CA ALA F 393 29.14 -21.54 18.83
C ALA F 393 29.41 -20.22 18.13
N ILE F 394 28.41 -19.34 18.05
CA ILE F 394 28.62 -18.02 17.44
C ILE F 394 29.63 -17.22 18.24
N GLU F 395 29.51 -17.22 19.56
CA GLU F 395 30.43 -16.48 20.40
C GLU F 395 31.87 -16.96 20.25
N MET F 396 32.05 -18.24 19.91
CA MET F 396 33.37 -18.83 19.79
C MET F 396 33.95 -18.70 18.38
N LEU F 397 33.12 -18.80 17.35
CA LEU F 397 33.59 -18.87 15.99
C LEU F 397 33.46 -17.57 15.21
N LYS F 398 32.66 -16.62 15.70
CA LYS F 398 32.51 -15.30 15.09
C LYS F 398 32.27 -15.31 13.58
N PRO F 399 31.21 -15.97 13.11
CA PRO F 399 30.99 -16.06 11.66
C PRO F 399 30.55 -14.74 11.05
N ASP F 400 30.82 -14.60 9.76
CA ASP F 400 30.41 -13.44 8.99
C ASP F 400 28.99 -13.56 8.46
N ILE F 401 28.53 -14.79 8.26
CA ILE F 401 27.17 -15.06 7.81
C ILE F 401 26.81 -16.44 8.33
N ILE F 402 25.52 -16.70 8.49
CA ILE F 402 25.03 -17.99 8.93
C ILE F 402 23.96 -18.42 7.94
N PHE F 403 24.01 -19.66 7.50
CA PHE F 403 22.95 -20.25 6.70
C PHE F 403 22.12 -21.10 7.64
N THR F 404 20.87 -20.73 7.86
CA THR F 404 20.00 -21.41 8.82
C THR F 404 18.55 -21.15 8.45
N GLY F 405 17.64 -21.47 9.35
CA GLY F 405 16.24 -21.24 9.16
C GLY F 405 15.81 -19.82 9.46
N LYS F 406 14.53 -19.56 9.19
CA LYS F 406 13.98 -18.21 9.36
C LYS F 406 14.01 -17.79 10.83
N ARG F 407 13.42 -18.60 11.70
CA ARG F 407 13.39 -18.27 13.12
C ARG F 407 14.78 -18.32 13.75
N PRO F 408 15.61 -19.34 13.50
CA PRO F 408 17.01 -19.24 13.95
C PRO F 408 17.75 -18.08 13.34
N GLY F 409 17.43 -17.71 12.10
CA GLY F 409 18.06 -16.55 11.49
C GLY F 409 17.72 -15.25 12.21
N GLU F 410 16.46 -15.08 12.59
CA GLU F 410 16.05 -13.92 13.35
C GLU F 410 16.69 -13.88 14.73
N PHE F 411 16.96 -15.04 15.31
CA PHE F 411 17.68 -15.06 16.57
C PHE F 411 19.11 -14.57 16.41
N VAL F 412 19.86 -15.10 15.42
CA VAL F 412 21.26 -14.72 15.29
C VAL F 412 21.39 -13.31 14.78
N LYS F 413 20.34 -12.76 14.18
CA LYS F 413 20.34 -11.35 13.82
C LYS F 413 20.52 -10.47 15.04
N LYS F 414 19.87 -10.82 16.12
CA LYS F 414 19.98 -10.12 17.37
C LYS F 414 21.27 -10.34 18.06
N HIS F 415 22.22 -11.03 17.42
CA HIS F 415 23.60 -11.16 17.85
C HIS F 415 24.57 -10.60 16.81
N GLY F 416 24.06 -9.78 15.89
CA GLY F 416 24.89 -9.06 14.94
C GLY F 416 25.16 -9.76 13.62
N VAL F 417 24.82 -11.04 13.49
CA VAL F 417 25.19 -11.83 12.32
C VAL F 417 24.08 -11.82 11.28
N PRO F 418 24.37 -11.60 10.01
CA PRO F 418 23.36 -11.80 8.98
C PRO F 418 23.16 -13.28 8.67
N TYR F 419 22.02 -13.58 8.06
CA TYR F 419 21.71 -14.95 7.72
C TYR F 419 21.12 -15.03 6.32
N LEU F 420 21.31 -16.17 5.70
CA LEU F 420 20.58 -16.56 4.51
C LEU F 420 19.77 -17.80 4.85
N ASN F 421 18.55 -17.88 4.32
CA ASN F 421 17.68 -19.02 4.60
C ASN F 421 18.22 -20.24 3.89
N ALA F 422 18.82 -21.16 4.64
CA ALA F 422 19.31 -22.39 4.05
C ALA F 422 18.19 -23.28 3.56
N HIS F 423 16.99 -23.12 4.12
CA HIS F 423 15.86 -23.99 3.84
C HIS F 423 15.04 -23.50 2.64
N ALA F 424 14.54 -22.29 2.71
CA ALA F 424 13.70 -21.75 1.68
C ALA F 424 14.44 -20.89 0.68
N TYR F 425 15.75 -20.74 0.84
CA TYR F 425 16.60 -19.82 0.09
C TYR F 425 16.19 -18.38 0.35
N HIS F 426 16.89 -17.42 -0.23
CA HIS F 426 16.46 -16.04 -0.22
C HIS F 426 16.01 -15.64 -1.62
N ASN F 427 16.93 -15.49 -2.55
CA ASN F 427 16.63 -15.26 -3.96
C ASN F 427 17.04 -16.49 -4.73
N GLY F 428 16.24 -17.55 -4.60
CA GLY F 428 16.53 -18.81 -5.20
C GLY F 428 16.03 -18.92 -6.62
N PRO F 429 16.14 -20.09 -7.21
CA PRO F 429 16.69 -21.32 -6.66
C PRO F 429 18.21 -21.27 -6.59
N TYR F 430 18.82 -21.99 -5.67
CA TYR F 430 20.26 -22.02 -5.50
C TYR F 430 20.92 -23.17 -6.24
N LYS F 431 20.15 -24.01 -6.90
CA LYS F 431 20.66 -25.10 -7.72
C LYS F 431 20.90 -24.62 -9.14
N GLY F 432 21.80 -25.31 -9.82
CA GLY F 432 22.23 -24.93 -11.15
C GLY F 432 23.51 -24.14 -11.12
N PHE F 433 23.95 -23.77 -12.33
CA PHE F 433 25.10 -22.88 -12.47
C PHE F 433 24.70 -21.44 -12.22
N GLU F 434 23.63 -20.98 -12.87
CA GLU F 434 23.06 -19.69 -12.55
C GLU F 434 22.65 -19.59 -11.08
N GLY F 435 22.13 -20.68 -10.53
CA GLY F 435 21.71 -20.67 -9.14
C GLY F 435 22.84 -20.48 -8.16
N TRP F 436 24.01 -21.03 -8.45
CA TRP F 436 25.18 -20.79 -7.62
C TRP F 436 25.59 -19.32 -7.62
N VAL F 437 25.52 -18.67 -8.79
CA VAL F 437 25.80 -17.25 -8.86
C VAL F 437 24.78 -16.45 -8.05
N ARG F 438 23.51 -16.86 -8.10
CA ARG F 438 22.50 -16.19 -7.30
C ARG F 438 22.77 -16.35 -5.82
N PHE F 439 23.21 -17.54 -5.40
CA PHE F 439 23.61 -17.77 -4.02
C PHE F 439 24.79 -16.87 -3.62
N ALA F 440 25.79 -16.76 -4.48
CA ALA F 440 26.97 -15.93 -4.18
C ALA F 440 26.58 -14.47 -4.02
N ARG F 441 25.68 -13.98 -4.86
CA ARG F 441 25.23 -12.61 -4.73
C ARG F 441 24.47 -12.39 -3.43
N ASP F 442 23.67 -13.35 -3.01
CA ASP F 442 22.97 -13.26 -1.73
C ASP F 442 23.94 -13.18 -0.57
N ILE F 443 24.99 -14.00 -0.61
CA ILE F 443 26.00 -14.00 0.44
C ILE F 443 26.70 -12.65 0.48
N TYR F 444 27.06 -12.14 -0.70
CA TYR F 444 27.78 -10.88 -0.80
C TYR F 444 26.91 -9.71 -0.35
N ASN F 445 25.63 -9.73 -0.70
CA ASN F 445 24.73 -8.65 -0.28
C ASN F 445 24.55 -8.63 1.22
N ALA F 446 24.38 -9.81 1.83
CA ALA F 446 24.24 -9.88 3.27
C ALA F 446 25.49 -9.41 3.99
N ILE F 447 26.65 -9.82 3.52
CA ILE F 447 27.88 -9.52 4.24
C ILE F 447 28.23 -8.05 4.13
N TYR F 448 28.14 -7.49 2.93
CA TYR F 448 28.67 -6.16 2.66
C TYR F 448 27.62 -5.08 2.70
N SER F 449 26.48 -5.34 3.32
CA SER F 449 25.44 -4.34 3.44
C SER F 449 25.97 -3.11 4.16
N PRO F 450 25.76 -1.91 3.62
CA PRO F 450 26.11 -0.71 4.38
C PRO F 450 25.33 -0.57 5.67
N MET F 451 24.13 -1.13 5.73
CA MET F 451 23.30 -1.10 6.93
C MET F 451 23.91 -1.90 8.07
N ARG F 452 24.67 -2.95 7.76
CA ARG F 452 25.32 -3.74 8.79
C ARG F 452 26.38 -2.95 9.53
N GLN F 453 27.15 -2.14 8.81
CA GLN F 453 28.14 -1.30 9.46
C GLN F 453 27.47 -0.16 10.22
N LEU F 454 26.37 0.36 9.70
CA LEU F 454 25.63 1.39 10.41
C LEU F 454 25.06 0.85 11.71
N ALA F 455 24.58 -0.38 11.71
CA ALA F 455 24.02 -0.97 12.93
C ALA F 455 25.09 -1.22 13.98
N ALA F 456 26.32 -1.43 13.56
CA ALA F 456 27.43 -1.65 14.48
C ALA F 456 27.92 -0.37 15.12
N LEU F 457 27.46 0.79 14.68
CA LEU F 457 27.95 2.08 15.12
C LEU F 457 27.12 2.61 16.27
N ASP F 458 27.77 3.04 17.32
CA ASP F 458 27.13 3.62 18.49
C ASP F 458 27.17 5.14 18.35
N ILE F 459 26.01 5.75 18.12
CA ILE F 459 26.00 7.19 17.88
C ILE F 459 26.07 7.99 19.16
N SER F 460 25.84 7.37 20.31
CA SER F 460 25.98 8.06 21.57
C SER F 460 27.41 8.06 22.08
N ALA F 461 28.31 7.34 21.43
CA ALA F 461 29.70 7.38 21.81
C ALA F 461 30.28 8.76 21.55
N PRO F 462 31.07 9.31 22.48
CA PRO F 462 31.51 10.70 22.35
C PRO F 462 32.23 11.03 21.05
N ASP F 463 33.09 10.14 20.57
CA ASP F 463 33.78 10.32 19.31
C ASP F 463 33.33 9.22 18.35
N ALA F 464 32.13 9.35 17.83
CA ALA F 464 31.53 8.30 17.03
C ALA F 464 31.79 8.61 15.57
N ALA F 465 32.11 7.56 14.80
CA ALA F 465 32.44 7.72 13.39
C ALA F 465 31.18 7.94 12.57
N ILE F 466 30.51 9.03 12.87
CA ILE F 466 29.32 9.42 12.14
C ILE F 466 29.74 10.06 10.83
N THR F 467 29.14 9.63 9.74
CA THR F 467 29.40 10.13 8.41
C THR F 467 28.09 10.48 7.74
N SER F 468 28.16 11.04 6.54
CA SER F 468 26.99 11.34 5.74
C SER F 468 27.18 10.79 4.34
N GLY F 469 26.14 10.88 3.56
CA GLY F 469 26.20 10.43 2.18
C GLY F 469 25.70 9.03 2.05
N PHE F 470 26.50 8.18 1.42
CA PHE F 470 26.12 6.79 1.20
C PHE F 470 27.39 5.96 1.11
N ARG F 471 27.18 4.65 1.23
CA ARG F 471 28.17 3.65 0.88
C ARG F 471 27.40 2.58 0.14
N THR F 472 28.10 1.81 -0.67
CA THR F 472 27.50 0.68 -1.34
C THR F 472 28.23 -0.57 -0.90
N ALA F 473 27.59 -1.73 -1.14
CA ALA F 473 28.24 -3.00 -0.89
C ALA F 473 29.50 -3.17 -1.72
N LYS F 474 29.49 -2.65 -2.94
CA LYS F 474 30.66 -2.72 -3.80
C LYS F 474 31.80 -1.88 -3.26
N MET F 475 31.49 -0.72 -2.67
CA MET F 475 32.53 0.07 -2.01
C MET F 475 33.12 -0.69 -0.84
N ASN F 476 32.30 -1.39 -0.07
CA ASN F 476 32.77 -2.16 1.07
C ASN F 476 33.60 -3.36 0.64
N ALA F 477 33.16 -4.05 -0.41
CA ALA F 477 33.83 -5.27 -0.85
C ALA F 477 35.11 -4.98 -1.64
N ASP F 478 35.17 -3.86 -2.34
CA ASP F 478 36.38 -3.51 -3.07
C ASP F 478 37.53 -3.11 -2.17
N LEU F 479 37.25 -2.79 -0.91
CA LEU F 479 38.32 -2.56 0.06
C LEU F 479 39.12 -3.81 0.34
N THR F 480 38.61 -4.98 -0.04
CA THR F 480 39.26 -6.25 0.24
C THR F 480 40.06 -6.80 -0.93
N VAL F 481 39.69 -6.47 -2.16
CA VAL F 481 40.31 -7.06 -3.34
C VAL F 481 41.49 -6.23 -3.80
N SER F 482 42.30 -6.78 -4.70
CA SER F 482 43.47 -6.11 -5.20
C SER F 482 43.08 -5.17 -6.35
N ASP F 483 44.06 -4.45 -6.86
CA ASP F 483 43.83 -3.59 -8.02
C ASP F 483 43.54 -4.42 -9.26
N GLU F 484 44.25 -5.54 -9.43
CA GLU F 484 44.02 -6.38 -10.61
C GLU F 484 42.60 -6.94 -10.61
N VAL F 485 42.10 -7.34 -9.45
CA VAL F 485 40.73 -7.83 -9.37
C VAL F 485 39.74 -6.69 -9.58
N LYS F 486 39.99 -5.55 -8.92
CA LYS F 486 39.02 -4.48 -8.90
C LYS F 486 38.75 -3.92 -10.28
N PHE F 487 39.77 -3.84 -11.13
CA PHE F 487 39.63 -3.31 -12.46
C PHE F 487 39.68 -4.41 -13.52
N SER F 488 39.32 -5.63 -13.14
CA SER F 488 39.24 -6.72 -14.09
C SER F 488 38.17 -6.43 -15.13
N GLU F 489 38.45 -6.80 -16.37
CA GLU F 489 37.52 -6.60 -17.47
C GLU F 489 36.71 -7.83 -17.80
N VAL F 490 36.95 -8.95 -17.12
CA VAL F 490 36.24 -10.19 -17.35
C VAL F 490 35.23 -10.47 -16.24
N LEU F 491 35.56 -10.13 -15.00
CA LEU F 491 34.65 -10.33 -13.89
C LEU F 491 33.56 -9.29 -13.90
N HIS F 492 32.30 -9.72 -13.77
CA HIS F 492 31.21 -8.78 -13.65
C HIS F 492 30.15 -9.37 -12.76
N GLU F 493 29.28 -8.50 -12.26
CA GLU F 493 28.26 -8.90 -11.32
C GLU F 493 27.17 -9.74 -12.00
N TYR F 494 26.26 -10.26 -11.18
CA TYR F 494 25.22 -11.15 -11.66
C TYR F 494 24.26 -10.42 -12.58
N THR F 495 24.02 -10.98 -13.76
CA THR F 495 23.13 -10.42 -14.77
C THR F 495 22.00 -11.42 -14.94
N GLY F 496 21.02 -11.35 -14.07
CA GLY F 496 19.91 -12.27 -14.16
C GLY F 496 18.66 -11.60 -13.66
N LYS F 497 17.53 -12.17 -14.05
CA LYS F 497 16.25 -11.62 -13.68
C LYS F 497 15.94 -11.95 -12.24
N TYR F 498 14.99 -11.20 -11.68
CA TYR F 498 14.53 -11.49 -10.33
C TYR F 498 13.91 -12.89 -10.26
N ASP F 499 13.11 -13.24 -11.25
CA ASP F 499 12.54 -14.58 -11.38
C ASP F 499 13.35 -15.33 -12.45
N SER F 500 14.33 -16.12 -12.01
CA SER F 500 15.07 -16.92 -12.98
C SER F 500 14.28 -18.12 -13.49
N ILE F 501 13.14 -18.46 -12.89
CA ILE F 501 12.47 -19.69 -13.25
C ILE F 501 11.44 -19.49 -14.34
N ALA F 502 10.96 -18.26 -14.53
CA ALA F 502 9.99 -17.97 -15.58
C ALA F 502 10.49 -18.41 -16.95
N GLU F 503 11.75 -18.12 -17.26
CA GLU F 503 12.33 -18.49 -18.53
C GLU F 503 12.65 -19.98 -18.56
N ILE F 504 13.14 -20.55 -17.46
CA ILE F 504 13.46 -21.97 -17.41
C ILE F 504 12.19 -22.80 -17.55
N ARG F 505 11.11 -22.39 -16.89
CA ARG F 505 9.86 -23.12 -16.95
C ARG F 505 9.28 -23.07 -18.35
N ALA F 506 9.35 -21.91 -18.99
CA ALA F 506 8.84 -21.75 -20.34
C ALA F 506 9.57 -22.68 -21.28
N ARG F 507 10.89 -22.81 -21.10
CA ARG F 507 11.70 -23.66 -21.93
C ARG F 507 11.35 -25.12 -21.70
N ASN F 508 11.08 -25.49 -20.45
CA ASN F 508 10.75 -26.87 -20.14
C ASN F 508 9.43 -27.25 -20.76
N GLN F 509 8.49 -26.30 -20.76
CA GLN F 509 7.16 -26.54 -21.30
C GLN F 509 7.20 -26.61 -22.81
N ALA F 510 8.04 -25.78 -23.43
CA ALA F 510 8.20 -25.84 -24.88
C ALA F 510 8.75 -27.19 -25.29
N TYR F 511 9.76 -27.67 -24.56
CA TYR F 511 10.36 -28.96 -24.85
C TYR F 511 9.31 -30.06 -24.76
N ALA F 512 8.51 -30.03 -23.70
CA ALA F 512 7.48 -31.05 -23.51
C ALA F 512 6.53 -31.06 -24.69
N ALA F 513 6.11 -29.88 -25.13
CA ALA F 513 5.21 -29.78 -26.26
C ALA F 513 5.85 -30.40 -27.50
N GLU F 514 7.10 -30.03 -27.78
CA GLU F 514 7.79 -30.57 -28.95
C GLU F 514 7.89 -32.08 -28.86
N GLN F 515 8.25 -32.61 -27.69
CA GLN F 515 8.43 -34.05 -27.57
C GLN F 515 7.11 -34.76 -27.79
N LYS F 516 6.02 -34.17 -27.30
CA LYS F 516 4.70 -34.77 -27.49
C LYS F 516 4.36 -34.80 -28.97
N ALA F 517 4.57 -33.69 -29.66
CA ALA F 517 4.29 -33.61 -31.10
C ALA F 517 4.97 -34.75 -31.83
N LEU F 518 6.29 -34.88 -31.66
CA LEU F 518 7.04 -35.91 -32.37
C LEU F 518 6.52 -37.29 -32.03
N ARG F 519 6.27 -37.53 -30.75
CA ARG F 519 5.80 -38.84 -30.31
C ARG F 519 4.44 -39.15 -30.92
N ASP F 520 3.49 -38.21 -30.83
CA ASP F 520 2.16 -38.47 -31.33
C ASP F 520 2.16 -38.68 -32.84
N ALA F 521 3.24 -38.31 -33.52
CA ALA F 521 3.35 -38.53 -34.95
C ALA F 521 3.87 -39.93 -35.24
N SER G 5 52.51 -44.91 2.06
CA SER G 5 51.83 -43.98 2.96
C SER G 5 51.58 -42.67 2.24
N GLU G 6 52.54 -42.26 1.41
CA GLU G 6 52.45 -41.01 0.68
C GLU G 6 51.93 -41.22 -0.73
N LYS G 7 51.29 -42.36 -0.96
CA LYS G 7 50.67 -42.72 -2.21
C LYS G 7 49.18 -42.91 -2.02
N LEU G 8 48.72 -43.03 -0.78
CA LEU G 8 47.34 -43.31 -0.39
C LEU G 8 46.64 -42.12 0.19
N ASP G 9 47.34 -41.29 0.97
CA ASP G 9 46.68 -40.17 1.61
C ASP G 9 46.08 -39.19 0.61
N PRO G 10 46.77 -38.79 -0.47
CA PRO G 10 46.10 -37.97 -1.47
C PRO G 10 44.91 -38.67 -2.14
N LEU G 11 45.02 -39.96 -2.44
CA LEU G 11 43.92 -40.66 -3.09
C LEU G 11 42.71 -40.78 -2.16
N VAL G 12 42.92 -41.23 -0.94
CA VAL G 12 41.83 -41.32 0.03
C VAL G 12 41.25 -39.94 0.29
N ASP G 13 42.11 -38.93 0.42
CA ASP G 13 41.64 -37.58 0.69
C ASP G 13 40.75 -37.05 -0.43
N TYR G 14 41.12 -37.30 -1.69
CA TYR G 14 40.26 -36.85 -2.78
C TYR G 14 38.90 -37.53 -2.74
N ILE G 15 38.87 -38.84 -2.51
CA ILE G 15 37.60 -39.55 -2.46
C ILE G 15 36.69 -38.97 -1.39
N MET G 16 37.22 -38.81 -0.17
CA MET G 16 36.39 -38.38 0.95
C MET G 16 35.99 -36.92 0.87
N LYS G 17 36.74 -36.10 0.16
CA LYS G 17 36.37 -34.70 -0.01
C LYS G 17 35.41 -34.49 -1.16
N ASN G 18 35.41 -35.36 -2.16
CA ASN G 18 34.67 -35.09 -3.39
C ASN G 18 33.59 -36.12 -3.72
N CYS G 19 33.77 -37.38 -3.37
CA CYS G 19 32.89 -38.43 -3.86
C CYS G 19 31.77 -38.73 -2.86
N LEU G 20 30.65 -39.21 -3.38
CA LEU G 20 29.49 -39.57 -2.58
C LEU G 20 29.15 -41.05 -2.66
N TRP G 21 29.85 -41.83 -3.48
CA TRP G 21 29.49 -43.23 -3.71
C TRP G 21 29.90 -44.14 -2.58
N GLN G 22 30.78 -43.70 -1.69
CA GLN G 22 31.24 -44.50 -0.58
C GLN G 22 30.35 -44.41 0.64
N PHE G 23 29.37 -43.51 0.63
CA PHE G 23 28.52 -43.29 1.79
C PHE G 23 27.11 -43.86 1.62
N ASN G 24 27.02 -45.15 1.29
CA ASN G 24 25.73 -45.81 1.18
C ASN G 24 25.16 -46.05 2.58
N SER G 25 23.88 -46.43 2.62
CA SER G 25 23.15 -46.52 3.88
C SER G 25 23.49 -47.75 4.72
N ARG G 26 23.86 -48.85 4.10
CA ARG G 26 24.06 -50.10 4.82
C ARG G 26 25.41 -50.70 4.47
N GLY G 27 26.04 -51.33 5.46
CA GLY G 27 27.39 -51.82 5.27
C GLY G 27 27.51 -52.84 4.16
N TRP G 28 26.50 -53.69 4.00
CA TRP G 28 26.57 -54.70 2.95
C TRP G 28 26.47 -54.07 1.57
N ASP G 29 25.76 -52.95 1.43
CA ASP G 29 25.77 -52.19 0.18
C ASP G 29 27.04 -51.39 0.01
N ARG G 30 27.60 -50.87 1.10
CA ARG G 30 28.84 -50.12 1.01
C ARG G 30 29.97 -51.01 0.52
N LEU G 31 30.00 -52.28 0.94
CA LEU G 31 31.05 -53.19 0.50
C LEU G 31 30.99 -53.42 -1.01
N LYS G 32 29.80 -53.61 -1.55
CA LYS G 32 29.66 -53.79 -2.99
C LYS G 32 30.02 -52.51 -3.75
N GLN G 33 29.56 -51.37 -3.26
CA GLN G 33 29.92 -50.09 -3.87
C GLN G 33 31.42 -49.90 -3.89
N ASN G 34 32.09 -50.13 -2.75
CA ASN G 34 33.54 -49.98 -2.67
C ASN G 34 34.24 -50.90 -3.66
N ALA G 35 33.92 -52.19 -3.61
CA ALA G 35 34.59 -53.18 -4.45
C ALA G 35 34.42 -52.86 -5.92
N GLY G 36 33.17 -52.63 -6.35
CA GLY G 36 32.92 -52.40 -7.76
C GLY G 36 33.61 -51.16 -8.29
N ILE G 37 33.42 -50.03 -7.61
CA ILE G 37 33.95 -48.77 -8.11
C ILE G 37 35.48 -48.77 -8.09
N LEU G 38 36.09 -49.26 -7.03
CA LEU G 38 37.55 -49.22 -6.92
C LEU G 38 38.22 -50.21 -7.85
N SER G 39 37.66 -51.41 -8.02
CA SER G 39 38.27 -52.34 -8.96
C SER G 39 38.21 -51.80 -10.38
N GLN G 40 37.10 -51.18 -10.75
CA GLN G 40 36.96 -50.61 -12.09
C GLN G 40 37.90 -49.45 -12.31
N THR G 41 38.15 -48.65 -11.28
CA THR G 41 39.13 -47.57 -11.38
C THR G 41 40.52 -48.13 -11.63
N CYS G 42 40.87 -49.22 -10.94
CA CYS G 42 42.16 -49.85 -11.17
C CYS G 42 42.29 -50.35 -12.60
N GLU G 43 41.22 -50.93 -13.15
CA GLU G 43 41.24 -51.37 -14.54
C GLU G 43 41.41 -50.20 -15.50
N ILE G 44 40.71 -49.09 -15.25
CA ILE G 44 40.81 -47.94 -16.15
C ILE G 44 42.23 -47.40 -16.16
N LEU G 45 42.84 -47.27 -14.99
CA LEU G 45 44.19 -46.73 -14.90
C LEU G 45 45.22 -47.69 -15.48
N CYS G 46 44.96 -48.99 -15.43
CA CYS G 46 45.85 -49.99 -16.02
C CYS G 46 45.70 -50.08 -17.53
N GLY G 47 44.79 -49.32 -18.13
CA GLY G 47 44.57 -49.36 -19.55
C GLY G 47 43.52 -50.34 -20.00
N GLU G 48 42.82 -50.98 -19.07
CA GLU G 48 41.85 -52.01 -19.42
C GLU G 48 40.49 -51.40 -19.74
N GLU G 49 39.66 -52.22 -20.39
CA GLU G 49 38.28 -51.86 -20.64
C GLU G 49 37.42 -52.74 -19.73
N PRO G 50 36.81 -52.18 -18.69
CA PRO G 50 35.99 -53.00 -17.80
C PRO G 50 34.80 -53.60 -18.54
N VAL G 51 34.45 -54.81 -18.15
CA VAL G 51 33.30 -55.51 -18.72
C VAL G 51 32.17 -55.47 -17.72
N HIS G 52 30.96 -55.24 -18.20
CA HIS G 52 29.78 -55.09 -17.37
C HIS G 52 28.84 -56.26 -17.60
N GLU G 53 28.35 -56.84 -16.52
CA GLU G 53 27.36 -57.89 -16.59
C GLU G 53 26.04 -57.51 -15.97
N THR G 54 25.91 -56.28 -15.47
CA THR G 54 24.71 -55.81 -14.81
C THR G 54 24.63 -54.30 -14.97
N ALA G 55 23.43 -53.77 -14.75
CA ALA G 55 23.27 -52.32 -14.74
C ALA G 55 23.99 -51.69 -13.58
N MET G 56 24.11 -52.37 -12.44
CA MET G 56 24.88 -51.79 -11.30
C MET G 56 26.35 -51.70 -11.67
N ASP G 57 26.88 -52.69 -12.40
CA ASP G 57 28.26 -52.59 -12.86
C ASP G 57 28.47 -51.33 -13.68
N ARG G 58 27.47 -50.96 -14.49
CA ARG G 58 27.58 -49.75 -15.28
C ARG G 58 27.56 -48.51 -14.40
N CYS G 59 26.76 -48.53 -13.33
CA CYS G 59 26.76 -47.43 -12.38
C CYS G 59 28.10 -47.31 -11.67
N TYR G 60 28.65 -48.44 -11.21
CA TYR G 60 30.02 -48.45 -10.70
C TYR G 60 30.99 -47.82 -11.68
N TRP G 61 30.81 -48.09 -12.97
CA TRP G 61 31.73 -47.61 -13.99
C TRP G 61 31.68 -46.11 -14.15
N VAL G 62 30.50 -45.49 -14.07
CA VAL G 62 30.46 -44.03 -14.24
C VAL G 62 31.17 -43.34 -13.09
N ASP G 63 30.98 -43.84 -11.86
CA ASP G 63 31.75 -43.34 -10.74
C ASP G 63 33.24 -43.56 -10.98
N ALA G 64 33.60 -44.75 -11.49
CA ALA G 64 34.99 -45.09 -11.71
C ALA G 64 35.62 -44.23 -12.80
N VAL G 65 34.86 -43.91 -13.85
CA VAL G 65 35.39 -43.08 -14.92
C VAL G 65 35.70 -41.69 -14.43
N ILE G 66 34.77 -41.09 -13.68
CA ILE G 66 35.01 -39.76 -13.12
C ILE G 66 36.20 -39.77 -12.17
N LEU G 67 36.27 -40.78 -11.30
CA LEU G 67 37.36 -40.84 -10.32
C LEU G 67 38.72 -41.03 -10.99
N SER G 68 38.78 -41.88 -12.01
CA SER G 68 40.06 -42.09 -12.69
C SER G 68 40.49 -40.86 -13.47
N ARG G 69 39.54 -40.14 -14.07
CA ARG G 69 39.87 -38.86 -14.69
C ARG G 69 40.49 -37.91 -13.68
N ALA G 70 39.88 -37.77 -12.51
CA ALA G 70 40.44 -36.90 -11.48
C ALA G 70 41.81 -37.38 -11.04
N TYR G 71 41.98 -38.69 -10.86
CA TYR G 71 43.26 -39.20 -10.41
C TYR G 71 44.38 -38.91 -11.42
N LYS G 72 44.10 -39.11 -12.71
CA LYS G 72 45.09 -38.78 -13.74
C LYS G 72 45.35 -37.29 -13.81
N ALA G 73 44.33 -36.47 -13.58
CA ALA G 73 44.50 -35.02 -13.68
C ALA G 73 45.36 -34.47 -12.55
N ARG G 74 45.21 -34.99 -11.33
CA ARG G 74 45.87 -34.41 -10.18
C ARG G 74 47.05 -35.22 -9.65
N PHE G 75 47.23 -36.47 -10.07
CA PHE G 75 48.28 -37.32 -9.51
C PHE G 75 49.14 -37.92 -10.61
N PRO G 76 49.93 -37.10 -11.31
CA PRO G 76 50.69 -37.59 -12.46
C PRO G 76 51.56 -38.79 -12.16
N TRP G 77 52.05 -38.91 -10.94
CA TRP G 77 52.84 -40.07 -10.53
C TRP G 77 52.11 -41.39 -10.75
N LEU G 78 50.83 -41.38 -11.10
CA LEU G 78 50.07 -42.62 -11.25
C LEU G 78 50.30 -43.26 -12.62
N MET G 79 50.15 -42.47 -13.68
CA MET G 79 50.34 -43.02 -15.02
C MET G 79 51.79 -43.34 -15.31
N ALA G 80 52.71 -43.02 -14.41
CA ALA G 80 54.12 -43.37 -14.59
C ALA G 80 54.48 -44.73 -14.01
N MET G 81 53.70 -45.27 -13.09
CA MET G 81 53.99 -46.58 -12.54
C MET G 81 53.53 -47.66 -13.51
N THR G 82 53.69 -48.91 -13.10
CA THR G 82 53.31 -50.05 -13.93
C THR G 82 52.21 -50.85 -13.25
N LYS G 83 51.61 -51.74 -14.04
CA LYS G 83 50.41 -52.46 -13.61
C LYS G 83 50.59 -53.20 -12.28
N PRO G 84 51.69 -53.90 -12.00
CA PRO G 84 51.80 -54.54 -10.67
C PRO G 84 51.70 -53.56 -9.51
N GLU G 85 52.42 -52.43 -9.56
CA GLU G 85 52.35 -51.49 -8.46
C GLU G 85 51.07 -50.68 -8.45
N ILE G 86 50.45 -50.44 -9.61
CA ILE G 86 49.11 -49.85 -9.63
C ILE G 86 48.10 -50.79 -8.99
N LYS G 87 48.19 -52.08 -9.31
CA LYS G 87 47.28 -53.05 -8.72
C LYS G 87 47.47 -53.16 -7.20
N SER G 88 48.72 -53.18 -6.74
CA SER G 88 48.96 -53.24 -5.31
C SER G 88 48.45 -51.98 -4.61
N LEU G 89 48.67 -50.82 -5.23
CA LEU G 89 48.20 -49.57 -4.64
C LEU G 89 46.69 -49.53 -4.52
N PHE G 90 45.98 -50.03 -5.53
CA PHE G 90 44.53 -50.01 -5.48
C PHE G 90 43.98 -51.10 -4.58
N LYS G 91 44.73 -52.19 -4.40
CA LYS G 91 44.40 -53.13 -3.35
C LYS G 91 44.48 -52.46 -1.99
N ALA G 92 45.54 -51.69 -1.75
CA ALA G 92 45.69 -50.94 -0.51
C ALA G 92 44.61 -49.89 -0.36
N LEU G 93 44.27 -49.19 -1.44
CA LEU G 93 43.21 -48.19 -1.41
C LEU G 93 41.86 -48.82 -1.09
N HIS G 94 41.60 -49.99 -1.68
CA HIS G 94 40.36 -50.70 -1.38
C HIS G 94 40.24 -51.03 0.10
N GLU G 95 41.32 -51.54 0.71
CA GLU G 95 41.30 -51.84 2.14
C GLU G 95 41.06 -50.60 2.98
N LYS G 96 41.72 -49.49 2.64
CA LYS G 96 41.59 -48.28 3.43
C LYS G 96 40.17 -47.72 3.38
N ILE G 97 39.56 -47.70 2.19
CA ILE G 97 38.21 -47.20 2.07
C ILE G 97 37.23 -48.11 2.79
N ASP G 98 37.45 -49.43 2.71
CA ASP G 98 36.61 -50.36 3.45
C ASP G 98 36.71 -50.13 4.94
N HIS G 99 37.92 -49.96 5.45
CA HIS G 99 38.10 -49.69 6.88
C HIS G 99 37.42 -48.40 7.29
N LEU G 100 37.53 -47.35 6.47
CA LEU G 100 36.95 -46.06 6.83
C LEU G 100 35.43 -46.10 6.79
N THR G 101 34.86 -46.82 5.84
CA THR G 101 33.43 -46.75 5.59
C THR G 101 32.65 -47.89 6.22
N VAL G 102 33.28 -49.05 6.44
CA VAL G 102 32.53 -50.19 6.93
C VAL G 102 33.17 -50.79 8.18
N HIS G 103 34.42 -51.26 8.06
CA HIS G 103 35.01 -52.08 9.12
C HIS G 103 35.20 -51.30 10.41
N GLY G 104 35.86 -50.16 10.33
CA GLY G 104 36.07 -49.31 11.50
C GLY G 104 35.04 -48.24 11.69
N SER G 105 33.95 -48.26 10.93
CA SER G 105 32.98 -47.19 10.93
C SER G 105 32.26 -47.08 12.27
N LEU G 106 32.10 -45.85 12.74
CA LEU G 106 31.34 -45.57 13.94
C LEU G 106 29.85 -45.40 13.65
N ASN G 107 29.46 -45.43 12.39
CA ASN G 107 28.06 -45.36 12.00
C ASN G 107 27.39 -46.70 12.31
N THR G 108 26.56 -46.73 13.34
CA THR G 108 25.91 -47.96 13.79
C THR G 108 24.68 -48.30 12.98
N GLU G 109 24.21 -47.40 12.12
CA GLU G 109 23.04 -47.69 11.30
C GLU G 109 23.34 -48.66 10.18
N LEU G 110 24.62 -48.84 9.85
CA LEU G 110 24.99 -49.73 8.75
C LEU G 110 24.56 -51.17 8.98
N THR G 111 24.25 -51.55 10.23
CA THR G 111 23.84 -52.91 10.54
C THR G 111 22.33 -53.04 10.74
N VAL G 112 21.56 -51.99 10.48
CA VAL G 112 20.11 -52.07 10.56
C VAL G 112 19.64 -52.97 9.42
N PRO G 113 18.90 -54.05 9.71
CA PRO G 113 18.59 -55.03 8.66
C PRO G 113 17.62 -54.56 7.59
N HIS G 114 16.82 -53.54 7.84
CA HIS G 114 15.85 -53.06 6.87
C HIS G 114 16.30 -51.70 6.33
N TYR G 115 15.78 -51.36 5.17
CA TYR G 115 16.17 -50.12 4.51
C TYR G 115 15.37 -48.96 5.06
N VAL H 5 -27.61 -16.26 10.93
CA VAL H 5 -26.23 -16.71 11.00
C VAL H 5 -26.11 -18.09 10.38
N THR H 6 -25.09 -18.28 9.56
CA THR H 6 -24.84 -19.55 8.88
C THR H 6 -23.73 -20.30 9.59
N GLN H 7 -24.02 -21.53 9.97
CA GLN H 7 -22.98 -22.43 10.46
C GLN H 7 -22.49 -23.24 9.27
N LYS H 8 -21.18 -23.42 9.18
CA LYS H 8 -20.62 -24.13 8.04
C LYS H 8 -21.19 -25.55 7.93
N ALA H 9 -21.67 -25.91 6.74
CA ALA H 9 -22.34 -27.20 6.56
C ALA H 9 -21.35 -28.34 6.40
N ARG H 10 -20.22 -28.11 5.77
CA ARG H 10 -19.18 -29.12 5.68
C ARG H 10 -18.61 -29.44 7.05
N GLU H 11 -18.17 -30.67 7.24
CA GLU H 11 -17.55 -31.06 8.49
C GLU H 11 -16.03 -31.01 8.46
N GLY H 12 -15.41 -31.24 7.33
CA GLY H 12 -13.98 -31.09 7.22
C GLY H 12 -13.58 -29.65 6.98
N THR H 13 -12.28 -29.40 7.05
CA THR H 13 -11.75 -28.07 6.84
C THR H 13 -11.04 -28.00 5.51
N ILE H 14 -11.33 -26.98 4.74
CA ILE H 14 -10.50 -26.57 3.62
C ILE H 14 -9.96 -25.20 3.98
N ASN H 15 -8.65 -25.12 4.18
CA ASN H 15 -7.92 -23.88 4.48
C ASN H 15 -8.34 -23.24 5.80
N PRO H 16 -7.88 -23.74 6.94
CA PRO H 16 -8.34 -23.22 8.22
C PRO H 16 -7.95 -21.77 8.46
N ILE H 17 -8.78 -21.09 9.24
CA ILE H 17 -8.54 -19.69 9.58
C ILE H 17 -7.69 -19.54 10.82
N PHE H 18 -7.88 -20.39 11.83
CA PHE H 18 -7.14 -20.35 13.06
C PHE H 18 -6.38 -21.66 13.26
N THR H 19 -5.41 -21.64 14.14
CA THR H 19 -4.77 -22.86 14.60
C THR H 19 -5.36 -23.30 15.95
N CYS H 20 -4.69 -24.21 16.62
CA CYS H 20 -5.25 -24.94 17.75
C CYS H 20 -5.00 -24.23 19.07
N GLN H 21 -5.61 -24.76 20.12
CA GLN H 21 -5.52 -24.15 21.45
C GLN H 21 -4.10 -23.98 21.96
N PRO H 22 -3.21 -24.97 21.88
CA PRO H 22 -1.86 -24.79 22.43
C PRO H 22 -1.11 -23.62 21.84
N ALA H 23 -1.32 -23.31 20.58
CA ALA H 23 -0.70 -22.14 19.97
C ALA H 23 -1.14 -20.85 20.65
N GLY H 24 -2.42 -20.74 21.00
CA GLY H 24 -2.90 -19.58 21.73
C GLY H 24 -2.31 -19.47 23.12
N ALA H 25 -2.19 -20.58 23.83
CA ALA H 25 -1.55 -20.57 25.15
C ALA H 25 -0.08 -20.17 25.04
N GLN H 26 0.60 -20.64 23.99
CA GLN H 26 1.98 -20.25 23.78
C GLN H 26 2.11 -18.77 23.50
N PHE H 27 1.22 -18.22 22.68
CA PHE H 27 1.28 -16.79 22.40
C PHE H 27 1.00 -15.94 23.63
N ALA H 28 0.08 -16.37 24.48
CA ALA H 28 -0.16 -15.65 25.72
C ALA H 28 1.07 -15.70 26.63
N SER H 29 1.78 -16.82 26.64
CA SER H 29 2.92 -16.99 27.52
C SER H 29 4.10 -16.10 27.15
N ILE H 30 4.33 -15.87 25.85
CA ILE H 30 5.49 -15.08 25.46
C ILE H 30 5.34 -13.62 25.84
N GLY H 31 4.18 -13.19 26.30
CA GLY H 31 3.97 -11.84 26.75
C GLY H 31 4.35 -11.56 28.18
N ILE H 32 4.89 -12.54 28.89
CA ILE H 32 5.25 -12.41 30.29
C ILE H 32 6.76 -12.36 30.39
N LYS H 33 7.25 -11.47 31.22
CA LYS H 33 8.67 -11.33 31.47
C LYS H 33 9.18 -12.53 32.26
N ASP H 34 10.33 -13.07 31.83
CA ASP H 34 10.99 -14.20 32.49
C ASP H 34 10.13 -15.45 32.50
N CYS H 35 9.44 -15.69 31.40
CA CYS H 35 8.56 -16.85 31.25
C CYS H 35 8.97 -17.62 30.00
N ILE H 36 9.26 -18.90 30.15
CA ILE H 36 9.46 -19.81 29.03
C ILE H 36 8.54 -20.99 29.26
N GLY H 37 7.62 -21.21 28.34
CA GLY H 37 6.70 -22.32 28.47
C GLY H 37 7.28 -23.62 27.97
N ILE H 38 6.77 -24.72 28.51
CA ILE H 38 7.06 -26.05 28.02
C ILE H 38 5.79 -26.61 27.42
N VAL H 39 5.80 -26.85 26.12
CA VAL H 39 4.69 -27.50 25.44
C VAL H 39 4.86 -28.99 25.60
N HIS H 40 3.93 -29.62 26.30
CA HIS H 40 3.99 -31.05 26.58
C HIS H 40 3.37 -31.80 25.43
N GLY H 41 4.19 -32.41 24.60
CA GLY H 41 3.69 -33.14 23.46
C GLY H 41 4.77 -33.29 22.42
N GLY H 42 4.34 -33.43 21.17
CA GLY H 42 5.26 -33.58 20.08
C GLY H 42 6.01 -32.30 19.77
N GLN H 43 7.16 -32.46 19.13
CA GLN H 43 8.03 -31.33 18.87
C GLN H 43 7.43 -30.39 17.84
N GLY H 44 6.64 -30.91 16.91
CA GLY H 44 5.99 -30.04 15.94
C GLY H 44 5.08 -29.03 16.60
N CYS H 45 4.44 -29.43 17.69
CA CYS H 45 3.47 -28.59 18.37
C CYS H 45 4.08 -27.30 18.90
N VAL H 46 5.38 -27.28 19.17
CA VAL H 46 6.05 -26.07 19.62
C VAL H 46 6.84 -25.42 18.49
N MET H 47 7.47 -26.21 17.63
CA MET H 47 8.32 -25.67 16.58
C MET H 47 7.52 -24.87 15.56
N PHE H 48 6.37 -25.39 15.14
CA PHE H 48 5.52 -24.66 14.20
C PHE H 48 4.98 -23.37 14.79
N VAL H 49 4.69 -23.37 16.09
CA VAL H 49 4.15 -22.16 16.71
C VAL H 49 5.23 -21.09 16.84
N ARG H 50 6.46 -21.49 17.16
CA ARG H 50 7.57 -20.55 17.15
C ARG H 50 7.78 -19.97 15.76
N LEU H 51 7.65 -20.80 14.72
CA LEU H 51 7.76 -20.31 13.35
C LEU H 51 6.61 -19.36 13.01
N LEU H 52 5.41 -19.66 13.48
CA LEU H 52 4.26 -18.81 13.20
C LEU H 52 4.38 -17.46 13.88
N ILE H 53 4.78 -17.43 15.15
CA ILE H 53 5.06 -16.18 15.82
C ILE H 53 6.18 -15.43 15.11
N SER H 54 7.18 -16.17 14.62
CA SER H 54 8.26 -15.57 13.87
C SER H 54 7.77 -14.93 12.58
N GLN H 55 6.83 -15.57 11.90
CA GLN H 55 6.27 -14.98 10.69
C GLN H 55 5.59 -13.66 10.97
N HIS H 56 4.83 -13.58 12.06
CA HIS H 56 4.14 -12.34 12.39
C HIS H 56 5.11 -11.26 12.82
N MET H 57 6.03 -11.58 13.72
CA MET H 57 6.86 -10.59 14.37
C MET H 57 8.23 -10.44 13.74
N LYS H 58 8.66 -11.38 12.92
CA LYS H 58 10.03 -11.45 12.43
C LYS H 58 11.01 -11.46 13.59
N GLU H 59 10.63 -12.07 14.70
CA GLU H 59 11.49 -12.21 15.86
C GLU H 59 11.38 -13.62 16.39
N SER H 60 12.38 -14.01 17.18
CA SER H 60 12.48 -15.34 17.77
C SER H 60 12.14 -15.27 19.25
N PHE H 61 11.28 -16.17 19.71
CA PHE H 61 10.90 -16.27 21.10
C PHE H 61 11.19 -17.68 21.60
N GLU H 62 11.60 -17.78 22.87
CA GLU H 62 11.99 -19.06 23.46
C GLU H 62 10.76 -19.75 24.03
N ILE H 63 10.40 -20.89 23.45
CA ILE H 63 9.41 -21.81 24.00
C ILE H 63 10.01 -23.20 23.90
N ALA H 64 9.84 -23.99 24.94
CA ALA H 64 10.45 -25.31 25.05
C ALA H 64 9.44 -26.42 24.79
N SER H 65 9.96 -27.63 24.63
CA SER H 65 9.18 -28.82 24.39
C SER H 65 9.56 -29.89 25.40
N SER H 66 8.63 -30.78 25.68
CA SER H 66 8.94 -31.99 26.42
C SER H 66 9.31 -33.16 25.50
N SER H 67 9.12 -33.02 24.20
CA SER H 67 9.62 -33.95 23.19
C SER H 67 9.08 -35.36 23.42
N VAL H 68 7.78 -35.49 23.22
CA VAL H 68 7.12 -36.79 23.36
C VAL H 68 7.32 -37.60 22.09
N HIS H 69 7.80 -38.82 22.23
CA HIS H 69 8.01 -39.75 21.14
C HIS H 69 7.10 -40.96 21.34
N GLU H 70 7.32 -42.00 20.53
CA GLU H 70 6.43 -43.16 20.56
C GLU H 70 6.40 -43.83 21.92
N ASP H 71 7.55 -44.02 22.54
CA ASP H 71 7.55 -44.61 23.87
C ASP H 71 6.94 -43.67 24.89
N GLY H 72 7.06 -42.37 24.69
CA GLY H 72 6.40 -41.43 25.57
C GLY H 72 4.90 -41.45 25.45
N ALA H 73 4.37 -41.81 24.29
CA ALA H 73 2.93 -41.88 24.14
C ALA H 73 2.40 -43.21 24.66
N VAL H 74 3.04 -44.32 24.31
CA VAL H 74 2.58 -45.64 24.74
C VAL H 74 2.73 -45.79 26.24
N PHE H 75 3.89 -45.46 26.77
CA PHE H 75 4.05 -45.38 28.20
C PHE H 75 3.70 -43.96 28.63
N GLY H 76 3.84 -43.64 29.89
CA GLY H 76 3.60 -42.28 30.32
C GLY H 76 4.70 -41.34 29.85
N ALA H 77 4.36 -40.08 29.72
CA ALA H 77 5.33 -39.07 29.33
C ALA H 77 5.47 -37.98 30.39
N LEU H 78 5.08 -38.25 31.63
CA LEU H 78 5.27 -37.28 32.69
C LEU H 78 6.74 -37.16 33.08
N ASP H 79 7.52 -38.22 32.90
CA ASP H 79 8.95 -38.13 33.11
C ASP H 79 9.60 -37.15 32.15
N ARG H 80 9.07 -37.03 30.93
CA ARG H 80 9.56 -36.02 29.99
C ARG H 80 9.35 -34.60 30.53
N VAL H 81 8.22 -34.35 31.17
CA VAL H 81 7.95 -33.01 31.69
C VAL H 81 8.86 -32.71 32.87
N GLU H 82 9.07 -33.69 33.73
CA GLU H 82 9.99 -33.52 34.85
C GLU H 82 11.40 -33.22 34.36
N THR H 83 11.86 -33.95 33.34
CA THR H 83 13.17 -33.68 32.75
C THR H 83 13.21 -32.31 32.09
N ALA H 84 12.14 -31.94 31.40
CA ALA H 84 12.10 -30.66 30.71
C ALA H 84 12.22 -29.49 31.67
N VAL H 85 11.54 -29.56 32.81
CA VAL H 85 11.60 -28.49 33.78
C VAL H 85 13.01 -28.35 34.33
N GLU H 86 13.63 -29.46 34.67
CA GLU H 86 15.00 -29.44 35.21
C GLU H 86 15.99 -28.91 34.19
N VAL H 87 15.91 -29.38 32.94
CA VAL H 87 16.84 -28.94 31.91
C VAL H 87 16.66 -27.45 31.65
N LEU H 88 15.40 -27.00 31.53
CA LEU H 88 15.12 -25.61 31.26
C LEU H 88 15.57 -24.69 32.39
N LEU H 89 15.40 -25.11 33.63
CA LEU H 89 15.76 -24.28 34.76
C LEU H 89 17.25 -24.23 35.00
N THR H 90 17.96 -25.32 34.72
CA THR H 90 19.41 -25.29 34.88
C THR H 90 20.07 -24.43 33.82
N ARG H 91 19.58 -24.51 32.59
CA ARG H 91 20.22 -23.83 31.49
C ARG H 91 19.72 -22.41 31.26
N TYR H 92 18.63 -22.03 31.89
CA TYR H 92 18.10 -20.66 31.83
C TYR H 92 17.93 -20.20 33.27
N PRO H 93 18.94 -19.57 33.86
CA PRO H 93 18.85 -19.20 35.28
C PRO H 93 17.98 -17.99 35.57
N ASP H 94 17.52 -17.27 34.56
CA ASP H 94 16.69 -16.10 34.74
C ASP H 94 15.20 -16.38 34.68
N VAL H 95 14.78 -17.61 34.39
CA VAL H 95 13.38 -17.93 34.22
C VAL H 95 12.70 -18.00 35.58
N LYS H 96 11.54 -17.37 35.69
CA LYS H 96 10.74 -17.41 36.90
C LYS H 96 9.41 -18.10 36.74
N VAL H 97 8.82 -18.07 35.55
CA VAL H 97 7.51 -18.64 35.29
C VAL H 97 7.66 -19.71 34.22
N VAL H 98 7.23 -20.92 34.51
CA VAL H 98 7.22 -22.02 33.56
C VAL H 98 5.80 -22.57 33.47
N PRO H 99 5.06 -22.21 32.44
CA PRO H 99 3.77 -22.85 32.21
C PRO H 99 3.89 -24.14 31.42
N ILE H 100 3.24 -25.20 31.89
CA ILE H 100 3.20 -26.46 31.16
C ILE H 100 1.92 -26.46 30.32
N ILE H 101 2.08 -26.38 29.01
CA ILE H 101 0.97 -26.37 28.07
C ILE H 101 0.83 -27.77 27.50
N THR H 102 -0.33 -28.36 27.65
CA THR H 102 -0.57 -29.67 27.06
C THR H 102 -1.07 -29.54 25.64
N THR H 103 -0.99 -30.63 24.90
CA THR H 103 -1.41 -30.69 23.52
C THR H 103 -2.47 -31.77 23.38
N CYS H 104 -2.84 -32.06 22.13
CA CYS H 104 -3.81 -33.11 21.86
C CYS H 104 -3.34 -34.46 22.36
N SER H 105 -2.07 -34.79 22.11
CA SER H 105 -1.59 -36.13 22.39
C SER H 105 -1.61 -36.46 23.88
N THR H 106 -1.17 -35.52 24.71
CA THR H 106 -1.09 -35.76 26.13
C THR H 106 -2.40 -35.43 26.86
N GLU H 107 -3.32 -34.74 26.20
CA GLU H 107 -4.68 -34.63 26.69
C GLU H 107 -5.46 -35.91 26.43
N ILE H 108 -5.16 -36.62 25.34
CA ILE H 108 -5.86 -37.86 25.03
C ILE H 108 -5.45 -38.96 26.01
N ILE H 109 -4.15 -39.10 26.25
CA ILE H 109 -3.66 -40.18 27.10
C ILE H 109 -3.74 -39.85 28.58
N GLY H 110 -4.25 -38.69 28.94
CA GLY H 110 -4.47 -38.35 30.32
C GLY H 110 -3.24 -38.24 31.20
N ASP H 111 -2.20 -37.56 30.72
CA ASP H 111 -1.05 -37.30 31.56
C ASP H 111 -1.41 -36.32 32.66
N ASP H 112 -1.15 -36.69 33.91
CA ASP H 112 -1.56 -35.89 35.06
C ASP H 112 -0.47 -34.88 35.37
N VAL H 113 -0.49 -33.77 34.63
CA VAL H 113 0.53 -32.74 34.79
C VAL H 113 0.25 -31.86 36.01
N ASP H 114 -1.01 -31.78 36.46
CA ASP H 114 -1.31 -31.01 37.66
C ASP H 114 -0.70 -31.67 38.88
N GLY H 115 -0.90 -32.98 39.03
CA GLY H 115 -0.29 -33.70 40.12
C GLY H 115 1.22 -33.69 40.09
N LEU H 116 1.80 -33.69 38.90
CA LEU H 116 3.26 -33.60 38.76
C LEU H 116 3.80 -32.28 39.28
N LEU H 117 3.06 -31.19 39.09
CA LEU H 117 3.50 -29.90 39.63
C LEU H 117 3.70 -29.96 41.13
N SER H 118 2.77 -30.59 41.84
CA SER H 118 2.91 -30.72 43.29
C SER H 118 4.20 -31.43 43.66
N LYS H 119 4.51 -32.55 42.98
CA LYS H 119 5.73 -33.27 43.26
C LYS H 119 6.97 -32.43 42.94
N LEU H 120 6.94 -31.71 41.82
CA LEU H 120 8.09 -30.92 41.42
C LEU H 120 8.41 -29.85 42.46
N GLU H 121 7.38 -29.14 42.94
CA GLU H 121 7.57 -28.10 43.93
C GLU H 121 7.95 -28.67 45.30
N ASP H 122 7.60 -29.91 45.58
CA ASP H 122 7.96 -30.51 46.85
C ASP H 122 9.35 -31.14 46.82
N GLU H 123 9.81 -31.59 45.66
CA GLU H 123 11.06 -32.33 45.56
C GLU H 123 12.10 -31.63 44.70
N LEU H 124 11.78 -31.30 43.46
CA LEU H 124 12.83 -30.86 42.53
C LEU H 124 13.26 -29.43 42.79
N LEU H 125 12.31 -28.52 42.90
CA LEU H 125 12.65 -27.12 43.15
C LEU H 125 13.37 -26.91 44.48
N PRO H 126 12.90 -27.41 45.62
CA PRO H 126 13.65 -27.18 46.87
C PRO H 126 15.02 -27.82 46.87
N THR H 127 15.21 -28.92 46.15
CA THR H 127 16.47 -29.66 46.20
C THR H 127 17.49 -29.09 45.24
N LYS H 128 17.18 -29.07 43.95
CA LYS H 128 18.18 -28.72 42.95
C LYS H 128 18.18 -27.25 42.60
N PHE H 129 17.21 -26.47 43.07
CA PHE H 129 17.20 -25.02 42.88
C PHE H 129 16.80 -24.34 44.18
N PRO H 130 17.60 -24.49 45.23
CA PRO H 130 17.21 -23.98 46.55
C PRO H 130 17.24 -22.47 46.59
N GLY H 131 16.13 -21.89 47.04
CA GLY H 131 16.02 -20.45 47.15
C GLY H 131 15.67 -19.73 45.89
N ARG H 132 15.57 -20.43 44.76
CA ARG H 132 15.19 -19.83 43.50
C ARG H 132 13.68 -19.69 43.43
N GLU H 133 13.22 -18.55 42.94
CA GLU H 133 11.79 -18.26 42.78
C GLU H 133 11.34 -18.83 41.45
N VAL H 134 10.64 -19.94 41.49
CA VAL H 134 10.13 -20.60 40.29
C VAL H 134 8.66 -20.90 40.49
N HIS H 135 7.83 -20.47 39.55
CA HIS H 135 6.41 -20.72 39.58
C HIS H 135 6.04 -21.59 38.40
N LEU H 136 5.41 -22.72 38.69
CA LEU H 136 4.97 -23.65 37.66
C LEU H 136 3.46 -23.69 37.62
N LEU H 137 2.90 -23.77 36.42
CA LEU H 137 1.47 -23.88 36.26
C LEU H 137 1.20 -24.73 35.03
N THR H 138 -0.03 -25.21 34.93
CA THR H 138 -0.47 -26.01 33.80
C THR H 138 -1.53 -25.25 33.04
N VAL H 139 -1.49 -25.36 31.72
CA VAL H 139 -2.53 -24.87 30.84
C VAL H 139 -2.99 -26.06 30.01
N HIS H 140 -4.21 -26.50 30.23
CA HIS H 140 -4.76 -27.67 29.55
C HIS H 140 -5.38 -27.25 28.24
N CYS H 141 -4.78 -27.66 27.13
CA CYS H 141 -5.15 -27.19 25.80
C CYS H 141 -5.37 -28.36 24.85
N PRO H 142 -6.47 -29.09 24.99
CA PRO H 142 -6.77 -30.14 24.01
C PRO H 142 -7.17 -29.53 22.67
N SER H 143 -6.39 -29.82 21.64
CA SER H 143 -6.56 -29.13 20.37
C SER H 143 -7.84 -29.53 19.64
N PHE H 144 -8.49 -30.59 20.04
CA PHE H 144 -9.77 -30.95 19.47
C PHE H 144 -10.92 -30.22 20.13
N VAL H 145 -10.63 -29.21 20.94
CA VAL H 145 -11.62 -28.30 21.49
C VAL H 145 -11.20 -26.89 21.08
N GLY H 146 -12.19 -26.06 20.75
CA GLY H 146 -11.94 -24.64 20.58
C GLY H 146 -10.99 -24.31 19.46
N SER H 147 -10.11 -23.35 19.72
CA SER H 147 -9.12 -22.91 18.75
C SER H 147 -8.05 -22.14 19.51
N MET H 148 -7.17 -21.48 18.77
CA MET H 148 -6.13 -20.67 19.39
C MET H 148 -6.72 -19.52 20.19
N ILE H 149 -7.92 -19.08 19.84
CA ILE H 149 -8.61 -18.04 20.58
C ILE H 149 -8.99 -18.54 21.96
N THR H 150 -9.61 -19.72 22.04
CA THR H 150 -9.96 -20.28 23.33
C THR H 150 -8.72 -20.66 24.12
N GLY H 151 -7.65 -21.09 23.46
CA GLY H 151 -6.40 -21.38 24.14
C GLY H 151 -5.78 -20.14 24.78
N TYR H 152 -5.81 -19.02 24.06
CA TYR H 152 -5.34 -17.76 24.62
C TYR H 152 -6.17 -17.33 25.82
N ASP H 153 -7.49 -17.41 25.68
CA ASP H 153 -8.40 -17.01 26.75
C ASP H 153 -8.18 -17.83 28.01
N LYS H 154 -8.01 -19.13 27.85
CA LYS H 154 -7.75 -20.02 28.98
C LYS H 154 -6.40 -19.75 29.62
N ALA H 155 -5.37 -19.46 28.83
CA ALA H 155 -4.06 -19.20 29.39
C ALA H 155 -4.03 -17.92 30.20
N VAL H 156 -4.70 -16.86 29.74
CA VAL H 156 -4.77 -15.63 30.51
C VAL H 156 -5.47 -15.89 31.84
N HIS H 157 -6.56 -16.64 31.81
CA HIS H 157 -7.23 -17.03 33.04
C HIS H 157 -6.29 -17.79 33.96
N ASP H 158 -5.50 -18.71 33.39
CA ASP H 158 -4.62 -19.54 34.20
C ASP H 158 -3.48 -18.75 34.81
N PHE H 159 -2.90 -17.81 34.06
CA PHE H 159 -1.85 -16.96 34.60
C PHE H 159 -2.37 -16.09 35.74
N VAL H 160 -3.53 -15.48 35.55
CA VAL H 160 -4.12 -14.65 36.59
C VAL H 160 -4.46 -15.47 37.84
N LYS H 161 -5.02 -16.66 37.64
CA LYS H 161 -5.39 -17.50 38.76
C LYS H 161 -4.18 -17.98 39.54
N LYS H 162 -3.06 -18.21 38.86
CA LYS H 162 -1.83 -18.61 39.54
C LYS H 162 -1.31 -17.50 40.45
N PHE H 163 -1.32 -16.25 40.00
CA PHE H 163 -0.57 -15.22 40.67
C PHE H 163 -1.38 -14.23 41.47
N ALA H 164 -2.61 -13.93 41.09
CA ALA H 164 -3.34 -12.84 41.73
C ALA H 164 -3.49 -13.10 43.22
N THR H 165 -3.14 -12.09 44.02
CA THR H 165 -3.06 -12.22 45.47
C THR H 165 -3.62 -10.96 46.10
N LYS H 166 -4.54 -11.12 47.05
CA LYS H 166 -5.14 -9.98 47.70
C LYS H 166 -4.14 -9.31 48.64
N ASP H 167 -4.09 -7.99 48.59
CA ASP H 167 -3.11 -7.19 49.32
C ASP H 167 -3.72 -5.83 49.57
N GLU H 168 -2.88 -4.84 49.81
CA GLU H 168 -3.35 -3.47 49.93
C GLU H 168 -4.02 -3.02 48.63
N PRO H 169 -5.11 -2.28 48.71
CA PRO H 169 -5.82 -1.86 47.50
C PRO H 169 -4.98 -0.93 46.63
N SER H 170 -5.26 -0.94 45.34
CA SER H 170 -4.54 -0.14 44.37
C SER H 170 -5.50 0.70 43.55
N ASP H 171 -5.06 1.90 43.17
CA ASP H 171 -5.81 2.77 42.28
C ASP H 171 -5.76 2.31 40.83
N LYS H 172 -4.97 1.30 40.53
CA LYS H 172 -4.84 0.84 39.17
C LYS H 172 -6.10 0.10 38.73
N ILE H 173 -6.31 0.03 37.42
CA ILE H 173 -7.28 -0.87 36.84
C ILE H 173 -6.50 -1.99 36.17
N ASN H 174 -7.20 -3.04 35.79
CA ASN H 174 -6.65 -4.11 34.98
C ASN H 174 -7.10 -3.92 33.55
N LEU H 175 -6.18 -3.86 32.64
CA LEU H 175 -6.52 -3.81 31.23
C LEU H 175 -6.02 -5.09 30.60
N ILE H 176 -6.94 -6.02 30.34
CA ILE H 176 -6.66 -7.22 29.58
C ILE H 176 -6.92 -6.89 28.12
N THR H 177 -5.86 -6.79 27.33
CA THR H 177 -5.99 -6.27 25.98
C THR H 177 -6.60 -7.26 25.01
N GLY H 178 -6.45 -8.55 25.26
CA GLY H 178 -6.70 -9.54 24.24
C GLY H 178 -5.48 -9.70 23.37
N TRP H 179 -5.62 -10.55 22.39
CA TRP H 179 -4.56 -10.85 21.42
C TRP H 179 -4.42 -9.67 20.47
N VAL H 180 -3.45 -8.80 20.73
CA VAL H 180 -3.27 -7.56 19.97
C VAL H 180 -1.80 -7.42 19.61
N ASN H 181 -1.52 -6.49 18.71
CA ASN H 181 -0.18 -6.20 18.24
C ASN H 181 0.56 -5.28 19.19
N PRO H 182 1.88 -5.23 19.10
CA PRO H 182 2.63 -4.22 19.86
C PRO H 182 2.17 -2.80 19.57
N GLY H 183 1.76 -2.52 18.34
CA GLY H 183 1.21 -1.21 18.00
C GLY H 183 -0.09 -0.91 18.70
N ASP H 184 -0.95 -1.93 18.86
CA ASP H 184 -2.20 -1.77 19.59
C ASP H 184 -1.98 -1.43 21.05
N VAL H 185 -1.03 -2.10 21.71
CA VAL H 185 -0.74 -1.83 23.12
C VAL H 185 -0.19 -0.43 23.31
N LYS H 186 0.67 0.02 22.39
CA LYS H 186 1.19 1.38 22.48
C LYS H 186 0.08 2.41 22.40
N GLU H 187 -0.88 2.21 21.51
CA GLU H 187 -2.02 3.11 21.40
C GLU H 187 -2.87 3.10 22.68
N LEU H 188 -3.14 1.93 23.22
CA LEU H 188 -3.96 1.85 24.44
C LEU H 188 -3.26 2.48 25.62
N LYS H 189 -1.96 2.28 25.72
CA LYS H 189 -1.18 2.89 26.80
C LYS H 189 -1.12 4.39 26.65
N HIS H 190 -1.08 4.88 25.42
CA HIS H 190 -1.15 6.32 25.17
C HIS H 190 -2.48 6.90 25.64
N LEU H 191 -3.58 6.21 25.34
CA LEU H 191 -4.89 6.68 25.78
C LEU H 191 -4.98 6.76 27.29
N LEU H 192 -4.51 5.73 27.98
CA LEU H 192 -4.54 5.70 29.43
C LEU H 192 -3.66 6.78 30.03
N GLU H 193 -2.52 7.05 29.40
CA GLU H 193 -1.60 8.05 29.93
C GLU H 193 -2.15 9.46 29.79
N VAL H 194 -2.87 9.74 28.70
CA VAL H 194 -3.57 11.02 28.56
C VAL H 194 -4.69 11.13 29.60
N MET H 195 -5.45 10.06 29.78
CA MET H 195 -6.48 10.03 30.81
C MET H 195 -5.91 10.06 32.22
N GLU H 196 -4.60 9.85 32.38
CA GLU H 196 -3.93 9.81 33.68
C GLU H 196 -4.42 8.62 34.51
N VAL H 197 -4.42 7.45 33.90
CA VAL H 197 -4.89 6.22 34.51
C VAL H 197 -3.77 5.19 34.47
N LYS H 198 -3.43 4.65 35.64
CA LYS H 198 -2.47 3.57 35.76
C LYS H 198 -3.17 2.23 35.62
N ALA H 199 -2.53 1.29 34.93
CA ALA H 199 -3.16 0.01 34.68
C ALA H 199 -2.15 -1.11 34.81
N ASN H 200 -2.65 -2.28 35.18
CA ASN H 200 -1.95 -3.54 34.97
C ASN H 200 -2.36 -4.02 33.59
N VAL H 201 -1.47 -3.85 32.62
CA VAL H 201 -1.76 -4.18 31.23
C VAL H 201 -1.37 -5.63 30.99
N LEU H 202 -2.33 -6.43 30.55
CA LEU H 202 -2.12 -7.82 30.20
C LEU H 202 -2.37 -7.97 28.71
N PHE H 203 -1.31 -8.03 27.91
CA PHE H 203 0.10 -8.10 28.29
C PHE H 203 0.88 -6.96 27.68
N GLU H 204 2.06 -6.70 28.23
CA GLU H 204 2.96 -5.67 27.73
C GLU H 204 3.81 -6.28 26.63
N VAL H 205 3.35 -6.14 25.39
CA VAL H 205 4.00 -6.79 24.27
C VAL H 205 4.68 -5.78 23.36
N GLU H 206 4.93 -4.57 23.84
CA GLU H 206 5.66 -3.60 23.04
C GLU H 206 7.12 -4.01 22.86
N SER H 207 7.69 -4.71 23.82
CA SER H 207 9.05 -5.20 23.73
C SER H 207 9.18 -6.41 22.81
N PHE H 208 8.09 -6.87 22.20
CA PHE H 208 8.19 -7.82 21.10
C PHE H 208 9.05 -7.25 19.99
N ASP H 209 8.90 -5.96 19.73
CA ASP H 209 9.68 -5.23 18.73
C ASP H 209 10.96 -4.73 19.41
N SER H 210 12.04 -5.51 19.27
CA SER H 210 13.32 -5.29 19.91
C SER H 210 14.29 -4.59 18.97
N PRO H 211 15.17 -3.74 19.49
CA PRO H 211 16.08 -3.00 18.64
C PRO H 211 17.33 -3.78 18.28
N LEU H 212 17.92 -3.41 17.16
CA LEU H 212 19.20 -3.93 16.71
C LEU H 212 20.29 -2.99 17.20
N MET H 213 20.85 -3.31 18.33
CA MET H 213 21.72 -2.45 19.09
C MET H 213 23.17 -2.58 18.64
N PRO H 214 23.98 -1.55 18.88
CA PRO H 214 25.38 -1.61 18.46
C PRO H 214 26.17 -2.66 19.20
N ASP H 215 26.04 -2.67 20.51
CA ASP H 215 26.94 -3.48 21.33
C ASP H 215 26.21 -4.56 22.10
N LEU H 216 25.25 -4.20 22.94
CA LEU H 216 24.62 -5.18 23.82
C LEU H 216 23.41 -5.78 23.12
N GLU H 217 23.44 -7.09 22.92
CA GLU H 217 22.31 -7.76 22.30
C GLU H 217 21.10 -7.68 23.23
N HIS H 218 19.92 -7.61 22.61
CA HIS H 218 18.67 -7.45 23.35
C HIS H 218 17.60 -8.18 22.55
N HIS H 219 17.07 -9.25 23.09
CA HIS H 219 16.14 -10.09 22.36
C HIS H 219 14.70 -9.73 22.67
N SER H 220 13.81 -10.19 21.81
CA SER H 220 12.38 -9.96 21.99
C SER H 220 11.87 -10.73 23.19
N HIS H 221 11.01 -10.09 23.97
CA HIS H 221 10.48 -10.68 25.18
C HIS H 221 9.21 -9.93 25.55
N GLY H 222 8.45 -10.51 26.47
CA GLY H 222 7.33 -9.83 27.06
C GLY H 222 7.71 -9.04 28.28
N SER H 223 6.87 -8.09 28.64
CA SER H 223 7.18 -7.18 29.73
C SER H 223 6.17 -7.20 30.87
N THR H 224 5.15 -8.04 30.81
CA THR H 224 4.26 -8.21 31.96
C THR H 224 4.96 -9.03 33.03
N THR H 225 5.02 -8.50 34.24
CA THR H 225 5.77 -9.14 35.31
C THR H 225 4.84 -9.94 36.23
N ILE H 226 5.46 -10.72 37.10
CA ILE H 226 4.72 -11.44 38.12
C ILE H 226 4.03 -10.49 39.06
N GLU H 227 4.64 -9.32 39.28
CA GLU H 227 4.05 -8.31 40.16
C GLU H 227 2.78 -7.74 39.55
N ASP H 228 2.78 -7.51 38.24
CA ASP H 228 1.58 -7.06 37.54
C ASP H 228 0.46 -8.07 37.74
N LEU H 229 0.76 -9.34 37.51
CA LEU H 229 -0.24 -10.40 37.67
C LEU H 229 -0.67 -10.57 39.11
N ARG H 230 0.25 -10.41 40.06
CA ARG H 230 -0.11 -10.50 41.47
C ARG H 230 -1.08 -9.39 41.86
N ASP H 231 -0.86 -8.20 41.35
CA ASP H 231 -1.64 -7.02 41.70
C ASP H 231 -3.00 -6.96 41.03
N THR H 232 -3.26 -7.82 40.04
CA THR H 232 -4.57 -7.88 39.43
C THR H 232 -5.70 -8.03 40.44
N ALA H 233 -5.42 -8.63 41.59
CA ALA H 233 -6.43 -8.84 42.62
C ALA H 233 -6.78 -7.58 43.38
N ASN H 234 -5.97 -6.53 43.28
CA ASN H 234 -6.16 -5.34 44.08
C ASN H 234 -6.62 -4.14 43.26
N ALA H 235 -7.02 -4.36 42.01
CA ALA H 235 -7.37 -3.26 41.13
C ALA H 235 -8.76 -2.73 41.43
N LYS H 236 -9.02 -1.51 40.97
CA LYS H 236 -10.35 -0.92 41.04
C LYS H 236 -11.33 -1.64 40.13
N GLY H 237 -10.86 -2.18 39.02
CA GLY H 237 -11.73 -2.89 38.12
C GLY H 237 -10.92 -3.48 37.00
N THR H 238 -11.57 -4.32 36.21
CA THR H 238 -10.95 -4.95 35.07
C THR H 238 -11.71 -4.55 33.82
N ILE H 239 -11.01 -4.09 32.80
CA ILE H 239 -11.60 -3.89 31.49
C ILE H 239 -10.96 -4.92 30.58
N ALA H 240 -11.74 -5.89 30.14
CA ALA H 240 -11.30 -6.85 29.15
C ALA H 240 -11.86 -6.40 27.80
N LEU H 241 -10.97 -6.04 26.89
CA LEU H 241 -11.40 -5.55 25.59
C LEU H 241 -12.09 -6.64 24.77
N ASN H 242 -11.58 -7.87 24.81
CA ASN H 242 -12.07 -8.96 23.99
C ASN H 242 -12.86 -9.94 24.84
N ARG H 243 -14.09 -10.21 24.43
CA ARG H 243 -14.96 -11.13 25.15
C ARG H 243 -14.49 -12.58 24.99
N TYR H 244 -13.81 -12.88 23.90
CA TYR H 244 -13.33 -14.23 23.64
C TYR H 244 -11.86 -14.41 23.99
N GLU H 245 -11.19 -13.36 24.47
CA GLU H 245 -9.76 -13.38 24.76
C GLU H 245 -9.47 -12.67 26.07
N GLY H 246 -10.16 -13.03 27.12
CA GLY H 246 -9.86 -12.34 28.36
C GLY H 246 -11.02 -12.16 29.31
N MET H 247 -12.22 -12.56 28.88
CA MET H 247 -13.37 -12.47 29.77
C MET H 247 -13.32 -13.53 30.87
N LYS H 248 -12.64 -14.66 30.64
CA LYS H 248 -12.55 -15.68 31.67
C LYS H 248 -11.68 -15.23 32.82
N ALA H 249 -10.55 -14.59 32.53
CA ALA H 249 -9.68 -14.06 33.57
C ALA H 249 -10.38 -12.96 34.36
N ALA H 250 -11.12 -12.10 33.66
CA ALA H 250 -11.88 -11.03 34.31
C ALA H 250 -13.00 -11.58 35.17
N ASP H 251 -13.70 -12.61 34.69
CA ASP H 251 -14.75 -13.24 35.49
C ASP H 251 -14.17 -13.88 36.74
N TYR H 252 -12.99 -14.48 36.64
CA TYR H 252 -12.32 -15.05 37.79
C TYR H 252 -11.99 -13.98 38.83
N LEU H 253 -11.49 -12.83 38.39
CA LEU H 253 -11.14 -11.77 39.32
C LEU H 253 -12.36 -11.24 40.05
N LYS H 254 -13.49 -11.10 39.35
CA LYS H 254 -14.74 -10.68 39.98
C LYS H 254 -15.25 -11.72 40.96
N LYS H 255 -15.21 -12.99 40.59
CA LYS H 255 -15.77 -14.04 41.42
C LYS H 255 -14.94 -14.25 42.67
N LYS H 256 -13.62 -14.15 42.56
CA LYS H 256 -12.70 -14.49 43.62
C LYS H 256 -12.33 -13.31 44.50
N PHE H 257 -12.07 -12.16 43.90
CA PHE H 257 -11.61 -11.00 44.64
C PHE H 257 -12.56 -9.82 44.56
N LYS H 258 -13.71 -9.98 43.92
CA LYS H 258 -14.72 -8.93 43.82
C LYS H 258 -14.20 -7.71 43.07
N VAL H 259 -13.39 -7.93 42.05
CA VAL H 259 -12.90 -6.86 41.18
C VAL H 259 -13.92 -6.68 40.06
N PRO H 260 -14.64 -5.56 40.01
CA PRO H 260 -15.64 -5.39 38.96
C PRO H 260 -15.06 -5.44 37.56
N ALA H 261 -15.77 -6.12 36.67
CA ALA H 261 -15.30 -6.42 35.32
C ALA H 261 -16.22 -5.79 34.28
N VAL H 262 -15.62 -5.05 33.36
CA VAL H 262 -16.33 -4.49 32.22
C VAL H 262 -15.79 -5.19 30.98
N ILE H 263 -16.67 -5.84 30.24
CA ILE H 263 -16.27 -6.64 29.09
C ILE H 263 -16.58 -5.85 27.84
N GLY H 264 -15.54 -5.48 27.10
CA GLY H 264 -15.71 -4.79 25.85
C GLY H 264 -16.12 -3.36 26.03
N PRO H 265 -16.33 -2.65 24.92
CA PRO H 265 -16.18 -3.09 23.54
C PRO H 265 -14.74 -3.14 23.07
N THR H 266 -14.45 -3.86 22.01
CA THR H 266 -13.16 -3.76 21.38
C THR H 266 -13.04 -2.38 20.74
N PRO H 267 -12.08 -1.56 21.14
CA PRO H 267 -12.06 -0.17 20.67
C PRO H 267 -11.57 -0.04 19.23
N VAL H 268 -12.33 -0.60 18.30
CA VAL H 268 -12.06 -0.52 16.87
C VAL H 268 -12.93 0.57 16.28
N GLY H 269 -12.32 1.61 15.75
CA GLY H 269 -13.05 2.72 15.19
C GLY H 269 -13.35 3.79 16.21
N ILE H 270 -13.95 4.87 15.71
CA ILE H 270 -14.19 6.06 16.51
C ILE H 270 -15.18 5.79 17.63
N ARG H 271 -16.33 5.20 17.28
CA ARG H 271 -17.42 5.07 18.23
C ARG H 271 -17.07 4.12 19.38
N ASN H 272 -16.42 3.00 19.06
CA ASN H 272 -16.07 2.03 20.08
C ASN H 272 -14.91 2.49 20.95
N THR H 273 -14.01 3.32 20.41
CA THR H 273 -13.01 3.97 21.25
C THR H 273 -13.66 4.90 22.26
N ASP H 274 -14.68 5.64 21.86
CA ASP H 274 -15.41 6.50 22.79
C ASP H 274 -16.00 5.68 23.93
N ALA H 275 -16.60 4.55 23.61
CA ALA H 275 -17.22 3.69 24.60
C ALA H 275 -16.19 3.11 25.55
N PHE H 276 -15.02 2.75 25.02
CA PHE H 276 -13.93 2.27 25.86
C PHE H 276 -13.46 3.35 26.82
N LEU H 277 -13.30 4.58 26.34
CA LEU H 277 -12.86 5.67 27.20
C LEU H 277 -13.90 6.01 28.25
N LYS H 278 -15.17 5.90 27.90
CA LYS H 278 -16.23 6.13 28.88
C LYS H 278 -16.22 5.07 29.96
N ALA H 279 -15.95 3.81 29.59
CA ALA H 279 -15.79 2.76 30.59
C ALA H 279 -14.63 3.05 31.53
N VAL H 280 -13.51 3.49 30.98
CA VAL H 280 -12.35 3.84 31.78
C VAL H 280 -12.69 5.02 32.69
N SER H 281 -13.41 6.00 32.17
CA SER H 281 -13.78 7.16 32.96
C SER H 281 -14.71 6.78 34.11
N GLU H 282 -15.70 5.92 33.84
CA GLU H 282 -16.58 5.46 34.91
C GLU H 282 -15.84 4.65 35.97
N MET H 283 -14.92 3.78 35.54
CA MET H 283 -14.20 2.92 36.48
C MET H 283 -13.29 3.70 37.41
N THR H 284 -12.61 4.70 36.87
CA THR H 284 -11.56 5.39 37.60
C THR H 284 -11.98 6.72 38.19
N GLY H 285 -13.06 7.32 37.70
CA GLY H 285 -13.41 8.67 38.07
C GLY H 285 -12.71 9.75 37.29
N GLN H 286 -11.88 9.40 36.33
CA GLN H 286 -11.06 10.34 35.58
C GLN H 286 -11.84 10.89 34.39
N PRO H 287 -11.88 12.21 34.21
CA PRO H 287 -12.57 12.77 33.07
C PRO H 287 -11.82 12.52 31.76
N ILE H 288 -12.57 12.55 30.67
CA ILE H 288 -11.97 12.50 29.35
C ILE H 288 -11.46 13.90 29.06
N PRO H 289 -10.16 14.07 28.80
CA PRO H 289 -9.61 15.41 28.64
C PRO H 289 -9.68 15.93 27.20
N ALA H 290 -9.41 17.23 27.07
CA ALA H 290 -9.54 17.91 25.80
C ALA H 290 -8.53 17.44 24.76
N GLN H 291 -7.39 16.90 25.19
CA GLN H 291 -6.43 16.38 24.23
C GLN H 291 -7.00 15.21 23.45
N LEU H 292 -7.78 14.35 24.10
CA LEU H 292 -8.40 13.23 23.40
C LEU H 292 -9.47 13.69 22.43
N VAL H 293 -10.19 14.76 22.75
CA VAL H 293 -11.11 15.36 21.79
C VAL H 293 -10.35 15.78 20.54
N LYS H 294 -9.17 16.36 20.70
CA LYS H 294 -8.38 16.79 19.55
C LYS H 294 -7.86 15.62 18.73
N GLU H 295 -7.37 14.57 19.39
CA GLU H 295 -6.87 13.42 18.65
C GLU H 295 -7.99 12.69 17.95
N ARG H 296 -9.15 12.60 18.59
CA ARG H 296 -10.34 12.09 17.95
C ARG H 296 -10.74 12.96 16.76
N GLY H 297 -10.66 14.28 16.89
CA GLY H 297 -10.98 15.17 15.79
C GLY H 297 -10.04 15.01 14.60
N LEU H 298 -8.76 14.75 14.88
CA LEU H 298 -7.81 14.51 13.80
C LEU H 298 -8.13 13.24 13.02
N ALA H 299 -8.47 12.16 13.73
CA ALA H 299 -8.87 10.92 13.07
C ALA H 299 -10.13 11.12 12.25
N LEU H 300 -11.08 11.90 12.75
CA LEU H 300 -12.33 12.14 12.04
C LEU H 300 -12.12 12.99 10.79
N ASP H 301 -11.20 13.95 10.83
CA ASP H 301 -10.89 14.74 9.66
C ASP H 301 -10.31 13.88 8.54
N ALA H 302 -9.41 12.96 8.87
CA ALA H 302 -8.90 12.03 7.87
C ALA H 302 -10.01 11.17 7.29
N ILE H 303 -10.91 10.69 8.13
CA ILE H 303 -12.01 9.84 7.68
C ILE H 303 -12.96 10.63 6.79
N ALA H 304 -13.16 11.90 7.10
CA ALA H 304 -14.08 12.72 6.31
C ALA H 304 -13.55 12.98 4.91
N ASP H 305 -12.23 13.02 4.74
CA ASP H 305 -11.64 13.19 3.42
C ASP H 305 -11.97 12.05 2.48
N ILE H 306 -12.13 10.83 2.99
CA ILE H 306 -12.26 9.64 2.16
C ILE H 306 -13.62 8.98 2.27
N GLY H 307 -14.43 9.32 3.25
CA GLY H 307 -15.59 8.53 3.61
C GLY H 307 -16.66 8.38 2.55
N HIS H 308 -17.41 9.43 2.28
CA HIS H 308 -18.50 9.29 1.32
C HIS H 308 -18.03 9.42 -0.11
N MET H 309 -16.75 9.67 -0.33
CA MET H 309 -16.17 9.66 -1.67
C MET H 309 -15.70 8.26 -2.07
N PHE H 310 -15.01 7.55 -1.20
CA PHE H 310 -14.37 6.30 -1.56
C PHE H 310 -14.80 5.10 -0.75
N LEU H 311 -15.21 5.26 0.49
CA LEU H 311 -15.51 4.10 1.30
C LEU H 311 -16.98 3.72 1.26
N ALA H 312 -17.86 4.69 1.07
CA ALA H 312 -19.28 4.40 1.01
C ALA H 312 -19.57 3.40 -0.10
N ASP H 313 -20.39 2.40 0.23
CA ASP H 313 -20.90 1.36 -0.65
C ASP H 313 -19.84 0.38 -1.13
N LYS H 314 -18.67 0.34 -0.49
CA LYS H 314 -17.68 -0.68 -0.81
C LYS H 314 -18.08 -1.98 -0.12
N ARG H 315 -17.99 -3.08 -0.85
CA ARG H 315 -18.40 -4.39 -0.37
C ARG H 315 -17.20 -5.13 0.23
N VAL H 316 -17.31 -5.51 1.49
CA VAL H 316 -16.17 -5.96 2.29
C VAL H 316 -16.45 -7.35 2.87
N ALA H 317 -15.46 -8.23 2.79
CA ALA H 317 -15.44 -9.48 3.54
C ALA H 317 -14.43 -9.34 4.67
N ILE H 318 -14.80 -9.79 5.86
CA ILE H 318 -13.97 -9.61 7.04
C ILE H 318 -13.79 -10.95 7.74
N TYR H 319 -12.54 -11.27 8.09
CA TYR H 319 -12.19 -12.32 9.02
C TYR H 319 -10.99 -11.85 9.82
N ALA H 320 -10.93 -12.24 11.08
CA ALA H 320 -9.85 -11.91 12.01
C ALA H 320 -10.08 -12.72 13.26
N ASN H 321 -9.35 -12.42 14.31
CA ASN H 321 -9.76 -12.86 15.63
C ASN H 321 -11.19 -12.39 15.87
N PRO H 322 -12.03 -13.16 16.55
CA PRO H 322 -13.47 -12.85 16.59
C PRO H 322 -13.82 -11.45 17.04
N ASP H 323 -13.25 -10.97 18.14
CA ASP H 323 -13.57 -9.63 18.63
C ASP H 323 -13.12 -8.56 17.65
N LEU H 324 -11.90 -8.67 17.13
CA LEU H 324 -11.42 -7.70 16.16
C LEU H 324 -12.27 -7.73 14.91
N ALA H 325 -12.64 -8.93 14.44
CA ALA H 325 -13.45 -9.05 13.24
C ALA H 325 -14.82 -8.42 13.43
N ILE H 326 -15.46 -8.65 14.57
CA ILE H 326 -16.76 -8.04 14.81
C ILE H 326 -16.63 -6.52 14.91
N GLY H 327 -15.62 -6.03 15.61
CA GLY H 327 -15.40 -4.60 15.71
C GLY H 327 -15.08 -3.95 14.38
N LEU H 328 -14.34 -4.66 13.53
CA LEU H 328 -14.05 -4.16 12.20
C LEU H 328 -15.30 -4.07 11.35
N THR H 329 -16.21 -5.03 11.50
CA THR H 329 -17.49 -4.99 10.80
C THR H 329 -18.29 -3.77 11.22
N GLU H 330 -18.32 -3.47 12.52
CA GLU H 330 -19.05 -2.32 13.01
C GLU H 330 -18.42 -1.02 12.54
N PHE H 331 -17.09 -0.93 12.53
CA PHE H 331 -16.42 0.25 12.02
C PHE H 331 -16.71 0.44 10.53
N CYS H 332 -16.69 -0.64 9.75
CA CYS H 332 -16.99 -0.54 8.32
C CYS H 332 -18.40 -0.06 8.08
N LEU H 333 -19.35 -0.49 8.91
CA LEU H 333 -20.73 -0.01 8.81
C LEU H 333 -20.84 1.47 9.14
N ASP H 334 -20.09 1.94 10.15
CA ASP H 334 -20.05 3.34 10.48
C ASP H 334 -19.43 4.17 9.36
N LEU H 335 -18.52 3.58 8.59
CA LEU H 335 -17.87 4.22 7.46
C LEU H 335 -18.68 4.15 6.20
N GLU H 336 -19.92 3.67 6.30
CA GLU H 336 -20.89 3.57 5.21
C GLU H 336 -20.54 2.50 4.19
N MET H 337 -19.68 1.56 4.53
CA MET H 337 -19.43 0.45 3.63
C MET H 337 -20.46 -0.64 3.82
N LYS H 338 -20.46 -1.60 2.90
CA LYS H 338 -21.39 -2.73 2.92
C LYS H 338 -20.63 -4.01 3.22
N PRO H 339 -20.49 -4.39 4.49
CA PRO H 339 -19.93 -5.71 4.78
C PRO H 339 -20.84 -6.81 4.26
N LYS H 340 -20.27 -7.72 3.48
CA LYS H 340 -21.04 -8.79 2.87
C LYS H 340 -20.85 -10.12 3.55
N LEU H 341 -19.65 -10.40 4.05
CA LEU H 341 -19.31 -11.67 4.64
C LEU H 341 -18.46 -11.45 5.87
N LEU H 342 -18.86 -12.03 6.99
CA LEU H 342 -18.07 -12.05 8.20
C LEU H 342 -17.79 -13.50 8.53
N LEU H 343 -16.51 -13.85 8.68
CA LEU H 343 -16.10 -15.21 8.96
C LEU H 343 -15.62 -15.30 10.38
N LEU H 344 -16.28 -16.11 11.19
CA LEU H 344 -15.87 -16.41 12.55
C LEU H 344 -15.39 -17.85 12.55
N GLY H 345 -14.08 -18.03 12.61
CA GLY H 345 -13.42 -19.25 12.23
C GLY H 345 -13.38 -20.38 13.22
N ASP H 346 -14.13 -20.35 14.31
CA ASP H 346 -14.15 -21.49 15.22
C ASP H 346 -15.55 -21.73 15.73
N ASP H 347 -15.68 -22.74 16.59
CA ASP H 347 -16.94 -23.32 17.00
C ASP H 347 -17.50 -22.72 18.29
N ASN H 348 -17.07 -21.53 18.65
CA ASN H 348 -17.58 -20.89 19.87
C ASN H 348 -19.10 -20.71 19.76
N SER H 349 -19.80 -21.07 20.82
CA SER H 349 -21.25 -20.97 20.85
C SER H 349 -21.73 -19.60 21.34
N GLY H 350 -20.82 -18.75 21.80
CA GLY H 350 -21.20 -17.44 22.25
C GLY H 350 -21.43 -16.43 21.17
N TYR H 351 -21.03 -16.72 19.93
CA TYR H 351 -21.19 -15.75 18.86
C TYR H 351 -22.65 -15.41 18.60
N VAL H 352 -23.50 -16.43 18.55
CA VAL H 352 -24.91 -16.21 18.23
C VAL H 352 -25.65 -15.52 19.37
N LYS H 353 -25.06 -15.44 20.53
CA LYS H 353 -25.71 -14.75 21.64
C LYS H 353 -24.97 -13.44 21.91
N ASP H 354 -23.92 -13.16 21.15
CA ASP H 354 -23.18 -11.93 21.30
C ASP H 354 -24.06 -10.74 20.95
N PRO H 355 -24.24 -9.79 21.85
CA PRO H 355 -25.10 -8.64 21.53
C PRO H 355 -24.62 -7.84 20.35
N ARG H 356 -23.31 -7.78 20.11
CA ARG H 356 -22.80 -7.13 18.90
C ARG H 356 -23.26 -7.85 17.65
N VAL H 357 -23.31 -9.18 17.69
CA VAL H 357 -23.69 -9.97 16.53
C VAL H 357 -25.18 -9.88 16.31
N LEU H 358 -25.94 -9.81 17.39
CA LEU H 358 -27.39 -9.67 17.29
C LEU H 358 -27.75 -8.32 16.68
N ALA H 359 -26.99 -7.28 17.03
CA ALA H 359 -27.18 -5.96 16.44
C ALA H 359 -26.83 -5.96 14.97
N LEU H 360 -25.70 -6.58 14.60
CA LEU H 360 -25.34 -6.74 13.20
C LEU H 360 -26.45 -7.39 12.41
N GLN H 361 -27.02 -8.47 12.94
CA GLN H 361 -28.12 -9.15 12.27
C GLN H 361 -29.32 -8.24 12.07
N GLU H 362 -29.56 -7.36 13.04
CA GLU H 362 -30.72 -6.49 12.97
C GLU H 362 -30.55 -5.42 11.89
N ASN H 363 -29.39 -4.76 11.85
CA ASN H 363 -29.25 -3.55 11.05
C ASN H 363 -28.18 -3.61 9.97
N ALA H 364 -27.53 -4.74 9.77
CA ALA H 364 -26.66 -4.88 8.62
C ALA H 364 -27.37 -5.83 7.65
N PRO H 365 -27.98 -5.30 6.60
CA PRO H 365 -28.96 -6.10 5.84
C PRO H 365 -28.36 -7.17 4.95
N ASP H 366 -27.31 -6.82 4.22
CA ASP H 366 -26.76 -7.74 3.23
C ASP H 366 -25.51 -8.45 3.73
N LEU H 367 -25.41 -8.66 5.04
CA LEU H 367 -24.25 -9.27 5.66
C LEU H 367 -24.55 -10.70 6.06
N GLU H 368 -23.70 -11.62 5.64
CA GLU H 368 -23.78 -13.00 6.04
C GLU H 368 -22.68 -13.31 7.05
N ILE H 369 -23.05 -13.87 8.19
CA ILE H 369 -22.11 -14.27 9.22
C ILE H 369 -22.00 -15.79 9.18
N VAL H 370 -20.79 -16.27 8.97
CA VAL H 370 -20.50 -17.70 8.96
C VAL H 370 -19.71 -18.02 10.23
N THR H 371 -20.26 -18.87 11.08
CA THR H 371 -19.54 -19.34 12.25
C THR H 371 -18.93 -20.69 11.95
N ASN H 372 -17.82 -20.98 12.62
CA ASN H 372 -17.01 -22.17 12.36
C ASN H 372 -16.57 -22.20 10.90
N ALA H 373 -16.14 -21.04 10.41
CA ALA H 373 -15.80 -20.87 9.01
C ALA H 373 -14.39 -21.35 8.72
N ASP H 374 -14.11 -21.62 7.46
CA ASP H 374 -12.77 -21.71 6.94
C ASP H 374 -12.65 -20.80 5.73
N PHE H 375 -11.49 -20.79 5.10
CA PHE H 375 -11.31 -19.90 3.95
C PHE H 375 -12.08 -20.37 2.74
N TRP H 376 -12.44 -21.64 2.66
CA TRP H 376 -13.25 -22.10 1.55
C TRP H 376 -14.63 -21.47 1.57
N ASP H 377 -15.10 -21.07 2.74
CA ASP H 377 -16.33 -20.29 2.82
C ASP H 377 -16.22 -19.03 1.98
N LEU H 378 -15.17 -18.24 2.19
CA LEU H 378 -15.01 -17.02 1.41
C LEU H 378 -14.78 -17.33 -0.07
N GLU H 379 -13.86 -18.24 -0.36
CA GLU H 379 -13.48 -18.53 -1.74
C GLU H 379 -14.61 -19.14 -2.55
N SER H 380 -15.32 -20.11 -2.00
CA SER H 380 -16.41 -20.71 -2.76
C SER H 380 -17.60 -19.77 -2.92
N ARG H 381 -17.76 -18.79 -2.03
CA ARG H 381 -18.79 -17.79 -2.24
C ARG H 381 -18.42 -16.81 -3.35
N ILE H 382 -17.14 -16.47 -3.48
CA ILE H 382 -16.69 -15.66 -4.61
C ILE H 382 -16.86 -16.41 -5.92
N GLN H 383 -16.54 -17.71 -5.92
CA GLN H 383 -16.70 -18.50 -7.13
C GLN H 383 -18.15 -18.59 -7.54
N GLN H 384 -19.07 -18.52 -6.59
CA GLN H 384 -20.49 -18.55 -6.87
C GLN H 384 -21.05 -17.17 -7.15
N GLY H 385 -20.24 -16.13 -7.12
CA GLY H 385 -20.71 -14.84 -7.59
C GLY H 385 -20.75 -13.71 -6.58
N LEU H 386 -20.20 -13.90 -5.39
CA LEU H 386 -20.11 -12.79 -4.45
C LEU H 386 -19.05 -11.80 -4.92
N GLU H 387 -19.43 -10.54 -5.03
CA GLU H 387 -18.55 -9.50 -5.54
C GLU H 387 -18.08 -8.63 -4.40
N LEU H 388 -16.78 -8.50 -4.26
CA LEU H 388 -16.19 -7.74 -3.19
C LEU H 388 -15.26 -6.69 -3.74
N ASP H 389 -15.19 -5.57 -3.03
CA ASP H 389 -14.22 -4.53 -3.31
C ASP H 389 -12.99 -4.63 -2.42
N LEU H 390 -13.14 -5.21 -1.24
CA LEU H 390 -12.09 -5.22 -0.24
C LEU H 390 -12.26 -6.43 0.65
N ILE H 391 -11.14 -6.89 1.20
CA ILE H 391 -11.09 -7.91 2.23
C ILE H 391 -10.29 -7.36 3.39
N LEU H 392 -10.77 -7.59 4.61
CA LEU H 392 -9.98 -7.37 5.81
C LEU H 392 -9.67 -8.73 6.41
N GLY H 393 -8.40 -9.05 6.53
CA GLY H 393 -8.03 -10.32 7.11
C GLY H 393 -6.54 -10.48 7.21
N HIS H 394 -6.13 -11.59 7.80
CA HIS H 394 -4.73 -11.88 8.00
C HIS H 394 -4.16 -12.62 6.80
N SER H 395 -2.87 -12.92 6.87
CA SER H 395 -2.11 -13.27 5.68
C SER H 395 -2.43 -14.64 5.12
N LYS H 396 -2.97 -15.56 5.91
CA LYS H 396 -3.20 -16.90 5.37
C LYS H 396 -4.32 -16.94 4.35
N GLY H 397 -5.08 -15.87 4.19
CA GLY H 397 -6.07 -15.79 3.14
C GLY H 397 -5.57 -15.00 1.95
N ARG H 398 -4.27 -14.86 1.81
CA ARG H 398 -3.69 -14.01 0.78
C ARG H 398 -3.94 -14.53 -0.62
N PHE H 399 -4.04 -15.84 -0.81
CA PHE H 399 -4.17 -16.37 -2.16
C PHE H 399 -5.57 -16.17 -2.70
N ILE H 400 -6.57 -16.08 -1.84
CA ILE H 400 -7.89 -15.64 -2.26
C ILE H 400 -7.80 -14.24 -2.86
N SER H 401 -7.11 -13.36 -2.16
CA SER H 401 -6.94 -11.99 -2.62
C SER H 401 -6.15 -11.94 -3.91
N ILE H 402 -5.07 -12.72 -4.01
CA ILE H 402 -4.22 -12.69 -5.19
C ILE H 402 -4.96 -13.25 -6.39
N ASP H 403 -5.61 -14.40 -6.21
CA ASP H 403 -6.16 -15.13 -7.35
C ASP H 403 -7.47 -14.56 -7.85
N TYR H 404 -8.27 -13.95 -7.00
CA TYR H 404 -9.54 -13.40 -7.41
C TYR H 404 -9.50 -11.89 -7.53
N LYS H 405 -8.33 -11.29 -7.40
CA LYS H 405 -8.13 -9.86 -7.60
C LYS H 405 -9.06 -9.02 -6.72
N VAL H 406 -9.10 -9.36 -5.44
CA VAL H 406 -9.76 -8.53 -4.44
C VAL H 406 -8.67 -8.02 -3.50
N PRO H 407 -8.48 -6.71 -3.38
CA PRO H 407 -7.45 -6.18 -2.48
C PRO H 407 -7.76 -6.51 -1.02
N MET H 408 -6.72 -6.65 -0.23
CA MET H 408 -6.86 -7.03 1.16
C MET H 408 -6.04 -6.09 2.05
N VAL H 409 -6.63 -5.69 3.16
CA VAL H 409 -5.91 -4.99 4.21
C VAL H 409 -5.56 -6.02 5.28
N ARG H 410 -4.30 -6.04 5.68
CA ARG H 410 -3.77 -7.07 6.56
C ARG H 410 -4.01 -6.69 8.01
N VAL H 411 -4.94 -7.38 8.65
CA VAL H 411 -5.30 -7.13 10.04
C VAL H 411 -5.25 -8.44 10.80
N GLY H 412 -5.05 -8.34 12.10
CA GLY H 412 -5.08 -9.52 12.94
C GLY H 412 -3.76 -10.27 12.96
N PHE H 413 -3.86 -11.59 13.13
CA PHE H 413 -2.73 -12.44 13.34
C PHE H 413 -2.92 -13.70 12.50
N PRO H 414 -1.93 -14.12 11.73
CA PRO H 414 -0.64 -13.48 11.50
C PRO H 414 -0.66 -12.66 10.22
N THR H 415 0.03 -11.54 10.17
CA THR H 415 0.16 -10.76 8.96
C THR H 415 1.63 -10.76 8.60
N TYR H 416 2.04 -11.79 7.86
CA TYR H 416 3.44 -11.98 7.53
C TYR H 416 3.80 -11.52 6.13
N ASP H 417 2.83 -11.26 5.27
CA ASP H 417 3.11 -10.92 3.88
C ASP H 417 3.23 -9.43 3.64
N ARG H 418 3.19 -8.61 4.69
CA ARG H 418 3.47 -7.20 4.62
C ARG H 418 4.46 -6.84 5.71
N ALA H 419 5.19 -5.75 5.52
CA ALA H 419 6.28 -5.38 6.42
C ALA H 419 5.78 -4.46 7.51
N GLY H 420 6.04 -4.84 8.76
CA GLY H 420 5.81 -3.98 9.90
C GLY H 420 4.38 -3.73 10.30
N MET H 421 3.44 -4.61 9.95
CA MET H 421 2.05 -4.37 10.32
C MET H 421 1.81 -4.47 11.82
N TYR H 422 2.68 -5.16 12.55
CA TYR H 422 2.55 -5.29 13.99
C TYR H 422 2.80 -3.97 14.70
N ARG H 423 3.38 -2.99 14.03
CA ARG H 423 3.79 -1.70 14.65
C ARG H 423 2.74 -0.62 14.51
N HIS H 424 1.68 -0.90 13.80
CA HIS H 424 0.62 0.08 13.55
C HIS H 424 -0.59 -0.32 14.39
N PRO H 425 -1.32 0.62 14.99
CA PRO H 425 -2.54 0.28 15.73
C PRO H 425 -3.75 0.07 14.83
N VAL H 426 -4.62 -0.81 15.28
CA VAL H 426 -5.99 -0.86 14.79
C VAL H 426 -6.97 -0.42 15.86
N LEU H 427 -6.52 -0.21 17.09
CA LEU H 427 -7.34 0.25 18.20
C LEU H 427 -7.15 1.75 18.42
N GLY H 428 -8.12 2.35 19.09
CA GLY H 428 -8.04 3.75 19.42
C GLY H 428 -8.30 4.65 18.24
N TYR H 429 -8.12 5.94 18.47
CA TYR H 429 -8.30 6.92 17.40
C TYR H 429 -7.18 6.86 16.40
N GLY H 430 -5.95 6.64 16.87
CA GLY H 430 -4.85 6.43 15.96
C GLY H 430 -5.05 5.23 15.06
N GLY H 431 -5.56 4.13 15.64
CA GLY H 431 -5.86 2.96 14.84
C GLY H 431 -6.97 3.17 13.84
N ALA H 432 -7.99 3.95 14.22
CA ALA H 432 -9.07 4.26 13.30
C ALA H 432 -8.59 5.05 12.10
N MET H 433 -7.75 6.05 12.32
CA MET H 433 -7.18 6.79 11.22
C MET H 433 -6.32 5.87 10.36
N PHE H 434 -5.47 5.06 10.99
CA PHE H 434 -4.62 4.13 10.26
C PHE H 434 -5.44 3.15 9.44
N LEU H 435 -6.49 2.58 10.05
CA LEU H 435 -7.35 1.62 9.35
C LEU H 435 -8.03 2.24 8.14
N ALA H 436 -8.69 3.37 8.34
CA ALA H 436 -9.46 3.97 7.26
C ALA H 436 -8.56 4.39 6.10
N GLU H 437 -7.39 4.95 6.40
CA GLU H 437 -6.49 5.39 5.35
C GLU H 437 -5.83 4.23 4.63
N THR H 438 -5.53 3.16 5.34
CA THR H 438 -4.97 1.97 4.72
C THR H 438 -5.98 1.33 3.79
N MET H 439 -7.24 1.32 4.19
CA MET H 439 -8.30 0.81 3.33
C MET H 439 -8.46 1.66 2.08
N ALA H 440 -8.41 2.99 2.24
CA ALA H 440 -8.46 3.88 1.08
C ALA H 440 -7.27 3.66 0.16
N ASN H 441 -6.07 3.54 0.72
CA ASN H 441 -4.86 3.40 -0.08
C ASN H 441 -4.79 2.04 -0.76
N THR H 442 -5.28 1.00 -0.10
CA THR H 442 -5.43 -0.30 -0.74
C THR H 442 -6.38 -0.21 -1.92
N LEU H 443 -7.51 0.47 -1.75
CA LEU H 443 -8.45 0.67 -2.85
C LEU H 443 -7.85 1.51 -3.96
N PHE H 444 -7.10 2.57 -3.60
CA PHE H 444 -6.47 3.43 -4.60
C PHE H 444 -5.48 2.65 -5.45
N ALA H 445 -4.62 1.86 -4.82
CA ALA H 445 -3.66 1.04 -5.57
C ALA H 445 -4.36 0.04 -6.47
N ASP H 446 -5.49 -0.50 -6.02
CA ASP H 446 -6.27 -1.42 -6.84
C ASP H 446 -6.88 -0.74 -8.07
N MET H 447 -7.41 0.47 -7.90
CA MET H 447 -7.95 1.19 -9.05
C MET H 447 -6.87 1.45 -10.08
N GLU H 448 -5.66 1.74 -9.63
CA GLU H 448 -4.57 1.99 -10.54
C GLU H 448 -4.09 0.70 -11.21
N ALA H 449 -4.13 -0.42 -10.50
CA ALA H 449 -3.71 -1.69 -11.10
C ALA H 449 -4.71 -2.16 -12.15
N LYS H 450 -5.99 -1.92 -11.92
CA LYS H 450 -7.03 -2.33 -12.85
C LYS H 450 -7.47 -1.24 -13.80
N LYS H 451 -6.90 -0.03 -13.68
CA LYS H 451 -7.32 1.14 -14.43
C LYS H 451 -8.83 1.34 -14.33
N ASN H 452 -9.28 1.42 -13.09
CA ASN H 452 -10.69 1.53 -12.75
C ASN H 452 -10.93 2.94 -12.23
N LYS H 453 -11.30 3.84 -13.15
CA LYS H 453 -11.52 5.27 -12.88
C LYS H 453 -10.34 5.86 -12.12
N GLU H 454 -9.13 5.43 -12.50
CA GLU H 454 -7.94 5.84 -11.77
C GLU H 454 -7.63 7.31 -11.95
N TRP H 455 -8.23 7.96 -12.95
CA TRP H 455 -8.10 9.40 -13.14
C TRP H 455 -8.80 10.18 -12.04
N ILE H 456 -9.66 9.54 -11.26
CA ILE H 456 -10.45 10.23 -10.23
C ILE H 456 -9.63 10.58 -9.00
N LEU H 457 -8.41 10.11 -8.88
CA LEU H 457 -7.60 10.34 -7.69
C LEU H 457 -6.79 11.62 -7.79
N ASN H 458 -7.42 12.71 -8.19
CA ASN H 458 -6.71 13.97 -8.36
C ASN H 458 -7.26 15.10 -7.52
N VAL H 459 -8.59 15.27 -7.48
CA VAL H 459 -9.18 16.40 -6.77
C VAL H 459 -10.22 15.91 -5.77
N TRP H 460 -9.98 14.77 -5.19
CA TRP H 460 -10.80 14.32 -4.09
C TRP H 460 -10.43 15.07 -2.82
N THR I 2 -2.57 -70.37 7.05
CA THR I 2 -2.63 -70.20 8.50
C THR I 2 -3.96 -69.57 8.88
N ARG I 3 -4.55 -70.04 9.98
CA ARG I 3 -5.81 -69.52 10.48
C ARG I 3 -5.52 -68.52 11.59
N LYS I 4 -5.77 -67.26 11.31
CA LYS I 4 -5.55 -66.19 12.28
C LYS I 4 -6.84 -65.92 13.02
N ILE I 5 -6.80 -66.04 14.35
CA ILE I 5 -7.97 -65.92 15.20
C ILE I 5 -7.70 -64.90 16.29
N ALA I 6 -8.72 -64.12 16.64
CA ALA I 6 -8.66 -63.23 17.78
C ALA I 6 -9.65 -63.70 18.84
N ILE I 7 -9.24 -63.61 20.10
CA ILE I 7 -10.05 -64.05 21.23
C ILE I 7 -10.52 -62.83 21.99
N TYR I 8 -11.83 -62.68 22.11
CA TYR I 8 -12.47 -61.58 22.83
C TYR I 8 -13.39 -62.17 23.89
N GLY I 9 -13.94 -61.30 24.71
CA GLY I 9 -14.82 -61.74 25.78
C GLY I 9 -14.80 -60.73 26.90
N LYS I 10 -15.53 -61.07 27.97
CA LYS I 10 -15.56 -60.22 29.14
C LYS I 10 -14.20 -60.25 29.85
N GLY I 11 -13.99 -59.26 30.72
CA GLY I 11 -12.78 -59.23 31.50
C GLY I 11 -12.71 -60.39 32.46
N GLY I 12 -11.52 -60.99 32.54
CA GLY I 12 -11.28 -62.06 33.48
C GLY I 12 -12.11 -63.30 33.27
N ILE I 13 -12.71 -63.46 32.09
CA ILE I 13 -13.55 -64.62 31.83
C ILE I 13 -12.76 -65.86 31.48
N GLY I 14 -11.45 -65.72 31.27
CA GLY I 14 -10.64 -66.87 30.92
C GLY I 14 -10.23 -66.84 29.47
N LYS I 15 -10.00 -65.66 28.92
CA LYS I 15 -9.50 -65.57 27.56
C LYS I 15 -8.08 -66.12 27.46
N SER I 16 -7.20 -65.68 28.36
CA SER I 16 -5.80 -66.07 28.27
C SER I 16 -5.61 -67.53 28.67
N THR I 17 -6.27 -67.97 29.72
CA THR I 17 -6.14 -69.36 30.14
C THR I 17 -6.61 -70.31 29.05
N THR I 18 -7.80 -70.05 28.49
CA THR I 18 -8.34 -70.89 27.44
C THR I 18 -7.50 -70.82 26.18
N THR I 19 -6.98 -69.64 25.83
CA THR I 19 -6.15 -69.51 24.64
C THR I 19 -4.88 -70.34 24.76
N GLN I 20 -4.18 -70.21 25.88
CA GLN I 20 -2.94 -70.95 26.09
C GLN I 20 -3.19 -72.44 26.17
N ASN I 21 -4.26 -72.84 26.86
CA ASN I 21 -4.54 -74.26 27.00
C ASN I 21 -4.93 -74.89 25.67
N THR I 22 -5.74 -74.19 24.88
CA THR I 22 -6.08 -74.68 23.56
C THR I 22 -4.87 -74.74 22.65
N ALA I 23 -3.99 -73.75 22.73
CA ALA I 23 -2.77 -73.76 21.94
C ALA I 23 -1.90 -74.95 22.31
N ALA I 24 -1.77 -75.23 23.60
CA ALA I 24 -1.01 -76.39 24.04
C ALA I 24 -1.63 -77.67 23.54
N ALA I 25 -2.96 -77.79 23.63
CA ALA I 25 -3.65 -78.97 23.13
C ALA I 25 -3.47 -79.12 21.64
N LEU I 26 -3.56 -78.01 20.89
CA LEU I 26 -3.40 -78.07 19.45
C LEU I 26 -2.01 -78.54 19.07
N ALA I 27 -0.99 -78.04 19.77
CA ALA I 27 0.39 -78.41 19.46
C ALA I 27 0.71 -79.82 19.93
N PHE I 28 0.06 -80.29 20.99
CA PHE I 28 0.43 -81.56 21.60
C PHE I 28 -0.39 -82.72 21.05
N PHE I 29 -1.71 -82.58 21.00
CA PHE I 29 -2.56 -83.67 20.55
C PHE I 29 -2.77 -83.68 19.04
N HIS I 30 -2.68 -82.54 18.38
CA HIS I 30 -2.98 -82.46 16.96
C HIS I 30 -1.78 -82.03 16.11
N GLU I 31 -0.63 -81.81 16.72
CA GLU I 31 0.61 -81.52 16.00
C GLU I 31 0.45 -80.32 15.07
N LYS I 32 0.18 -79.17 15.67
CA LYS I 32 -0.13 -77.95 14.96
C LYS I 32 0.94 -76.90 15.25
N ASN I 33 1.14 -76.01 14.27
CA ASN I 33 2.07 -74.89 14.43
C ASN I 33 1.30 -73.68 14.93
N VAL I 34 1.51 -73.32 16.19
CA VAL I 34 0.71 -72.30 16.86
C VAL I 34 1.59 -71.13 17.24
N PHE I 35 1.05 -69.92 17.07
CA PHE I 35 1.66 -68.66 17.46
C PHE I 35 0.66 -67.87 18.28
N ILE I 36 1.11 -67.27 19.38
CA ILE I 36 0.27 -66.47 20.25
C ILE I 36 0.83 -65.06 20.31
N HIS I 37 -0.01 -64.08 20.03
CA HIS I 37 0.35 -62.67 20.18
C HIS I 37 -0.51 -62.09 21.29
N GLY I 38 0.08 -61.91 22.46
CA GLY I 38 -0.64 -61.28 23.56
C GLY I 38 -0.85 -59.80 23.30
N CYS I 39 -2.10 -59.36 23.36
CA CYS I 39 -2.46 -57.98 23.09
C CYS I 39 -3.01 -57.32 24.35
N ASP I 40 -2.32 -57.53 25.46
CA ASP I 40 -2.68 -57.01 26.76
C ASP I 40 -1.44 -56.37 27.38
N PRO I 41 -1.51 -55.11 27.82
CA PRO I 41 -0.31 -54.46 28.37
C PRO I 41 0.28 -55.13 29.61
N LYS I 42 -0.54 -55.78 30.43
CA LYS I 42 0.03 -56.44 31.60
C LYS I 42 0.83 -57.67 31.23
N ALA I 43 0.76 -58.11 29.98
CA ALA I 43 1.66 -59.10 29.40
C ALA I 43 1.65 -60.41 30.16
N ASP I 44 0.46 -61.00 30.26
CA ASP I 44 0.26 -62.26 30.98
C ASP I 44 -0.35 -63.32 30.08
N SER I 45 -0.25 -63.16 28.77
CA SER I 45 -0.97 -64.01 27.84
C SER I 45 -0.17 -65.21 27.39
N THR I 46 1.11 -65.31 27.79
CA THR I 46 1.92 -66.43 27.35
C THR I 46 2.74 -67.03 28.49
N ARG I 47 2.34 -66.78 29.74
CA ARG I 47 3.08 -67.28 30.88
C ARG I 47 3.05 -68.80 30.96
N LEU I 48 1.91 -69.41 30.63
CA LEU I 48 1.79 -70.86 30.76
C LEU I 48 2.55 -71.60 29.67
N ILE I 49 2.74 -70.97 28.52
CA ILE I 49 3.47 -71.62 27.43
C ILE I 49 4.97 -71.44 27.59
N LEU I 50 5.41 -70.24 27.96
CA LEU I 50 6.83 -70.02 28.17
C LEU I 50 7.28 -70.50 29.54
N GLY I 51 6.37 -70.90 30.41
CA GLY I 51 6.74 -71.33 31.74
C GLY I 51 7.27 -70.22 32.61
N GLY I 52 6.64 -69.05 32.57
CA GLY I 52 7.09 -67.89 33.31
C GLY I 52 6.90 -66.68 32.43
N LEU I 53 6.64 -65.55 33.06
CA LEU I 53 6.31 -64.33 32.33
C LEU I 53 7.48 -63.89 31.45
N PRO I 54 7.27 -63.71 30.16
CA PRO I 54 8.35 -63.22 29.28
C PRO I 54 8.84 -61.86 29.74
N GLN I 55 10.15 -61.65 29.59
CA GLN I 55 10.76 -60.41 30.06
C GLN I 55 11.19 -59.52 28.92
N GLN I 56 10.70 -59.77 27.72
CA GLN I 56 10.93 -58.89 26.57
C GLN I 56 9.63 -58.79 25.78
N THR I 57 8.94 -57.67 25.95
CA THR I 57 7.80 -57.38 25.10
C THR I 57 8.26 -56.50 23.94
N VAL I 58 7.42 -56.40 22.92
CA VAL I 58 7.75 -55.57 21.77
C VAL I 58 7.89 -54.11 22.21
N MET I 59 7.06 -53.67 23.15
CA MET I 59 7.10 -52.28 23.59
C MET I 59 8.32 -52.00 24.47
N ASP I 60 8.67 -52.92 25.38
CA ASP I 60 9.91 -52.78 26.12
C ASP I 60 11.13 -52.74 25.21
N THR I 61 11.05 -53.40 24.06
CA THR I 61 12.18 -53.42 23.15
C THR I 61 12.28 -52.14 22.33
N LEU I 62 11.14 -51.59 21.94
CA LEU I 62 11.15 -50.28 21.28
C LEU I 62 11.62 -49.19 22.23
N ARG I 63 11.27 -49.28 23.51
CA ARG I 63 11.68 -48.27 24.47
C ARG I 63 13.17 -48.32 24.75
N ILE I 64 13.76 -49.50 24.73
CA ILE I 64 15.18 -49.65 25.03
C ILE I 64 16.03 -49.45 23.78
N GLU I 65 15.63 -50.02 22.66
CA GLU I 65 16.46 -50.09 21.46
C GLU I 65 16.01 -49.17 20.34
N GLY I 66 14.71 -48.96 20.20
CA GLY I 66 14.18 -48.21 19.09
C GLY I 66 13.36 -49.08 18.17
N ALA I 67 12.48 -48.44 17.41
CA ALA I 67 11.60 -49.18 16.52
C ALA I 67 12.40 -49.93 15.47
N GLU I 68 13.46 -49.32 14.97
CA GLU I 68 14.25 -49.91 13.90
C GLU I 68 15.14 -51.05 14.37
N ARG I 69 15.26 -51.24 15.69
CA ARG I 69 16.08 -52.32 16.22
C ARG I 69 15.27 -53.46 16.79
N VAL I 70 13.94 -53.40 16.72
CA VAL I 70 13.13 -54.53 17.14
C VAL I 70 13.30 -55.67 16.14
N THR I 71 13.65 -56.84 16.65
CA THR I 71 14.01 -57.98 15.83
C THR I 71 13.10 -59.13 16.21
N VAL I 72 12.82 -60.01 15.26
CA VAL I 72 11.89 -61.11 15.45
C VAL I 72 12.60 -62.23 16.20
N ASP I 73 13.81 -61.93 16.67
CA ASP I 73 14.55 -62.83 17.55
C ASP I 73 14.62 -62.34 18.98
N LYS I 74 14.56 -61.03 19.20
CA LYS I 74 14.61 -60.50 20.55
C LYS I 74 13.28 -60.67 21.28
N VAL I 75 12.17 -60.58 20.57
CA VAL I 75 10.86 -60.49 21.20
C VAL I 75 10.04 -61.76 21.07
N VAL I 76 10.34 -62.65 20.13
CA VAL I 76 9.58 -63.87 19.94
C VAL I 76 10.29 -65.00 20.66
N LYS I 77 9.62 -65.58 21.65
CA LYS I 77 10.12 -66.71 22.39
C LYS I 77 9.43 -67.99 21.95
N THR I 78 10.03 -69.12 22.29
CA THR I 78 9.51 -70.44 21.96
C THR I 78 9.26 -71.20 23.25
N GLY I 79 8.06 -71.77 23.38
CA GLY I 79 7.70 -72.46 24.60
C GLY I 79 7.31 -73.91 24.42
N PHE I 80 6.21 -74.30 25.06
CA PHE I 80 5.77 -75.68 25.06
C PHE I 80 5.46 -76.14 23.64
N LYS I 81 6.01 -77.30 23.26
CA LYS I 81 5.81 -77.88 21.93
C LYS I 81 6.17 -76.88 20.84
N ASP I 82 7.20 -76.09 21.10
CA ASP I 82 7.69 -75.08 20.17
C ASP I 82 6.55 -74.17 19.70
N ILE I 83 5.76 -73.70 20.65
CA ILE I 83 4.77 -72.66 20.38
C ILE I 83 5.47 -71.32 20.47
N ARG I 84 5.32 -70.50 19.44
CA ARG I 84 5.99 -69.21 19.39
C ARG I 84 5.11 -68.14 20.03
N CYS I 85 5.69 -67.39 20.96
CA CYS I 85 4.94 -66.44 21.78
C CYS I 85 5.57 -65.07 21.68
N VAL I 86 4.74 -64.06 21.44
CA VAL I 86 5.17 -62.67 21.53
C VAL I 86 4.14 -61.91 22.36
N GLU I 87 4.62 -60.94 23.13
CA GLU I 87 3.78 -60.08 23.95
C GLU I 87 3.88 -58.65 23.43
N SER I 88 2.74 -57.99 23.26
CA SER I 88 2.75 -56.60 22.83
C SER I 88 3.41 -55.72 23.86
N GLY I 89 3.14 -55.97 25.13
CA GLY I 89 3.58 -55.10 26.19
C GLY I 89 2.71 -53.85 26.28
N GLY I 90 3.16 -52.93 27.10
CA GLY I 90 2.44 -51.70 27.28
C GLY I 90 2.73 -51.07 28.62
N PRO I 91 2.02 -50.01 28.94
CA PRO I 91 2.31 -49.26 30.16
C PRO I 91 1.81 -49.95 31.42
N GLU I 92 2.27 -49.44 32.54
CA GLU I 92 1.71 -49.80 33.84
C GLU I 92 0.37 -49.10 34.01
N PRO I 93 -0.51 -49.62 34.86
CA PRO I 93 -1.88 -49.10 34.94
C PRO I 93 -1.94 -47.61 35.27
N GLY I 94 -2.76 -46.89 34.51
CA GLY I 94 -3.04 -45.51 34.79
C GLY I 94 -2.18 -44.50 34.07
N VAL I 95 -1.34 -44.92 33.12
CA VAL I 95 -0.51 -44.00 32.35
C VAL I 95 -0.45 -44.51 30.91
N GLY I 96 -0.11 -43.59 30.01
CA GLY I 96 0.17 -43.94 28.64
C GLY I 96 -1.05 -44.28 27.81
N CYS I 97 -0.80 -45.05 26.77
CA CYS I 97 -1.83 -45.47 25.83
C CYS I 97 -1.51 -46.90 25.43
N ALA I 98 -2.23 -47.84 26.01
CA ALA I 98 -1.98 -49.24 25.69
C ALA I 98 -2.53 -49.62 24.33
N GLY I 99 -3.59 -48.95 23.89
CA GLY I 99 -4.12 -49.23 22.57
C GLY I 99 -3.15 -48.90 21.47
N ARG I 100 -2.45 -47.77 21.58
CA ARG I 100 -1.41 -47.41 20.63
C ARG I 100 -0.25 -48.39 20.68
N GLY I 101 0.06 -48.93 21.86
CA GLY I 101 1.09 -49.94 21.95
C GLY I 101 0.75 -51.22 21.20
N VAL I 102 -0.51 -51.63 21.25
CA VAL I 102 -0.95 -52.79 20.48
C VAL I 102 -0.87 -52.51 18.99
N ILE I 103 -1.26 -51.31 18.57
CA ILE I 103 -1.14 -50.95 17.16
C ILE I 103 0.31 -51.06 16.72
N THR I 104 1.22 -50.47 17.49
CA THR I 104 2.63 -50.45 17.12
C THR I 104 3.25 -51.83 17.21
N ALA I 105 2.88 -52.61 18.22
CA ALA I 105 3.45 -53.95 18.36
C ALA I 105 3.04 -54.85 17.20
N ILE I 106 1.77 -54.82 16.82
CA ILE I 106 1.30 -55.64 15.70
C ILE I 106 1.88 -55.14 14.39
N ASP I 107 2.00 -53.82 14.22
CA ASP I 107 2.68 -53.26 13.07
C ASP I 107 4.11 -53.77 12.97
N LEU I 108 4.83 -53.79 14.09
CA LEU I 108 6.22 -54.20 14.06
C LEU I 108 6.36 -55.68 13.77
N MET I 109 5.44 -56.51 14.26
CA MET I 109 5.49 -57.93 13.93
C MET I 109 5.16 -58.18 12.47
N GLU I 110 4.36 -57.31 11.86
CA GLU I 110 4.06 -57.44 10.44
C GLU I 110 5.27 -57.03 9.60
N GLU I 111 5.89 -55.90 9.93
CA GLU I 111 7.01 -55.41 9.14
C GLU I 111 8.19 -56.37 9.20
N ASN I 112 8.38 -57.02 10.33
CA ASN I 112 9.47 -57.98 10.53
C ASN I 112 9.07 -59.40 10.20
N GLU I 113 7.85 -59.61 9.71
CA GLU I 113 7.38 -60.92 9.26
C GLU I 113 7.54 -61.99 10.34
N ALA I 114 7.00 -61.69 11.52
CA ALA I 114 7.14 -62.61 12.65
C ALA I 114 6.25 -63.85 12.48
N TYR I 115 5.04 -63.67 12.01
CA TYR I 115 4.11 -64.78 11.83
C TYR I 115 4.47 -65.50 10.55
N SER I 116 4.99 -66.72 10.68
CA SER I 116 5.47 -67.46 9.52
C SER I 116 4.30 -67.87 8.63
N GLU I 117 4.65 -68.31 7.44
CA GLU I 117 3.66 -68.80 6.51
C GLU I 117 3.39 -70.29 6.67
N ASP I 118 4.17 -70.98 7.50
CA ASP I 118 3.92 -72.38 7.82
C ASP I 118 3.22 -72.54 9.17
N LEU I 119 2.83 -71.44 9.81
CA LEU I 119 1.99 -71.53 10.98
C LEU I 119 0.64 -72.13 10.60
N ASP I 120 0.06 -72.89 11.51
CA ASP I 120 -1.30 -73.35 11.32
C ASP I 120 -2.30 -72.45 12.03
N PHE I 121 -1.96 -71.95 13.19
CA PHE I 121 -2.84 -71.10 13.97
C PHE I 121 -2.06 -69.89 14.47
N LEU I 122 -2.70 -68.73 14.42
CA LEU I 122 -2.17 -67.50 15.00
C LEU I 122 -3.28 -66.92 15.85
N PHE I 123 -3.10 -66.97 17.17
CA PHE I 123 -4.08 -66.47 18.11
C PHE I 123 -3.67 -65.08 18.56
N PHE I 124 -4.60 -64.13 18.46
CA PHE I 124 -4.48 -62.84 19.10
C PHE I 124 -5.31 -62.90 20.36
N ASP I 125 -4.66 -63.02 21.51
CA ASP I 125 -5.37 -63.01 22.77
C ASP I 125 -5.45 -61.56 23.23
N VAL I 126 -6.66 -61.04 23.33
CA VAL I 126 -6.86 -59.63 23.56
C VAL I 126 -7.39 -59.44 24.95
N LEU I 127 -7.20 -58.23 25.48
CA LEU I 127 -7.71 -57.84 26.79
C LEU I 127 -9.24 -57.89 26.80
N GLY I 128 -9.85 -57.62 27.94
CA GLY I 128 -11.29 -57.73 28.06
C GLY I 128 -12.05 -56.45 27.86
N ASP I 129 -11.37 -55.31 27.94
CA ASP I 129 -11.97 -54.00 27.76
C ASP I 129 -11.48 -53.40 26.44
N VAL I 130 -12.21 -53.66 25.37
CA VAL I 130 -11.85 -53.10 24.08
C VAL I 130 -12.36 -51.66 24.05
N VAL I 131 -11.53 -50.73 24.52
CA VAL I 131 -11.98 -49.38 24.80
C VAL I 131 -11.53 -48.39 23.74
N CYS I 132 -10.84 -48.84 22.70
CA CYS I 132 -10.38 -47.93 21.67
C CYS I 132 -10.15 -48.73 20.41
N GLY I 133 -9.89 -48.01 19.33
CA GLY I 133 -9.65 -48.66 18.05
C GLY I 133 -8.40 -49.49 18.00
N GLY I 134 -7.44 -49.22 18.88
CA GLY I 134 -6.20 -49.96 18.89
C GLY I 134 -6.34 -51.39 19.35
N PHE I 135 -7.34 -51.66 20.16
CA PHE I 135 -7.58 -53.03 20.59
C PHE I 135 -8.43 -53.79 19.58
N ALA I 136 -8.88 -53.14 18.53
CA ALA I 136 -9.45 -53.82 17.38
C ALA I 136 -8.45 -54.04 16.27
N MET I 137 -7.19 -53.69 16.50
CA MET I 137 -6.15 -53.97 15.52
C MET I 137 -6.06 -55.45 15.14
N PRO I 138 -6.23 -56.43 16.04
CA PRO I 138 -6.22 -57.83 15.60
C PRO I 138 -7.29 -58.20 14.58
N ILE I 139 -8.36 -57.43 14.42
CA ILE I 139 -9.39 -57.84 13.47
C ILE I 139 -9.46 -56.85 12.31
N ARG I 140 -8.33 -56.25 11.98
CA ARG I 140 -8.26 -55.44 10.77
C ARG I 140 -7.87 -56.34 9.60
N ASP I 141 -7.81 -55.74 8.41
CA ASP I 141 -7.45 -56.50 7.22
C ASP I 141 -5.99 -56.91 7.27
N GLY I 142 -5.73 -58.17 6.93
CA GLY I 142 -4.41 -58.76 7.07
C GLY I 142 -4.13 -59.37 8.41
N LYS I 143 -5.14 -59.45 9.26
CA LYS I 143 -5.00 -59.91 10.64
C LYS I 143 -6.01 -61.03 10.83
N ALA I 144 -6.35 -61.33 12.08
CA ALA I 144 -7.33 -62.35 12.42
C ALA I 144 -8.54 -62.30 11.50
N GLU I 145 -8.88 -63.46 10.94
CA GLU I 145 -10.04 -63.60 10.09
C GLU I 145 -11.25 -64.13 10.83
N GLU I 146 -11.05 -64.77 11.98
CA GLU I 146 -12.11 -65.36 12.77
C GLU I 146 -12.01 -64.86 14.20
N VAL I 147 -13.15 -64.75 14.87
CA VAL I 147 -13.21 -64.31 16.25
C VAL I 147 -14.01 -65.33 17.05
N TYR I 148 -13.47 -65.75 18.18
CA TYR I 148 -14.22 -66.51 19.15
C TYR I 148 -14.36 -65.68 20.41
N ILE I 149 -15.58 -65.54 20.90
CA ILE I 149 -15.86 -64.82 22.13
C ILE I 149 -16.00 -65.83 23.25
N VAL I 150 -15.24 -65.64 24.30
CA VAL I 150 -15.40 -66.43 25.52
C VAL I 150 -16.42 -65.75 26.40
N ALA I 151 -17.41 -66.50 26.86
CA ALA I 151 -18.45 -65.96 27.73
C ALA I 151 -18.73 -66.99 28.82
N SER I 152 -19.81 -66.76 29.56
CA SER I 152 -20.30 -67.70 30.55
C SER I 152 -21.76 -67.36 30.80
N GLY I 153 -22.40 -68.13 31.68
CA GLY I 153 -23.81 -67.93 31.98
C GLY I 153 -24.11 -66.71 32.80
N GLU I 154 -23.11 -66.07 33.38
CA GLU I 154 -23.31 -64.83 34.11
C GLU I 154 -23.81 -63.75 33.17
N MET I 155 -24.72 -62.90 33.67
CA MET I 155 -25.36 -61.94 32.79
C MET I 155 -24.39 -60.90 32.27
N MET I 156 -23.44 -60.47 33.09
CA MET I 156 -22.51 -59.45 32.63
C MET I 156 -21.56 -60.00 31.57
N ALA I 157 -21.22 -61.29 31.65
CA ALA I 157 -20.43 -61.90 30.58
C ALA I 157 -21.19 -61.94 29.27
N ILE I 158 -22.48 -62.27 29.31
CA ILE I 158 -23.30 -62.29 28.09
C ILE I 158 -23.51 -60.89 27.57
N TYR I 159 -23.70 -59.93 28.47
CA TYR I 159 -23.83 -58.53 28.06
C TYR I 159 -22.53 -58.04 27.42
N ALA I 160 -21.39 -58.42 27.99
CA ALA I 160 -20.11 -58.08 27.39
C ALA I 160 -19.94 -58.73 26.03
N ALA I 161 -20.37 -59.98 25.89
CA ALA I 161 -20.31 -60.67 24.60
C ALA I 161 -21.20 -59.98 23.57
N ASN I 162 -22.40 -59.56 23.99
CA ASN I 162 -23.29 -58.82 23.12
C ASN I 162 -22.69 -57.48 22.70
N ASN I 163 -22.03 -56.79 23.63
CA ASN I 163 -21.38 -55.53 23.32
C ASN I 163 -20.28 -55.70 22.30
N ILE I 164 -19.50 -56.77 22.42
CA ILE I 164 -18.43 -57.04 21.47
C ILE I 164 -19.00 -57.29 20.08
N CYS I 165 -20.15 -57.96 20.01
CA CYS I 165 -20.82 -58.18 18.74
C CYS I 165 -21.25 -56.86 18.10
N LYS I 166 -21.78 -55.94 18.89
CA LYS I 166 -22.11 -54.61 18.37
C LYS I 166 -20.91 -53.95 17.72
N GLY I 167 -19.78 -53.93 18.43
CA GLY I 167 -18.58 -53.32 17.91
C GLY I 167 -17.94 -54.09 16.78
N LEU I 168 -18.22 -55.38 16.69
CA LEU I 168 -17.64 -56.24 15.68
C LEU I 168 -18.33 -56.10 14.34
N ALA I 169 -19.53 -55.53 14.31
CA ALA I 169 -20.20 -55.27 13.04
C ALA I 169 -19.32 -54.46 12.10
N LYS I 170 -18.63 -53.45 12.62
CA LYS I 170 -17.83 -52.56 11.78
C LYS I 170 -16.71 -53.32 11.10
N TYR I 171 -16.02 -54.18 11.83
CA TYR I 171 -14.90 -54.90 11.25
C TYR I 171 -15.35 -56.08 10.40
N ALA I 172 -16.52 -56.63 10.67
CA ALA I 172 -17.08 -57.60 9.75
C ALA I 172 -17.38 -57.00 8.39
N ARG I 173 -17.79 -55.73 8.36
CA ARG I 173 -18.01 -55.05 7.10
C ARG I 173 -16.69 -54.64 6.44
N GLN I 174 -15.73 -54.16 7.23
CA GLN I 174 -14.52 -53.58 6.65
C GLN I 174 -13.53 -54.65 6.24
N SER I 175 -13.19 -55.56 7.15
CA SER I 175 -12.16 -56.54 6.89
C SER I 175 -12.69 -57.94 6.66
N GLY I 176 -13.99 -58.15 6.74
CA GLY I 176 -14.52 -59.47 6.50
C GLY I 176 -14.31 -60.46 7.62
N VAL I 177 -13.96 -60.00 8.82
CA VAL I 177 -13.80 -60.88 9.96
C VAL I 177 -15.15 -61.48 10.36
N ARG I 178 -15.14 -62.73 10.80
CA ARG I 178 -16.35 -63.44 11.13
C ARG I 178 -16.29 -63.99 12.54
N LEU I 179 -17.45 -64.14 13.15
CA LEU I 179 -17.58 -64.73 14.47
C LEU I 179 -17.70 -66.23 14.34
N GLY I 180 -16.71 -66.97 14.84
CA GLY I 180 -16.71 -68.41 14.71
C GLY I 180 -17.56 -69.15 15.72
N GLY I 181 -17.95 -68.50 16.79
CA GLY I 181 -18.74 -69.15 17.82
C GLY I 181 -18.42 -68.57 19.18
N ILE I 182 -19.15 -69.05 20.19
CA ILE I 182 -19.00 -68.59 21.57
C ILE I 182 -18.44 -69.73 22.39
N ILE I 183 -17.26 -69.54 22.94
CA ILE I 183 -16.70 -70.49 23.90
C ILE I 183 -17.28 -70.18 25.26
N CYS I 184 -17.82 -71.18 25.93
CA CYS I 184 -18.42 -70.98 27.24
C CYS I 184 -17.48 -71.53 28.29
N ASN I 185 -16.88 -70.64 29.05
CA ASN I 185 -16.09 -71.00 30.22
C ASN I 185 -17.04 -71.03 31.40
N SER I 186 -17.31 -72.22 31.93
CA SER I 186 -18.34 -72.33 32.95
C SER I 186 -17.98 -71.56 34.20
N ARG I 187 -18.92 -70.77 34.69
CA ARG I 187 -18.80 -70.13 36.00
C ARG I 187 -19.73 -70.76 37.03
N ASN I 188 -20.24 -71.96 36.74
CA ASN I 188 -21.12 -72.69 37.65
C ASN I 188 -22.38 -71.89 37.97
N VAL I 189 -23.01 -71.39 36.92
CA VAL I 189 -24.26 -70.65 37.02
C VAL I 189 -25.40 -71.61 36.79
N ASP I 190 -26.45 -71.49 37.60
CA ASP I 190 -27.63 -72.32 37.43
C ASP I 190 -28.31 -71.99 36.10
N GLY I 191 -28.48 -73.01 35.26
CA GLY I 191 -29.04 -72.82 33.94
C GLY I 191 -28.08 -72.28 32.92
N GLU I 192 -26.77 -72.45 33.14
CA GLU I 192 -25.75 -71.82 32.30
C GLU I 192 -25.81 -72.33 30.88
N LYS I 193 -25.93 -73.66 30.71
CA LYS I 193 -25.95 -74.25 29.38
C LYS I 193 -27.15 -73.75 28.58
N GLU I 194 -28.32 -73.66 29.22
CA GLU I 194 -29.52 -73.20 28.54
C GLU I 194 -29.40 -71.74 28.13
N PHE I 195 -28.88 -70.90 29.03
CA PHE I 195 -28.71 -69.49 28.72
C PHE I 195 -27.77 -69.29 27.54
N LEU I 196 -26.66 -70.03 27.52
CA LEU I 196 -25.72 -69.91 26.42
C LEU I 196 -26.33 -70.35 25.11
N GLU I 197 -27.05 -71.48 25.11
CA GLU I 197 -27.68 -71.95 23.88
C GLU I 197 -28.67 -70.91 23.36
N GLU I 198 -29.50 -70.37 24.25
CA GLU I 198 -30.52 -69.41 23.84
C GLU I 198 -29.89 -68.12 23.31
N PHE I 199 -28.87 -67.60 24.00
CA PHE I 199 -28.21 -66.38 23.55
C PHE I 199 -27.53 -66.57 22.21
N THR I 200 -26.79 -67.68 22.06
CA THR I 200 -26.08 -67.93 20.80
C THR I 200 -27.05 -68.09 19.66
N LYS I 201 -28.27 -68.53 19.96
CA LYS I 201 -29.27 -68.70 18.92
C LYS I 201 -29.88 -67.37 18.52
N ALA I 202 -30.10 -66.48 19.49
CA ALA I 202 -30.75 -65.22 19.19
C ALA I 202 -29.86 -64.28 18.39
N ILE I 203 -28.53 -64.42 18.50
CA ILE I 203 -27.62 -63.59 17.72
C ILE I 203 -27.11 -64.28 16.47
N GLY I 204 -27.42 -65.55 16.27
CA GLY I 204 -27.08 -66.22 15.04
C GLY I 204 -25.80 -67.02 15.04
N THR I 205 -25.29 -67.42 16.21
CA THR I 205 -24.05 -68.18 16.25
C THR I 205 -24.26 -69.47 17.04
N LYS I 206 -23.18 -70.15 17.39
CA LYS I 206 -23.27 -71.39 18.15
C LYS I 206 -22.28 -71.37 19.30
N MET I 207 -22.62 -72.09 20.37
CA MET I 207 -21.68 -72.34 21.46
C MET I 207 -20.76 -73.46 21.00
N ILE I 208 -19.55 -73.11 20.61
CA ILE I 208 -18.68 -74.08 19.96
C ILE I 208 -18.20 -75.16 20.92
N HIS I 209 -17.98 -74.80 22.19
CA HIS I 209 -17.58 -75.80 23.18
C HIS I 209 -17.94 -75.30 24.56
N PHE I 210 -18.05 -76.24 25.49
CA PHE I 210 -18.29 -75.94 26.90
C PHE I 210 -17.08 -76.39 27.70
N VAL I 211 -16.45 -75.44 28.39
CA VAL I 211 -15.23 -75.69 29.16
C VAL I 211 -15.62 -75.77 30.63
N PRO I 212 -15.52 -76.93 31.26
CA PRO I 212 -15.90 -77.03 32.67
C PRO I 212 -14.99 -76.22 33.57
N ARG I 213 -15.57 -75.73 34.66
CA ARG I 213 -14.80 -75.04 35.69
C ARG I 213 -14.15 -76.08 36.58
N ASP I 214 -12.81 -76.17 36.52
CA ASP I 214 -12.07 -77.18 37.25
C ASP I 214 -10.86 -76.55 37.91
N ASN I 215 -10.51 -77.03 39.10
CA ASN I 215 -9.42 -76.46 39.85
C ASN I 215 -8.06 -76.96 39.39
N ILE I 216 -8.01 -78.00 38.55
CA ILE I 216 -6.73 -78.41 37.97
C ILE I 216 -6.16 -77.30 37.10
N VAL I 217 -7.01 -76.47 36.50
CA VAL I 217 -6.52 -75.32 35.76
C VAL I 217 -5.77 -74.38 36.68
N GLN I 218 -6.28 -74.17 37.90
CA GLN I 218 -5.60 -73.30 38.85
C GLN I 218 -4.32 -73.94 39.37
N LYS I 219 -4.30 -75.25 39.54
CA LYS I 219 -3.08 -75.94 40.00
C LYS I 219 -1.99 -75.84 38.94
N ALA I 220 -2.34 -76.08 37.69
CA ALA I 220 -1.37 -75.94 36.60
C ALA I 220 -0.88 -74.52 36.48
N GLU I 221 -1.79 -73.54 36.62
CA GLU I 221 -1.41 -72.14 36.53
C GLU I 221 -0.42 -71.75 37.63
N PHE I 222 -0.64 -72.26 38.85
CA PHE I 222 0.34 -72.04 39.92
C PHE I 222 1.69 -72.67 39.58
N ASN I 223 1.70 -73.71 38.75
CA ASN I 223 2.91 -74.41 38.37
C ASN I 223 3.50 -73.89 37.07
N LYS I 224 3.06 -72.72 36.61
CA LYS I 224 3.62 -72.04 35.44
C LYS I 224 3.41 -72.82 34.14
N GLN I 225 2.41 -73.69 34.09
CA GLN I 225 2.18 -74.45 32.86
C GLN I 225 0.69 -74.60 32.60
N THR I 226 0.37 -75.17 31.44
CA THR I 226 -0.99 -75.48 31.05
C THR I 226 -1.43 -76.79 31.67
N VAL I 227 -2.70 -77.13 31.48
CA VAL I 227 -3.19 -78.43 31.91
C VAL I 227 -2.54 -79.53 31.10
N THR I 228 -2.40 -79.33 29.79
CA THR I 228 -1.79 -80.33 28.92
C THR I 228 -0.37 -80.64 29.35
N GLU I 229 0.43 -79.60 29.62
CA GLU I 229 1.77 -79.83 30.14
C GLU I 229 1.73 -80.45 31.52
N PHE I 230 0.79 -80.02 32.36
CA PHE I 230 0.68 -80.48 33.73
C PHE I 230 0.22 -81.94 33.80
N GLN I 231 -0.83 -82.27 33.07
CA GLN I 231 -1.52 -83.54 33.24
C GLN I 231 -2.24 -83.90 31.95
N PRO I 232 -1.54 -84.47 30.98
CA PRO I 232 -2.18 -84.73 29.68
C PRO I 232 -3.39 -85.63 29.76
N GLU I 233 -3.45 -86.53 30.73
CA GLU I 233 -4.53 -87.49 30.84
C GLU I 233 -5.65 -87.01 31.76
N ALA I 234 -5.58 -85.78 32.25
CA ALA I 234 -6.66 -85.24 33.04
C ALA I 234 -7.88 -85.00 32.15
N ASN I 235 -9.05 -84.89 32.78
CA ASN I 235 -10.25 -84.62 31.99
C ASN I 235 -10.20 -83.23 31.37
N GLN I 236 -9.69 -82.25 32.10
CA GLN I 236 -9.65 -80.89 31.60
C GLN I 236 -8.76 -80.78 30.36
N ALA I 237 -7.66 -81.53 30.33
CA ALA I 237 -6.81 -81.56 29.15
C ALA I 237 -7.57 -82.10 27.95
N GLN I 238 -8.38 -83.14 28.14
CA GLN I 238 -9.21 -83.65 27.07
C GLN I 238 -10.27 -82.65 26.64
N GLU I 239 -10.77 -81.82 27.56
CA GLU I 239 -11.71 -80.77 27.18
C GLU I 239 -11.06 -79.74 26.26
N TYR I 240 -9.79 -79.39 26.51
CA TYR I 240 -9.09 -78.48 25.62
C TYR I 240 -8.76 -79.16 24.30
N ARG I 241 -8.60 -80.47 24.32
CA ARG I 241 -8.32 -81.20 23.09
C ARG I 241 -9.56 -81.28 22.22
N GLU I 242 -10.73 -81.30 22.84
CA GLU I 242 -11.98 -81.27 22.09
C GLU I 242 -12.28 -79.88 21.57
N LEU I 243 -12.01 -78.85 22.37
CA LEU I 243 -12.18 -77.49 21.90
C LEU I 243 -11.26 -77.21 20.72
N GLY I 244 -10.01 -77.66 20.80
CA GLY I 244 -9.09 -77.48 19.69
C GLY I 244 -9.55 -78.18 18.43
N ARG I 245 -10.03 -79.42 18.57
CA ARG I 245 -10.55 -80.14 17.41
C ARG I 245 -11.76 -79.42 16.81
N LYS I 246 -12.66 -78.94 17.66
CA LYS I 246 -13.83 -78.22 17.17
C LYS I 246 -13.43 -76.93 16.46
N ILE I 247 -12.39 -76.26 16.94
CA ILE I 247 -11.88 -75.08 16.24
C ILE I 247 -11.31 -75.48 14.89
N ILE I 248 -10.57 -76.60 14.84
CA ILE I 248 -9.98 -77.05 13.58
C ILE I 248 -11.07 -77.34 12.56
N GLU I 249 -12.11 -78.07 12.97
CA GLU I 249 -13.16 -78.51 12.07
C GLU I 249 -14.33 -77.55 12.03
N ASN I 250 -14.10 -76.28 12.31
CA ASN I 250 -15.17 -75.29 12.33
C ASN I 250 -15.37 -74.72 10.94
N GLU I 251 -16.64 -74.62 10.52
CA GLU I 251 -17.01 -74.02 9.24
C GLU I 251 -18.18 -73.05 9.36
N ASP I 252 -18.56 -72.64 10.56
CA ASP I 252 -19.69 -71.75 10.79
C ASP I 252 -19.16 -70.39 11.19
N PHE I 253 -19.02 -69.50 10.22
CA PHE I 253 -18.49 -68.16 10.44
C PHE I 253 -19.51 -67.14 9.95
N VAL I 254 -20.04 -66.34 10.87
CA VAL I 254 -21.20 -65.52 10.62
C VAL I 254 -20.94 -64.09 11.11
N ILE I 255 -21.84 -63.19 10.74
CA ILE I 255 -21.87 -61.83 11.29
C ILE I 255 -22.90 -61.82 12.41
N PRO I 256 -22.51 -61.68 13.67
CA PRO I 256 -23.49 -61.74 14.75
C PRO I 256 -24.49 -60.60 14.66
N LYS I 257 -25.74 -60.92 14.97
CA LYS I 257 -26.76 -59.89 15.01
C LYS I 257 -27.00 -59.56 16.48
N PRO I 258 -26.54 -58.41 16.97
CA PRO I 258 -26.64 -58.13 18.40
C PRO I 258 -28.08 -57.92 18.82
N LEU I 259 -28.34 -58.23 20.08
CA LEU I 259 -29.66 -58.08 20.68
C LEU I 259 -29.80 -56.69 21.27
N ALA I 260 -30.91 -56.03 20.98
CA ALA I 260 -31.28 -54.86 21.75
C ALA I 260 -31.46 -55.27 23.20
N MET I 261 -31.07 -54.39 24.13
CA MET I 261 -30.99 -54.80 25.52
C MET I 261 -32.34 -55.22 26.10
N ASP I 262 -33.45 -54.80 25.51
CA ASP I 262 -34.74 -55.28 25.99
C ASP I 262 -34.92 -56.76 25.68
N GLU I 263 -34.43 -57.21 24.53
CA GLU I 263 -34.48 -58.63 24.22
C GLU I 263 -33.64 -59.43 25.21
N LEU I 264 -32.45 -58.93 25.54
CA LEU I 264 -31.62 -59.60 26.52
C LEU I 264 -32.25 -59.57 27.91
N GLU I 265 -32.92 -58.47 28.26
CA GLU I 265 -33.64 -58.41 29.53
C GLU I 265 -34.76 -59.43 29.60
N ALA I 266 -35.54 -59.58 28.52
CA ALA I 266 -36.59 -60.59 28.49
C ALA I 266 -36.02 -62.00 28.57
N MET I 267 -34.86 -62.22 27.94
CA MET I 267 -34.26 -63.55 27.91
C MET I 267 -33.82 -64.03 29.29
N VAL I 268 -33.29 -63.12 30.11
CA VAL I 268 -32.73 -63.53 31.41
C VAL I 268 -33.77 -63.77 32.49
N VAL I 269 -35.05 -63.61 32.19
CA VAL I 269 -36.08 -63.77 33.22
C VAL I 269 -36.20 -65.23 33.62
N LYS I 270 -36.13 -66.15 32.66
CA LYS I 270 -36.30 -67.57 32.95
C LYS I 270 -35.23 -68.10 33.89
N TYR I 271 -34.12 -67.37 34.05
CA TYR I 271 -32.99 -67.83 34.83
C TYR I 271 -32.89 -67.14 36.19
N GLY I 272 -33.68 -66.11 36.43
CA GLY I 272 -33.76 -65.54 37.75
C GLY I 272 -34.92 -66.07 38.55
N LEU I 273 -34.92 -67.36 38.84
CA LEU I 273 -36.02 -67.97 39.57
C LEU I 273 -35.55 -68.78 40.78
N THR J 2 -17.42 -36.08 52.79
CA THR J 2 -17.69 -37.13 51.83
C THR J 2 -16.45 -37.96 51.59
N ARG J 3 -16.62 -39.27 51.59
CA ARG J 3 -15.53 -40.20 51.35
C ARG J 3 -15.60 -40.66 49.90
N LYS J 4 -14.67 -40.19 49.08
CA LYS J 4 -14.64 -40.52 47.67
C LYS J 4 -13.76 -41.75 47.47
N ILE J 5 -14.31 -42.77 46.83
CA ILE J 5 -13.69 -44.08 46.74
C ILE J 5 -13.69 -44.54 45.28
N ALA J 6 -12.58 -45.13 44.85
CA ALA J 6 -12.47 -45.74 43.55
C ALA J 6 -12.24 -47.23 43.73
N ILE J 7 -12.86 -48.04 42.88
CA ILE J 7 -12.75 -49.49 42.94
C ILE J 7 -11.96 -49.95 41.73
N TYR J 8 -10.91 -50.71 41.97
CA TYR J 8 -10.11 -51.31 40.92
C TYR J 8 -10.02 -52.81 41.14
N GLY J 9 -9.45 -53.51 40.19
CA GLY J 9 -9.29 -54.94 40.30
C GLY J 9 -9.27 -55.58 38.94
N LYS J 10 -9.04 -56.89 38.94
CA LYS J 10 -9.00 -57.63 37.69
C LYS J 10 -10.34 -57.52 36.98
N GLY J 11 -10.30 -57.60 35.65
CA GLY J 11 -11.54 -57.57 34.89
C GLY J 11 -12.46 -58.70 35.30
N GLY J 12 -13.74 -58.38 35.42
CA GLY J 12 -14.76 -59.36 35.71
C GLY J 12 -14.66 -60.02 37.07
N ILE J 13 -13.85 -59.45 37.97
CA ILE J 13 -13.70 -60.00 39.31
C ILE J 13 -14.90 -59.71 40.20
N GLY J 14 -15.78 -58.78 39.80
CA GLY J 14 -16.97 -58.45 40.54
C GLY J 14 -17.00 -57.02 41.05
N LYS J 15 -16.21 -56.15 40.42
CA LYS J 15 -16.14 -54.75 40.86
C LYS J 15 -17.50 -54.08 40.81
N SER J 16 -18.19 -54.17 39.69
CA SER J 16 -19.46 -53.50 39.54
C SER J 16 -20.51 -54.11 40.45
N THR J 17 -20.57 -55.44 40.51
CA THR J 17 -21.51 -56.12 41.37
C THR J 17 -21.26 -55.77 42.84
N THR J 18 -19.99 -55.83 43.27
CA THR J 18 -19.66 -55.52 44.65
C THR J 18 -19.94 -54.07 44.99
N THR J 19 -19.64 -53.15 44.08
CA THR J 19 -19.88 -51.73 44.34
C THR J 19 -21.38 -51.45 44.49
N GLN J 20 -22.18 -51.94 43.56
CA GLN J 20 -23.62 -51.71 43.64
C GLN J 20 -24.22 -52.38 44.87
N ASN J 21 -23.79 -53.60 45.17
CA ASN J 21 -24.34 -54.31 46.32
C ASN J 21 -23.91 -53.67 47.63
N THR J 22 -22.66 -53.26 47.74
CA THR J 22 -22.20 -52.56 48.94
C THR J 22 -22.87 -51.21 49.08
N ALA J 23 -23.11 -50.51 47.96
CA ALA J 23 -23.82 -49.25 48.02
C ALA J 23 -25.25 -49.46 48.50
N ALA J 24 -25.93 -50.50 48.02
CA ALA J 24 -27.27 -50.79 48.49
C ALA J 24 -27.27 -51.11 49.98
N ALA J 25 -26.31 -51.91 50.43
CA ALA J 25 -26.21 -52.23 51.85
C ALA J 25 -25.88 -50.98 52.66
N LEU J 26 -25.06 -50.09 52.11
CA LEU J 26 -24.76 -48.85 52.82
C LEU J 26 -25.99 -47.98 52.96
N ALA J 27 -26.79 -47.88 51.89
CA ALA J 27 -27.99 -47.04 51.94
C ALA J 27 -29.08 -47.67 52.78
N PHE J 28 -29.20 -48.99 52.79
CA PHE J 28 -30.30 -49.65 53.45
C PHE J 28 -29.99 -50.00 54.90
N PHE J 29 -28.84 -50.61 55.15
CA PHE J 29 -28.50 -51.04 56.50
C PHE J 29 -27.80 -49.96 57.31
N HIS J 30 -27.18 -48.97 56.68
CA HIS J 30 -26.43 -47.94 57.38
C HIS J 30 -26.93 -46.53 57.13
N GLU J 31 -27.97 -46.37 56.31
CA GLU J 31 -28.60 -45.07 56.06
C GLU J 31 -27.58 -44.02 55.65
N LYS J 32 -26.88 -44.30 54.56
CA LYS J 32 -25.83 -43.45 54.05
C LYS J 32 -26.26 -42.91 52.69
N ASN J 33 -25.84 -41.68 52.39
CA ASN J 33 -26.05 -41.09 51.08
C ASN J 33 -24.92 -41.52 50.16
N VAL J 34 -25.25 -42.26 49.11
CA VAL J 34 -24.27 -42.91 48.26
C VAL J 34 -24.45 -42.42 46.82
N PHE J 35 -23.32 -42.17 46.16
CA PHE J 35 -23.26 -41.83 44.75
C PHE J 35 -22.39 -42.84 44.03
N ILE J 36 -22.80 -43.26 42.84
CA ILE J 36 -21.99 -44.13 42.01
C ILE J 36 -21.75 -43.44 40.68
N HIS J 37 -20.49 -43.27 40.32
CA HIS J 37 -20.10 -42.80 39.00
C HIS J 37 -19.44 -43.96 38.28
N GLY J 38 -20.11 -44.49 37.26
CA GLY J 38 -19.53 -45.57 36.47
C GLY J 38 -18.58 -45.03 35.43
N CYS J 39 -17.39 -45.59 35.40
CA CYS J 39 -16.32 -45.13 34.52
C CYS J 39 -15.93 -46.22 33.53
N ASP J 40 -16.91 -46.96 33.04
CA ASP J 40 -16.74 -48.01 32.07
C ASP J 40 -17.57 -47.65 30.85
N PRO J 41 -16.99 -47.61 29.65
CA PRO J 41 -17.76 -47.21 28.47
C PRO J 41 -18.97 -48.08 28.21
N LYS J 42 -18.94 -49.36 28.54
CA LYS J 42 -20.11 -50.19 28.31
C LYS J 42 -21.26 -49.87 29.26
N ALA J 43 -21.01 -49.05 30.28
CA ALA J 43 -22.05 -48.43 31.09
C ALA J 43 -22.99 -49.46 31.73
N ASP J 44 -22.39 -50.37 32.49
CA ASP J 44 -23.10 -51.43 33.19
C ASP J 44 -22.89 -51.37 34.69
N SER J 45 -22.42 -50.24 35.19
CA SER J 45 -22.06 -50.08 36.60
C SER J 45 -23.21 -49.66 37.48
N THR J 46 -24.38 -49.38 36.90
CA THR J 46 -25.50 -48.84 37.65
C THR J 46 -26.80 -49.56 37.34
N ARG J 47 -26.73 -50.78 36.79
CA ARG J 47 -27.94 -51.51 36.44
C ARG J 47 -28.68 -52.00 37.68
N LEU J 48 -27.95 -52.50 38.67
CA LEU J 48 -28.60 -53.08 39.84
C LEU J 48 -29.23 -52.04 40.73
N ILE J 49 -28.82 -50.79 40.63
CA ILE J 49 -29.40 -49.73 41.44
C ILE J 49 -30.57 -49.08 40.74
N LEU J 50 -30.44 -48.78 39.46
CA LEU J 50 -31.50 -48.16 38.68
C LEU J 50 -32.58 -49.14 38.24
N GLY J 51 -32.35 -50.43 38.42
CA GLY J 51 -33.26 -51.42 37.88
C GLY J 51 -33.28 -51.47 36.37
N GLY J 52 -32.11 -51.42 35.75
CA GLY J 52 -32.00 -51.45 34.30
C GLY J 52 -30.96 -50.44 33.83
N LEU J 53 -30.51 -50.62 32.60
CA LEU J 53 -29.43 -49.80 32.06
C LEU J 53 -29.89 -48.40 31.72
N PRO J 54 -29.33 -47.36 32.34
CA PRO J 54 -29.71 -45.99 31.99
C PRO J 54 -29.54 -45.78 30.50
N GLN J 55 -30.32 -44.88 29.94
CA GLN J 55 -30.17 -44.61 28.53
C GLN J 55 -29.47 -43.30 28.26
N GLN J 56 -29.20 -42.51 29.29
CA GLN J 56 -28.47 -41.25 29.13
C GLN J 56 -27.12 -41.37 29.83
N THR J 57 -26.05 -41.23 29.07
CA THR J 57 -24.70 -41.26 29.59
C THR J 57 -24.13 -39.87 29.37
N VAL J 58 -23.17 -39.48 30.20
CA VAL J 58 -22.53 -38.18 30.03
C VAL J 58 -21.97 -38.05 28.62
N MET J 59 -21.39 -39.12 28.09
CA MET J 59 -20.78 -39.08 26.77
C MET J 59 -21.80 -39.09 25.63
N ASP J 60 -22.88 -39.86 25.77
CA ASP J 60 -23.96 -39.79 24.78
C ASP J 60 -24.54 -38.39 24.69
N THR J 61 -24.64 -37.69 25.81
CA THR J 61 -25.17 -36.34 25.79
C THR J 61 -24.19 -35.36 25.16
N LEU J 62 -22.90 -35.50 25.43
CA LEU J 62 -21.90 -34.68 24.77
C LEU J 62 -21.90 -34.91 23.26
N ARG J 63 -22.17 -36.13 22.82
CA ARG J 63 -22.17 -36.49 21.39
C ARG J 63 -23.36 -35.86 20.69
N ILE J 64 -24.51 -35.79 21.35
CA ILE J 64 -25.72 -35.31 20.69
C ILE J 64 -25.89 -33.81 20.87
N GLU J 65 -25.70 -33.30 22.09
CA GLU J 65 -25.99 -31.92 22.38
C GLU J 65 -24.77 -31.03 22.57
N GLY J 66 -23.64 -31.58 22.93
CA GLY J 66 -22.46 -30.80 23.22
C GLY J 66 -22.09 -30.90 24.69
N ALA J 67 -20.86 -30.49 24.99
CA ALA J 67 -20.41 -30.51 26.38
C ALA J 67 -21.09 -29.43 27.19
N GLU J 68 -21.30 -28.25 26.60
CA GLU J 68 -21.87 -27.14 27.35
C GLU J 68 -23.35 -27.32 27.63
N ARG J 69 -23.99 -28.30 27.01
CA ARG J 69 -25.40 -28.58 27.25
C ARG J 69 -25.61 -29.83 28.08
N VAL J 70 -24.57 -30.38 28.68
CA VAL J 70 -24.73 -31.43 29.67
C VAL J 70 -25.16 -30.80 30.99
N THR J 71 -26.18 -31.37 31.61
CA THR J 71 -26.65 -30.90 32.90
C THR J 71 -26.74 -32.08 33.86
N VAL J 72 -26.83 -31.76 35.15
CA VAL J 72 -26.83 -32.77 36.20
C VAL J 72 -28.25 -33.31 36.36
N ASP J 73 -29.13 -32.93 35.44
CA ASP J 73 -30.48 -33.46 35.45
C ASP J 73 -30.75 -34.42 34.32
N LYS J 74 -30.06 -34.29 33.18
CA LYS J 74 -30.27 -35.23 32.10
C LYS J 74 -29.54 -36.56 32.34
N VAL J 75 -28.40 -36.53 33.02
CA VAL J 75 -27.55 -37.72 33.09
C VAL J 75 -27.54 -38.39 34.46
N VAL J 76 -27.81 -37.68 35.54
CA VAL J 76 -27.77 -38.27 36.88
C VAL J 76 -29.15 -38.81 37.23
N LYS J 77 -29.22 -40.11 37.53
CA LYS J 77 -30.44 -40.81 37.87
C LYS J 77 -30.45 -41.22 39.34
N THR J 78 -31.61 -41.65 39.80
CA THR J 78 -31.84 -42.02 41.20
C THR J 78 -32.41 -43.43 41.24
N GLY J 79 -31.84 -44.29 42.07
CA GLY J 79 -32.30 -45.67 42.14
C GLY J 79 -32.70 -46.09 43.54
N PHE J 80 -32.30 -47.31 43.89
CA PHE J 80 -32.66 -47.94 45.16
C PHE J 80 -32.18 -47.09 46.33
N LYS J 81 -33.09 -46.82 47.27
CA LYS J 81 -32.80 -46.01 48.46
C LYS J 81 -32.21 -44.66 48.07
N ASP J 82 -32.66 -44.13 46.94
CA ASP J 82 -32.24 -42.81 46.45
C ASP J 82 -30.72 -42.70 46.31
N ILE J 83 -30.09 -43.76 45.81
CA ILE J 83 -28.69 -43.71 45.43
C ILE J 83 -28.59 -43.04 44.07
N ARG J 84 -27.80 -41.97 44.00
CA ARG J 84 -27.64 -41.24 42.76
C ARG J 84 -26.58 -41.90 41.89
N CYS J 85 -26.87 -42.07 40.62
CA CYS J 85 -26.02 -42.81 39.70
C CYS J 85 -25.83 -42.03 38.42
N VAL J 86 -24.61 -42.01 37.92
CA VAL J 86 -24.32 -41.47 36.59
C VAL J 86 -23.38 -42.45 35.89
N GLU J 87 -23.49 -42.52 34.57
CA GLU J 87 -22.61 -43.33 33.75
C GLU J 87 -21.80 -42.45 32.84
N SER J 88 -20.49 -42.69 32.78
CA SER J 88 -19.62 -41.96 31.87
C SER J 88 -20.01 -42.19 30.43
N GLY J 89 -20.31 -43.43 30.07
CA GLY J 89 -20.59 -43.78 28.71
C GLY J 89 -19.33 -43.90 27.87
N GLY J 90 -19.53 -43.96 26.58
CA GLY J 90 -18.41 -44.05 25.68
C GLY J 90 -18.76 -44.81 24.42
N PRO J 91 -17.75 -45.13 23.63
CA PRO J 91 -18.00 -45.80 22.36
C PRO J 91 -18.28 -47.29 22.54
N GLU J 92 -18.79 -47.88 21.47
CA GLU J 92 -18.87 -49.33 21.37
C GLU J 92 -17.46 -49.88 21.15
N PRO J 93 -17.22 -51.14 21.48
CA PRO J 93 -15.85 -51.65 21.42
C PRO J 93 -15.21 -51.51 20.05
N GLY J 94 -13.94 -51.10 20.06
CA GLY J 94 -13.14 -51.03 18.85
C GLY J 94 -13.08 -49.69 18.16
N VAL J 95 -13.58 -48.62 18.76
CA VAL J 95 -13.57 -47.31 18.14
C VAL J 95 -13.36 -46.26 19.22
N GLY J 96 -12.76 -45.15 18.82
CA GLY J 96 -12.65 -44.00 19.69
C GLY J 96 -11.70 -44.13 20.86
N CYS J 97 -12.13 -43.61 21.99
CA CYS J 97 -11.24 -43.44 23.13
C CYS J 97 -12.11 -43.33 24.37
N ALA J 98 -12.31 -44.44 25.05
CA ALA J 98 -13.03 -44.40 26.30
C ALA J 98 -12.27 -43.63 27.37
N GLY J 99 -10.94 -43.72 27.35
CA GLY J 99 -10.13 -42.98 28.31
C GLY J 99 -10.40 -41.50 28.30
N ARG J 100 -10.40 -40.90 27.11
CA ARG J 100 -10.70 -39.47 27.00
C ARG J 100 -12.14 -39.19 27.40
N GLY J 101 -13.06 -40.10 27.09
CA GLY J 101 -14.42 -39.94 27.52
C GLY J 101 -14.57 -39.92 29.04
N VAL J 102 -13.80 -40.74 29.73
CA VAL J 102 -13.84 -40.73 31.18
C VAL J 102 -13.25 -39.45 31.74
N ILE J 103 -12.15 -38.96 31.17
CA ILE J 103 -11.59 -37.68 31.56
C ILE J 103 -12.63 -36.58 31.44
N THR J 104 -13.29 -36.52 30.28
CA THR J 104 -14.26 -35.46 30.03
C THR J 104 -15.50 -35.62 30.89
N ALA J 105 -15.96 -36.85 31.10
CA ALA J 105 -17.14 -37.07 31.90
C ALA J 105 -16.94 -36.65 33.35
N ILE J 106 -15.80 -37.00 33.95
CA ILE J 106 -15.55 -36.63 35.33
C ILE J 106 -15.30 -35.14 35.44
N ASP J 107 -14.65 -34.54 34.44
CA ASP J 107 -14.51 -33.09 34.40
C ASP J 107 -15.87 -32.40 34.38
N LEU J 108 -16.80 -32.90 33.57
CA LEU J 108 -18.12 -32.27 33.48
C LEU J 108 -18.91 -32.41 34.76
N MET J 109 -18.80 -33.56 35.43
CA MET J 109 -19.54 -33.73 36.67
C MET J 109 -18.98 -32.89 37.80
N GLU J 110 -17.68 -32.60 37.77
CA GLU J 110 -17.12 -31.65 38.72
C GLU J 110 -17.59 -30.24 38.43
N GLU J 111 -17.61 -29.85 37.16
CA GLU J 111 -18.00 -28.49 36.80
C GLU J 111 -19.45 -28.22 37.16
N ASN J 112 -20.32 -29.20 36.98
CA ASN J 112 -21.74 -29.04 37.26
C ASN J 112 -22.09 -29.37 38.70
N GLU J 113 -21.12 -29.65 39.56
CA GLU J 113 -21.39 -29.95 40.97
C GLU J 113 -22.40 -31.08 41.10
N ALA J 114 -22.12 -32.19 40.43
CA ALA J 114 -23.01 -33.35 40.50
C ALA J 114 -22.90 -34.04 41.85
N TYR J 115 -21.72 -34.03 42.46
CA TYR J 115 -21.47 -34.67 43.74
C TYR J 115 -21.84 -33.69 44.85
N SER J 116 -22.96 -33.94 45.51
CA SER J 116 -23.48 -33.02 46.50
C SER J 116 -22.72 -33.12 47.81
N GLU J 117 -22.64 -31.99 48.51
CA GLU J 117 -21.91 -31.91 49.76
C GLU J 117 -22.41 -32.91 50.81
N ASP J 118 -23.68 -33.31 50.74
CA ASP J 118 -24.23 -34.15 51.78
C ASP J 118 -23.94 -35.63 51.58
N LEU J 119 -23.18 -35.97 50.56
CA LEU J 119 -22.91 -37.37 50.25
C LEU J 119 -22.01 -37.99 51.28
N ASP J 120 -22.33 -39.19 51.71
CA ASP J 120 -21.39 -39.89 52.58
C ASP J 120 -20.35 -40.65 51.77
N PHE J 121 -20.75 -41.24 50.65
CA PHE J 121 -19.84 -42.01 49.82
C PHE J 121 -20.05 -41.65 48.36
N LEU J 122 -18.94 -41.57 47.64
CA LEU J 122 -18.93 -41.42 46.19
C LEU J 122 -18.07 -42.54 45.65
N PHE J 123 -18.66 -43.46 44.91
CA PHE J 123 -17.94 -44.60 44.36
C PHE J 123 -17.67 -44.37 42.88
N PHE J 124 -16.39 -44.39 42.51
CA PHE J 124 -15.98 -44.41 41.10
C PHE J 124 -15.72 -45.86 40.75
N ASP J 125 -16.65 -46.46 40.04
CA ASP J 125 -16.50 -47.85 39.62
C ASP J 125 -15.80 -47.84 38.27
N VAL J 126 -14.63 -48.46 38.20
CA VAL J 126 -13.76 -48.38 37.05
C VAL J 126 -13.60 -49.77 36.45
N LEU J 127 -13.37 -49.82 35.14
CA LEU J 127 -13.10 -51.09 34.46
C LEU J 127 -11.87 -51.82 34.99
N GLY J 128 -11.56 -52.97 34.43
CA GLY J 128 -10.48 -53.78 34.96
C GLY J 128 -9.13 -53.55 34.32
N ASP J 129 -9.14 -53.11 33.07
CA ASP J 129 -7.92 -52.88 32.31
C ASP J 129 -7.64 -51.39 32.31
N VAL J 130 -6.83 -50.94 33.26
CA VAL J 130 -6.50 -49.53 33.36
C VAL J 130 -5.40 -49.29 32.35
N VAL J 131 -5.78 -48.97 31.12
CA VAL J 131 -4.87 -48.97 29.98
C VAL J 131 -4.31 -47.60 29.66
N CYS J 132 -4.78 -46.56 30.31
CA CYS J 132 -4.37 -45.22 29.95
C CYS J 132 -4.57 -44.34 31.16
N GLY J 133 -4.06 -43.11 31.06
CA GLY J 133 -4.21 -42.16 32.14
C GLY J 133 -5.63 -41.73 32.37
N GLY J 134 -6.51 -41.95 31.39
CA GLY J 134 -7.89 -41.56 31.53
C GLY J 134 -8.66 -42.37 32.55
N PHE J 135 -8.29 -43.63 32.73
CA PHE J 135 -8.96 -44.49 33.70
C PHE J 135 -8.36 -44.41 35.09
N ALA J 136 -7.28 -43.66 35.26
CA ALA J 136 -6.79 -43.27 36.56
C ALA J 136 -7.24 -41.88 36.93
N MET J 137 -8.07 -41.26 36.11
CA MET J 137 -8.69 -39.99 36.48
C MET J 137 -9.43 -40.05 37.82
N PRO J 138 -10.13 -41.13 38.19
CA PRO J 138 -10.75 -41.17 39.51
C PRO J 138 -9.79 -41.09 40.69
N ILE J 139 -8.49 -41.24 40.50
CA ILE J 139 -7.57 -41.18 41.64
C ILE J 139 -6.63 -39.98 41.53
N ARG J 140 -7.04 -38.94 40.82
CA ARG J 140 -6.28 -37.71 40.80
C ARG J 140 -6.67 -36.86 42.01
N ASP J 141 -5.96 -35.76 42.21
CA ASP J 141 -6.31 -34.86 43.30
C ASP J 141 -7.72 -34.30 43.09
N GLY J 142 -8.46 -34.19 44.19
CA GLY J 142 -9.84 -33.76 44.12
C GLY J 142 -10.82 -34.86 43.78
N LYS J 143 -10.35 -36.09 43.65
CA LYS J 143 -11.18 -37.24 43.31
C LYS J 143 -10.93 -38.26 44.42
N ALA J 144 -11.29 -39.52 44.16
CA ALA J 144 -11.15 -40.57 45.14
C ALA J 144 -9.86 -40.47 45.93
N GLU J 145 -9.98 -40.48 47.25
CA GLU J 145 -8.85 -40.47 48.14
C GLU J 145 -8.48 -41.86 48.62
N GLU J 146 -9.40 -42.82 48.51
CA GLU J 146 -9.18 -44.19 48.91
C GLU J 146 -9.49 -45.11 47.74
N VAL J 147 -8.73 -46.19 47.63
CA VAL J 147 -8.91 -47.18 46.58
C VAL J 147 -9.10 -48.53 47.26
N TYR J 148 -10.09 -49.29 46.82
CA TYR J 148 -10.24 -50.67 47.19
C TYR J 148 -10.06 -51.53 45.96
N ILE J 149 -9.18 -52.51 46.05
CA ILE J 149 -8.93 -53.44 44.96
C ILE J 149 -9.70 -54.73 45.23
N VAL J 150 -10.49 -55.15 44.26
CA VAL J 150 -11.20 -56.41 44.34
C VAL J 150 -10.33 -57.47 43.71
N ALA J 151 -10.12 -58.58 44.41
CA ALA J 151 -9.30 -59.66 43.90
C ALA J 151 -9.95 -60.98 44.32
N SER J 152 -9.22 -62.07 44.11
CA SER J 152 -9.65 -63.40 44.49
C SER J 152 -8.40 -64.28 44.57
N GLY J 153 -8.60 -65.55 44.88
CA GLY J 153 -7.49 -66.48 45.02
C GLY J 153 -6.85 -66.91 43.71
N GLU J 154 -7.46 -66.59 42.58
CA GLU J 154 -6.89 -66.90 41.29
C GLU J 154 -5.60 -66.13 41.06
N MET J 155 -4.60 -66.81 40.50
CA MET J 155 -3.27 -66.22 40.38
C MET J 155 -3.25 -65.04 39.43
N MET J 156 -4.09 -65.05 38.40
CA MET J 156 -4.19 -63.90 37.51
C MET J 156 -4.84 -62.70 38.21
N ALA J 157 -5.83 -62.94 39.06
CA ALA J 157 -6.42 -61.84 39.82
C ALA J 157 -5.43 -61.19 40.77
N ILE J 158 -4.62 -62.00 41.46
CA ILE J 158 -3.60 -61.46 42.34
C ILE J 158 -2.54 -60.72 41.52
N TYR J 159 -2.19 -61.26 40.35
CA TYR J 159 -1.23 -60.59 39.49
C TYR J 159 -1.78 -59.25 39.01
N ALA J 160 -3.07 -59.20 38.67
CA ALA J 160 -3.68 -57.95 38.28
C ALA J 160 -3.73 -56.96 39.45
N ALA J 161 -4.00 -57.46 40.65
CA ALA J 161 -3.98 -56.60 41.83
C ALA J 161 -2.59 -56.02 42.08
N ASN J 162 -1.56 -56.84 41.93
CA ASN J 162 -0.20 -56.37 42.09
C ASN J 162 0.16 -55.35 41.02
N ASN J 163 -0.29 -55.60 39.79
CA ASN J 163 -0.07 -54.65 38.71
C ASN J 163 -0.76 -53.33 38.98
N ILE J 164 -1.99 -53.36 39.51
CA ILE J 164 -2.70 -52.13 39.83
C ILE J 164 -2.01 -51.37 40.94
N CYS J 165 -1.43 -52.09 41.91
CA CYS J 165 -0.69 -51.45 42.98
C CYS J 165 0.55 -50.74 42.45
N LYS J 166 1.22 -51.30 41.45
CA LYS J 166 2.33 -50.61 40.81
C LYS J 166 1.92 -49.23 40.30
N GLY J 167 0.84 -49.17 39.53
CA GLY J 167 0.36 -47.90 39.05
C GLY J 167 -0.11 -47.00 40.17
N LEU J 168 -0.60 -47.59 41.26
CA LEU J 168 -1.14 -46.80 42.35
C LEU J 168 -0.03 -46.25 43.23
N ALA J 169 1.14 -46.88 43.21
CA ALA J 169 2.30 -46.33 43.90
C ALA J 169 2.74 -45.02 43.27
N LYS J 170 2.76 -44.96 41.93
CA LYS J 170 3.10 -43.72 41.23
C LYS J 170 2.22 -42.56 41.67
N TYR J 171 0.90 -42.75 41.64
CA TYR J 171 0.01 -41.64 41.99
C TYR J 171 0.06 -41.33 43.47
N ALA J 172 0.43 -42.29 44.30
CA ALA J 172 0.64 -42.01 45.72
C ALA J 172 1.73 -40.98 45.93
N ARG J 173 2.67 -40.89 44.99
CA ARG J 173 3.73 -39.89 45.06
C ARG J 173 3.32 -38.57 44.43
N GLN J 174 2.25 -38.54 43.66
CA GLN J 174 1.68 -37.28 43.17
C GLN J 174 0.51 -36.76 44.00
N SER J 175 -0.47 -37.62 44.31
CA SER J 175 -1.79 -37.13 44.72
C SER J 175 -2.27 -37.46 46.13
N GLY J 176 -1.60 -38.34 46.86
CA GLY J 176 -2.17 -38.69 48.16
C GLY J 176 -3.32 -39.67 48.14
N VAL J 177 -3.61 -40.30 47.01
CA VAL J 177 -4.50 -41.45 46.98
C VAL J 177 -3.86 -42.61 47.73
N ARG J 178 -4.65 -43.37 48.47
CA ARG J 178 -4.13 -44.46 49.27
C ARG J 178 -4.93 -45.73 49.02
N LEU J 179 -4.33 -46.86 49.34
CA LEU J 179 -4.99 -48.15 49.22
C LEU J 179 -5.66 -48.50 50.55
N GLY J 180 -6.98 -48.64 50.53
CA GLY J 180 -7.70 -48.98 51.73
C GLY J 180 -7.74 -50.46 52.05
N GLY J 181 -7.44 -51.32 51.10
CA GLY J 181 -7.42 -52.74 51.35
C GLY J 181 -7.76 -53.52 50.11
N ILE J 182 -7.82 -54.84 50.28
CA ILE J 182 -8.17 -55.78 49.23
C ILE J 182 -9.49 -56.43 49.62
N ILE J 183 -10.47 -56.33 48.75
CA ILE J 183 -11.72 -57.07 48.92
C ILE J 183 -11.61 -58.36 48.13
N CYS J 184 -11.87 -59.48 48.80
CA CYS J 184 -11.74 -60.79 48.18
C CYS J 184 -13.12 -61.26 47.77
N ASN J 185 -13.38 -61.23 46.46
CA ASN J 185 -14.58 -61.83 45.88
C ASN J 185 -14.23 -63.27 45.55
N SER J 186 -14.76 -64.21 46.33
CA SER J 186 -14.27 -65.58 46.31
C SER J 186 -14.52 -66.25 44.97
N ARG J 187 -13.50 -66.93 44.46
CA ARG J 187 -13.64 -67.76 43.27
C ARG J 187 -13.50 -69.25 43.59
N ASN J 188 -13.53 -69.62 44.87
CA ASN J 188 -13.44 -71.01 45.30
C ASN J 188 -12.11 -71.65 44.91
N VAL J 189 -11.04 -70.92 45.15
CA VAL J 189 -9.69 -71.39 44.88
C VAL J 189 -9.17 -72.14 46.10
N ASP J 190 -8.48 -73.25 45.87
CA ASP J 190 -7.87 -73.98 46.97
C ASP J 190 -6.74 -73.15 47.56
N GLY J 191 -6.83 -72.88 48.86
CA GLY J 191 -5.89 -71.96 49.49
C GLY J 191 -6.17 -70.51 49.23
N GLU J 192 -7.40 -70.16 48.86
CA GLU J 192 -7.72 -68.79 48.47
C GLU J 192 -7.52 -67.83 49.64
N LYS J 193 -8.00 -68.21 50.83
CA LYS J 193 -7.85 -67.34 51.99
C LYS J 193 -6.39 -67.17 52.38
N GLU J 194 -5.63 -68.26 52.40
CA GLU J 194 -4.22 -68.19 52.77
C GLU J 194 -3.41 -67.41 51.75
N PHE J 195 -3.69 -67.61 50.47
CA PHE J 195 -3.02 -66.83 49.43
C PHE J 195 -3.32 -65.34 49.60
N LEU J 196 -4.58 -64.99 49.83
CA LEU J 196 -4.95 -63.58 49.94
C LEU J 196 -4.34 -62.93 51.18
N GLU J 197 -4.34 -63.64 52.30
CA GLU J 197 -3.70 -63.13 53.50
C GLU J 197 -2.21 -62.92 53.28
N GLU J 198 -1.54 -63.95 52.75
CA GLU J 198 -0.13 -63.85 52.41
C GLU J 198 0.17 -62.67 51.49
N PHE J 199 -0.62 -62.51 50.43
CA PHE J 199 -0.36 -61.44 49.47
C PHE J 199 -0.60 -60.05 50.05
N THR J 200 -1.67 -59.87 50.84
CA THR J 200 -1.93 -58.56 51.41
C THR J 200 -0.87 -58.14 52.42
N LYS J 201 -0.39 -59.09 53.22
CA LYS J 201 0.68 -58.77 54.15
C LYS J 201 1.96 -58.39 53.42
N ALA J 202 2.26 -59.10 52.33
CA ALA J 202 3.50 -58.88 51.61
C ALA J 202 3.57 -57.49 50.98
N ILE J 203 2.44 -56.90 50.62
CA ILE J 203 2.45 -55.58 50.01
C ILE J 203 2.09 -54.48 50.99
N GLY J 204 1.75 -54.82 52.23
CA GLY J 204 1.50 -53.82 53.23
C GLY J 204 0.07 -53.41 53.42
N THR J 205 -0.87 -54.21 52.96
CA THR J 205 -2.27 -53.87 53.14
C THR J 205 -2.98 -55.03 53.83
N LYS J 206 -4.30 -55.02 53.88
CA LYS J 206 -5.04 -56.06 54.56
C LYS J 206 -6.24 -56.48 53.71
N MET J 207 -6.72 -57.69 53.95
CA MET J 207 -8.00 -58.11 53.42
C MET J 207 -9.08 -57.46 54.27
N ILE J 208 -9.79 -56.49 53.70
CA ILE J 208 -10.84 -55.83 54.46
C ILE J 208 -12.03 -56.75 54.67
N HIS J 209 -12.38 -57.56 53.68
CA HIS J 209 -13.49 -58.47 53.83
C HIS J 209 -13.39 -59.57 52.81
N PHE J 210 -14.04 -60.69 53.12
CA PHE J 210 -14.16 -61.85 52.24
C PHE J 210 -15.61 -62.00 51.81
N VAL J 211 -15.85 -61.93 50.51
CA VAL J 211 -17.18 -61.96 49.94
C VAL J 211 -17.38 -63.34 49.32
N PRO J 212 -18.27 -64.17 49.84
CA PRO J 212 -18.41 -65.54 49.32
C PRO J 212 -18.97 -65.54 47.91
N ARG J 213 -18.73 -66.65 47.23
CA ARG J 213 -19.30 -66.90 45.91
C ARG J 213 -20.66 -67.54 46.11
N ASP J 214 -21.73 -66.80 45.80
CA ASP J 214 -23.08 -67.29 46.00
C ASP J 214 -23.91 -67.05 44.74
N ASN J 215 -24.78 -68.00 44.42
CA ASN J 215 -25.62 -67.89 43.23
C ASN J 215 -26.80 -66.96 43.42
N ILE J 216 -27.13 -66.56 44.64
CA ILE J 216 -28.20 -65.59 44.84
C ILE J 216 -27.81 -64.25 44.22
N VAL J 217 -26.52 -63.95 44.15
CA VAL J 217 -26.07 -62.73 43.49
C VAL J 217 -26.48 -62.76 42.03
N GLN J 218 -26.25 -63.89 41.37
CA GLN J 218 -26.65 -64.03 39.97
C GLN J 218 -28.16 -63.96 39.82
N LYS J 219 -28.90 -64.56 40.75
CA LYS J 219 -30.37 -64.51 40.68
C LYS J 219 -30.87 -63.09 40.80
N ALA J 220 -30.33 -62.32 41.75
CA ALA J 220 -30.73 -60.93 41.89
C ALA J 220 -30.36 -60.12 40.65
N GLU J 221 -29.19 -60.39 40.09
CA GLU J 221 -28.75 -59.71 38.87
C GLU J 221 -29.67 -59.99 37.69
N PHE J 222 -30.10 -61.24 37.54
CA PHE J 222 -31.10 -61.55 36.52
C PHE J 222 -32.40 -60.81 36.78
N ASN J 223 -32.68 -60.47 38.03
CA ASN J 223 -33.87 -59.73 38.40
C ASN J 223 -33.61 -58.24 38.50
N LYS J 224 -32.48 -57.77 37.99
CA LYS J 224 -32.14 -56.35 37.89
C LYS J 224 -31.99 -55.67 39.23
N GLN J 225 -31.55 -56.37 40.28
CA GLN J 225 -31.39 -55.71 41.56
C GLN J 225 -30.22 -56.27 42.33
N THR J 226 -29.89 -55.58 43.41
CA THR J 226 -28.91 -56.03 44.38
C THR J 226 -29.53 -57.05 45.31
N VAL J 227 -28.66 -57.78 46.02
CA VAL J 227 -29.15 -58.79 46.95
C VAL J 227 -29.90 -58.13 48.10
N THR J 228 -29.45 -56.95 48.52
CA THR J 228 -30.13 -56.20 49.57
C THR J 228 -31.54 -55.81 49.14
N GLU J 229 -31.72 -55.45 47.87
CA GLU J 229 -33.05 -55.22 47.35
C GLU J 229 -33.82 -56.50 47.12
N PHE J 230 -33.13 -57.54 46.62
CA PHE J 230 -33.79 -58.80 46.30
C PHE J 230 -34.19 -59.55 47.55
N GLN J 231 -33.30 -59.64 48.52
CA GLN J 231 -33.50 -60.49 49.69
C GLN J 231 -32.70 -59.91 50.85
N PRO J 232 -33.26 -58.93 51.56
CA PRO J 232 -32.50 -58.23 52.60
C PRO J 232 -31.97 -59.13 53.71
N GLU J 233 -32.65 -60.22 54.05
CA GLU J 233 -32.26 -61.04 55.18
C GLU J 233 -31.40 -62.25 54.77
N ALA J 234 -31.02 -62.33 53.51
CA ALA J 234 -30.18 -63.43 53.05
C ALA J 234 -28.75 -63.28 53.56
N ASN J 235 -27.99 -64.36 53.47
CA ASN J 235 -26.62 -64.36 53.98
C ASN J 235 -25.71 -63.47 53.14
N GLN J 236 -25.90 -63.45 51.83
CA GLN J 236 -25.07 -62.60 50.98
C GLN J 236 -25.34 -61.13 51.26
N ALA J 237 -26.60 -60.77 51.51
CA ALA J 237 -26.92 -59.40 51.88
C ALA J 237 -26.21 -59.00 53.18
N GLN J 238 -26.13 -59.93 54.13
CA GLN J 238 -25.41 -59.64 55.36
C GLN J 238 -23.91 -59.47 55.11
N GLU J 239 -23.34 -60.20 54.16
CA GLU J 239 -21.93 -60.01 53.81
C GLU J 239 -21.67 -58.62 53.26
N TYR J 240 -22.54 -58.12 52.40
CA TYR J 240 -22.36 -56.77 51.88
C TYR J 240 -22.55 -55.73 52.97
N ARG J 241 -23.47 -55.99 53.90
CA ARG J 241 -23.65 -55.09 55.03
C ARG J 241 -22.43 -55.07 55.92
N GLU J 242 -21.82 -56.23 56.18
CA GLU J 242 -20.57 -56.25 56.91
C GLU J 242 -19.46 -55.54 56.15
N LEU J 243 -19.38 -55.76 54.83
CA LEU J 243 -18.38 -55.07 54.03
C LEU J 243 -18.60 -53.56 54.08
N GLY J 244 -19.85 -53.12 54.00
CA GLY J 244 -20.13 -51.70 54.13
C GLY J 244 -19.72 -51.18 55.49
N ARG J 245 -19.98 -51.94 56.54
CA ARG J 245 -19.56 -51.54 57.88
C ARG J 245 -18.04 -51.46 57.99
N LYS J 246 -17.33 -52.40 57.37
CA LYS J 246 -15.88 -52.40 57.43
C LYS J 246 -15.27 -51.24 56.65
N ILE J 247 -15.91 -50.82 55.56
CA ILE J 247 -15.45 -49.63 54.86
C ILE J 247 -15.67 -48.38 55.70
N ILE J 248 -16.80 -48.32 56.39
CA ILE J 248 -17.13 -47.15 57.20
C ILE J 248 -16.08 -46.95 58.29
N GLU J 249 -15.62 -48.03 58.91
CA GLU J 249 -14.70 -47.95 60.03
C GLU J 249 -13.26 -48.13 59.63
N ASN J 250 -12.94 -47.96 58.35
CA ASN J 250 -11.58 -48.19 57.87
C ASN J 250 -10.72 -46.96 58.11
N GLU J 251 -9.52 -47.18 58.67
CA GLU J 251 -8.57 -46.12 58.95
C GLU J 251 -7.15 -46.47 58.51
N ASP J 252 -6.96 -47.59 57.82
CA ASP J 252 -5.65 -48.09 57.41
C ASP J 252 -5.48 -47.85 55.91
N PHE J 253 -4.88 -46.73 55.56
CA PHE J 253 -4.68 -46.34 54.18
C PHE J 253 -3.19 -46.16 53.92
N VAL J 254 -2.65 -46.95 53.00
CA VAL J 254 -1.21 -47.10 52.83
C VAL J 254 -0.85 -46.88 51.38
N ILE J 255 0.45 -46.69 51.15
CA ILE J 255 1.04 -46.78 49.81
C ILE J 255 1.48 -48.23 49.62
N PRO J 256 0.92 -48.95 48.65
CA PRO J 256 1.28 -50.36 48.50
C PRO J 256 2.73 -50.55 48.12
N LYS J 257 3.27 -51.70 48.49
CA LYS J 257 4.60 -52.12 48.03
C LYS J 257 4.44 -53.28 47.08
N PRO J 258 4.44 -53.06 45.78
CA PRO J 258 4.22 -54.16 44.83
C PRO J 258 5.36 -55.17 44.88
N LEU J 259 5.02 -56.43 44.61
CA LEU J 259 6.01 -57.49 44.64
C LEU J 259 6.63 -57.66 43.26
N ALA J 260 7.95 -57.84 43.25
CA ALA J 260 8.62 -58.25 42.02
C ALA J 260 8.15 -59.64 41.62
N MET J 261 8.11 -59.89 40.31
CA MET J 261 7.44 -61.08 39.82
C MET J 261 8.09 -62.35 40.35
N ASP J 262 9.38 -62.31 40.66
CA ASP J 262 10.05 -63.47 41.25
C ASP J 262 9.54 -63.77 42.65
N GLU J 263 9.13 -62.75 43.39
CA GLU J 263 8.56 -62.97 44.72
C GLU J 263 7.18 -63.60 44.62
N LEU J 264 6.36 -63.11 43.69
CA LEU J 264 5.04 -63.68 43.50
C LEU J 264 5.11 -65.09 42.92
N GLU J 265 6.06 -65.35 42.03
CA GLU J 265 6.27 -66.71 41.53
C GLU J 265 6.66 -67.65 42.66
N ALA J 266 7.56 -67.20 43.54
CA ALA J 266 7.95 -67.99 44.70
C ALA J 266 6.77 -68.21 45.65
N MET J 267 5.90 -67.22 45.77
CA MET J 267 4.78 -67.27 46.70
C MET J 267 3.75 -68.32 46.30
N VAL J 268 3.52 -68.48 45.00
CA VAL J 268 2.44 -69.34 44.50
C VAL J 268 2.85 -70.80 44.35
N VAL J 269 4.04 -71.18 44.81
CA VAL J 269 4.43 -72.57 44.73
C VAL J 269 3.62 -73.42 45.70
N LYS J 270 3.41 -72.92 46.91
CA LYS J 270 2.75 -73.71 47.94
C LYS J 270 1.27 -73.92 47.65
N TYR J 271 0.71 -73.22 46.66
CA TYR J 271 -0.72 -73.32 46.37
C TYR J 271 -1.02 -74.18 45.15
N GLY J 272 -0.03 -74.54 44.36
CA GLY J 272 -0.21 -75.52 43.31
C GLY J 272 0.15 -76.92 43.75
N LEU J 273 -0.47 -77.40 44.81
CA LEU J 273 -0.14 -78.71 45.35
C LEU J 273 -1.34 -79.65 45.33
S4B S5Q K . -14.80 24.29 -14.92
FE8 S5Q K . -15.89 24.30 -12.89
FE5 S5Q K . -16.83 23.34 -15.20
S3A S5Q K . -17.17 22.02 -16.98
FE7 S5Q K . -16.33 25.89 -14.91
S5A S5Q K . -16.05 27.51 -16.38
S3B S5Q K . -16.89 26.34 -12.78
FE6 S5Q K . -18.30 24.84 -13.59
S2B S5Q K . -20.40 25.28 -13.36
S1B S5Q K . -17.60 22.78 -13.16
CX S5Q K . -17.94 24.95 -15.56
FE4 S5Q K . -18.42 23.85 -17.17
S1A S5Q K . -20.69 23.72 -16.90
S4A S5Q K . -18.01 25.33 -18.85
FE1 S5Q K . -20.15 25.62 -18.10
FE3 S5Q K . -17.91 26.44 -16.90
S2A S5Q K . -19.99 27.29 -16.58
FE2 S5Q K . -19.92 25.32 -15.50
C1 HCA L . -11.62 26.26 -12.49
C2 HCA L . -11.90 24.79 -12.70
C3 HCA L . -12.93 24.21 -11.72
C4 HCA L . -12.35 24.32 -10.33
C5 HCA L . -13.21 23.59 -9.33
C6 HCA L . -12.72 23.61 -7.89
C7 HCA L . -13.31 22.78 -12.12
O1 HCA L . -10.44 26.60 -12.27
O2 HCA L . -12.56 27.05 -12.54
O3 HCA L . -12.62 24.70 -7.32
O4 HCA L . -12.45 22.53 -7.35
O5 HCA L . -12.46 21.88 -12.07
O6 HCA L . -14.50 22.65 -12.44
O7 HCA L . -14.12 24.95 -11.77
FE1 CLF M . 3.07 33.17 -14.25
FE2 CLF M . 1.67 31.14 -14.62
FE3 CLF M . 3.38 31.04 -12.52
FE4 CLF M . 1.25 32.65 -12.55
S1 CLF M . 0.73 33.44 -14.75
S2A CLF M . 3.95 31.10 -14.77
S4A CLF M . 1.20 30.38 -12.54
S3A CLF M . 3.30 33.35 -12.00
FE5 CLF M . -1.40 33.03 -13.68
FE6 CLF M . -1.31 34.38 -15.83
FE7 CLF M . -3.44 32.52 -15.55
FE8 CLF M . -0.82 31.81 -15.79
S2B CLF M . -3.05 34.51 -14.32
S3B CLF M . -2.13 32.87 -17.46
S4B CLF M . -2.19 30.99 -14.23
PB ADP N . 8.07 61.83 -33.19
O1B ADP N . 8.28 61.38 -31.74
O2B ADP N . 6.64 61.70 -33.61
O3B ADP N . 9.02 61.19 -34.12
PA ADP N . 7.44 64.67 -33.59
O1A ADP N . 6.61 64.95 -32.41
O2A ADP N . 6.72 64.51 -34.88
O3A ADP N . 8.36 63.40 -33.30
O5' ADP N . 8.54 65.81 -33.77
C5' ADP N . 8.96 66.60 -32.64
C4' ADP N . 9.03 68.05 -33.08
O4' ADP N . 9.67 68.12 -34.36
C3' ADP N . 7.69 68.75 -33.31
O3' ADP N . 7.24 69.34 -32.10
C2' ADP N . 8.01 69.78 -34.40
O2' ADP N . 8.07 71.09 -33.88
C1' ADP N . 9.36 69.35 -34.95
N9 ADP N . 9.38 69.17 -36.40
C8 ADP N . 9.04 68.02 -37.07
N7 ADP N . 9.18 68.13 -38.37
C5 ADP N . 9.64 69.42 -38.56
C6 ADP N . 9.98 70.13 -39.73
N6 ADP N . 9.90 69.64 -40.96
N1 ADP N . 10.41 71.41 -39.57
C2 ADP N . 10.49 71.91 -38.33
N3 ADP N . 10.19 71.33 -37.17
C4 ADP N . 9.77 70.07 -37.35
MG MG O . 4.99 60.74 -32.55
AL AF3 P . 8.23 59.91 -30.62
F1 AF3 P . 6.80 59.55 -31.65
F2 AF3 P . 9.82 59.20 -31.00
F3 AF3 P . 8.06 60.99 -29.20
FE1 SF4 Q . 7.49 46.48 -24.06
FE2 SF4 Q . 8.01 47.67 -21.60
FE3 SF4 Q . 8.38 44.98 -21.91
FE4 SF4 Q . 5.84 46.00 -21.94
S1 SF4 Q . 7.27 46.01 -20.21
S2 SF4 Q . 6.72 44.44 -23.35
S3 SF4 Q . 6.19 48.00 -22.95
S4 SF4 Q . 9.49 46.65 -22.98
PB ADP R . 18.58 60.63 -27.50
O1B ADP R . 17.83 61.63 -26.71
O2B ADP R . 19.69 59.98 -26.72
O3B ADP R . 17.68 59.62 -28.17
PA ADP R . 20.77 61.61 -29.19
O1A ADP R . 21.70 61.97 -28.11
O2A ADP R . 21.09 60.40 -29.98
O3A ADP R . 19.28 61.51 -28.62
O5' ADP R . 20.60 62.86 -30.17
C5' ADP R . 20.19 62.71 -31.53
C4' ADP R . 21.07 63.62 -32.38
O4' ADP R . 21.07 64.94 -31.80
C3' ADP R . 22.55 63.23 -32.45
O3' ADP R . 22.81 62.59 -33.70
C2' ADP R . 23.31 64.54 -32.28
O2' ADP R . 24.24 64.79 -33.32
C1' ADP R . 22.22 65.60 -32.25
N9 ADP R . 22.48 66.69 -31.31
C8 ADP R . 22.30 66.63 -29.95
N7 ADP R . 22.60 67.75 -29.35
C5 ADP R . 22.97 68.60 -30.37
C6 ADP R . 23.39 69.95 -30.37
N6 ADP R . 23.50 70.69 -29.28
N1 ADP R . 23.70 70.51 -31.57
C2 ADP R . 23.59 69.75 -32.66
N3 ADP R . 23.20 68.50 -32.78
C4 ADP R . 22.90 67.96 -31.59
MG MG S . 19.87 57.90 -25.95
AL AF3 T . 16.60 58.18 -27.75
F1 AF3 T . 17.74 57.42 -26.57
F2 AF3 T . 15.25 59.18 -27.17
F3 AF3 T . 16.92 57.93 -29.48
S4B S5Q U . 14.35 -33.27 2.29
FE8 S5Q U . 16.64 -33.26 2.21
FE5 S5Q U . 15.12 -32.56 4.27
S3A S5Q U . 13.74 -32.58 6.05
FE7 S5Q U . 15.10 -31.20 2.04
S5A S5Q U . 13.69 -29.72 1.19
S3B S5Q U . 17.23 -31.26 1.32
FE6 S5Q U . 17.24 -31.17 3.53
S2B S5Q U . 18.49 -29.62 4.41
S1B S5Q U . 17.28 -33.22 4.42
CX S5Q U . 15.36 -30.60 3.91
FE4 S5Q U . 14.21 -30.45 5.54
S1A S5Q U . 15.54 -29.18 6.89
S4A S5Q U . 12.54 -29.10 4.79
FE1 S5Q U . 14.25 -27.79 5.57
FE3 S5Q U . 14.20 -29.13 3.26
S2A S5Q U . 15.52 -27.37 3.74
FE2 S5Q U . 16.39 -29.13 4.80
C1 HCA V . 10.71 -28.06 8.79
C2 HCA V . 10.67 -27.33 7.47
C3 HCA V . 11.89 -26.44 7.22
C4 HCA V . 11.93 -25.38 8.29
C5 HCA V . 12.93 -24.31 7.96
C6 HCA V . 12.92 -23.10 8.88
C7 HCA V . 11.88 -25.85 5.79
O1 HCA V . 9.80 -27.90 9.58
O2 HCA V . 11.70 -28.78 9.01
O3 HCA V . 13.13 -23.29 10.08
O4 HCA V . 12.73 -21.99 8.38
O5 HCA V . 10.96 -25.10 5.48
O6 HCA V . 12.84 -26.16 5.06
O7 HCA V . 13.05 -27.25 7.33
FE1 CLF W . 1.47 -33.97 16.56
FE2 CLF W . 2.13 -31.57 16.77
FE3 CLF W . 3.24 -32.92 14.65
FE4 CLF W . 0.64 -32.32 14.83
S1 CLF W . -0.22 -32.34 17.05
S2A CLF W . 3.65 -33.27 16.91
S4A CLF W . 2.33 -30.83 14.63
S3A CLF W . 1.37 -34.36 14.33
FE5 CLF W . -1.35 -30.54 15.88
FE6 CLF W . -2.28 -31.37 18.10
FE7 CLF W . -2.30 -28.60 17.62
FE8 CLF W . -0.01 -30.04 17.95
S2B CLF W . -3.55 -30.26 16.51
S3B CLF W . -1.68 -29.65 19.61
S4B CLF W . -0.33 -28.58 16.29
PB ADP X . -8.60 -62.96 30.81
O1B ADP X . -8.40 -61.54 31.30
O2B ADP X . -7.43 -63.43 29.98
O3B ADP X . -9.89 -63.15 30.15
PA ADP X . -7.68 -65.18 32.49
O1A ADP X . -6.42 -64.66 33.06
O2A ADP X . -7.55 -66.16 31.39
O3A ADP X . -8.61 -63.97 32.05
O5' ADP X . -8.54 -65.85 33.65
C5' ADP X . -8.41 -65.41 35.02
C4' ADP X . -8.38 -66.62 35.90
O4' ADP X . -9.38 -67.55 35.46
C3' ADP X . -7.09 -67.44 35.87
O3' ADP X . -6.19 -66.99 36.89
C2' ADP X . -7.55 -68.89 36.09
O2' ADP X . -7.17 -69.38 37.36
C1' ADP X . -9.07 -68.82 35.99
N9 ADP X . -9.64 -69.81 35.09
C8 ADP X . -9.81 -69.70 33.73
N7 ADP X . -10.38 -70.73 33.18
C5 ADP X . -10.60 -71.59 34.25
C6 ADP X . -11.19 -72.87 34.31
N6 ADP X . -11.66 -73.53 33.25
N1 ADP X . -11.26 -73.47 35.52
C2 ADP X . -10.78 -72.80 36.58
N3 ADP X . -10.22 -71.59 36.64
C4 ADP X . -10.15 -71.04 35.42
MG MG Y . -5.71 -62.32 29.29
AL AF3 Z . -8.18 -59.74 30.89
F1 AF3 Z . -7.25 -60.36 29.51
F2 AF3 Z . -9.94 -59.46 30.76
F3 AF3 Z . -7.41 -59.59 32.49
FE1 SF4 AA . -7.47 -46.43 24.16
FE2 SF4 AA . -5.29 -44.81 24.42
FE3 SF4 AA . -6.90 -45.25 26.60
FE4 SF4 AA . -7.80 -43.71 24.54
S1 SF4 AA . -6.01 -43.27 25.88
S2 SF4 AA . -8.91 -45.39 25.58
S3 SF4 AA . -6.85 -44.73 22.75
S4 SF4 AA . -5.63 -46.78 25.48
PB ADP BA . -16.53 -56.17 36.74
O1B ADP BA . -15.40 -56.34 37.67
O2B ADP BA . -17.40 -54.98 37.06
O3B ADP BA . -16.11 -56.19 35.29
PA ADP BA . -18.97 -57.70 37.28
O1A ADP BA . -19.40 -56.96 38.48
O2A ADP BA . -19.74 -57.47 36.04
O3A ADP BA . -17.42 -57.45 37.01
O5' ADP BA . -18.95 -59.26 37.62
C5' ADP BA . -19.07 -60.26 36.61
C4' ADP BA . -20.02 -61.33 37.12
O4' ADP BA . -19.60 -61.73 38.43
C3' ADP BA . -21.47 -60.89 37.29
O3' ADP BA . -22.25 -61.38 36.21
C2' ADP BA . -21.90 -61.47 38.64
O2' ADP BA . -23.07 -62.26 38.57
C1' ADP BA . -20.70 -62.30 39.09
N9 ADP BA . -20.43 -62.24 40.51
C8 ADP BA . -19.81 -61.21 41.17
N7 ADP BA . -19.69 -61.42 42.46
C5 ADP BA . -20.25 -62.67 42.65
C6 ADP BA . -20.41 -63.45 43.81
N6 ADP BA . -20.01 -63.09 45.02
N1 ADP BA . -21.01 -64.66 43.67
C2 ADP BA . -21.41 -65.03 42.45
N3 ADP BA . -21.31 -64.38 41.30
C4 ADP BA . -20.71 -63.19 41.46
MG MG CA . -17.60 -53.04 35.97
AL AF3 DA . -15.19 -54.97 34.16
F1 AF3 DA . -16.10 -53.48 34.56
F2 AF3 DA . -13.63 -55.30 34.95
F3 AF3 DA . -15.98 -56.20 33.17
#